data_2VUT
#
_entry.id   2VUT
#
_cell.length_a   227.520
_cell.length_b   227.520
_cell.length_c   222.570
_cell.angle_alpha   90.00
_cell.angle_beta   90.00
_cell.angle_gamma   120.00
#
_symmetry.space_group_name_H-M   'H 3'
#
loop_
_entity.id
_entity.type
_entity.pdbx_description
1 polymer 'NITROGEN METABOLITE REPRESSION REGULATOR NMRA'
2 polymer 'NITROGEN REGULATORY PROTEIN AREA'
3 non-polymer NICOTINAMIDE-ADENINE-DINUCLEOTIDE
4 non-polymer 'CHLORIDE ION'
5 non-polymer GLYCEROL
6 non-polymer 'ZINC ION'
7 water water
#
loop_
_entity_poly.entity_id
_entity_poly.type
_entity_poly.pdbx_seq_one_letter_code
_entity_poly.pdbx_strand_id
1 'polypeptide(L)'
;MAQQKKTIAVVNATGRQAASLIRVAAAVGHHVRAQVHSLKGLIAEELQAIPNVTLFQGPLLNNVPLMDTLFEGAHLAFIN
TTSQAGDEIAIGKDLADAAKRAGTIQHYIYSSMPDHSLYGPWPAVPMWAPKFTVENYVRQLGLPSTFVYAGIYNNNFTSL
PYPLFQMELMPDGTFEWHAPFDPDIPLPWLDAEHDVGPALLQIFKDGPQKWNGHRIALTFETLSPVQVCAAFSRALNRRV
TYVQVPKVEIKVNIPVGYREQLEAIEVVFGEHKAPYFPLPEFSRPAAGSPKGLGPANGKGAGAGMMQGPGGVISQRVTDE
ARKLWSGWRDMEEYAREVFPIEEEANGLDWML
;
A,B,C,D,E,F,G,H
2 'polypeptide(L)' PTTCTNCFTQTTPLWRRNPEGQPLCNACGLFLKLHGVVRPLSL I,J,K,L,M,N,O,P
#
# COMPACT_ATOMS: atom_id res chain seq x y z
N GLN A 3 17.61 5.37 -20.20
CA GLN A 3 18.42 4.64 -21.22
C GLN A 3 19.20 3.48 -20.58
N GLN A 4 20.37 3.79 -20.03
CA GLN A 4 21.22 2.81 -19.36
C GLN A 4 20.52 2.21 -18.14
N LYS A 5 20.76 0.92 -17.89
CA LYS A 5 20.16 0.23 -16.74
C LYS A 5 21.03 0.50 -15.53
N LYS A 6 20.46 1.12 -14.51
CA LYS A 6 21.21 1.44 -13.29
C LYS A 6 20.96 0.46 -12.15
N THR A 7 21.79 0.56 -11.11
CA THR A 7 21.69 -0.30 -9.92
C THR A 7 20.62 0.25 -8.97
N ILE A 8 19.74 -0.64 -8.52
CA ILE A 8 18.64 -0.25 -7.65
C ILE A 8 18.75 -0.86 -6.25
N ALA A 9 18.58 -0.01 -5.25
CA ALA A 9 18.65 -0.45 -3.85
C ALA A 9 17.22 -0.66 -3.36
N VAL A 10 16.95 -1.82 -2.80
CA VAL A 10 15.61 -2.16 -2.31
C VAL A 10 15.74 -2.78 -0.92
N VAL A 11 14.75 -2.57 -0.05
CA VAL A 11 14.77 -3.20 1.28
C VAL A 11 13.52 -4.08 1.33
N ASN A 12 13.42 -4.92 2.36
CA ASN A 12 12.24 -5.79 2.49
C ASN A 12 12.00 -6.56 1.18
N ALA A 13 13.08 -7.07 0.59
CA ALA A 13 13.03 -7.78 -0.68
C ALA A 13 11.96 -8.86 -0.84
N THR A 14 11.59 -9.53 0.25
CA THR A 14 10.57 -10.57 0.15
C THR A 14 9.16 -9.98 0.14
N GLY A 15 9.07 -8.68 0.44
CA GLY A 15 7.79 -8.01 0.45
C GLY A 15 7.21 -8.03 -0.95
N ARG A 16 5.88 -7.99 -1.06
CA ARG A 16 5.23 -8.04 -2.37
C ARG A 16 5.59 -6.91 -3.33
N GLN A 17 5.64 -5.67 -2.83
CA GLN A 17 5.98 -4.55 -3.70
C GLN A 17 7.41 -4.70 -4.21
N ALA A 18 8.35 -4.92 -3.30
CA ALA A 18 9.76 -5.06 -3.64
C ALA A 18 10.06 -6.25 -4.56
N ALA A 19 9.51 -7.41 -4.23
CA ALA A 19 9.75 -8.60 -5.03
C ALA A 19 9.26 -8.38 -6.45
N SER A 20 8.13 -7.71 -6.60
CA SER A 20 7.59 -7.43 -7.92
C SER A 20 8.59 -6.57 -8.68
N LEU A 21 9.09 -5.51 -8.04
CA LEU A 21 10.08 -4.66 -8.71
C LEU A 21 11.37 -5.41 -9.04
N ILE A 22 11.83 -6.22 -8.10
CA ILE A 22 13.09 -6.96 -8.27
C ILE A 22 13.10 -7.93 -9.45
N ARG A 23 12.00 -8.65 -9.64
CA ARG A 23 11.92 -9.61 -10.73
C ARG A 23 12.03 -8.94 -12.10
N VAL A 24 11.20 -7.92 -12.32
CA VAL A 24 11.21 -7.22 -13.59
C VAL A 24 12.50 -6.42 -13.78
N ALA A 25 13.00 -5.84 -12.71
CA ALA A 25 14.22 -5.04 -12.80
C ALA A 25 15.43 -5.89 -13.18
N ALA A 26 15.60 -7.02 -12.51
CA ALA A 26 16.73 -7.89 -12.82
C ALA A 26 16.59 -8.43 -14.23
N ALA A 27 15.35 -8.70 -14.61
CA ALA A 27 15.03 -9.24 -15.92
C ALA A 27 15.45 -8.33 -17.06
N VAL A 28 15.15 -7.03 -16.93
CA VAL A 28 15.50 -6.09 -17.99
C VAL A 28 16.99 -5.67 -18.01
N GLY A 29 17.74 -6.00 -16.95
CA GLY A 29 19.15 -5.65 -16.95
C GLY A 29 19.67 -4.84 -15.78
N HIS A 30 18.79 -4.38 -14.90
CA HIS A 30 19.19 -3.60 -13.74
C HIS A 30 19.81 -4.51 -12.68
N HIS A 31 20.86 -4.02 -12.02
CA HIS A 31 21.47 -4.76 -10.93
C HIS A 31 20.71 -4.35 -9.67
N VAL A 32 20.42 -5.32 -8.81
CA VAL A 32 19.68 -5.06 -7.59
C VAL A 32 20.48 -5.39 -6.34
N ARG A 33 20.35 -4.53 -5.34
CA ARG A 33 21.01 -4.70 -4.06
C ARG A 33 19.85 -4.62 -3.09
N ALA A 34 19.57 -5.72 -2.41
CA ALA A 34 18.43 -5.72 -1.51
C ALA A 34 18.64 -6.33 -0.13
N GLN A 35 18.02 -5.71 0.86
CA GLN A 35 18.07 -6.16 2.22
C GLN A 35 16.91 -7.10 2.43
N VAL A 36 17.17 -8.23 3.08
CA VAL A 36 16.14 -9.20 3.39
C VAL A 36 16.36 -9.51 4.86
N HIS A 37 15.26 -9.81 5.56
CA HIS A 37 15.33 -10.13 6.96
C HIS A 37 15.91 -11.53 7.10
N SER A 38 15.42 -12.45 6.27
CA SER A 38 15.88 -13.83 6.29
C SER A 38 16.15 -14.36 4.89
N LEU A 39 17.08 -15.31 4.79
CA LEU A 39 17.42 -15.93 3.51
C LEU A 39 16.57 -17.15 3.24
N LYS A 40 15.99 -17.71 4.31
CA LYS A 40 15.17 -18.89 4.18
C LYS A 40 13.75 -18.55 3.79
N GLY A 41 13.24 -19.22 2.75
CA GLY A 41 11.89 -18.97 2.29
C GLY A 41 11.76 -19.10 0.79
N LEU A 42 10.54 -19.35 0.33
CA LEU A 42 10.29 -19.50 -1.10
C LEU A 42 10.75 -18.26 -1.84
N ILE A 43 10.13 -17.12 -1.52
CA ILE A 43 10.47 -15.86 -2.15
C ILE A 43 11.97 -15.62 -2.00
N ALA A 44 12.44 -15.63 -0.77
CA ALA A 44 13.84 -15.41 -0.46
C ALA A 44 14.73 -16.23 -1.39
N GLU A 45 14.47 -17.53 -1.41
CA GLU A 45 15.23 -18.46 -2.24
C GLU A 45 15.17 -18.03 -3.71
N GLU A 46 13.98 -17.68 -4.19
CA GLU A 46 13.80 -17.24 -5.58
C GLU A 46 14.72 -16.07 -5.91
N LEU A 47 14.60 -15.00 -5.12
CA LEU A 47 15.41 -13.80 -5.32
C LEU A 47 16.89 -14.17 -5.36
N GLN A 48 17.29 -15.06 -4.46
CA GLN A 48 18.67 -15.50 -4.40
C GLN A 48 19.07 -16.05 -5.77
N ALA A 49 18.18 -16.84 -6.36
CA ALA A 49 18.38 -17.46 -7.65
C ALA A 49 18.57 -16.48 -8.82
N ILE A 50 17.89 -15.34 -8.77
CA ILE A 50 18.01 -14.35 -9.84
C ILE A 50 19.43 -13.78 -9.88
N PRO A 51 20.12 -13.94 -11.03
CA PRO A 51 21.49 -13.48 -11.28
C PRO A 51 21.97 -12.19 -10.62
N ASN A 52 21.68 -11.07 -11.26
CA ASN A 52 22.12 -9.77 -10.76
C ASN A 52 21.42 -9.24 -9.53
N VAL A 53 21.07 -10.13 -8.61
CA VAL A 53 20.42 -9.74 -7.38
C VAL A 53 21.33 -10.05 -6.18
N THR A 54 21.97 -9.02 -5.65
CA THR A 54 22.83 -9.22 -4.50
C THR A 54 22.00 -8.98 -3.26
N LEU A 55 22.02 -9.95 -2.35
CA LEU A 55 21.26 -9.86 -1.11
C LEU A 55 22.14 -9.57 0.11
N PHE A 56 21.58 -8.80 1.03
CA PHE A 56 22.24 -8.46 2.27
C PHE A 56 21.24 -8.82 3.37
N GLN A 57 21.56 -9.86 4.13
CA GLN A 57 20.68 -10.32 5.18
C GLN A 57 21.03 -9.67 6.51
N GLY A 58 20.02 -9.07 7.12
CA GLY A 58 20.20 -8.40 8.40
C GLY A 58 19.01 -7.50 8.65
N PRO A 59 18.78 -7.07 9.90
CA PRO A 59 17.65 -6.19 10.22
C PRO A 59 18.00 -4.74 9.90
N LEU A 60 16.98 -3.93 9.63
CA LEU A 60 17.18 -2.51 9.33
C LEU A 60 17.34 -1.64 10.58
N LEU A 61 16.54 -1.93 11.61
CA LEU A 61 16.57 -1.15 12.84
C LEU A 61 17.98 -0.97 13.40
N ASN A 62 18.32 0.27 13.72
CA ASN A 62 19.63 0.63 14.28
C ASN A 62 20.73 -0.21 13.64
N ASN A 63 20.88 -0.05 12.34
CA ASN A 63 21.86 -0.80 11.59
C ASN A 63 22.26 0.01 10.36
N VAL A 64 22.94 1.11 10.62
CA VAL A 64 23.38 1.98 9.55
C VAL A 64 24.43 1.32 8.64
N PRO A 65 25.29 0.45 9.19
CA PRO A 65 26.30 -0.21 8.34
C PRO A 65 25.68 -0.95 7.16
N LEU A 66 24.51 -1.52 7.39
CA LEU A 66 23.79 -2.25 6.36
C LEU A 66 23.23 -1.29 5.31
N MET A 67 22.70 -0.18 5.79
CA MET A 67 22.14 0.81 4.89
C MET A 67 23.21 1.39 4.00
N ASP A 68 24.37 1.66 4.58
CA ASP A 68 25.47 2.20 3.78
C ASP A 68 25.88 1.23 2.67
N THR A 69 26.06 -0.03 3.03
CA THR A 69 26.46 -1.02 2.03
C THR A 69 25.44 -1.05 0.91
N LEU A 70 24.17 -1.17 1.30
CA LEU A 70 23.07 -1.23 0.34
C LEU A 70 23.11 -0.17 -0.76
N PHE A 71 23.40 1.08 -0.38
CA PHE A 71 23.43 2.17 -1.34
C PHE A 71 24.78 2.37 -2.04
N GLU A 72 25.76 1.52 -1.74
CA GLU A 72 27.07 1.63 -2.39
C GLU A 72 26.94 1.37 -3.89
N GLY A 73 27.24 2.39 -4.69
CA GLY A 73 27.16 2.25 -6.13
C GLY A 73 25.73 2.25 -6.62
N ALA A 74 24.79 2.58 -5.75
CA ALA A 74 23.38 2.58 -6.12
C ALA A 74 22.98 3.91 -6.75
N HIS A 75 22.24 3.83 -7.86
CA HIS A 75 21.80 5.02 -8.55
C HIS A 75 20.30 5.26 -8.35
N LEU A 76 19.57 4.18 -8.12
CA LEU A 76 18.12 4.24 -7.89
C LEU A 76 17.78 3.50 -6.61
N ALA A 77 16.59 3.78 -6.08
CA ALA A 77 16.15 3.11 -4.86
C ALA A 77 14.63 3.09 -4.74
N PHE A 78 14.09 1.93 -4.37
CA PHE A 78 12.66 1.78 -4.15
C PHE A 78 12.60 1.32 -2.70
N ILE A 79 12.03 2.17 -1.84
CA ILE A 79 11.97 1.87 -0.42
C ILE A 79 10.57 1.68 0.16
N ASN A 80 10.32 0.47 0.63
CA ASN A 80 9.05 0.13 1.26
C ASN A 80 9.33 -0.68 2.52
N THR A 81 9.25 -0.03 3.68
CA THR A 81 9.51 -0.73 4.94
C THR A 81 8.24 -1.31 5.52
N THR A 82 8.41 -2.25 6.45
CA THR A 82 7.31 -2.92 7.14
C THR A 82 7.48 -2.69 8.63
N SER A 83 6.37 -2.41 9.31
CA SER A 83 6.40 -2.16 10.76
C SER A 83 7.08 -3.29 11.52
N GLN A 84 6.90 -4.52 11.06
CA GLN A 84 7.49 -5.69 11.71
C GLN A 84 8.98 -5.53 11.99
N ALA A 85 9.66 -4.76 11.15
CA ALA A 85 11.11 -4.56 11.31
C ALA A 85 11.43 -3.57 12.43
N GLY A 86 10.41 -2.91 12.96
CA GLY A 86 10.64 -1.94 14.01
C GLY A 86 10.12 -0.56 13.64
N ASP A 87 10.46 0.44 14.45
CA ASP A 87 10.03 1.81 14.21
C ASP A 87 10.32 2.21 12.76
N GLU A 88 9.25 2.37 11.98
CA GLU A 88 9.38 2.73 10.58
C GLU A 88 9.92 4.15 10.39
N ILE A 89 9.65 5.04 11.35
CA ILE A 89 10.15 6.41 11.25
C ILE A 89 11.66 6.45 11.40
N ALA A 90 12.18 5.83 12.46
CA ALA A 90 13.62 5.79 12.70
C ALA A 90 14.36 5.05 11.59
N ILE A 91 13.75 4.00 11.07
CA ILE A 91 14.37 3.21 9.99
C ILE A 91 14.28 3.95 8.67
N GLY A 92 13.12 4.55 8.41
CA GLY A 92 12.92 5.29 7.17
C GLY A 92 13.82 6.52 7.08
N LYS A 93 14.12 7.11 8.23
CA LYS A 93 14.97 8.28 8.28
C LYS A 93 16.42 7.88 8.12
N ASP A 94 16.82 6.77 8.74
CA ASP A 94 18.20 6.31 8.62
C ASP A 94 18.49 5.92 7.18
N LEU A 95 17.50 5.35 6.50
CA LEU A 95 17.68 4.94 5.12
C LEU A 95 17.85 6.15 4.20
N ALA A 96 17.05 7.19 4.45
CA ALA A 96 17.13 8.39 3.63
C ALA A 96 18.50 9.03 3.84
N ASP A 97 18.94 9.09 5.09
CA ASP A 97 20.25 9.66 5.43
C ASP A 97 21.35 8.94 4.68
N ALA A 98 21.36 7.61 4.76
CA ALA A 98 22.37 6.82 4.09
C ALA A 98 22.32 7.04 2.58
N ALA A 99 21.12 7.15 2.05
CA ALA A 99 20.97 7.34 0.60
C ALA A 99 21.64 8.63 0.15
N LYS A 100 21.42 9.71 0.89
CA LYS A 100 22.00 11.01 0.54
C LYS A 100 23.51 10.97 0.82
N ARG A 101 23.86 10.32 1.93
CA ARG A 101 25.24 10.19 2.34
C ARG A 101 26.01 9.45 1.24
N ALA A 102 25.32 8.59 0.49
CA ALA A 102 25.96 7.85 -0.58
C ALA A 102 26.23 8.77 -1.76
N GLY A 103 25.35 9.74 -1.96
CA GLY A 103 25.53 10.71 -3.03
C GLY A 103 25.35 10.28 -4.49
N THR A 104 24.98 9.04 -4.74
CA THR A 104 24.82 8.61 -6.12
C THR A 104 23.35 8.37 -6.48
N ILE A 105 22.48 8.50 -5.50
CA ILE A 105 21.05 8.31 -5.74
C ILE A 105 20.46 9.44 -6.58
N GLN A 106 20.00 9.08 -7.78
CA GLN A 106 19.40 10.04 -8.70
C GLN A 106 17.87 9.97 -8.67
N HIS A 107 17.31 9.06 -7.88
CA HIS A 107 15.86 8.93 -7.83
C HIS A 107 15.48 7.96 -6.72
N TYR A 108 14.93 8.50 -5.64
CA TYR A 108 14.55 7.73 -4.47
C TYR A 108 13.03 7.55 -4.32
N ILE A 109 12.51 6.40 -4.72
CA ILE A 109 11.08 6.14 -4.62
C ILE A 109 10.70 5.52 -3.28
N TYR A 110 9.98 6.29 -2.46
CA TYR A 110 9.56 5.84 -1.14
C TYR A 110 8.07 5.51 -1.21
N SER A 111 7.71 4.32 -0.75
CA SER A 111 6.31 3.90 -0.77
C SER A 111 5.68 4.46 0.50
N SER A 112 4.74 5.37 0.34
CA SER A 112 4.13 6.01 1.50
C SER A 112 2.67 5.63 1.71
N MET A 113 2.13 6.11 2.83
CA MET A 113 0.73 5.87 3.18
C MET A 113 0.25 7.06 3.99
N PRO A 114 -1.07 7.35 3.95
CA PRO A 114 -1.64 8.48 4.67
C PRO A 114 -1.70 8.36 6.18
N ASP A 115 -1.82 9.51 6.83
CA ASP A 115 -2.00 9.59 8.27
C ASP A 115 -3.41 10.13 8.33
N HIS A 116 -4.39 9.25 8.57
CA HIS A 116 -5.79 9.66 8.61
C HIS A 116 -6.18 10.72 9.64
N SER A 117 -5.43 10.86 10.72
CA SER A 117 -5.77 11.86 11.72
C SER A 117 -5.59 13.28 11.20
N LEU A 118 -4.97 13.43 10.04
CA LEU A 118 -4.74 14.75 9.46
C LEU A 118 -5.84 15.16 8.49
N TYR A 119 -6.90 14.37 8.39
CA TYR A 119 -7.99 14.71 7.46
C TYR A 119 -9.37 14.63 8.08
N GLY A 120 -9.46 14.09 9.29
CA GLY A 120 -10.72 13.97 9.98
C GLY A 120 -10.50 13.62 11.45
N PRO A 121 -11.57 13.37 12.22
CA PRO A 121 -11.45 13.03 13.64
C PRO A 121 -10.96 11.60 13.77
N TRP A 122 -10.62 11.02 12.63
CA TRP A 122 -10.14 9.65 12.51
C TRP A 122 -8.79 9.44 13.17
N PRO A 123 -8.51 8.20 13.60
CA PRO A 123 -7.24 7.86 14.25
C PRO A 123 -6.16 7.56 13.19
N ALA A 124 -4.92 7.45 13.63
CA ALA A 124 -3.82 7.18 12.72
C ALA A 124 -3.57 5.68 12.56
N VAL A 125 -3.85 5.15 11.39
CA VAL A 125 -3.61 3.73 11.14
C VAL A 125 -2.10 3.55 11.31
N PRO A 126 -1.70 2.89 12.42
CA PRO A 126 -0.33 2.59 12.86
C PRO A 126 0.71 2.03 11.91
N MET A 127 0.29 1.44 10.80
CA MET A 127 1.25 0.89 9.86
C MET A 127 1.21 1.72 8.59
N TRP A 128 0.51 2.85 8.69
CA TRP A 128 0.37 3.76 7.57
C TRP A 128 0.91 5.15 7.91
N ALA A 129 0.41 5.73 8.99
CA ALA A 129 0.81 7.06 9.41
C ALA A 129 2.31 7.31 9.47
N PRO A 130 3.07 6.39 10.09
CA PRO A 130 4.52 6.53 10.21
C PRO A 130 5.21 6.85 8.88
N LYS A 131 4.73 6.22 7.81
CA LYS A 131 5.29 6.43 6.48
C LYS A 131 5.18 7.87 6.01
N PHE A 132 4.05 8.52 6.31
CA PHE A 132 3.86 9.90 5.90
C PHE A 132 4.92 10.81 6.50
N THR A 133 5.35 10.49 7.72
CA THR A 133 6.38 11.27 8.41
C THR A 133 7.71 11.12 7.67
N VAL A 134 8.07 9.87 7.33
CA VAL A 134 9.31 9.60 6.60
C VAL A 134 9.27 10.29 5.24
N GLU A 135 8.09 10.41 4.65
CA GLU A 135 7.97 11.08 3.36
C GLU A 135 8.45 12.52 3.52
N ASN A 136 7.99 13.18 4.58
CA ASN A 136 8.36 14.56 4.86
C ASN A 136 9.87 14.67 5.06
N TYR A 137 10.44 13.69 5.77
CA TYR A 137 11.86 13.70 6.04
C TYR A 137 12.66 13.49 4.76
N VAL A 138 12.14 12.69 3.84
CA VAL A 138 12.85 12.46 2.58
C VAL A 138 12.89 13.81 1.86
N ARG A 139 11.73 14.42 1.73
CA ARG A 139 11.61 15.72 1.07
C ARG A 139 12.58 16.74 1.64
N GLN A 140 12.70 16.72 2.97
CA GLN A 140 13.54 17.62 3.73
C GLN A 140 15.03 17.50 3.43
N LEU A 141 15.48 16.30 3.07
CA LEU A 141 16.88 16.08 2.76
C LEU A 141 17.23 16.54 1.35
N GLY A 142 16.21 16.72 0.52
CA GLY A 142 16.46 17.14 -0.84
C GLY A 142 16.73 16.01 -1.81
N LEU A 143 16.53 14.77 -1.38
CA LEU A 143 16.71 13.63 -2.27
C LEU A 143 15.77 13.71 -3.47
N PRO A 144 16.28 13.46 -4.68
CA PRO A 144 15.34 13.53 -5.81
C PRO A 144 14.44 12.31 -5.59
N SER A 145 13.20 12.57 -5.22
CA SER A 145 12.28 11.50 -4.90
C SER A 145 10.91 11.51 -5.55
N THR A 146 10.16 10.45 -5.26
CA THR A 146 8.82 10.26 -5.77
C THR A 146 8.13 9.36 -4.74
N PHE A 147 6.86 9.65 -4.46
CA PHE A 147 6.14 8.88 -3.46
C PHE A 147 4.95 8.16 -4.08
N VAL A 148 4.91 6.84 -3.86
CA VAL A 148 3.82 6.02 -4.39
C VAL A 148 2.95 5.52 -3.23
N TYR A 149 1.63 5.60 -3.42
CA TYR A 149 0.67 5.13 -2.41
C TYR A 149 -0.03 3.90 -2.98
N ALA A 150 0.28 2.74 -2.41
CA ALA A 150 -0.29 1.49 -2.89
C ALA A 150 -1.72 1.27 -2.46
N GLY A 151 -2.51 0.74 -3.38
CA GLY A 151 -3.89 0.43 -3.09
C GLY A 151 -3.91 -0.95 -2.44
N ILE A 152 -5.09 -1.40 -2.06
CA ILE A 152 -5.26 -2.70 -1.43
C ILE A 152 -4.89 -3.78 -2.43
N TYR A 153 -4.09 -4.75 -1.99
CA TYR A 153 -3.66 -5.84 -2.87
C TYR A 153 -4.76 -6.82 -3.23
N ASN A 154 -4.82 -7.19 -4.52
CA ASN A 154 -5.80 -8.17 -4.99
C ASN A 154 -5.50 -9.51 -4.31
N ASN A 155 -4.21 -9.80 -4.18
CA ASN A 155 -3.77 -11.07 -3.61
C ASN A 155 -3.78 -11.23 -2.08
N ASN A 156 -4.41 -10.30 -1.37
CA ASN A 156 -4.49 -10.48 0.08
C ASN A 156 -5.55 -11.57 0.23
N PHE A 157 -6.42 -11.67 -0.77
CA PHE A 157 -7.49 -12.65 -0.76
C PHE A 157 -6.98 -14.10 -0.70
N THR A 158 -7.68 -14.90 0.10
CA THR A 158 -7.38 -16.30 0.31
C THR A 158 -8.59 -16.89 1.04
N SER A 159 -8.84 -18.18 0.87
CA SER A 159 -9.98 -18.78 1.56
C SER A 159 -9.50 -19.11 2.96
N LEU A 160 -8.19 -19.23 3.11
CA LEU A 160 -7.58 -19.51 4.40
C LEU A 160 -8.06 -18.47 5.41
N PRO A 161 -8.09 -18.85 6.70
CA PRO A 161 -8.52 -17.99 7.81
C PRO A 161 -7.62 -16.81 8.19
N TYR A 162 -7.10 -16.09 7.20
CA TYR A 162 -6.27 -14.95 7.51
C TYR A 162 -7.16 -13.71 7.61
N PRO A 163 -6.78 -12.76 8.49
CA PRO A 163 -7.49 -11.51 8.77
C PRO A 163 -7.84 -10.57 7.63
N LEU A 164 -8.99 -9.91 7.79
CA LEU A 164 -9.49 -8.89 6.88
C LEU A 164 -9.83 -9.25 5.44
N PHE A 165 -9.07 -10.14 4.84
CA PHE A 165 -9.34 -10.47 3.45
C PHE A 165 -9.53 -11.96 3.18
N GLN A 166 -10.44 -12.57 3.92
CA GLN A 166 -10.71 -13.99 3.73
C GLN A 166 -11.93 -14.17 2.83
N MET A 167 -11.69 -14.78 1.68
CA MET A 167 -12.74 -15.07 0.74
C MET A 167 -13.05 -16.52 1.09
N GLU A 168 -13.74 -16.70 2.23
CA GLU A 168 -14.07 -18.02 2.76
C GLU A 168 -15.01 -18.90 1.96
N LEU A 169 -14.72 -20.20 1.99
CA LEU A 169 -15.51 -21.21 1.30
C LEU A 169 -16.57 -21.80 2.23
N MET A 170 -17.82 -21.40 2.04
CA MET A 170 -18.95 -21.87 2.84
C MET A 170 -19.23 -23.35 2.54
N PRO A 171 -20.02 -24.01 3.39
CA PRO A 171 -20.32 -25.42 3.16
C PRO A 171 -21.01 -25.66 1.82
N ASP A 172 -22.01 -24.83 1.51
CA ASP A 172 -22.77 -24.94 0.28
C ASP A 172 -21.99 -24.53 -0.97
N GLY A 173 -20.67 -24.66 -0.91
CA GLY A 173 -19.83 -24.31 -2.06
C GLY A 173 -19.80 -22.84 -2.43
N THR A 174 -20.42 -21.99 -1.60
CA THR A 174 -20.43 -20.56 -1.87
C THR A 174 -19.31 -19.87 -1.14
N PHE A 175 -19.01 -18.64 -1.54
CA PHE A 175 -17.96 -17.85 -0.92
C PHE A 175 -18.55 -16.63 -0.26
N GLU A 176 -17.99 -16.27 0.90
CA GLU A 176 -18.45 -15.10 1.65
C GLU A 176 -17.24 -14.37 2.21
N TRP A 177 -17.23 -13.04 2.04
CA TRP A 177 -16.15 -12.20 2.54
C TRP A 177 -16.67 -11.19 3.58
N HIS A 178 -16.14 -11.29 4.79
CA HIS A 178 -16.53 -10.44 5.92
C HIS A 178 -15.54 -9.34 6.26
N ALA A 179 -15.93 -8.08 6.03
CA ALA A 179 -15.06 -6.95 6.33
C ALA A 179 -15.80 -5.75 6.89
N PRO A 180 -15.08 -4.84 7.56
CA PRO A 180 -15.69 -3.64 8.14
C PRO A 180 -16.07 -2.63 7.06
N PHE A 181 -15.32 -2.65 5.95
CA PHE A 181 -15.54 -1.72 4.84
C PHE A 181 -17.01 -1.62 4.45
N ASP A 182 -17.43 -0.42 4.07
CA ASP A 182 -18.80 -0.22 3.63
C ASP A 182 -18.90 -1.05 2.34
N PRO A 183 -19.99 -1.81 2.20
CA PRO A 183 -20.14 -2.63 0.99
C PRO A 183 -20.27 -1.88 -0.34
N ASP A 184 -20.58 -0.60 -0.29
CA ASP A 184 -20.76 0.16 -1.52
C ASP A 184 -19.70 1.19 -1.83
N ILE A 185 -18.85 1.50 -0.86
CA ILE A 185 -17.79 2.50 -1.07
C ILE A 185 -16.61 1.95 -1.84
N PRO A 186 -16.41 2.46 -3.06
CA PRO A 186 -15.31 2.02 -3.91
C PRO A 186 -13.96 2.29 -3.26
N LEU A 187 -13.11 1.26 -3.23
CA LEU A 187 -11.79 1.38 -2.64
C LEU A 187 -10.75 1.13 -3.73
N PRO A 188 -9.53 1.66 -3.54
CA PRO A 188 -8.43 1.50 -4.50
C PRO A 188 -7.73 0.17 -4.38
N TRP A 189 -7.73 -0.61 -5.47
CA TRP A 189 -7.05 -1.89 -5.45
C TRP A 189 -5.80 -1.82 -6.30
N LEU A 190 -4.94 -2.82 -6.12
CA LEU A 190 -3.69 -2.91 -6.83
C LEU A 190 -3.24 -4.36 -6.88
N ASP A 191 -2.79 -4.81 -8.04
CA ASP A 191 -2.28 -6.17 -8.16
C ASP A 191 -0.76 -6.08 -7.99
N ALA A 192 -0.32 -6.20 -6.74
CA ALA A 192 1.09 -6.12 -6.34
C ALA A 192 2.11 -6.90 -7.17
N GLU A 193 1.88 -8.18 -7.35
CA GLU A 193 2.81 -9.00 -8.07
C GLU A 193 2.84 -8.74 -9.57
N HIS A 194 1.69 -8.38 -10.11
CA HIS A 194 1.55 -8.14 -11.53
C HIS A 194 1.93 -6.74 -11.97
N ASP A 195 1.51 -5.74 -11.20
CA ASP A 195 1.72 -4.35 -11.60
C ASP A 195 2.66 -3.42 -10.86
N VAL A 196 3.14 -3.80 -9.68
CA VAL A 196 4.03 -2.89 -8.98
C VAL A 196 5.33 -2.70 -9.75
N GLY A 197 5.96 -3.81 -10.13
CA GLY A 197 7.21 -3.76 -10.86
C GLY A 197 7.16 -2.92 -12.12
N PRO A 198 6.31 -3.28 -13.10
CA PRO A 198 6.21 -2.52 -14.35
C PRO A 198 6.05 -1.03 -14.10
N ALA A 199 5.14 -0.67 -13.19
CA ALA A 199 4.89 0.73 -12.87
C ALA A 199 6.13 1.42 -12.32
N LEU A 200 6.80 0.79 -11.36
CA LEU A 200 7.99 1.40 -10.77
C LEU A 200 9.08 1.62 -11.82
N LEU A 201 9.21 0.68 -12.75
CA LEU A 201 10.18 0.78 -13.83
C LEU A 201 9.91 2.03 -14.66
N GLN A 202 8.63 2.21 -15.00
CA GLN A 202 8.20 3.33 -15.80
C GLN A 202 8.51 4.64 -15.10
N ILE A 203 8.33 4.67 -13.78
CA ILE A 203 8.62 5.86 -13.00
C ILE A 203 10.13 6.13 -13.07
N PHE A 204 10.93 5.10 -12.86
CA PHE A 204 12.38 5.25 -12.93
C PHE A 204 12.78 5.69 -14.34
N LYS A 205 12.18 5.09 -15.36
CA LYS A 205 12.51 5.45 -16.72
C LYS A 205 12.16 6.91 -16.97
N ASP A 206 11.03 7.33 -16.41
CA ASP A 206 10.61 8.72 -16.56
C ASP A 206 11.61 9.64 -15.84
N GLY A 207 12.15 9.18 -14.71
CA GLY A 207 13.12 10.00 -13.98
C GLY A 207 12.56 11.11 -13.09
N PRO A 208 13.39 11.68 -12.23
CA PRO A 208 12.93 12.76 -11.34
C PRO A 208 12.54 13.99 -12.14
N GLN A 209 13.00 14.07 -13.38
CA GLN A 209 12.70 15.21 -14.23
C GLN A 209 11.19 15.35 -14.43
N LYS A 210 10.46 14.28 -14.14
CA LYS A 210 9.02 14.29 -14.31
C LYS A 210 8.26 14.04 -13.02
N TRP A 211 8.83 13.20 -12.17
CA TRP A 211 8.18 12.79 -10.92
C TRP A 211 8.74 13.33 -9.62
N ASN A 212 9.87 14.03 -9.69
CA ASN A 212 10.46 14.56 -8.48
C ASN A 212 9.46 15.30 -7.59
N GLY A 213 9.35 14.84 -6.34
CA GLY A 213 8.46 15.45 -5.37
C GLY A 213 7.00 15.05 -5.49
N HIS A 214 6.65 14.34 -6.57
CA HIS A 214 5.28 13.92 -6.80
C HIS A 214 4.83 12.74 -5.96
N ARG A 215 3.52 12.72 -5.73
CA ARG A 215 2.86 11.66 -5.00
C ARG A 215 2.05 10.98 -6.07
N ILE A 216 2.11 9.65 -6.11
CA ILE A 216 1.40 8.89 -7.12
C ILE A 216 0.58 7.78 -6.49
N ALA A 217 -0.71 7.73 -6.82
CA ALA A 217 -1.59 6.71 -6.29
C ALA A 217 -1.38 5.42 -7.10
N LEU A 218 -0.76 4.43 -6.47
CA LEU A 218 -0.51 3.15 -7.13
C LEU A 218 -1.72 2.25 -6.99
N THR A 219 -2.72 2.53 -7.81
CA THR A 219 -3.95 1.78 -7.81
C THR A 219 -4.41 1.83 -9.26
N PHE A 220 -4.84 0.70 -9.81
CA PHE A 220 -5.26 0.69 -11.21
C PHE A 220 -6.76 0.52 -11.43
N GLU A 221 -7.52 0.35 -10.36
CA GLU A 221 -8.97 0.19 -10.44
C GLU A 221 -9.61 0.33 -9.08
N THR A 222 -10.77 0.97 -9.04
CA THR A 222 -11.50 1.17 -7.79
C THR A 222 -12.82 0.42 -7.79
N LEU A 223 -12.95 -0.53 -6.86
CA LEU A 223 -14.16 -1.33 -6.73
C LEU A 223 -14.66 -1.31 -5.30
N SER A 224 -15.96 -1.54 -5.13
CA SER A 224 -16.55 -1.56 -3.80
C SER A 224 -16.46 -2.98 -3.29
N PRO A 225 -16.68 -3.19 -1.99
CA PRO A 225 -16.60 -4.55 -1.46
C PRO A 225 -17.58 -5.44 -2.22
N VAL A 226 -18.73 -4.89 -2.58
CA VAL A 226 -19.73 -5.64 -3.32
C VAL A 226 -19.25 -5.95 -4.74
N GLN A 227 -18.68 -4.95 -5.40
CA GLN A 227 -18.19 -5.12 -6.77
C GLN A 227 -17.05 -6.14 -6.84
N VAL A 228 -16.15 -6.09 -5.86
CA VAL A 228 -15.05 -7.04 -5.82
C VAL A 228 -15.67 -8.42 -5.74
N CYS A 229 -16.74 -8.53 -4.95
CA CYS A 229 -17.44 -9.78 -4.78
C CYS A 229 -18.05 -10.21 -6.11
N ALA A 230 -18.61 -9.24 -6.84
CA ALA A 230 -19.19 -9.51 -8.15
C ALA A 230 -18.12 -10.12 -9.05
N ALA A 231 -16.95 -9.48 -9.09
CA ALA A 231 -15.83 -9.93 -9.91
C ALA A 231 -15.45 -11.38 -9.65
N PHE A 232 -15.34 -11.75 -8.38
CA PHE A 232 -15.00 -13.12 -8.01
C PHE A 232 -16.06 -14.10 -8.49
N SER A 233 -17.32 -13.73 -8.30
CA SER A 233 -18.45 -14.55 -8.68
C SER A 233 -18.51 -14.87 -10.18
N ARG A 234 -18.42 -13.83 -11.01
CA ARG A 234 -18.47 -14.02 -12.45
C ARG A 234 -17.11 -14.45 -12.98
N ALA A 235 -16.30 -15.06 -12.11
CA ALA A 235 -14.97 -15.51 -12.50
C ALA A 235 -14.73 -16.94 -12.01
N LEU A 236 -15.49 -17.36 -11.00
CA LEU A 236 -15.34 -18.70 -10.44
C LEU A 236 -16.57 -19.58 -10.64
N ASN A 237 -17.62 -18.99 -11.20
CA ASN A 237 -18.86 -19.71 -11.46
C ASN A 237 -19.67 -19.91 -10.18
N ARG A 238 -19.13 -19.44 -9.06
CA ARG A 238 -19.82 -19.59 -7.78
C ARG A 238 -20.40 -18.27 -7.26
N ARG A 239 -21.26 -18.37 -6.26
CA ARG A 239 -21.91 -17.21 -5.66
C ARG A 239 -21.07 -16.67 -4.51
N VAL A 240 -20.67 -15.40 -4.64
CA VAL A 240 -19.87 -14.75 -3.60
C VAL A 240 -20.66 -13.57 -3.03
N THR A 241 -20.70 -13.49 -1.71
CA THR A 241 -21.42 -12.39 -1.09
C THR A 241 -20.56 -11.67 -0.07
N TYR A 242 -20.79 -10.35 0.04
CA TYR A 242 -20.06 -9.53 0.99
C TYR A 242 -20.90 -9.35 2.24
N VAL A 243 -20.23 -9.31 3.38
CA VAL A 243 -20.90 -9.14 4.66
C VAL A 243 -20.13 -8.17 5.54
N GLN A 244 -20.63 -6.95 5.67
CA GLN A 244 -20.01 -5.94 6.49
C GLN A 244 -20.09 -6.28 7.97
N VAL A 245 -18.95 -6.54 8.59
CA VAL A 245 -18.91 -6.87 10.01
C VAL A 245 -18.19 -5.76 10.77
N PRO A 246 -18.79 -5.30 11.87
CA PRO A 246 -18.24 -4.24 12.74
C PRO A 246 -16.76 -4.39 13.05
N LYS A 247 -16.30 -5.62 13.18
CA LYS A 247 -14.89 -5.85 13.48
C LYS A 247 -14.24 -6.88 12.58
N VAL A 248 -12.91 -6.93 12.64
CA VAL A 248 -12.14 -7.87 11.85
C VAL A 248 -12.10 -9.18 12.60
N GLU A 249 -12.47 -10.26 11.92
CA GLU A 249 -12.49 -11.58 12.51
C GLU A 249 -11.09 -12.20 12.52
N ILE A 250 -10.43 -12.17 13.68
CA ILE A 250 -9.09 -12.74 13.81
C ILE A 250 -9.21 -14.21 14.16
N LYS A 251 -9.19 -15.05 13.13
CA LYS A 251 -9.33 -16.48 13.29
C LYS A 251 -8.04 -17.25 13.60
N VAL A 252 -6.91 -16.54 13.63
CA VAL A 252 -5.61 -17.14 13.92
C VAL A 252 -4.76 -16.27 14.85
N ASN A 253 -3.68 -16.82 15.37
CA ASN A 253 -2.80 -16.08 16.26
C ASN A 253 -1.85 -15.13 15.52
N ILE A 254 -2.24 -13.86 15.47
CA ILE A 254 -1.48 -12.81 14.80
C ILE A 254 -0.68 -12.02 15.83
N PRO A 255 0.46 -11.45 15.42
CA PRO A 255 1.31 -10.66 16.31
C PRO A 255 0.62 -9.35 16.74
N VAL A 256 0.89 -8.94 17.97
CA VAL A 256 0.31 -7.73 18.56
C VAL A 256 0.23 -6.54 17.59
N GLY A 257 1.38 -6.11 17.08
CA GLY A 257 1.41 -4.99 16.17
C GLY A 257 0.38 -5.06 15.06
N TYR A 258 0.13 -6.27 14.56
CA TYR A 258 -0.82 -6.44 13.48
C TYR A 258 -2.27 -6.30 13.93
N ARG A 259 -2.52 -6.47 15.23
CA ARG A 259 -3.87 -6.32 15.79
C ARG A 259 -4.23 -4.85 15.84
N GLU A 260 -3.34 -4.06 16.42
CA GLU A 260 -3.52 -2.61 16.55
C GLU A 260 -3.91 -2.06 15.19
N GLN A 261 -3.25 -2.57 14.15
CA GLN A 261 -3.50 -2.17 12.78
C GLN A 261 -4.95 -2.37 12.37
N LEU A 262 -5.45 -3.58 12.60
CA LEU A 262 -6.82 -3.94 12.23
C LEU A 262 -7.87 -3.13 12.98
N GLU A 263 -7.72 -3.01 14.30
CA GLU A 263 -8.64 -2.26 15.13
C GLU A 263 -8.79 -0.85 14.58
N ALA A 264 -7.67 -0.27 14.17
CA ALA A 264 -7.65 1.08 13.60
C ALA A 264 -8.41 1.07 12.28
N ILE A 265 -8.22 0.01 11.51
CA ILE A 265 -8.90 -0.13 10.24
C ILE A 265 -10.40 -0.17 10.49
N GLU A 266 -10.80 -0.86 11.56
CA GLU A 266 -12.21 -0.97 11.91
C GLU A 266 -12.83 0.40 12.16
N VAL A 267 -12.14 1.23 12.90
CA VAL A 267 -12.63 2.58 13.21
C VAL A 267 -12.70 3.48 11.98
N VAL A 268 -11.59 3.59 11.26
CA VAL A 268 -11.52 4.43 10.06
C VAL A 268 -12.52 4.05 8.98
N PHE A 269 -12.51 2.78 8.59
CA PHE A 269 -13.37 2.29 7.54
C PHE A 269 -14.72 1.74 8.05
N GLY A 270 -14.72 1.16 9.25
CA GLY A 270 -15.95 0.62 9.79
C GLY A 270 -16.90 1.70 10.28
N GLU A 271 -16.48 2.42 11.33
CA GLU A 271 -17.31 3.48 11.90
C GLU A 271 -17.45 4.71 11.02
N HIS A 272 -16.33 5.40 10.79
CA HIS A 272 -16.31 6.63 10.02
C HIS A 272 -16.42 6.59 8.51
N LYS A 273 -16.28 5.41 7.92
CA LYS A 273 -16.36 5.30 6.46
C LYS A 273 -15.51 6.40 5.79
N ALA A 274 -14.24 6.46 6.19
CA ALA A 274 -13.30 7.43 5.64
C ALA A 274 -12.62 6.87 4.40
N PRO A 275 -12.19 7.76 3.48
CA PRO A 275 -11.52 7.31 2.26
C PRO A 275 -10.21 6.58 2.56
N TYR A 276 -9.83 5.68 1.65
CA TYR A 276 -8.57 4.94 1.80
C TYR A 276 -7.44 5.97 1.71
N PHE A 277 -7.54 6.83 0.70
CA PHE A 277 -6.58 7.91 0.47
C PHE A 277 -7.26 9.23 0.80
N PRO A 278 -7.26 9.62 2.09
CA PRO A 278 -7.88 10.87 2.56
C PRO A 278 -7.17 12.16 2.15
N LEU A 279 -6.09 12.04 1.38
CA LEU A 279 -5.36 13.22 0.94
C LEU A 279 -6.18 13.91 -0.13
N PRO A 280 -6.30 15.25 -0.05
CA PRO A 280 -7.07 16.02 -1.04
C PRO A 280 -6.79 15.66 -2.50
N GLU A 281 -5.53 15.42 -2.83
CA GLU A 281 -5.18 15.09 -4.20
C GLU A 281 -5.72 13.74 -4.63
N PHE A 282 -6.06 12.91 -3.66
CA PHE A 282 -6.58 11.57 -3.96
C PHE A 282 -8.07 11.45 -3.63
N SER A 283 -8.61 12.43 -2.92
CA SER A 283 -10.02 12.43 -2.53
C SER A 283 -10.91 12.95 -3.66
N ARG A 316 -9.89 10.73 -12.29
CA ARG A 316 -9.86 9.56 -11.42
C ARG A 316 -8.51 9.34 -10.76
N VAL A 317 -8.54 8.79 -9.56
CA VAL A 317 -7.34 8.51 -8.80
C VAL A 317 -6.47 7.46 -9.50
N THR A 318 -7.09 6.69 -10.39
CA THR A 318 -6.35 5.65 -11.10
C THR A 318 -5.69 6.13 -12.39
N ASP A 319 -5.99 7.36 -12.78
CA ASP A 319 -5.44 7.93 -14.01
C ASP A 319 -3.94 7.82 -14.18
N GLU A 320 -3.17 8.38 -13.25
CA GLU A 320 -1.72 8.33 -13.35
C GLU A 320 -1.16 6.93 -13.48
N ALA A 321 -1.60 6.02 -12.62
CA ALA A 321 -1.11 4.64 -12.65
C ALA A 321 -1.30 3.98 -14.03
N ARG A 322 -2.53 4.02 -14.53
CA ARG A 322 -2.83 3.42 -15.83
C ARG A 322 -2.00 4.05 -16.96
N LYS A 323 -1.68 5.33 -16.81
CA LYS A 323 -0.88 6.03 -17.80
C LYS A 323 0.56 5.52 -17.73
N LEU A 324 1.02 5.18 -16.51
CA LEU A 324 2.39 4.66 -16.32
C LEU A 324 2.55 3.21 -16.77
N TRP A 325 1.46 2.45 -16.74
CA TRP A 325 1.48 1.03 -17.10
C TRP A 325 0.06 0.62 -17.58
N SER A 326 -0.07 0.33 -18.87
CA SER A 326 -1.36 -0.04 -19.45
C SER A 326 -1.72 -1.53 -19.31
N GLY A 327 -0.76 -2.36 -18.90
CA GLY A 327 -1.02 -3.78 -18.79
C GLY A 327 -1.35 -4.29 -17.40
N TRP A 328 -2.13 -3.53 -16.65
CA TRP A 328 -2.52 -3.92 -15.30
C TRP A 328 -3.50 -5.08 -15.30
N ARG A 329 -3.57 -5.79 -14.18
CA ARG A 329 -4.46 -6.94 -14.00
C ARG A 329 -5.59 -6.54 -13.06
N ASP A 330 -6.82 -6.52 -13.56
CA ASP A 330 -7.97 -6.16 -12.74
C ASP A 330 -8.33 -7.28 -11.77
N MET A 331 -9.40 -7.07 -11.00
CA MET A 331 -9.84 -8.06 -10.02
C MET A 331 -10.41 -9.32 -10.66
N GLU A 332 -11.05 -9.17 -11.82
CA GLU A 332 -11.63 -10.31 -12.52
C GLU A 332 -10.54 -11.29 -12.97
N GLU A 333 -9.50 -10.77 -13.63
CA GLU A 333 -8.42 -11.64 -14.10
C GLU A 333 -7.72 -12.24 -12.88
N TYR A 334 -7.48 -11.41 -11.88
CA TYR A 334 -6.85 -11.93 -10.68
C TYR A 334 -7.73 -13.08 -10.19
N ALA A 335 -9.03 -12.78 -10.08
CA ALA A 335 -10.02 -13.74 -9.59
C ALA A 335 -10.01 -15.07 -10.34
N ARG A 336 -10.08 -15.00 -11.66
CA ARG A 336 -10.11 -16.20 -12.47
C ARG A 336 -8.77 -16.87 -12.75
N GLU A 337 -7.71 -16.09 -12.96
CA GLU A 337 -6.43 -16.67 -13.31
C GLU A 337 -5.45 -16.94 -12.19
N VAL A 338 -5.55 -16.19 -11.09
CA VAL A 338 -4.60 -16.37 -9.99
C VAL A 338 -5.20 -16.98 -8.73
N PHE A 339 -6.36 -16.50 -8.31
CA PHE A 339 -7.00 -17.00 -7.10
C PHE A 339 -7.00 -18.53 -7.04
N PRO A 340 -7.55 -19.20 -8.07
CA PRO A 340 -7.57 -20.66 -8.04
C PRO A 340 -6.18 -21.25 -7.83
N ILE A 341 -5.21 -20.73 -8.58
CA ILE A 341 -3.83 -21.21 -8.51
C ILE A 341 -3.16 -21.04 -7.16
N GLU A 342 -3.32 -19.87 -6.55
CA GLU A 342 -2.70 -19.61 -5.26
C GLU A 342 -3.31 -20.48 -4.17
N GLU A 343 -4.62 -20.72 -4.29
CA GLU A 343 -5.33 -21.56 -3.33
C GLU A 343 -4.76 -22.97 -3.35
N GLU A 344 -4.77 -23.61 -4.52
CA GLU A 344 -4.26 -24.97 -4.67
C GLU A 344 -2.86 -25.09 -4.06
N ALA A 345 -1.94 -24.24 -4.49
CA ALA A 345 -0.58 -24.25 -3.98
C ALA A 345 -0.57 -24.08 -2.46
N ASN A 346 -1.52 -23.28 -1.97
CA ASN A 346 -1.65 -23.02 -0.54
C ASN A 346 -2.14 -24.25 0.21
N GLY A 347 -2.98 -25.05 -0.45
CA GLY A 347 -3.52 -26.25 0.16
C GLY A 347 -5.04 -26.24 0.18
N LEU A 348 -5.64 -26.34 -1.00
CA LEU A 348 -7.10 -26.33 -1.15
C LEU A 348 -7.45 -26.99 -2.48
N ASP A 349 -8.62 -27.62 -2.55
CA ASP A 349 -9.02 -28.29 -3.79
C ASP A 349 -10.44 -28.02 -4.26
N TRP A 350 -10.99 -26.88 -3.87
CA TRP A 350 -12.35 -26.56 -4.30
C TRP A 350 -12.34 -26.23 -5.80
N MET A 351 -11.17 -25.90 -6.32
CA MET A 351 -11.04 -25.54 -7.74
C MET A 351 -10.97 -26.76 -8.65
N LEU A 352 -10.73 -27.93 -8.06
CA LEU A 352 -10.63 -29.16 -8.83
C LEU A 352 -12.01 -29.72 -9.18
N GLN B 3 -32.14 -51.96 -33.47
CA GLN B 3 -31.10 -52.28 -34.48
C GLN B 3 -31.26 -51.44 -35.74
N GLN B 4 -32.25 -51.80 -36.56
CA GLN B 4 -32.49 -51.09 -37.81
C GLN B 4 -32.90 -49.63 -37.62
N LYS B 5 -32.47 -48.78 -38.54
CA LYS B 5 -32.83 -47.37 -38.50
C LYS B 5 -34.21 -47.34 -39.15
N LYS B 6 -35.18 -46.76 -38.46
CA LYS B 6 -36.56 -46.71 -38.95
C LYS B 6 -36.89 -45.42 -39.67
N THR B 7 -38.10 -45.34 -40.19
CA THR B 7 -38.55 -44.14 -40.87
C THR B 7 -39.37 -43.37 -39.83
N ILE B 8 -38.93 -42.15 -39.52
CA ILE B 8 -39.59 -41.31 -38.53
C ILE B 8 -40.43 -40.21 -39.19
N ALA B 9 -41.68 -40.07 -38.76
CA ALA B 9 -42.58 -39.04 -39.29
C ALA B 9 -42.63 -37.84 -38.35
N VAL B 10 -42.44 -36.65 -38.92
CA VAL B 10 -42.41 -35.41 -38.14
C VAL B 10 -43.28 -34.31 -38.74
N VAL B 11 -43.78 -33.41 -37.89
CA VAL B 11 -44.58 -32.28 -38.34
C VAL B 11 -43.85 -31.02 -37.83
N ASN B 12 -44.12 -29.86 -38.43
CA ASN B 12 -43.46 -28.62 -37.98
C ASN B 12 -41.95 -28.81 -38.04
N ALA B 13 -41.46 -29.40 -39.14
CA ALA B 13 -40.06 -29.69 -39.31
C ALA B 13 -39.06 -28.59 -39.00
N THR B 14 -39.43 -27.34 -39.26
CA THR B 14 -38.52 -26.24 -38.99
C THR B 14 -38.53 -25.82 -37.53
N GLY B 15 -39.48 -26.36 -36.77
CA GLY B 15 -39.53 -26.04 -35.34
C GLY B 15 -38.23 -26.49 -34.69
N ARG B 16 -37.86 -25.87 -33.57
CA ARG B 16 -36.59 -26.24 -32.94
C ARG B 16 -36.53 -27.67 -32.44
N GLN B 17 -37.66 -28.20 -31.98
CA GLN B 17 -37.68 -29.58 -31.52
C GLN B 17 -37.52 -30.52 -32.71
N ALA B 18 -38.42 -30.41 -33.68
CA ALA B 18 -38.37 -31.28 -34.87
C ALA B 18 -37.03 -31.22 -35.60
N ALA B 19 -36.54 -30.01 -35.82
CA ALA B 19 -35.29 -29.80 -36.51
C ALA B 19 -34.13 -30.52 -35.81
N SER B 20 -34.06 -30.40 -34.49
CA SER B 20 -32.99 -31.06 -33.74
C SER B 20 -33.00 -32.55 -34.06
N LEU B 21 -34.18 -33.17 -33.87
CA LEU B 21 -34.34 -34.59 -34.12
C LEU B 21 -34.05 -35.01 -35.55
N ILE B 22 -34.47 -34.20 -36.53
CA ILE B 22 -34.26 -34.53 -37.94
C ILE B 22 -32.79 -34.57 -38.30
N ARG B 23 -32.06 -33.53 -37.90
CA ARG B 23 -30.63 -33.49 -38.19
C ARG B 23 -29.99 -34.75 -37.66
N VAL B 24 -30.13 -34.98 -36.36
CA VAL B 24 -29.50 -36.17 -35.77
C VAL B 24 -30.04 -37.45 -36.35
N ALA B 25 -31.35 -37.55 -36.50
CA ALA B 25 -31.95 -38.76 -37.03
C ALA B 25 -31.47 -39.06 -38.45
N ALA B 26 -31.54 -38.08 -39.34
CA ALA B 26 -31.09 -38.31 -40.70
C ALA B 26 -29.62 -38.70 -40.69
N ALA B 27 -28.83 -38.04 -39.86
CA ALA B 27 -27.40 -38.30 -39.75
C ALA B 27 -27.03 -39.75 -39.41
N VAL B 28 -27.78 -40.35 -38.50
CA VAL B 28 -27.52 -41.74 -38.09
C VAL B 28 -28.10 -42.79 -39.03
N GLY B 29 -28.89 -42.37 -40.04
CA GLY B 29 -29.43 -43.36 -40.95
C GLY B 29 -30.93 -43.59 -41.01
N HIS B 30 -31.71 -42.81 -40.28
CA HIS B 30 -33.15 -42.97 -40.31
C HIS B 30 -33.69 -42.16 -41.50
N HIS B 31 -34.74 -42.64 -42.15
CA HIS B 31 -35.35 -41.86 -43.22
C HIS B 31 -36.38 -40.98 -42.50
N VAL B 32 -36.45 -39.70 -42.87
CA VAL B 32 -37.40 -38.81 -42.24
C VAL B 32 -38.46 -38.34 -43.22
N ARG B 33 -39.69 -38.22 -42.73
CA ARG B 33 -40.80 -37.73 -43.53
C ARG B 33 -41.29 -36.58 -42.67
N ALA B 34 -41.15 -35.35 -43.17
CA ALA B 34 -41.51 -34.20 -42.37
C ALA B 34 -42.42 -33.19 -43.06
N GLN B 35 -43.31 -32.62 -42.26
CA GLN B 35 -44.24 -31.62 -42.74
C GLN B 35 -43.72 -30.25 -42.35
N VAL B 36 -43.73 -29.33 -43.32
CA VAL B 36 -43.29 -27.97 -43.08
C VAL B 36 -44.37 -27.08 -43.66
N HIS B 37 -44.51 -25.89 -43.10
CA HIS B 37 -45.50 -24.95 -43.56
C HIS B 37 -45.03 -24.26 -44.85
N SER B 38 -43.72 -24.06 -44.97
CA SER B 38 -43.15 -23.40 -46.14
C SER B 38 -41.73 -23.90 -46.44
N LEU B 39 -41.42 -24.02 -47.72
CA LEU B 39 -40.09 -24.48 -48.15
C LEU B 39 -39.08 -23.34 -48.18
N LYS B 40 -39.55 -22.14 -47.84
CA LYS B 40 -38.69 -20.97 -47.83
C LYS B 40 -38.24 -20.67 -46.41
N GLY B 41 -36.94 -20.60 -46.23
CA GLY B 41 -36.38 -20.33 -44.91
C GLY B 41 -35.04 -21.01 -44.76
N LEU B 42 -34.22 -20.49 -43.86
CA LEU B 42 -32.88 -21.04 -43.61
C LEU B 42 -32.99 -22.50 -43.18
N ILE B 43 -33.80 -22.76 -42.16
CA ILE B 43 -33.98 -24.11 -41.65
C ILE B 43 -34.57 -25.01 -42.74
N ALA B 44 -35.54 -24.48 -43.46
CA ALA B 44 -36.20 -25.22 -44.53
C ALA B 44 -35.19 -25.72 -45.56
N GLU B 45 -34.42 -24.80 -46.14
CA GLU B 45 -33.43 -25.18 -47.14
C GLU B 45 -32.48 -26.23 -46.59
N GLU B 46 -31.98 -26.00 -45.37
CA GLU B 46 -31.06 -26.93 -44.73
C GLU B 46 -31.68 -28.31 -44.71
N LEU B 47 -32.92 -28.38 -44.21
CA LEU B 47 -33.61 -29.65 -44.12
C LEU B 47 -33.81 -30.33 -45.47
N GLN B 48 -34.46 -29.65 -46.40
CA GLN B 48 -34.69 -30.24 -47.72
C GLN B 48 -33.39 -30.78 -48.28
N ALA B 49 -32.31 -30.09 -47.98
CA ALA B 49 -30.99 -30.47 -48.43
C ALA B 49 -30.50 -31.78 -47.82
N ILE B 50 -30.93 -32.08 -46.60
CA ILE B 50 -30.51 -33.33 -45.94
C ILE B 50 -30.93 -34.54 -46.77
N PRO B 51 -29.96 -35.38 -47.14
CA PRO B 51 -30.15 -36.59 -47.95
C PRO B 51 -31.43 -37.39 -47.79
N ASN B 52 -31.58 -38.02 -46.63
CA ASN B 52 -32.73 -38.87 -46.39
C ASN B 52 -34.00 -38.21 -45.85
N VAL B 53 -34.11 -36.89 -46.01
CA VAL B 53 -35.27 -36.18 -45.52
C VAL B 53 -36.27 -35.84 -46.62
N THR B 54 -37.51 -36.31 -46.48
CA THR B 54 -38.55 -36.03 -47.46
C THR B 54 -39.46 -34.97 -46.86
N LEU B 55 -39.62 -33.85 -47.56
CA LEU B 55 -40.46 -32.77 -47.06
C LEU B 55 -41.81 -32.64 -47.72
N PHE B 56 -42.81 -32.31 -46.92
CA PHE B 56 -44.18 -32.12 -47.39
C PHE B 56 -44.65 -30.77 -46.93
N GLN B 57 -44.86 -29.88 -47.89
CA GLN B 57 -45.30 -28.53 -47.61
C GLN B 57 -46.81 -28.40 -47.70
N GLY B 58 -47.40 -27.94 -46.60
CA GLY B 58 -48.84 -27.75 -46.53
C GLY B 58 -49.27 -27.55 -45.10
N PRO B 59 -50.47 -27.00 -44.87
CA PRO B 59 -50.95 -26.77 -43.50
C PRO B 59 -51.44 -28.09 -42.89
N LEU B 60 -51.52 -28.16 -41.56
CA LEU B 60 -51.99 -29.37 -40.90
C LEU B 60 -53.47 -29.32 -40.59
N LEU B 61 -54.01 -28.11 -40.45
CA LEU B 61 -55.43 -27.95 -40.11
C LEU B 61 -56.38 -28.57 -41.13
N ASN B 62 -57.26 -29.45 -40.66
CA ASN B 62 -58.24 -30.11 -41.53
C ASN B 62 -57.59 -30.54 -42.83
N ASN B 63 -56.44 -31.17 -42.71
CA ASN B 63 -55.70 -31.64 -43.87
C ASN B 63 -55.30 -33.09 -43.66
N VAL B 64 -56.28 -33.97 -43.82
CA VAL B 64 -56.10 -35.41 -43.66
C VAL B 64 -55.17 -36.06 -44.68
N PRO B 65 -55.34 -35.72 -45.97
CA PRO B 65 -54.49 -36.30 -47.02
C PRO B 65 -53.00 -36.19 -46.73
N LEU B 66 -52.57 -35.05 -46.19
CA LEU B 66 -51.15 -34.86 -45.88
C LEU B 66 -50.78 -35.77 -44.72
N MET B 67 -51.68 -35.86 -43.75
CA MET B 67 -51.41 -36.71 -42.59
C MET B 67 -51.21 -38.18 -42.97
N ASP B 68 -52.09 -38.71 -43.81
CA ASP B 68 -51.96 -40.10 -44.24
C ASP B 68 -50.62 -40.32 -44.97
N THR B 69 -50.29 -39.42 -45.90
CA THR B 69 -49.06 -39.51 -46.68
C THR B 69 -47.83 -39.49 -45.76
N LEU B 70 -47.83 -38.59 -44.80
CA LEU B 70 -46.73 -38.47 -43.86
C LEU B 70 -46.41 -39.77 -43.13
N PHE B 71 -47.45 -40.49 -42.71
CA PHE B 71 -47.27 -41.74 -41.96
C PHE B 71 -47.04 -43.01 -42.75
N GLU B 72 -47.17 -42.93 -44.08
CA GLU B 72 -46.94 -44.08 -44.97
C GLU B 72 -45.55 -44.67 -44.76
N GLY B 73 -45.48 -45.94 -44.35
CA GLY B 73 -44.20 -46.57 -44.14
C GLY B 73 -43.45 -46.06 -42.94
N ALA B 74 -44.08 -45.19 -42.17
CA ALA B 74 -43.45 -44.65 -40.98
C ALA B 74 -43.60 -45.67 -39.87
N HIS B 75 -42.54 -45.86 -39.09
CA HIS B 75 -42.54 -46.80 -37.97
C HIS B 75 -42.42 -46.00 -36.67
N LEU B 76 -41.80 -44.84 -36.78
CA LEU B 76 -41.57 -43.95 -35.64
C LEU B 76 -42.18 -42.57 -35.91
N ALA B 77 -42.55 -41.88 -34.85
CA ALA B 77 -43.11 -40.55 -35.00
C ALA B 77 -42.81 -39.63 -33.83
N PHE B 78 -42.50 -38.38 -34.16
CA PHE B 78 -42.26 -37.37 -33.15
C PHE B 78 -43.17 -36.22 -33.55
N ILE B 79 -44.12 -35.92 -32.68
CA ILE B 79 -45.08 -34.88 -32.98
C ILE B 79 -45.10 -33.72 -31.98
N ASN B 80 -44.86 -32.53 -32.53
CA ASN B 80 -44.87 -31.31 -31.76
C ASN B 80 -45.53 -30.28 -32.65
N THR B 81 -46.77 -29.94 -32.33
CA THR B 81 -47.50 -28.96 -33.11
C THR B 81 -47.30 -27.56 -32.54
N THR B 82 -47.74 -26.56 -33.29
CA THR B 82 -47.63 -25.16 -32.86
C THR B 82 -48.96 -24.48 -33.11
N SER B 83 -49.41 -23.70 -32.13
CA SER B 83 -50.69 -23.02 -32.22
C SER B 83 -50.82 -22.15 -33.47
N GLN B 84 -49.69 -21.88 -34.12
CA GLN B 84 -49.69 -21.06 -35.33
C GLN B 84 -50.40 -21.74 -36.51
N ALA B 85 -50.35 -23.07 -36.54
CA ALA B 85 -50.97 -23.84 -37.61
C ALA B 85 -52.50 -23.91 -37.47
N GLY B 86 -53.00 -23.63 -36.28
CA GLY B 86 -54.44 -23.70 -36.06
C GLY B 86 -54.72 -24.50 -34.81
N ASP B 87 -55.98 -24.87 -34.59
CA ASP B 87 -56.36 -25.63 -33.40
C ASP B 87 -55.48 -26.83 -33.13
N GLU B 88 -54.69 -26.74 -32.06
CA GLU B 88 -53.80 -27.82 -31.69
C GLU B 88 -54.53 -29.08 -31.22
N ILE B 89 -55.85 -28.97 -31.05
CA ILE B 89 -56.62 -30.14 -30.63
C ILE B 89 -57.04 -30.95 -31.87
N ALA B 90 -57.73 -30.29 -32.79
CA ALA B 90 -58.19 -30.92 -34.02
C ALA B 90 -57.02 -31.52 -34.80
N ILE B 91 -55.95 -30.75 -34.91
CA ILE B 91 -54.75 -31.20 -35.61
C ILE B 91 -54.13 -32.35 -34.81
N GLY B 92 -53.96 -32.14 -33.52
CA GLY B 92 -53.39 -33.16 -32.66
C GLY B 92 -54.11 -34.49 -32.76
N LYS B 93 -55.44 -34.44 -32.74
CA LYS B 93 -56.28 -35.62 -32.83
C LYS B 93 -56.25 -36.25 -34.21
N ASP B 94 -56.18 -35.41 -35.24
CA ASP B 94 -56.11 -35.91 -36.61
C ASP B 94 -54.83 -36.71 -36.88
N LEU B 95 -53.71 -36.22 -36.38
CA LEU B 95 -52.43 -36.90 -36.58
C LEU B 95 -52.45 -38.25 -35.90
N ALA B 96 -53.07 -38.29 -34.72
CA ALA B 96 -53.15 -39.52 -33.95
C ALA B 96 -53.96 -40.57 -34.71
N ASP B 97 -55.15 -40.18 -35.17
CA ASP B 97 -55.98 -41.12 -35.90
C ASP B 97 -55.25 -41.60 -37.14
N ALA B 98 -54.62 -40.67 -37.86
CA ALA B 98 -53.91 -41.02 -39.07
C ALA B 98 -52.75 -41.96 -38.77
N ALA B 99 -52.13 -41.81 -37.61
CA ALA B 99 -51.01 -42.68 -37.27
C ALA B 99 -51.49 -44.09 -36.94
N LYS B 100 -52.65 -44.19 -36.30
CA LYS B 100 -53.20 -45.49 -35.95
C LYS B 100 -53.71 -46.15 -37.23
N ARG B 101 -54.35 -45.34 -38.06
CA ARG B 101 -54.89 -45.81 -39.33
C ARG B 101 -53.78 -46.38 -40.20
N ALA B 102 -52.57 -45.85 -40.08
CA ALA B 102 -51.43 -46.33 -40.86
C ALA B 102 -51.04 -47.73 -40.40
N GLY B 103 -51.30 -48.02 -39.13
CA GLY B 103 -50.99 -49.33 -38.57
C GLY B 103 -49.52 -49.71 -38.42
N THR B 104 -48.60 -48.88 -38.91
CA THR B 104 -47.19 -49.21 -38.82
C THR B 104 -46.39 -48.50 -37.74
N ILE B 105 -47.04 -47.60 -36.99
CA ILE B 105 -46.32 -46.88 -35.96
C ILE B 105 -46.08 -47.72 -34.70
N GLN B 106 -44.80 -47.97 -34.43
CA GLN B 106 -44.37 -48.77 -33.30
C GLN B 106 -43.98 -47.91 -32.09
N HIS B 107 -43.91 -46.61 -32.29
CA HIS B 107 -43.54 -45.70 -31.20
C HIS B 107 -43.89 -44.27 -31.60
N TYR B 108 -44.88 -43.71 -30.93
CA TYR B 108 -45.38 -42.37 -31.20
C TYR B 108 -45.07 -41.45 -30.03
N ILE B 109 -44.08 -40.58 -30.21
CA ILE B 109 -43.69 -39.63 -29.18
C ILE B 109 -44.46 -38.33 -29.40
N TYR B 110 -45.22 -37.89 -28.39
CA TYR B 110 -45.95 -36.65 -28.53
C TYR B 110 -45.41 -35.59 -27.56
N SER B 111 -45.03 -34.43 -28.10
CA SER B 111 -44.50 -33.35 -27.27
C SER B 111 -45.70 -32.66 -26.62
N SER B 112 -45.87 -32.86 -25.32
CA SER B 112 -47.01 -32.29 -24.62
C SER B 112 -46.63 -31.19 -23.65
N MET B 113 -47.64 -30.46 -23.18
CA MET B 113 -47.44 -29.39 -22.20
C MET B 113 -48.56 -29.41 -21.18
N PRO B 114 -48.24 -29.04 -19.93
CA PRO B 114 -49.23 -29.02 -18.84
C PRO B 114 -50.37 -28.03 -19.00
N ASP B 115 -51.43 -28.28 -18.25
CA ASP B 115 -52.61 -27.40 -18.23
C ASP B 115 -52.64 -26.93 -16.78
N HIS B 116 -52.11 -25.75 -16.52
CA HIS B 116 -52.05 -25.25 -15.15
C HIS B 116 -53.36 -25.16 -14.41
N SER B 117 -54.46 -24.91 -15.11
CA SER B 117 -55.75 -24.80 -14.44
C SER B 117 -56.13 -26.06 -13.68
N LEU B 118 -55.46 -27.16 -13.98
CA LEU B 118 -55.76 -28.42 -13.33
C LEU B 118 -55.07 -28.66 -11.99
N TYR B 119 -54.11 -27.80 -11.63
CA TYR B 119 -53.39 -27.99 -10.37
C TYR B 119 -53.53 -26.81 -9.41
N GLY B 120 -54.19 -25.75 -9.87
CA GLY B 120 -54.37 -24.59 -9.01
C GLY B 120 -55.26 -23.51 -9.59
N PRO B 121 -55.42 -22.38 -8.85
CA PRO B 121 -56.25 -21.23 -9.25
C PRO B 121 -55.56 -20.47 -10.37
N TRP B 122 -54.94 -21.21 -11.27
CA TRP B 122 -54.20 -20.64 -12.38
C TRP B 122 -54.95 -20.76 -13.70
N PRO B 123 -54.72 -19.81 -14.62
CA PRO B 123 -55.39 -19.84 -15.92
C PRO B 123 -54.78 -20.95 -16.74
N ALA B 124 -55.26 -21.15 -17.96
CA ALA B 124 -54.71 -22.20 -18.80
C ALA B 124 -53.86 -21.60 -19.90
N VAL B 125 -52.54 -21.76 -19.81
CA VAL B 125 -51.65 -21.24 -20.82
C VAL B 125 -52.14 -21.81 -22.16
N PRO B 126 -52.73 -20.95 -23.01
CA PRO B 126 -53.30 -21.20 -24.33
C PRO B 126 -52.52 -22.00 -25.37
N MET B 127 -51.20 -21.99 -25.29
CA MET B 127 -50.39 -22.75 -26.25
C MET B 127 -49.81 -23.99 -25.56
N TRP B 128 -50.26 -24.22 -24.34
CA TRP B 128 -49.81 -25.35 -23.56
C TRP B 128 -50.95 -26.31 -23.26
N ALA B 129 -52.03 -25.76 -22.70
CA ALA B 129 -53.19 -26.55 -22.32
C ALA B 129 -53.67 -27.55 -23.36
N PRO B 130 -53.84 -27.09 -24.61
CA PRO B 130 -54.29 -27.99 -25.68
C PRO B 130 -53.51 -29.28 -25.80
N LYS B 131 -52.19 -29.17 -25.77
CA LYS B 131 -51.34 -30.35 -25.91
C LYS B 131 -51.73 -31.48 -24.98
N PHE B 132 -52.07 -31.14 -23.73
CA PHE B 132 -52.44 -32.14 -22.73
C PHE B 132 -53.68 -32.95 -23.12
N THR B 133 -54.62 -32.29 -23.79
CA THR B 133 -55.83 -32.97 -24.22
C THR B 133 -55.46 -33.99 -25.27
N VAL B 134 -54.63 -33.58 -26.22
CA VAL B 134 -54.21 -34.47 -27.29
C VAL B 134 -53.47 -35.65 -26.67
N GLU B 135 -52.76 -35.42 -25.57
CA GLU B 135 -52.05 -36.48 -24.90
C GLU B 135 -53.08 -37.54 -24.49
N ASN B 136 -54.11 -37.12 -23.78
CA ASN B 136 -55.14 -38.06 -23.33
C ASN B 136 -55.71 -38.85 -24.50
N TYR B 137 -55.98 -38.16 -25.60
CA TYR B 137 -56.54 -38.79 -26.78
C TYR B 137 -55.62 -39.88 -27.34
N VAL B 138 -54.34 -39.57 -27.42
CA VAL B 138 -53.35 -40.51 -27.93
C VAL B 138 -53.45 -41.82 -27.13
N ARG B 139 -53.40 -41.70 -25.80
CA ARG B 139 -53.48 -42.87 -24.93
C ARG B 139 -54.76 -43.63 -25.24
N GLN B 140 -55.84 -42.88 -25.39
CA GLN B 140 -57.15 -43.43 -25.69
C GLN B 140 -57.09 -44.32 -26.94
N LEU B 141 -56.45 -43.86 -28.00
CA LEU B 141 -56.36 -44.65 -29.22
C LEU B 141 -55.54 -45.92 -29.03
N GLY B 142 -54.70 -45.93 -28.00
CA GLY B 142 -53.88 -47.09 -27.72
C GLY B 142 -52.53 -47.13 -28.44
N LEU B 143 -52.14 -46.04 -29.07
CA LEU B 143 -50.88 -46.00 -29.79
C LEU B 143 -49.69 -46.21 -28.84
N PRO B 144 -48.67 -46.96 -29.28
CA PRO B 144 -47.52 -47.14 -28.38
C PRO B 144 -46.97 -45.73 -28.29
N SER B 145 -46.99 -45.15 -27.11
CA SER B 145 -46.56 -43.77 -26.99
C SER B 145 -45.68 -43.40 -25.82
N THR B 146 -45.16 -42.18 -25.91
CA THR B 146 -44.30 -41.62 -24.89
C THR B 146 -44.52 -40.11 -24.95
N PHE B 147 -44.58 -39.48 -23.79
CA PHE B 147 -44.82 -38.05 -23.78
C PHE B 147 -43.68 -37.25 -23.18
N VAL B 148 -43.13 -36.35 -23.99
CA VAL B 148 -42.02 -35.50 -23.57
C VAL B 148 -42.51 -34.09 -23.26
N TYR B 149 -42.02 -33.52 -22.17
CA TYR B 149 -42.37 -32.17 -21.74
C TYR B 149 -41.11 -31.33 -21.81
N ALA B 150 -41.11 -30.39 -22.75
CA ALA B 150 -39.95 -29.54 -22.97
C ALA B 150 -39.85 -28.36 -22.01
N GLY B 151 -38.64 -28.13 -21.53
CA GLY B 151 -38.39 -27.02 -20.63
C GLY B 151 -38.12 -25.80 -21.49
N ILE B 152 -38.01 -24.64 -20.85
CA ILE B 152 -37.74 -23.39 -21.54
C ILE B 152 -36.42 -23.54 -22.29
N TYR B 153 -36.40 -23.15 -23.55
CA TYR B 153 -35.20 -23.26 -24.40
C TYR B 153 -34.10 -22.28 -24.02
N ASN B 154 -32.86 -22.74 -24.07
CA ASN B 154 -31.71 -21.89 -23.76
C ASN B 154 -31.65 -20.82 -24.84
N ASN B 155 -31.94 -21.21 -26.07
CA ASN B 155 -31.84 -20.26 -27.17
C ASN B 155 -33.07 -19.39 -27.45
N ASN B 156 -33.87 -19.13 -26.41
CA ASN B 156 -35.01 -18.24 -26.54
C ASN B 156 -34.35 -16.87 -26.35
N PHE B 157 -33.26 -16.88 -25.58
CA PHE B 157 -32.50 -15.68 -25.27
C PHE B 157 -31.91 -15.00 -26.50
N THR B 158 -31.88 -13.67 -26.45
CA THR B 158 -31.37 -12.83 -27.53
C THR B 158 -31.44 -11.38 -27.05
N SER B 159 -30.49 -10.54 -27.46
CA SER B 159 -30.52 -9.15 -27.05
C SER B 159 -31.57 -8.41 -27.87
N LEU B 160 -32.02 -9.04 -28.96
CA LEU B 160 -33.05 -8.42 -29.80
C LEU B 160 -34.28 -8.21 -28.92
N PRO B 161 -35.15 -7.26 -29.29
CA PRO B 161 -36.36 -6.96 -28.52
C PRO B 161 -37.54 -7.90 -28.75
N TYR B 162 -37.37 -9.17 -28.39
CA TYR B 162 -38.45 -10.13 -28.54
C TYR B 162 -38.89 -10.50 -27.13
N PRO B 163 -40.21 -10.64 -26.92
CA PRO B 163 -40.86 -10.97 -25.64
C PRO B 163 -40.24 -12.00 -24.72
N LEU B 164 -40.39 -11.73 -23.42
CA LEU B 164 -39.96 -12.61 -22.34
C LEU B 164 -38.51 -13.03 -22.15
N PHE B 165 -37.73 -13.13 -23.22
CA PHE B 165 -36.36 -13.59 -23.05
C PHE B 165 -35.28 -12.72 -23.68
N GLN B 166 -35.41 -11.41 -23.55
CA GLN B 166 -34.40 -10.53 -24.12
C GLN B 166 -33.27 -10.24 -23.15
N MET B 167 -32.09 -10.74 -23.47
CA MET B 167 -30.90 -10.49 -22.68
C MET B 167 -30.42 -9.16 -23.26
N GLU B 168 -31.02 -8.08 -22.77
CA GLU B 168 -30.74 -6.73 -23.25
C GLU B 168 -29.39 -6.11 -22.90
N LEU B 169 -28.75 -5.58 -23.93
CA LEU B 169 -27.46 -4.91 -23.79
C LEU B 169 -27.73 -3.44 -23.48
N MET B 170 -27.39 -3.02 -22.27
CA MET B 170 -27.57 -1.63 -21.87
C MET B 170 -26.43 -0.81 -22.48
N PRO B 171 -26.64 0.50 -22.65
CA PRO B 171 -25.63 1.39 -23.23
C PRO B 171 -24.25 1.32 -22.58
N ASP B 172 -24.21 1.09 -21.27
CA ASP B 172 -22.94 1.02 -20.54
C ASP B 172 -22.11 -0.22 -20.86
N GLY B 173 -22.75 -1.25 -21.40
CA GLY B 173 -22.03 -2.47 -21.73
C GLY B 173 -22.50 -3.69 -20.94
N THR B 174 -23.27 -3.46 -19.88
CA THR B 174 -23.79 -4.56 -19.10
C THR B 174 -25.04 -5.13 -19.75
N PHE B 175 -25.51 -6.25 -19.23
CA PHE B 175 -26.70 -6.91 -19.73
C PHE B 175 -27.72 -7.05 -18.62
N GLU B 176 -29.00 -7.03 -18.98
CA GLU B 176 -30.03 -7.26 -17.99
C GLU B 176 -31.30 -7.79 -18.65
N TRP B 177 -31.84 -8.85 -18.04
CA TRP B 177 -33.03 -9.52 -18.55
C TRP B 177 -34.23 -9.25 -17.66
N HIS B 178 -35.31 -8.76 -18.28
CA HIS B 178 -36.55 -8.47 -17.55
C HIS B 178 -37.63 -9.49 -17.89
N ALA B 179 -38.17 -10.15 -16.87
CA ALA B 179 -39.22 -11.14 -17.07
C ALA B 179 -40.09 -11.25 -15.82
N PRO B 180 -41.32 -11.76 -15.98
CA PRO B 180 -42.26 -11.93 -14.87
C PRO B 180 -41.88 -13.03 -13.88
N PHE B 181 -40.95 -13.89 -14.26
CA PHE B 181 -40.52 -14.99 -13.40
C PHE B 181 -39.86 -14.52 -12.10
N ASP B 182 -40.09 -15.26 -11.02
CA ASP B 182 -39.48 -14.91 -9.75
C ASP B 182 -37.99 -15.10 -9.94
N PRO B 183 -37.18 -14.17 -9.43
CA PRO B 183 -35.73 -14.29 -9.59
C PRO B 183 -35.04 -15.51 -8.98
N ASP B 184 -35.62 -16.08 -7.94
CA ASP B 184 -35.00 -17.23 -7.28
C ASP B 184 -35.64 -18.59 -7.50
N ILE B 185 -36.89 -18.62 -7.94
CA ILE B 185 -37.57 -19.88 -8.18
C ILE B 185 -37.02 -20.54 -9.45
N PRO B 186 -36.24 -21.62 -9.28
CA PRO B 186 -35.66 -22.30 -10.45
C PRO B 186 -36.70 -22.77 -11.49
N LEU B 187 -36.34 -22.63 -12.76
CA LEU B 187 -37.20 -23.02 -13.87
C LEU B 187 -36.50 -24.12 -14.67
N PRO B 188 -37.27 -24.95 -15.39
CA PRO B 188 -36.65 -26.02 -16.18
C PRO B 188 -36.18 -25.53 -17.54
N TRP B 189 -34.87 -25.60 -17.78
CA TRP B 189 -34.32 -25.15 -19.04
C TRP B 189 -34.01 -26.33 -19.94
N LEU B 190 -33.81 -26.05 -21.22
CA LEU B 190 -33.53 -27.10 -22.21
C LEU B 190 -32.86 -26.51 -23.44
N ASP B 191 -31.76 -27.11 -23.89
CA ASP B 191 -31.08 -26.62 -25.06
C ASP B 191 -31.62 -27.39 -26.27
N ALA B 192 -32.73 -26.89 -26.79
CA ALA B 192 -33.42 -27.50 -27.93
C ALA B 192 -32.51 -28.07 -29.01
N GLU B 193 -31.74 -27.22 -29.66
CA GLU B 193 -30.86 -27.65 -30.74
C GLU B 193 -29.88 -28.77 -30.37
N HIS B 194 -29.16 -28.57 -29.28
CA HIS B 194 -28.13 -29.50 -28.84
C HIS B 194 -28.61 -30.80 -28.16
N ASP B 195 -29.78 -30.79 -27.54
CA ASP B 195 -30.20 -31.99 -26.83
C ASP B 195 -31.53 -32.67 -27.14
N VAL B 196 -32.41 -32.05 -27.92
CA VAL B 196 -33.67 -32.73 -28.19
C VAL B 196 -33.45 -33.95 -29.08
N GLY B 197 -32.75 -33.77 -30.19
CA GLY B 197 -32.49 -34.89 -31.09
C GLY B 197 -31.92 -36.10 -30.35
N PRO B 198 -30.73 -35.99 -29.76
CA PRO B 198 -30.07 -37.08 -29.02
C PRO B 198 -31.01 -37.76 -28.01
N ALA B 199 -31.82 -36.95 -27.35
CA ALA B 199 -32.76 -37.45 -26.36
C ALA B 199 -33.87 -38.27 -27.02
N LEU B 200 -34.47 -37.72 -28.06
CA LEU B 200 -35.54 -38.44 -28.73
C LEU B 200 -35.01 -39.74 -29.35
N LEU B 201 -33.76 -39.74 -29.80
CA LEU B 201 -33.17 -40.93 -30.41
C LEU B 201 -33.04 -42.06 -29.38
N GLN B 202 -32.62 -41.71 -28.18
CA GLN B 202 -32.46 -42.68 -27.12
C GLN B 202 -33.83 -43.24 -26.70
N ILE B 203 -34.84 -42.37 -26.67
CA ILE B 203 -36.16 -42.83 -26.30
C ILE B 203 -36.61 -43.83 -27.36
N PHE B 204 -36.40 -43.49 -28.63
CA PHE B 204 -36.74 -44.36 -29.76
C PHE B 204 -35.93 -45.65 -29.65
N LYS B 205 -34.62 -45.48 -29.42
CA LYS B 205 -33.71 -46.60 -29.27
C LYS B 205 -34.20 -47.54 -28.17
N ASP B 206 -34.60 -46.97 -27.03
CA ASP B 206 -35.09 -47.80 -25.93
C ASP B 206 -36.43 -48.43 -26.30
N GLY B 207 -37.19 -47.75 -27.15
CA GLY B 207 -38.48 -48.27 -27.59
C GLY B 207 -39.60 -48.25 -26.57
N PRO B 208 -40.85 -48.52 -27.00
CA PRO B 208 -41.99 -48.52 -26.08
C PRO B 208 -41.85 -49.56 -24.97
N GLN B 209 -41.06 -50.60 -25.21
CA GLN B 209 -40.86 -51.63 -24.20
C GLN B 209 -40.36 -51.03 -22.89
N LYS B 210 -39.92 -49.79 -22.92
CA LYS B 210 -39.45 -49.14 -21.70
C LYS B 210 -40.18 -47.85 -21.37
N TRP B 211 -40.63 -47.13 -22.39
CA TRP B 211 -41.28 -45.84 -22.17
C TRP B 211 -42.77 -45.79 -22.46
N ASN B 212 -43.35 -46.89 -22.93
CA ASN B 212 -44.77 -46.87 -23.25
C ASN B 212 -45.66 -46.25 -22.18
N GLY B 213 -46.33 -45.16 -22.54
CA GLY B 213 -47.23 -44.49 -21.61
C GLY B 213 -46.57 -43.44 -20.74
N HIS B 214 -45.26 -43.56 -20.61
CA HIS B 214 -44.46 -42.67 -19.80
C HIS B 214 -44.44 -41.20 -20.22
N ARG B 215 -44.20 -40.36 -19.22
CA ARG B 215 -44.09 -38.92 -19.38
C ARG B 215 -42.66 -38.62 -19.02
N ILE B 216 -41.97 -37.89 -19.88
CA ILE B 216 -40.59 -37.57 -19.61
C ILE B 216 -40.41 -36.07 -19.63
N ALA B 217 -39.75 -35.55 -18.59
CA ALA B 217 -39.49 -34.12 -18.51
C ALA B 217 -38.22 -33.84 -19.29
N LEU B 218 -38.38 -33.23 -20.46
CA LEU B 218 -37.24 -32.89 -21.29
C LEU B 218 -36.55 -31.61 -20.84
N THR B 219 -35.81 -31.73 -19.75
CA THR B 219 -35.06 -30.62 -19.17
C THR B 219 -33.83 -31.24 -18.51
N PHE B 220 -32.65 -30.70 -18.81
CA PHE B 220 -31.41 -31.24 -18.24
C PHE B 220 -30.74 -30.30 -17.25
N GLU B 221 -31.47 -29.29 -16.81
CA GLU B 221 -30.90 -28.33 -15.88
C GLU B 221 -31.93 -27.31 -15.42
N THR B 222 -32.07 -27.17 -14.10
CA THR B 222 -32.98 -26.20 -13.54
C THR B 222 -32.16 -25.04 -12.95
N LEU B 223 -32.58 -23.83 -13.25
CA LEU B 223 -31.89 -22.62 -12.77
C LEU B 223 -32.91 -21.53 -12.51
N SER B 224 -32.63 -20.67 -11.54
CA SER B 224 -33.53 -19.56 -11.26
C SER B 224 -33.04 -18.44 -12.17
N PRO B 225 -33.91 -17.46 -12.47
CA PRO B 225 -33.50 -16.34 -13.33
C PRO B 225 -32.19 -15.71 -12.87
N VAL B 226 -32.03 -15.60 -11.55
CA VAL B 226 -30.81 -15.02 -10.99
C VAL B 226 -29.58 -15.84 -11.36
N GLN B 227 -29.75 -17.17 -11.39
CA GLN B 227 -28.66 -18.05 -11.75
C GLN B 227 -28.35 -17.96 -13.24
N VAL B 228 -29.40 -17.96 -14.06
CA VAL B 228 -29.23 -17.86 -15.50
C VAL B 228 -28.33 -16.67 -15.84
N CYS B 229 -28.62 -15.53 -15.21
CA CYS B 229 -27.86 -14.31 -15.41
C CYS B 229 -26.38 -14.49 -15.00
N ALA B 230 -26.15 -15.29 -13.97
CA ALA B 230 -24.79 -15.55 -13.52
C ALA B 230 -24.06 -16.32 -14.61
N ALA B 231 -24.77 -17.27 -15.22
CA ALA B 231 -24.21 -18.08 -16.30
C ALA B 231 -23.69 -17.19 -17.42
N PHE B 232 -24.56 -16.34 -17.96
CA PHE B 232 -24.14 -15.45 -19.04
C PHE B 232 -22.98 -14.58 -18.56
N SER B 233 -23.07 -14.18 -17.30
CA SER B 233 -22.06 -13.32 -16.71
C SER B 233 -20.66 -13.94 -16.85
N ARG B 234 -20.51 -15.19 -16.41
CA ARG B 234 -19.23 -15.88 -16.48
C ARG B 234 -18.82 -16.11 -17.92
N ALA B 235 -19.81 -16.33 -18.78
CA ALA B 235 -19.54 -16.59 -20.19
C ALA B 235 -19.04 -15.36 -20.92
N LEU B 236 -19.87 -14.32 -20.93
CA LEU B 236 -19.56 -13.08 -21.62
C LEU B 236 -18.56 -12.22 -20.85
N ASN B 237 -18.21 -12.67 -19.64
CA ASN B 237 -17.26 -11.95 -18.81
C ASN B 237 -17.74 -10.53 -18.54
N ARG B 238 -19.06 -10.34 -18.58
CA ARG B 238 -19.65 -9.04 -18.34
C ARG B 238 -20.57 -9.11 -17.13
N ARG B 239 -21.24 -8.01 -16.83
CA ARG B 239 -22.16 -7.98 -15.71
C ARG B 239 -23.57 -8.24 -16.22
N VAL B 240 -24.25 -9.21 -15.60
CA VAL B 240 -25.60 -9.55 -15.98
C VAL B 240 -26.48 -9.66 -14.75
N THR B 241 -27.52 -8.83 -14.72
CA THR B 241 -28.43 -8.78 -13.58
C THR B 241 -29.86 -9.05 -14.02
N TYR B 242 -30.65 -9.68 -13.14
CA TYR B 242 -32.04 -9.96 -13.45
C TYR B 242 -32.96 -8.94 -12.77
N VAL B 243 -34.06 -8.60 -13.45
CA VAL B 243 -35.03 -7.65 -12.93
C VAL B 243 -36.44 -8.17 -13.15
N GLN B 244 -37.06 -8.66 -12.08
CA GLN B 244 -38.43 -9.17 -12.19
C GLN B 244 -39.39 -8.03 -12.51
N VAL B 245 -40.14 -8.19 -13.59
CA VAL B 245 -41.10 -7.19 -13.99
C VAL B 245 -42.49 -7.81 -13.98
N PRO B 246 -43.43 -7.20 -13.24
CA PRO B 246 -44.79 -7.72 -13.16
C PRO B 246 -45.39 -8.13 -14.51
N LYS B 247 -45.19 -7.31 -15.53
CA LYS B 247 -45.74 -7.61 -16.85
C LYS B 247 -44.66 -7.84 -17.91
N VAL B 248 -44.98 -8.67 -18.90
CA VAL B 248 -44.05 -8.97 -19.99
C VAL B 248 -43.92 -7.79 -20.93
N GLU B 249 -42.68 -7.35 -21.14
CA GLU B 249 -42.40 -6.22 -22.03
C GLU B 249 -42.48 -6.62 -23.50
N ILE B 250 -43.43 -6.04 -24.22
CA ILE B 250 -43.60 -6.33 -25.65
C ILE B 250 -43.05 -5.13 -26.42
N LYS B 251 -41.82 -5.26 -26.91
CA LYS B 251 -41.17 -4.18 -27.64
C LYS B 251 -41.28 -4.28 -29.16
N VAL B 252 -42.07 -5.24 -29.64
CA VAL B 252 -42.27 -5.43 -31.06
C VAL B 252 -43.70 -5.79 -31.34
N ASN B 253 -44.09 -5.70 -32.60
CA ASN B 253 -45.44 -6.05 -33.02
C ASN B 253 -45.53 -7.57 -33.21
N ILE B 254 -46.39 -8.21 -32.42
CA ILE B 254 -46.57 -9.66 -32.49
C ILE B 254 -48.04 -10.08 -32.64
N PRO B 255 -48.28 -11.31 -33.12
CA PRO B 255 -49.65 -11.83 -33.30
C PRO B 255 -50.41 -11.95 -31.98
N VAL B 256 -51.71 -11.70 -32.03
CA VAL B 256 -52.55 -11.75 -30.84
C VAL B 256 -52.51 -13.09 -30.09
N GLY B 257 -52.35 -14.19 -30.83
CA GLY B 257 -52.28 -15.49 -30.19
C GLY B 257 -51.15 -15.52 -29.18
N TYR B 258 -49.97 -15.11 -29.64
CA TYR B 258 -48.79 -15.09 -28.78
C TYR B 258 -48.98 -14.09 -27.64
N ARG B 259 -49.70 -13.02 -27.91
CA ARG B 259 -49.95 -11.99 -26.90
C ARG B 259 -50.74 -12.64 -25.76
N GLU B 260 -51.82 -13.32 -26.14
CA GLU B 260 -52.67 -14.02 -25.18
C GLU B 260 -51.83 -15.03 -24.40
N GLN B 261 -50.88 -15.65 -25.10
CA GLN B 261 -49.99 -16.63 -24.49
C GLN B 261 -49.15 -15.97 -23.39
N LEU B 262 -48.51 -14.86 -23.75
CA LEU B 262 -47.67 -14.11 -22.82
C LEU B 262 -48.43 -13.55 -21.62
N GLU B 263 -49.66 -13.10 -21.87
CA GLU B 263 -50.46 -12.54 -20.79
C GLU B 263 -50.81 -13.62 -19.76
N ALA B 264 -50.97 -14.86 -20.23
CA ALA B 264 -51.31 -15.96 -19.33
C ALA B 264 -50.08 -16.32 -18.50
N ILE B 265 -48.91 -16.25 -19.14
CA ILE B 265 -47.67 -16.56 -18.47
C ILE B 265 -47.40 -15.53 -17.37
N GLU B 266 -47.82 -14.29 -17.62
CA GLU B 266 -47.64 -13.22 -16.63
C GLU B 266 -48.38 -13.60 -15.36
N VAL B 267 -49.62 -14.05 -15.52
CA VAL B 267 -50.45 -14.44 -14.39
C VAL B 267 -49.93 -15.69 -13.67
N VAL B 268 -49.65 -16.76 -14.42
CA VAL B 268 -49.17 -18.00 -13.83
C VAL B 268 -47.82 -17.91 -13.14
N PHE B 269 -46.81 -17.35 -13.81
CA PHE B 269 -45.50 -17.26 -13.18
C PHE B 269 -45.22 -15.91 -12.54
N GLY B 270 -46.05 -14.93 -12.84
CA GLY B 270 -45.86 -13.60 -12.28
C GLY B 270 -46.59 -13.41 -10.97
N GLU B 271 -47.91 -13.52 -11.02
CA GLU B 271 -48.75 -13.36 -9.85
C GLU B 271 -48.66 -14.52 -8.88
N HIS B 272 -49.00 -15.71 -9.37
CA HIS B 272 -49.03 -16.93 -8.56
C HIS B 272 -47.72 -17.68 -8.35
N LYS B 273 -46.67 -17.27 -9.04
CA LYS B 273 -45.37 -17.93 -8.92
C LYS B 273 -45.54 -19.44 -8.92
N ALA B 274 -46.39 -19.92 -9.83
CA ALA B 274 -46.68 -21.35 -9.95
C ALA B 274 -45.58 -22.13 -10.67
N PRO B 275 -45.59 -23.46 -10.54
CA PRO B 275 -44.59 -24.34 -11.17
C PRO B 275 -44.74 -24.46 -12.68
N TYR B 276 -43.61 -24.47 -13.38
CA TYR B 276 -43.61 -24.62 -14.83
C TYR B 276 -44.24 -25.99 -15.15
N PHE B 277 -43.78 -27.02 -14.43
CA PHE B 277 -44.32 -28.36 -14.60
C PHE B 277 -45.12 -28.69 -13.34
N PRO B 278 -46.39 -28.25 -13.30
CA PRO B 278 -47.35 -28.43 -12.20
C PRO B 278 -47.87 -29.85 -11.96
N LEU B 279 -47.23 -30.84 -12.58
CA LEU B 279 -47.65 -32.23 -12.40
C LEU B 279 -46.92 -32.82 -11.19
N PRO B 280 -47.63 -33.60 -10.36
CA PRO B 280 -47.03 -34.21 -9.18
C PRO B 280 -45.73 -34.97 -9.47
N GLU B 281 -45.72 -35.75 -10.56
CA GLU B 281 -44.53 -36.53 -10.92
C GLU B 281 -43.35 -35.63 -11.24
N PHE B 282 -43.61 -34.37 -11.55
CA PHE B 282 -42.56 -33.41 -11.86
C PHE B 282 -42.58 -32.33 -10.79
N SER B 283 -43.29 -32.56 -9.69
CA SER B 283 -43.41 -31.54 -8.65
C SER B 283 -43.01 -31.85 -7.22
N ARG B 284 -43.52 -30.98 -6.35
CA ARG B 284 -43.32 -31.02 -4.91
C ARG B 284 -43.82 -32.32 -4.28
N GLN B 315 -32.58 -36.35 -6.14
CA GLN B 315 -33.78 -36.88 -6.77
C GLN B 315 -34.71 -35.77 -7.27
N ARG B 316 -34.56 -35.40 -8.54
CA ARG B 316 -35.43 -34.36 -9.10
C ARG B 316 -35.77 -34.53 -10.58
N VAL B 317 -36.47 -33.54 -11.10
CA VAL B 317 -36.95 -33.50 -12.47
C VAL B 317 -35.98 -33.77 -13.64
N THR B 318 -34.69 -33.45 -13.49
CA THR B 318 -33.75 -33.66 -14.59
C THR B 318 -33.13 -35.06 -14.68
N ASP B 319 -33.55 -35.95 -13.78
CA ASP B 319 -33.01 -37.30 -13.73
C ASP B 319 -33.18 -38.17 -14.98
N GLU B 320 -34.41 -38.39 -15.43
CA GLU B 320 -34.61 -39.22 -16.61
C GLU B 320 -33.91 -38.62 -17.82
N ALA B 321 -33.99 -37.30 -17.93
CA ALA B 321 -33.35 -36.61 -19.04
C ALA B 321 -31.85 -36.96 -19.06
N ARG B 322 -31.12 -36.53 -18.03
CA ARG B 322 -29.68 -36.79 -17.96
C ARG B 322 -29.32 -38.26 -18.10
N LYS B 323 -30.27 -39.15 -17.83
CA LYS B 323 -30.01 -40.57 -17.96
C LYS B 323 -30.18 -40.99 -19.43
N LEU B 324 -31.13 -40.36 -20.12
CA LEU B 324 -31.39 -40.65 -21.54
C LEU B 324 -30.24 -40.14 -22.41
N TRP B 325 -29.77 -38.93 -22.10
CA TRP B 325 -28.70 -38.29 -22.84
C TRP B 325 -27.87 -37.45 -21.87
N SER B 326 -26.63 -37.87 -21.62
CA SER B 326 -25.78 -37.15 -20.69
C SER B 326 -24.79 -36.21 -21.37
N GLY B 327 -25.01 -35.95 -22.65
CA GLY B 327 -24.12 -35.04 -23.37
C GLY B 327 -24.76 -33.67 -23.52
N TRP B 328 -25.60 -33.30 -22.55
CA TRP B 328 -26.31 -32.03 -22.58
C TRP B 328 -25.45 -30.80 -22.46
N ARG B 329 -25.99 -29.69 -22.96
CA ARG B 329 -25.33 -28.38 -22.93
C ARG B 329 -26.06 -27.50 -21.92
N ASP B 330 -25.33 -27.01 -20.91
CA ASP B 330 -25.93 -26.16 -19.89
C ASP B 330 -25.98 -24.72 -20.35
N MET B 331 -26.47 -23.84 -19.49
CA MET B 331 -26.59 -22.43 -19.82
C MET B 331 -25.23 -21.77 -20.00
N GLU B 332 -24.22 -22.21 -19.24
CA GLU B 332 -22.90 -21.61 -19.35
C GLU B 332 -22.25 -21.86 -20.70
N GLU B 333 -22.37 -23.09 -21.21
CA GLU B 333 -21.79 -23.41 -22.50
C GLU B 333 -22.59 -22.67 -23.57
N TYR B 334 -23.91 -22.67 -23.42
CA TYR B 334 -24.76 -21.99 -24.38
C TYR B 334 -24.36 -20.53 -24.49
N ALA B 335 -24.44 -19.81 -23.38
CA ALA B 335 -24.10 -18.39 -23.33
C ALA B 335 -22.71 -18.14 -23.88
N ARG B 336 -21.74 -18.92 -23.40
CA ARG B 336 -20.36 -18.75 -23.83
C ARG B 336 -20.03 -19.21 -25.24
N GLU B 337 -20.77 -20.21 -25.75
CA GLU B 337 -20.46 -20.76 -27.06
C GLU B 337 -21.42 -20.49 -28.20
N VAL B 338 -22.70 -20.29 -27.88
CA VAL B 338 -23.71 -20.07 -28.93
C VAL B 338 -24.30 -18.67 -28.98
N PHE B 339 -24.79 -18.19 -27.84
CA PHE B 339 -25.39 -16.86 -27.72
C PHE B 339 -24.67 -15.76 -28.52
N PRO B 340 -23.34 -15.63 -28.36
CA PRO B 340 -22.57 -14.62 -29.09
C PRO B 340 -22.54 -14.83 -30.60
N ILE B 341 -22.52 -16.09 -31.02
CA ILE B 341 -22.49 -16.41 -32.43
C ILE B 341 -23.86 -16.18 -33.05
N GLU B 342 -24.90 -16.56 -32.32
CA GLU B 342 -26.26 -16.35 -32.81
C GLU B 342 -26.51 -14.84 -32.84
N GLU B 343 -26.12 -14.16 -31.76
CA GLU B 343 -26.29 -12.73 -31.68
C GLU B 343 -25.60 -12.07 -32.88
N GLU B 344 -24.39 -12.51 -33.18
CA GLU B 344 -23.63 -11.98 -34.31
C GLU B 344 -24.37 -12.26 -35.61
N ALA B 345 -24.92 -13.46 -35.74
CA ALA B 345 -25.68 -13.83 -36.93
C ALA B 345 -26.91 -12.92 -37.02
N ASN B 346 -27.44 -12.55 -35.86
CA ASN B 346 -28.61 -11.67 -35.79
C ASN B 346 -28.28 -10.24 -36.21
N GLY B 347 -27.01 -9.96 -36.44
CA GLY B 347 -26.59 -8.62 -36.86
C GLY B 347 -25.87 -7.78 -35.82
N LEU B 348 -25.95 -8.18 -34.55
CA LEU B 348 -25.30 -7.47 -33.46
C LEU B 348 -23.78 -7.56 -33.57
N ASP B 349 -23.06 -6.67 -32.88
CA ASP B 349 -21.60 -6.67 -32.95
C ASP B 349 -20.85 -6.47 -31.63
N TRP B 350 -21.58 -6.40 -30.53
CA TRP B 350 -20.98 -6.19 -29.21
C TRP B 350 -19.90 -7.21 -28.86
N MET B 351 -19.94 -8.37 -29.52
CA MET B 351 -18.97 -9.42 -29.26
C MET B 351 -17.74 -9.23 -30.12
N LEU B 352 -17.80 -8.26 -31.02
CA LEU B 352 -16.69 -7.97 -31.93
C LEU B 352 -15.76 -6.91 -31.35
N GLN C 3 35.04 2.93 3.66
CA GLN C 3 33.59 2.66 3.84
C GLN C 3 33.03 1.87 2.66
N GLN C 4 33.73 1.92 1.54
CA GLN C 4 33.29 1.21 0.34
C GLN C 4 33.83 -0.23 0.32
N LYS C 5 32.95 -1.19 0.06
CA LYS C 5 33.37 -2.59 0.00
C LYS C 5 34.16 -2.81 -1.29
N LYS C 6 35.48 -2.97 -1.14
CA LYS C 6 36.36 -3.15 -2.27
C LYS C 6 36.45 -4.62 -2.75
N THR C 7 37.07 -4.84 -3.90
CA THR C 7 37.23 -6.18 -4.46
C THR C 7 38.46 -6.87 -3.88
N ILE C 8 38.27 -8.08 -3.35
CA ILE C 8 39.37 -8.82 -2.74
C ILE C 8 39.86 -10.03 -3.55
N ALA C 9 41.17 -10.13 -3.73
CA ALA C 9 41.77 -11.23 -4.48
C ALA C 9 42.31 -12.25 -3.47
N VAL C 10 41.89 -13.49 -3.64
CA VAL C 10 42.29 -14.57 -2.74
C VAL C 10 42.70 -15.76 -3.59
N VAL C 11 43.48 -16.68 -3.03
CA VAL C 11 43.89 -17.89 -3.74
C VAL C 11 43.61 -19.06 -2.81
N ASN C 12 43.72 -20.29 -3.29
CA ASN C 12 43.44 -21.48 -2.47
C ASN C 12 42.11 -21.30 -1.72
N ALA C 13 41.08 -20.91 -2.45
CA ALA C 13 39.75 -20.64 -1.88
C ALA C 13 39.14 -21.70 -0.99
N THR C 14 39.37 -22.97 -1.29
CA THR C 14 38.79 -24.02 -0.46
C THR C 14 39.55 -24.24 0.85
N GLY C 15 40.64 -23.50 1.02
CA GLY C 15 41.43 -23.60 2.24
C GLY C 15 40.66 -22.98 3.40
N ARG C 16 40.91 -23.46 4.61
CA ARG C 16 40.18 -22.93 5.76
C ARG C 16 40.33 -21.43 5.99
N GLN C 17 41.50 -20.89 5.70
CA GLN C 17 41.71 -19.47 5.90
C GLN C 17 40.95 -18.65 4.87
N ALA C 18 41.16 -18.95 3.59
CA ALA C 18 40.50 -18.21 2.52
C ALA C 18 38.98 -18.34 2.57
N ALA C 19 38.50 -19.55 2.85
CA ALA C 19 37.06 -19.80 2.90
C ALA C 19 36.40 -19.02 4.02
N SER C 20 37.09 -18.86 5.14
CA SER C 20 36.48 -18.11 6.22
C SER C 20 36.27 -16.68 5.70
N LEU C 21 37.34 -16.09 5.15
CA LEU C 21 37.26 -14.72 4.64
C LEU C 21 36.23 -14.52 3.53
N ILE C 22 36.18 -15.44 2.57
CA ILE C 22 35.22 -15.32 1.47
C ILE C 22 33.75 -15.32 1.93
N ARG C 23 33.41 -16.18 2.87
CA ARG C 23 32.03 -16.23 3.35
C ARG C 23 31.71 -14.89 3.98
N VAL C 24 32.64 -14.38 4.78
CA VAL C 24 32.49 -13.11 5.46
C VAL C 24 32.46 -11.92 4.49
N ALA C 25 33.52 -11.80 3.69
CA ALA C 25 33.62 -10.70 2.74
C ALA C 25 32.40 -10.63 1.81
N ALA C 26 32.11 -11.70 1.10
CA ALA C 26 30.99 -11.73 0.17
C ALA C 26 29.67 -11.37 0.86
N ALA C 27 29.44 -11.93 2.05
CA ALA C 27 28.21 -11.64 2.78
C ALA C 27 28.06 -10.18 3.20
N VAL C 28 29.15 -9.50 3.53
CA VAL C 28 29.01 -8.10 3.92
C VAL C 28 28.94 -7.19 2.70
N GLY C 29 29.24 -7.72 1.50
CA GLY C 29 29.16 -6.90 0.31
C GLY C 29 30.37 -6.79 -0.60
N HIS C 30 31.56 -7.24 -0.15
CA HIS C 30 32.76 -7.15 -0.97
C HIS C 30 32.66 -8.09 -2.16
N HIS C 31 33.32 -7.74 -3.26
CA HIS C 31 33.35 -8.60 -4.43
C HIS C 31 34.60 -9.46 -4.22
N VAL C 32 34.53 -10.73 -4.56
CA VAL C 32 35.67 -11.62 -4.37
C VAL C 32 36.12 -12.32 -5.65
N ARG C 33 37.43 -12.32 -5.88
CA ARG C 33 38.03 -12.98 -7.03
C ARG C 33 38.95 -14.02 -6.41
N ALA C 34 38.64 -15.30 -6.64
CA ALA C 34 39.43 -16.34 -6.01
C ALA C 34 39.86 -17.49 -6.91
N GLN C 35 41.07 -17.98 -6.67
CA GLN C 35 41.61 -19.11 -7.40
C GLN C 35 41.30 -20.32 -6.53
N VAL C 36 40.94 -21.42 -7.20
CA VAL C 36 40.63 -22.67 -6.53
C VAL C 36 41.32 -23.76 -7.34
N HIS C 37 41.74 -24.83 -6.66
CA HIS C 37 42.40 -25.94 -7.32
C HIS C 37 41.45 -26.62 -8.30
N SER C 38 40.23 -26.90 -7.84
CA SER C 38 39.21 -27.54 -8.67
C SER C 38 37.83 -27.13 -8.18
N LEU C 39 36.87 -27.11 -9.09
CA LEU C 39 35.48 -26.74 -8.76
C LEU C 39 34.73 -27.91 -8.15
N LYS C 40 35.35 -29.09 -8.19
CA LYS C 40 34.72 -30.30 -7.67
C LYS C 40 34.99 -30.53 -6.19
N GLY C 41 33.98 -30.26 -5.37
CA GLY C 41 34.14 -30.47 -3.94
C GLY C 41 33.15 -29.67 -3.12
N LEU C 42 32.90 -30.15 -1.91
CA LEU C 42 31.97 -29.48 -1.00
C LEU C 42 32.19 -27.97 -0.95
N ILE C 43 33.24 -27.56 -0.25
CA ILE C 43 33.58 -26.15 -0.09
C ILE C 43 33.52 -25.39 -1.42
N ALA C 44 34.04 -26.00 -2.47
CA ALA C 44 34.07 -25.41 -3.80
C ALA C 44 32.70 -25.01 -4.30
N GLU C 45 31.77 -25.96 -4.29
CA GLU C 45 30.42 -25.73 -4.75
C GLU C 45 29.72 -24.64 -3.93
N GLU C 46 29.96 -24.65 -2.62
CA GLU C 46 29.37 -23.63 -1.74
C GLU C 46 29.88 -22.25 -2.14
N LEU C 47 31.19 -22.13 -2.31
CA LEU C 47 31.80 -20.86 -2.67
C LEU C 47 31.33 -20.30 -4.00
N GLN C 48 31.24 -21.17 -5.01
CA GLN C 48 30.81 -20.73 -6.32
C GLN C 48 29.37 -20.22 -6.31
N ALA C 49 28.55 -20.80 -5.45
CA ALA C 49 27.16 -20.42 -5.35
C ALA C 49 26.89 -19.13 -4.57
N ILE C 50 27.94 -18.41 -4.19
CA ILE C 50 27.80 -17.15 -3.47
C ILE C 50 27.84 -16.02 -4.50
N PRO C 51 26.82 -15.16 -4.53
CA PRO C 51 26.74 -14.05 -5.48
C PRO C 51 28.02 -13.34 -5.89
N ASN C 52 28.56 -12.51 -5.00
CA ASN C 52 29.76 -11.74 -5.29
C ASN C 52 31.07 -12.51 -5.48
N VAL C 53 31.00 -13.83 -5.58
CA VAL C 53 32.23 -14.61 -5.74
C VAL C 53 32.47 -15.16 -7.14
N THR C 54 33.60 -14.76 -7.71
CA THR C 54 34.01 -15.24 -9.03
C THR C 54 35.21 -16.13 -8.80
N LEU C 55 35.12 -17.36 -9.29
CA LEU C 55 36.20 -18.33 -9.13
C LEU C 55 36.97 -18.53 -10.43
N PHE C 56 38.27 -18.82 -10.28
CA PHE C 56 39.16 -19.06 -11.40
C PHE C 56 39.81 -20.40 -11.07
N GLN C 57 39.54 -21.40 -11.89
CA GLN C 57 40.04 -22.75 -11.67
C GLN C 57 41.29 -23.09 -12.46
N GLY C 58 42.40 -23.23 -11.73
CA GLY C 58 43.67 -23.56 -12.34
C GLY C 58 44.76 -23.62 -11.30
N PRO C 59 45.93 -24.19 -11.60
CA PRO C 59 47.03 -24.28 -10.63
C PRO C 59 47.77 -22.94 -10.56
N LEU C 60 48.31 -22.61 -9.40
CA LEU C 60 49.05 -21.37 -9.21
C LEU C 60 50.50 -21.45 -9.70
N LEU C 61 51.08 -22.65 -9.70
CA LEU C 61 52.46 -22.84 -10.13
C LEU C 61 52.66 -22.53 -11.60
N ASN C 62 53.53 -21.57 -11.89
CA ASN C 62 53.85 -21.18 -13.25
C ASN C 62 52.60 -20.74 -14.03
N ASN C 63 51.68 -20.06 -13.35
CA ASN C 63 50.47 -19.61 -14.01
C ASN C 63 50.25 -18.12 -13.86
N VAL C 64 51.11 -17.34 -14.49
CA VAL C 64 50.98 -15.89 -14.40
C VAL C 64 49.70 -15.42 -15.10
N PRO C 65 49.23 -16.14 -16.13
CA PRO C 65 48.01 -15.63 -16.75
C PRO C 65 46.87 -15.60 -15.73
N LEU C 66 46.83 -16.59 -14.86
CA LEU C 66 45.78 -16.66 -13.85
C LEU C 66 45.93 -15.58 -12.80
N MET C 67 47.18 -15.30 -12.41
CA MET C 67 47.45 -14.28 -11.41
C MET C 67 47.11 -12.86 -11.86
N ASP C 68 47.30 -12.57 -13.15
CA ASP C 68 46.97 -11.25 -13.65
C ASP C 68 45.46 -11.09 -13.61
N THR C 69 44.76 -12.07 -14.18
CA THR C 69 43.30 -12.04 -14.22
C THR C 69 42.74 -11.89 -12.80
N LEU C 70 43.31 -12.64 -11.87
CA LEU C 70 42.86 -12.61 -10.49
C LEU C 70 42.91 -11.21 -9.86
N PHE C 71 44.03 -10.51 -10.02
CA PHE C 71 44.21 -9.19 -9.45
C PHE C 71 43.54 -8.03 -10.19
N GLU C 72 42.97 -8.29 -11.38
CA GLU C 72 42.31 -7.25 -12.16
C GLU C 72 41.20 -6.55 -11.37
N GLY C 73 41.30 -5.23 -11.29
CA GLY C 73 40.29 -4.46 -10.57
C GLY C 73 40.27 -4.76 -9.08
N ALA C 74 41.24 -5.53 -8.62
CA ALA C 74 41.33 -5.88 -7.20
C ALA C 74 41.96 -4.76 -6.40
N HIS C 75 41.38 -4.43 -5.24
CA HIS C 75 41.95 -3.37 -4.41
C HIS C 75 42.59 -3.95 -3.15
N LEU C 76 42.08 -5.11 -2.72
CA LEU C 76 42.58 -5.81 -1.55
C LEU C 76 42.96 -7.25 -1.88
N ALA C 77 43.83 -7.83 -1.08
CA ALA C 77 44.24 -9.21 -1.31
C ALA C 77 44.55 -9.93 0.00
N PHE C 78 44.22 -11.21 0.04
CA PHE C 78 44.52 -12.05 1.18
C PHE C 78 45.10 -13.29 0.55
N ILE C 79 46.42 -13.40 0.66
CA ILE C 79 47.12 -14.53 0.09
C ILE C 79 47.64 -15.52 1.13
N ASN C 80 47.27 -16.78 0.94
CA ASN C 80 47.68 -17.86 1.79
C ASN C 80 47.91 -19.10 0.93
N THR C 81 49.17 -19.36 0.58
CA THR C 81 49.55 -20.50 -0.25
C THR C 81 49.73 -21.81 0.52
N THR C 82 49.72 -22.92 -0.20
CA THR C 82 49.92 -24.25 0.39
C THR C 82 51.08 -24.90 -0.36
N SER C 83 51.87 -25.71 0.34
CA SER C 83 53.01 -26.38 -0.27
C SER C 83 52.62 -27.41 -1.32
N GLN C 84 51.35 -27.80 -1.32
CA GLN C 84 50.85 -28.78 -2.28
C GLN C 84 50.73 -28.21 -3.69
N ALA C 85 50.57 -26.90 -3.79
CA ALA C 85 50.44 -26.23 -5.08
C ALA C 85 51.79 -26.12 -5.78
N GLY C 86 52.83 -26.66 -5.18
CA GLY C 86 54.16 -26.56 -5.76
C GLY C 86 54.97 -25.74 -4.77
N ASP C 87 56.17 -25.31 -5.13
CA ASP C 87 56.98 -24.54 -4.19
C ASP C 87 56.39 -23.15 -3.88
N GLU C 88 56.03 -22.96 -2.62
CA GLU C 88 55.42 -21.72 -2.16
C GLU C 88 56.22 -20.46 -2.44
N ILE C 89 57.53 -20.56 -2.47
CA ILE C 89 58.35 -19.38 -2.73
C ILE C 89 58.08 -18.78 -4.11
N ALA C 90 58.24 -19.58 -5.16
CA ALA C 90 58.01 -19.13 -6.52
C ALA C 90 56.57 -18.66 -6.75
N ILE C 91 55.60 -19.35 -6.15
CA ILE C 91 54.20 -18.97 -6.30
C ILE C 91 53.90 -17.69 -5.52
N GLY C 92 54.36 -17.63 -4.28
CA GLY C 92 54.13 -16.44 -3.47
C GLY C 92 54.74 -15.22 -4.13
N LYS C 93 55.86 -15.43 -4.83
CA LYS C 93 56.54 -14.34 -5.51
C LYS C 93 55.75 -13.88 -6.73
N ASP C 94 55.44 -14.82 -7.61
CA ASP C 94 54.66 -14.49 -8.81
C ASP C 94 53.40 -13.72 -8.43
N LEU C 95 52.81 -14.07 -7.29
CA LEU C 95 51.58 -13.40 -6.86
C LEU C 95 51.90 -11.97 -6.49
N ALA C 96 53.03 -11.77 -5.82
CA ALA C 96 53.44 -10.44 -5.42
C ALA C 96 53.70 -9.62 -6.68
N ASP C 97 54.28 -10.25 -7.70
CA ASP C 97 54.55 -9.54 -8.95
C ASP C 97 53.25 -9.21 -9.65
N ALA C 98 52.33 -10.17 -9.69
CA ALA C 98 51.03 -9.95 -10.32
C ALA C 98 50.31 -8.78 -9.64
N ALA C 99 50.32 -8.75 -8.32
CA ALA C 99 49.65 -7.67 -7.58
C ALA C 99 50.31 -6.33 -7.83
N LYS C 100 51.64 -6.33 -7.90
CA LYS C 100 52.40 -5.11 -8.15
C LYS C 100 52.00 -4.56 -9.53
N ARG C 101 52.10 -5.39 -10.57
CA ARG C 101 51.75 -5.00 -11.93
C ARG C 101 50.29 -4.59 -12.07
N ALA C 102 49.44 -5.09 -11.19
CA ALA C 102 48.03 -4.76 -11.24
C ALA C 102 47.90 -3.28 -10.88
N GLY C 103 48.76 -2.84 -9.97
CA GLY C 103 48.79 -1.46 -9.55
C GLY C 103 47.60 -0.94 -8.77
N THR C 104 46.61 -1.79 -8.48
CA THR C 104 45.45 -1.31 -7.75
C THR C 104 45.32 -1.84 -6.34
N ILE C 105 46.34 -2.56 -5.86
CA ILE C 105 46.31 -3.13 -4.52
C ILE C 105 46.66 -2.11 -3.44
N GLN C 106 45.71 -1.84 -2.54
CA GLN C 106 45.91 -0.89 -1.45
C GLN C 106 46.29 -1.57 -0.14
N HIS C 107 46.04 -2.87 -0.06
CA HIS C 107 46.35 -3.61 1.16
C HIS C 107 46.46 -5.09 0.81
N TYR C 108 47.67 -5.62 0.91
CA TYR C 108 47.95 -7.01 0.59
C TYR C 108 48.27 -7.78 1.88
N ILE C 109 47.33 -8.59 2.35
CA ILE C 109 47.56 -9.38 3.56
C ILE C 109 48.08 -10.76 3.15
N TYR C 110 49.29 -11.09 3.59
CA TYR C 110 49.88 -12.39 3.29
C TYR C 110 49.98 -13.21 4.57
N SER C 111 49.56 -14.47 4.52
CA SER C 111 49.62 -15.33 5.70
C SER C 111 51.01 -15.96 5.77
N SER C 112 51.78 -15.56 6.78
CA SER C 112 53.15 -16.03 6.96
C SER C 112 53.33 -17.00 8.12
N MET C 113 54.54 -17.55 8.22
CA MET C 113 54.94 -18.48 9.28
C MET C 113 56.45 -18.33 9.43
N PRO C 114 56.96 -18.51 10.66
CA PRO C 114 58.40 -18.40 10.89
C PRO C 114 59.28 -19.52 10.40
N ASP C 115 60.58 -19.25 10.41
CA ASP C 115 61.61 -20.20 10.04
C ASP C 115 62.36 -20.40 11.35
N HIS C 116 61.95 -21.40 12.11
CA HIS C 116 62.57 -21.64 13.40
C HIS C 116 64.09 -21.71 13.39
N SER C 117 64.69 -22.08 12.27
CA SER C 117 66.15 -22.16 12.24
C SER C 117 66.79 -20.78 12.37
N LEU C 118 65.97 -19.73 12.32
CA LEU C 118 66.48 -18.37 12.41
C LEU C 118 66.42 -17.80 13.82
N TYR C 119 65.98 -18.59 14.79
CA TYR C 119 65.87 -18.07 16.14
C TYR C 119 66.40 -19.03 17.19
N GLY C 120 67.09 -20.08 16.74
CA GLY C 120 67.64 -21.04 17.67
C GLY C 120 68.25 -22.25 16.99
N PRO C 121 68.85 -23.15 17.77
CA PRO C 121 69.48 -24.36 17.24
C PRO C 121 68.37 -25.33 16.85
N TRP C 122 67.56 -24.91 15.89
CA TRP C 122 66.43 -25.70 15.44
C TRP C 122 66.34 -25.85 13.93
N PRO C 123 65.61 -26.87 13.48
CA PRO C 123 65.46 -27.09 12.04
C PRO C 123 64.34 -26.22 11.48
N ALA C 124 64.35 -26.03 10.16
CA ALA C 124 63.33 -25.23 9.53
C ALA C 124 62.13 -26.11 9.22
N VAL C 125 60.97 -25.81 9.81
CA VAL C 125 59.77 -26.58 9.51
C VAL C 125 59.45 -26.22 8.04
N PRO C 126 59.58 -27.17 7.11
CA PRO C 126 59.35 -27.01 5.67
C PRO C 126 58.10 -26.34 5.09
N MET C 127 56.95 -26.52 5.71
CA MET C 127 55.73 -25.91 5.18
C MET C 127 55.47 -24.55 5.84
N TRP C 128 56.49 -24.03 6.50
CA TRP C 128 56.35 -22.76 7.17
C TRP C 128 57.44 -21.79 6.73
N ALA C 129 58.68 -22.16 7.02
CA ALA C 129 59.85 -21.35 6.71
C ALA C 129 59.80 -20.64 5.36
N PRO C 130 59.40 -21.37 4.30
CA PRO C 130 59.38 -20.65 3.03
C PRO C 130 58.47 -19.42 2.98
N LYS C 131 57.39 -19.41 3.78
CA LYS C 131 56.48 -18.27 3.79
C LYS C 131 57.20 -16.98 4.21
N PHE C 132 58.27 -17.12 5.00
CA PHE C 132 59.03 -15.96 5.45
C PHE C 132 59.78 -15.30 4.30
N THR C 133 60.19 -16.11 3.32
CA THR C 133 60.89 -15.56 2.17
C THR C 133 59.88 -14.73 1.38
N VAL C 134 58.67 -15.26 1.19
CA VAL C 134 57.63 -14.54 0.45
C VAL C 134 57.23 -13.27 1.19
N GLU C 135 57.13 -13.35 2.52
CA GLU C 135 56.78 -12.15 3.30
C GLU C 135 57.80 -11.06 2.98
N ASN C 136 59.08 -11.39 3.04
CA ASN C 136 60.15 -10.45 2.77
C ASN C 136 60.07 -9.92 1.34
N TYR C 137 59.74 -10.80 0.40
CA TYR C 137 59.65 -10.38 -0.99
C TYR C 137 58.47 -9.40 -1.13
N VAL C 138 57.35 -9.68 -0.48
CA VAL C 138 56.19 -8.79 -0.53
C VAL C 138 56.64 -7.40 -0.06
N ARG C 139 57.35 -7.35 1.06
CA ARG C 139 57.85 -6.10 1.63
C ARG C 139 58.83 -5.42 0.67
N GLN C 140 59.59 -6.24 -0.05
CA GLN C 140 60.57 -5.75 -1.00
C GLN C 140 59.94 -5.04 -2.22
N LEU C 141 58.74 -5.44 -2.63
CA LEU C 141 58.09 -4.80 -3.77
C LEU C 141 57.40 -3.50 -3.39
N GLY C 142 57.42 -3.19 -2.09
CA GLY C 142 56.79 -1.96 -1.64
C GLY C 142 55.28 -2.04 -1.55
N LEU C 143 54.72 -3.24 -1.63
CA LEU C 143 53.26 -3.40 -1.54
C LEU C 143 52.73 -3.06 -0.14
N PRO C 144 51.71 -2.20 -0.07
CA PRO C 144 51.18 -1.90 1.27
C PRO C 144 50.70 -3.26 1.79
N SER C 145 51.24 -3.69 2.93
CA SER C 145 50.90 -5.02 3.43
C SER C 145 50.91 -5.29 4.92
N THR C 146 50.33 -6.43 5.28
CA THR C 146 50.25 -6.88 6.64
C THR C 146 50.40 -8.40 6.60
N PHE C 147 51.01 -8.95 7.62
CA PHE C 147 51.27 -10.37 7.66
C PHE C 147 50.68 -11.04 8.88
N VAL C 148 49.83 -12.03 8.65
CA VAL C 148 49.20 -12.74 9.76
C VAL C 148 49.81 -14.12 9.96
N TYR C 149 50.11 -14.46 11.21
CA TYR C 149 50.69 -15.77 11.51
C TYR C 149 49.59 -16.56 12.20
N ALA C 150 49.19 -17.66 11.57
CA ALA C 150 48.10 -18.47 12.10
C ALA C 150 48.48 -19.41 13.22
N GLY C 151 47.63 -19.46 14.23
CA GLY C 151 47.86 -20.37 15.34
C GLY C 151 47.37 -21.73 14.87
N ILE C 152 47.56 -22.75 15.68
CA ILE C 152 47.12 -24.10 15.33
C ILE C 152 45.61 -24.12 15.30
N TYR C 153 45.04 -24.69 14.24
CA TYR C 153 43.59 -24.74 14.09
C TYR C 153 42.90 -25.67 15.08
N ASN C 154 41.79 -25.20 15.65
CA ASN C 154 41.01 -26.01 16.58
C ASN C 154 40.42 -27.19 15.78
N ASN C 155 40.09 -26.95 14.52
CA ASN C 155 39.48 -28.00 13.74
C ASN C 155 40.45 -28.98 13.12
N ASN C 156 41.72 -28.92 13.52
CA ASN C 156 42.69 -29.91 13.02
C ASN C 156 42.25 -31.22 13.72
N PHE C 157 41.68 -31.06 14.91
CA PHE C 157 41.22 -32.20 15.72
C PHE C 157 40.14 -33.07 15.06
N THR C 158 40.31 -34.39 15.19
CA THR C 158 39.39 -35.37 14.63
C THR C 158 39.68 -36.73 15.26
N SER C 159 38.70 -37.61 15.29
CA SER C 159 38.92 -38.94 15.86
C SER C 159 39.42 -39.87 14.77
N LEU C 160 39.40 -39.39 13.52
CA LEU C 160 39.88 -40.20 12.41
C LEU C 160 41.38 -40.32 12.54
N PRO C 161 41.96 -41.41 12.01
CA PRO C 161 43.41 -41.63 12.08
C PRO C 161 44.23 -40.62 11.28
N TYR C 162 44.08 -39.34 11.58
CA TYR C 162 44.86 -38.32 10.90
C TYR C 162 45.99 -37.89 11.82
N PRO C 163 47.18 -37.69 11.26
CA PRO C 163 48.42 -37.29 11.94
C PRO C 163 48.39 -36.06 12.86
N LEU C 164 49.06 -36.20 14.00
CA LEU C 164 49.26 -35.13 14.97
C LEU C 164 48.12 -34.55 15.80
N PHE C 165 46.92 -34.45 15.22
CA PHE C 165 45.81 -33.88 15.97
C PHE C 165 44.62 -34.81 16.16
N GLN C 166 44.89 -36.10 16.35
CA GLN C 166 43.81 -37.06 16.53
C GLN C 166 43.30 -37.19 17.97
N MET C 167 42.02 -36.86 18.14
CA MET C 167 41.37 -36.99 19.43
C MET C 167 40.79 -38.40 19.33
N GLU C 168 41.63 -39.38 19.63
CA GLU C 168 41.24 -40.78 19.53
C GLU C 168 40.26 -41.24 20.58
N LEU C 169 39.14 -41.81 20.11
CA LEU C 169 38.15 -42.37 20.99
C LEU C 169 38.59 -43.82 21.28
N MET C 170 38.92 -44.08 22.53
CA MET C 170 39.37 -45.40 22.95
C MET C 170 38.21 -46.38 23.13
N PRO C 171 38.52 -47.69 23.25
CA PRO C 171 37.47 -48.68 23.41
C PRO C 171 36.55 -48.37 24.59
N ASP C 172 37.13 -47.90 25.69
CA ASP C 172 36.36 -47.58 26.89
C ASP C 172 35.60 -46.25 26.83
N GLY C 173 35.39 -45.73 25.62
CA GLY C 173 34.67 -44.48 25.46
C GLY C 173 35.44 -43.23 25.88
N THR C 174 36.71 -43.40 26.23
CA THR C 174 37.55 -42.29 26.64
C THR C 174 38.23 -41.75 25.39
N PHE C 175 38.87 -40.59 25.52
CA PHE C 175 39.57 -39.96 24.42
C PHE C 175 41.03 -39.77 24.79
N GLU C 176 41.92 -39.87 23.80
CA GLU C 176 43.33 -39.68 24.04
C GLU C 176 44.07 -38.98 22.91
N TRP C 177 44.75 -37.88 23.24
CA TRP C 177 45.54 -37.15 22.25
C TRP C 177 47.03 -37.35 22.49
N HIS C 178 47.71 -37.96 21.51
CA HIS C 178 49.16 -38.19 21.60
C HIS C 178 49.90 -37.29 20.60
N ALA C 179 50.89 -36.55 21.07
CA ALA C 179 51.66 -35.67 20.19
C ALA C 179 53.01 -35.39 20.80
N PRO C 180 53.92 -34.77 20.03
CA PRO C 180 55.25 -34.46 20.55
C PRO C 180 55.30 -33.20 21.44
N PHE C 181 54.27 -32.36 21.38
CA PHE C 181 54.25 -31.14 22.20
C PHE C 181 54.35 -31.42 23.69
N ASP C 182 55.01 -30.53 24.42
CA ASP C 182 55.14 -30.68 25.86
C ASP C 182 53.75 -30.46 26.44
N PRO C 183 53.31 -31.34 27.35
CA PRO C 183 51.97 -31.22 27.95
C PRO C 183 51.59 -29.93 28.66
N ASP C 184 52.55 -29.23 29.23
CA ASP C 184 52.22 -28.01 29.97
C ASP C 184 52.62 -26.69 29.34
N ILE C 185 53.32 -26.74 28.20
CA ILE C 185 53.73 -25.53 27.52
C ILE C 185 52.59 -25.05 26.61
N PRO C 186 52.14 -23.81 26.81
CA PRO C 186 51.05 -23.23 26.01
C PRO C 186 51.37 -23.03 24.54
N LEU C 187 50.45 -23.47 23.70
CA LEU C 187 50.53 -23.35 22.25
C LEU C 187 49.45 -22.39 21.78
N PRO C 188 49.70 -21.68 20.67
CA PRO C 188 48.69 -20.74 20.17
C PRO C 188 47.62 -21.45 19.36
N TRP C 189 46.36 -21.25 19.72
CA TRP C 189 45.26 -21.88 19.00
C TRP C 189 44.40 -20.85 18.25
N LEU C 190 43.74 -21.33 17.21
CA LEU C 190 42.89 -20.48 16.39
C LEU C 190 41.74 -21.29 15.79
N ASP C 191 40.53 -20.75 15.89
CA ASP C 191 39.38 -21.39 15.29
C ASP C 191 39.30 -20.71 13.91
N ALA C 192 39.88 -21.37 12.91
CA ALA C 192 39.95 -20.89 11.55
C ALA C 192 38.64 -20.47 10.90
N GLU C 193 37.68 -21.38 10.88
CA GLU C 193 36.40 -21.13 10.25
C GLU C 193 35.60 -20.00 10.91
N HIS C 194 35.67 -19.95 12.23
CA HIS C 194 34.93 -18.96 13.01
C HIS C 194 35.58 -17.60 13.19
N ASP C 195 36.91 -17.55 13.22
CA ASP C 195 37.61 -16.30 13.48
C ASP C 195 38.51 -15.64 12.43
N VAL C 196 39.01 -16.40 11.46
CA VAL C 196 39.87 -15.79 10.46
C VAL C 196 39.14 -14.73 9.64
N GLY C 197 37.95 -15.06 9.15
CA GLY C 197 37.18 -14.13 8.35
C GLY C 197 36.94 -12.82 9.07
N PRO C 198 36.35 -12.84 10.28
CA PRO C 198 36.10 -11.60 11.01
C PRO C 198 37.36 -10.76 11.23
N ALA C 199 38.43 -11.43 11.69
CA ALA C 199 39.68 -10.74 11.96
C ALA C 199 40.27 -10.08 10.73
N LEU C 200 40.38 -10.83 9.64
CA LEU C 200 40.93 -10.29 8.40
C LEU C 200 40.07 -9.13 7.94
N LEU C 201 38.76 -9.30 8.03
CA LEU C 201 37.82 -8.27 7.61
C LEU C 201 38.12 -6.97 8.38
N GLN C 202 38.38 -7.11 9.68
CA GLN C 202 38.68 -5.96 10.53
C GLN C 202 40.01 -5.33 10.18
N ILE C 203 40.98 -6.14 9.77
CA ILE C 203 42.28 -5.60 9.40
C ILE C 203 42.10 -4.72 8.18
N PHE C 204 41.30 -5.18 7.22
CA PHE C 204 41.05 -4.42 5.99
C PHE C 204 40.29 -3.11 6.29
N LYS C 205 39.34 -3.18 7.21
CA LYS C 205 38.54 -2.02 7.61
C LYS C 205 39.48 -0.99 8.19
N ASP C 206 40.28 -1.41 9.17
CA ASP C 206 41.23 -0.50 9.80
C ASP C 206 42.09 0.17 8.73
N GLY C 207 42.60 -0.62 7.79
CA GLY C 207 43.41 -0.06 6.71
C GLY C 207 44.92 -0.20 6.84
N PRO C 208 45.67 0.03 5.74
CA PRO C 208 47.13 -0.05 5.71
C PRO C 208 47.85 1.02 6.54
N GLN C 209 47.25 2.20 6.65
CA GLN C 209 47.87 3.26 7.42
C GLN C 209 47.84 2.93 8.91
N LYS C 210 47.49 1.68 9.21
CA LYS C 210 47.43 1.23 10.60
C LYS C 210 48.11 -0.13 10.74
N TRP C 211 47.92 -1.01 9.76
CA TRP C 211 48.49 -2.34 9.83
C TRP C 211 49.63 -2.61 8.87
N ASN C 212 49.87 -1.70 7.94
CA ASN C 212 50.96 -1.90 7.01
C ASN C 212 52.25 -2.18 7.79
N GLY C 213 53.09 -3.07 7.27
CA GLY C 213 54.33 -3.39 7.92
C GLY C 213 54.19 -4.21 9.19
N HIS C 214 52.97 -4.46 9.63
CA HIS C 214 52.74 -5.23 10.85
C HIS C 214 52.60 -6.74 10.68
N ARG C 215 53.00 -7.47 11.71
CA ARG C 215 52.87 -8.94 11.76
C ARG C 215 51.92 -9.19 12.91
N ILE C 216 50.78 -9.79 12.61
CA ILE C 216 49.77 -10.06 13.63
C ILE C 216 49.62 -11.55 13.90
N ALA C 217 49.65 -11.91 15.17
CA ALA C 217 49.48 -13.30 15.56
C ALA C 217 47.97 -13.56 15.53
N LEU C 218 47.54 -14.44 14.62
CA LEU C 218 46.13 -14.81 14.52
C LEU C 218 45.88 -15.98 15.45
N THR C 219 45.76 -15.66 16.74
CA THR C 219 45.53 -16.64 17.78
C THR C 219 44.76 -15.92 18.88
N PHE C 220 43.61 -16.47 19.27
CA PHE C 220 42.80 -15.83 20.28
C PHE C 220 42.83 -16.56 21.61
N GLU C 221 43.72 -17.55 21.70
CA GLU C 221 43.80 -18.34 22.92
C GLU C 221 45.01 -19.28 22.91
N THR C 222 45.73 -19.36 24.03
CA THR C 222 46.87 -20.27 24.12
C THR C 222 46.61 -21.26 25.27
N LEU C 223 46.58 -22.54 24.93
CA LEU C 223 46.34 -23.61 25.88
C LEU C 223 47.41 -24.67 25.75
N SER C 224 47.82 -25.27 26.86
CA SER C 224 48.82 -26.33 26.80
C SER C 224 48.03 -27.56 26.37
N PRO C 225 48.72 -28.58 25.84
CA PRO C 225 47.97 -29.77 25.45
C PRO C 225 47.07 -30.28 26.58
N VAL C 226 47.57 -30.26 27.81
CA VAL C 226 46.79 -30.71 28.95
C VAL C 226 45.51 -29.89 29.13
N GLN C 227 45.62 -28.57 28.96
CA GLN C 227 44.46 -27.67 29.08
C GLN C 227 43.47 -27.94 27.93
N VAL C 228 44.00 -28.25 26.75
CA VAL C 228 43.16 -28.53 25.60
C VAL C 228 42.29 -29.73 25.95
N CYS C 229 42.94 -30.81 26.37
CA CYS C 229 42.21 -32.00 26.76
C CYS C 229 41.14 -31.69 27.79
N ALA C 230 41.45 -30.85 28.77
CA ALA C 230 40.47 -30.48 29.79
C ALA C 230 39.30 -29.75 29.11
N ALA C 231 39.59 -28.90 28.15
CA ALA C 231 38.53 -28.17 27.44
C ALA C 231 37.63 -29.20 26.81
N PHE C 232 38.22 -30.18 26.12
CA PHE C 232 37.44 -31.24 25.49
C PHE C 232 36.63 -32.08 26.47
N SER C 233 37.22 -32.39 27.63
CA SER C 233 36.52 -33.19 28.62
C SER C 233 35.22 -32.55 29.09
N ARG C 234 35.23 -31.23 29.25
CA ARG C 234 34.03 -30.52 29.69
C ARG C 234 33.04 -30.33 28.54
N ALA C 235 33.54 -30.27 27.32
CA ALA C 235 32.68 -30.09 26.16
C ALA C 235 31.90 -31.35 25.83
N LEU C 236 32.62 -32.48 25.83
CA LEU C 236 32.03 -33.77 25.50
C LEU C 236 31.53 -34.57 26.71
N ASN C 237 31.90 -34.13 27.90
CA ASN C 237 31.48 -34.79 29.13
C ASN C 237 32.11 -36.19 29.18
N ARG C 238 33.40 -36.26 28.83
CA ARG C 238 34.12 -37.53 28.84
C ARG C 238 35.56 -37.31 29.28
N ARG C 239 36.20 -38.37 29.74
CA ARG C 239 37.58 -38.28 30.19
C ARG C 239 38.48 -38.08 29.00
N VAL C 240 39.35 -37.08 29.07
CA VAL C 240 40.30 -36.80 28.00
C VAL C 240 41.69 -36.68 28.58
N THR C 241 42.60 -37.49 28.07
CA THR C 241 43.96 -37.49 28.57
C THR C 241 44.97 -37.28 27.46
N TYR C 242 45.97 -36.45 27.73
CA TYR C 242 47.03 -36.17 26.78
C TYR C 242 48.24 -37.04 27.08
N VAL C 243 48.78 -37.65 26.03
CA VAL C 243 49.96 -38.48 26.19
C VAL C 243 51.01 -37.98 25.22
N GLN C 244 52.18 -37.62 25.75
CA GLN C 244 53.26 -37.12 24.90
C GLN C 244 54.10 -38.23 24.28
N VAL C 245 54.09 -38.28 22.95
CA VAL C 245 54.88 -39.25 22.21
C VAL C 245 56.02 -38.47 21.57
N PRO C 246 57.22 -39.05 21.51
CA PRO C 246 58.36 -38.34 20.92
C PRO C 246 58.24 -38.20 19.40
N LYS C 247 57.53 -39.13 18.77
CA LYS C 247 57.36 -39.09 17.33
C LYS C 247 55.89 -39.08 16.95
N VAL C 248 55.54 -38.28 15.95
CA VAL C 248 54.18 -38.20 15.49
C VAL C 248 53.78 -39.52 14.84
N GLU C 249 52.73 -40.14 15.37
CA GLU C 249 52.22 -41.41 14.85
C GLU C 249 51.56 -41.14 13.51
N ILE C 250 51.85 -41.99 12.53
CA ILE C 250 51.29 -41.87 11.19
C ILE C 250 50.41 -43.08 10.91
N LYS C 251 49.14 -42.99 11.28
CA LYS C 251 48.20 -44.09 11.13
C LYS C 251 47.58 -44.27 9.76
N VAL C 252 47.99 -43.44 8.80
CA VAL C 252 47.49 -43.55 7.44
C VAL C 252 48.60 -43.23 6.47
N ASN C 253 48.34 -43.47 5.19
CA ASN C 253 49.30 -43.18 4.15
C ASN C 253 49.19 -41.69 3.87
N ILE C 254 50.34 -41.02 3.80
CA ILE C 254 50.38 -39.58 3.56
C ILE C 254 51.48 -39.18 2.56
N PRO C 255 51.37 -37.97 1.99
CA PRO C 255 52.35 -37.45 1.02
C PRO C 255 53.70 -37.28 1.71
N VAL C 256 54.76 -37.78 1.08
CA VAL C 256 56.09 -37.69 1.68
C VAL C 256 56.44 -36.27 2.11
N GLY C 257 55.85 -35.29 1.44
CA GLY C 257 56.11 -33.90 1.81
C GLY C 257 55.53 -33.57 3.17
N TYR C 258 54.42 -34.21 3.52
CA TYR C 258 53.76 -33.97 4.79
C TYR C 258 54.49 -34.72 5.93
N ARG C 259 55.10 -35.85 5.59
CA ARG C 259 55.85 -36.62 6.58
C ARG C 259 56.97 -35.74 7.09
N GLU C 260 57.74 -35.23 6.14
CA GLU C 260 58.88 -34.38 6.44
C GLU C 260 58.46 -33.21 7.33
N GLN C 261 57.30 -32.65 7.07
CA GLN C 261 56.78 -31.54 7.87
C GLN C 261 56.60 -32.04 9.30
N LEU C 262 55.99 -33.21 9.47
CA LEU C 262 55.76 -33.77 10.80
C LEU C 262 57.09 -34.12 11.47
N GLU C 263 58.04 -34.67 10.72
CA GLU C 263 59.34 -35.00 11.29
C GLU C 263 59.97 -33.74 11.86
N ALA C 264 59.91 -32.65 11.10
CA ALA C 264 60.47 -31.37 11.54
C ALA C 264 59.81 -30.93 12.84
N ILE C 265 58.49 -31.09 12.89
CA ILE C 265 57.71 -30.70 14.05
C ILE C 265 58.11 -31.49 15.28
N GLU C 266 58.52 -32.74 15.09
CA GLU C 266 58.92 -33.62 16.18
C GLU C 266 60.20 -33.09 16.81
N VAL C 267 61.12 -32.65 15.97
CA VAL C 267 62.39 -32.10 16.42
C VAL C 267 62.21 -30.75 17.11
N VAL C 268 61.45 -29.87 16.48
CA VAL C 268 61.20 -28.52 16.99
C VAL C 268 60.40 -28.43 18.29
N PHE C 269 59.28 -29.15 18.38
CA PHE C 269 58.46 -29.09 19.59
C PHE C 269 58.66 -30.28 20.51
N GLY C 270 59.14 -31.39 19.97
CA GLY C 270 59.36 -32.57 20.79
C GLY C 270 60.72 -32.59 21.44
N GLU C 271 61.77 -32.59 20.61
CA GLU C 271 63.14 -32.63 21.11
C GLU C 271 63.63 -31.31 21.70
N HIS C 272 63.32 -30.19 21.04
CA HIS C 272 63.78 -28.88 21.48
C HIS C 272 62.84 -27.95 22.25
N LYS C 273 61.56 -28.30 22.30
CA LYS C 273 60.55 -27.50 22.99
C LYS C 273 60.57 -26.00 22.66
N ALA C 274 60.78 -25.66 21.39
CA ALA C 274 60.82 -24.27 20.94
C ALA C 274 59.41 -23.69 20.85
N PRO C 275 59.29 -22.34 20.83
CA PRO C 275 57.97 -21.72 20.74
C PRO C 275 57.37 -21.92 19.35
N TYR C 276 56.05 -21.83 19.26
CA TYR C 276 55.39 -21.97 17.95
C TYR C 276 55.80 -20.75 17.12
N PHE C 277 55.76 -19.59 17.76
CA PHE C 277 56.14 -18.35 17.10
C PHE C 277 57.41 -17.84 17.80
N PRO C 278 58.58 -18.25 17.31
CA PRO C 278 59.89 -17.86 17.87
C PRO C 278 60.30 -16.43 17.54
N LEU C 279 59.32 -15.58 17.27
CA LEU C 279 59.59 -14.19 16.96
C LEU C 279 59.47 -13.33 18.19
N PRO C 280 60.35 -12.32 18.33
CA PRO C 280 60.40 -11.38 19.45
C PRO C 280 59.05 -10.78 19.80
N GLU C 281 58.38 -10.20 18.81
CA GLU C 281 57.08 -9.57 19.04
C GLU C 281 56.07 -10.54 19.62
N PHE C 282 56.19 -11.82 19.28
CA PHE C 282 55.25 -12.82 19.77
C PHE C 282 55.78 -13.59 20.98
N SER C 283 56.94 -13.19 21.48
CA SER C 283 57.56 -13.83 22.64
C SER C 283 57.80 -12.81 23.76
N ARG C 316 50.51 -10.49 26.38
CA ARG C 316 50.11 -11.76 25.79
C ARG C 316 49.97 -11.62 24.26
N VAL C 317 50.39 -12.67 23.55
CA VAL C 317 50.35 -12.68 22.10
C VAL C 317 48.93 -12.66 21.51
N THR C 318 47.94 -13.02 22.29
CA THR C 318 46.56 -13.00 21.80
C THR C 318 45.91 -11.62 21.88
N ASP C 319 46.63 -10.64 22.43
CA ASP C 319 46.05 -9.29 22.57
C ASP C 319 45.62 -8.60 21.29
N GLU C 320 46.51 -8.52 20.31
CA GLU C 320 46.14 -7.83 19.07
C GLU C 320 44.96 -8.46 18.36
N ALA C 321 44.92 -9.79 18.36
CA ALA C 321 43.83 -10.50 17.71
C ALA C 321 42.50 -10.22 18.43
N ARG C 322 42.48 -10.40 19.73
CA ARG C 322 41.26 -10.14 20.47
C ARG C 322 40.78 -8.70 20.26
N LYS C 323 41.74 -7.79 20.05
CA LYS C 323 41.41 -6.39 19.81
C LYS C 323 40.75 -6.26 18.43
N LEU C 324 41.27 -6.98 17.44
CA LEU C 324 40.72 -6.93 16.09
C LEU C 324 39.33 -7.56 15.99
N TRP C 325 39.08 -8.57 16.81
CA TRP C 325 37.81 -9.32 16.79
C TRP C 325 37.55 -10.00 18.15
N SER C 326 36.66 -9.43 18.95
CA SER C 326 36.34 -9.96 20.28
C SER C 326 35.31 -11.09 20.31
N GLY C 327 34.80 -11.46 19.14
CA GLY C 327 33.82 -12.52 19.07
C GLY C 327 34.38 -13.90 18.76
N TRP C 328 35.63 -14.14 19.16
CA TRP C 328 36.28 -15.42 18.90
C TRP C 328 35.67 -16.63 19.62
N ARG C 329 35.92 -17.82 19.08
CA ARG C 329 35.42 -19.07 19.67
C ARG C 329 36.55 -19.87 20.35
N ASP C 330 36.46 -20.01 21.67
CA ASP C 330 37.48 -20.75 22.41
C ASP C 330 37.38 -22.26 22.15
N MET C 331 38.37 -23.02 22.62
CA MET C 331 38.42 -24.46 22.40
C MET C 331 37.19 -25.21 22.92
N GLU C 332 36.76 -24.87 24.13
CA GLU C 332 35.61 -25.53 24.72
C GLU C 332 34.37 -25.43 23.83
N GLU C 333 34.10 -24.23 23.32
CA GLU C 333 32.94 -24.06 22.47
C GLU C 333 33.10 -24.89 21.19
N TYR C 334 34.32 -24.92 20.65
CA TYR C 334 34.54 -25.71 19.45
C TYR C 334 34.25 -27.17 19.70
N ALA C 335 34.79 -27.70 20.79
CA ALA C 335 34.62 -29.10 21.15
C ALA C 335 33.17 -29.49 21.38
N ARG C 336 32.42 -28.61 22.02
CA ARG C 336 31.01 -28.87 22.31
C ARG C 336 30.07 -28.63 21.14
N GLU C 337 30.30 -27.53 20.42
CA GLU C 337 29.45 -27.13 19.30
C GLU C 337 29.81 -27.60 17.89
N VAL C 338 31.11 -27.82 17.61
CA VAL C 338 31.51 -28.23 16.26
C VAL C 338 32.07 -29.63 16.11
N PHE C 339 32.97 -30.02 17.00
CA PHE C 339 33.58 -31.34 16.96
C PHE C 339 32.54 -32.46 16.75
N PRO C 340 31.45 -32.45 17.52
CA PRO C 340 30.44 -33.50 17.35
C PRO C 340 29.85 -33.50 15.93
N ILE C 341 29.58 -32.30 15.41
CA ILE C 341 29.02 -32.14 14.07
C ILE C 341 29.97 -32.57 12.95
N GLU C 342 31.25 -32.20 13.09
CA GLU C 342 32.24 -32.56 12.09
C GLU C 342 32.47 -34.07 12.14
N GLU C 343 32.54 -34.60 13.36
CA GLU C 343 32.72 -36.04 13.59
C GLU C 343 31.62 -36.85 12.90
N GLU C 344 30.38 -36.42 13.13
CA GLU C 344 29.20 -37.08 12.55
C GLU C 344 29.24 -37.05 11.02
N ALA C 345 29.65 -35.92 10.45
CA ALA C 345 29.75 -35.80 9.01
C ALA C 345 30.83 -36.74 8.49
N ASN C 346 31.87 -36.96 9.29
CA ASN C 346 32.93 -37.87 8.86
C ASN C 346 32.48 -39.33 9.01
N GLY C 347 31.22 -39.53 9.38
CA GLY C 347 30.68 -40.86 9.52
C GLY C 347 30.83 -41.55 10.88
N LEU C 348 31.14 -40.80 11.92
CA LEU C 348 31.31 -41.38 13.24
C LEU C 348 29.97 -41.37 13.97
N ASP C 349 29.80 -42.33 14.88
CA ASP C 349 28.53 -42.47 15.61
C ASP C 349 28.59 -42.16 17.12
N TRP C 350 29.77 -42.30 17.72
CA TRP C 350 29.96 -42.09 19.16
C TRP C 350 29.16 -40.98 19.84
N MET C 351 28.68 -39.99 19.09
CA MET C 351 27.94 -38.88 19.67
C MET C 351 26.41 -38.99 19.61
N LEU C 352 25.90 -40.17 19.29
CA LEU C 352 24.45 -40.37 19.21
C LEU C 352 23.95 -41.21 20.38
N GLN D 3 44.23 -7.79 -22.73
CA GLN D 3 44.84 -7.60 -21.39
C GLN D 3 43.81 -7.82 -20.28
N GLN D 4 43.05 -6.78 -19.97
CA GLN D 4 42.01 -6.86 -18.95
C GLN D 4 40.86 -7.59 -19.62
N LYS D 5 40.19 -8.47 -18.88
CA LYS D 5 39.06 -9.19 -19.43
C LYS D 5 37.91 -8.20 -19.59
N LYS D 6 37.46 -8.01 -20.81
CA LYS D 6 36.38 -7.07 -21.08
C LYS D 6 35.02 -7.77 -21.14
N THR D 7 33.95 -7.00 -21.08
CA THR D 7 32.60 -7.55 -21.14
C THR D 7 32.25 -7.87 -22.59
N ILE D 8 31.63 -9.04 -22.80
CA ILE D 8 31.26 -9.51 -24.15
C ILE D 8 29.75 -9.68 -24.32
N ALA D 9 29.21 -9.10 -25.38
CA ALA D 9 27.79 -9.21 -25.69
C ALA D 9 27.62 -10.23 -26.82
N VAL D 10 26.73 -11.20 -26.64
CA VAL D 10 26.49 -12.21 -27.67
C VAL D 10 25.00 -12.47 -27.82
N VAL D 11 24.58 -12.97 -28.98
CA VAL D 11 23.18 -13.27 -29.20
C VAL D 11 23.06 -14.77 -29.47
N ASN D 12 21.84 -15.28 -29.57
CA ASN D 12 21.65 -16.71 -29.86
C ASN D 12 22.57 -17.55 -28.97
N ALA D 13 22.56 -17.22 -27.67
CA ALA D 13 23.39 -17.88 -26.67
C ALA D 13 23.32 -19.40 -26.58
N THR D 14 22.18 -19.99 -26.92
CA THR D 14 22.12 -21.45 -26.84
C THR D 14 22.66 -22.10 -28.09
N GLY D 15 23.07 -21.27 -29.07
CA GLY D 15 23.62 -21.79 -30.31
C GLY D 15 25.02 -22.35 -30.06
N ARG D 16 25.48 -23.26 -30.90
CA ARG D 16 26.78 -23.88 -30.72
C ARG D 16 27.97 -22.92 -30.74
N GLN D 17 27.98 -21.98 -31.67
CA GLN D 17 29.08 -21.02 -31.71
C GLN D 17 29.11 -20.16 -30.44
N ALA D 18 27.97 -19.53 -30.12
CA ALA D 18 27.88 -18.66 -28.94
C ALA D 18 28.20 -19.36 -27.61
N ALA D 19 27.52 -20.47 -27.35
CA ALA D 19 27.72 -21.23 -26.13
C ALA D 19 29.19 -21.63 -25.98
N SER D 20 29.86 -21.88 -27.10
CA SER D 20 31.27 -22.25 -27.04
C SER D 20 32.05 -21.08 -26.47
N LEU D 21 31.84 -19.90 -27.04
CA LEU D 21 32.52 -18.72 -26.57
C LEU D 21 32.18 -18.40 -25.12
N ILE D 22 30.90 -18.49 -24.77
CA ILE D 22 30.45 -18.17 -23.42
C ILE D 22 31.09 -19.00 -22.32
N ARG D 23 31.28 -20.29 -22.56
CA ARG D 23 31.89 -21.16 -21.56
C ARG D 23 33.33 -20.76 -21.28
N VAL D 24 34.10 -20.61 -22.35
CA VAL D 24 35.50 -20.25 -22.21
C VAL D 24 35.67 -18.80 -21.78
N ALA D 25 34.80 -17.93 -22.29
CA ALA D 25 34.90 -16.54 -21.94
C ALA D 25 34.66 -16.35 -20.45
N ALA D 26 33.53 -16.84 -19.97
CA ALA D 26 33.19 -16.71 -18.56
C ALA D 26 34.25 -17.36 -17.67
N ALA D 27 34.67 -18.56 -18.05
CA ALA D 27 35.68 -19.30 -17.31
C ALA D 27 37.01 -18.58 -17.11
N VAL D 28 37.42 -17.79 -18.11
CA VAL D 28 38.68 -17.06 -18.01
C VAL D 28 38.53 -15.68 -17.35
N GLY D 29 37.30 -15.26 -17.08
CA GLY D 29 37.12 -13.97 -16.41
C GLY D 29 36.35 -12.87 -17.10
N HIS D 30 35.82 -13.13 -18.28
CA HIS D 30 35.05 -12.11 -18.99
C HIS D 30 33.59 -12.10 -18.53
N HIS D 31 32.98 -10.91 -18.44
CA HIS D 31 31.56 -10.79 -18.10
C HIS D 31 30.83 -10.99 -19.44
N VAL D 32 29.72 -11.70 -19.43
CA VAL D 32 29.00 -11.96 -20.66
C VAL D 32 27.54 -11.54 -20.63
N ARG D 33 27.13 -10.76 -21.62
CA ARG D 33 25.74 -10.31 -21.76
C ARG D 33 25.20 -11.11 -22.94
N ALA D 34 24.27 -12.03 -22.68
CA ALA D 34 23.75 -12.88 -23.72
C ALA D 34 22.23 -12.93 -23.87
N GLN D 35 21.79 -12.79 -25.11
CA GLN D 35 20.38 -12.86 -25.46
C GLN D 35 20.04 -14.32 -25.78
N VAL D 36 18.87 -14.75 -25.33
CA VAL D 36 18.41 -16.12 -25.60
C VAL D 36 16.94 -15.97 -25.87
N HIS D 37 16.42 -16.75 -26.79
CA HIS D 37 15.01 -16.66 -27.13
C HIS D 37 14.18 -17.30 -26.04
N SER D 38 14.78 -18.25 -25.32
CA SER D 38 14.08 -18.95 -24.25
C SER D 38 15.03 -19.51 -23.19
N LEU D 39 14.62 -19.36 -21.93
CA LEU D 39 15.40 -19.84 -20.80
C LEU D 39 15.11 -21.32 -20.54
N LYS D 40 14.40 -21.96 -21.46
CA LYS D 40 14.05 -23.36 -21.32
C LYS D 40 14.94 -24.25 -22.18
N GLY D 41 15.59 -25.22 -21.54
CA GLY D 41 16.46 -26.13 -22.25
C GLY D 41 17.73 -26.37 -21.48
N LEU D 42 18.45 -27.43 -21.83
CA LEU D 42 19.69 -27.79 -21.16
C LEU D 42 20.73 -26.68 -21.19
N ILE D 43 21.10 -26.24 -22.39
CA ILE D 43 22.11 -25.20 -22.54
C ILE D 43 21.68 -23.92 -21.82
N ALA D 44 20.44 -23.52 -22.01
CA ALA D 44 19.93 -22.30 -21.38
C ALA D 44 20.16 -22.35 -19.87
N GLU D 45 19.71 -23.44 -19.25
CA GLU D 45 19.88 -23.59 -17.81
C GLU D 45 21.36 -23.64 -17.42
N GLU D 46 22.19 -24.21 -18.28
CA GLU D 46 23.63 -24.29 -18.02
C GLU D 46 24.28 -22.91 -18.08
N LEU D 47 23.99 -22.17 -19.14
CA LEU D 47 24.55 -20.84 -19.33
C LEU D 47 24.17 -19.92 -18.16
N GLN D 48 22.89 -19.90 -17.82
CA GLN D 48 22.42 -19.04 -16.74
C GLN D 48 23.13 -19.39 -15.44
N ALA D 49 23.58 -20.63 -15.34
CA ALA D 49 24.28 -21.11 -14.16
C ALA D 49 25.68 -20.50 -14.05
N ILE D 50 26.40 -20.42 -15.17
CA ILE D 50 27.75 -19.85 -15.13
C ILE D 50 27.67 -18.45 -14.54
N PRO D 51 28.53 -18.17 -13.54
CA PRO D 51 28.59 -16.89 -12.83
C PRO D 51 28.53 -15.57 -13.61
N ASN D 52 29.66 -15.12 -14.16
CA ASN D 52 29.70 -13.84 -14.88
C ASN D 52 28.78 -13.72 -16.10
N VAL D 53 27.78 -14.59 -16.23
CA VAL D 53 26.88 -14.51 -17.38
C VAL D 53 25.49 -13.96 -17.08
N THR D 54 25.15 -12.86 -17.72
CA THR D 54 23.83 -12.26 -17.56
C THR D 54 23.05 -12.59 -18.82
N LEU D 55 21.85 -13.13 -18.64
CA LEU D 55 21.00 -13.54 -19.74
C LEU D 55 19.77 -12.65 -19.90
N PHE D 56 19.39 -12.39 -21.15
CA PHE D 56 18.23 -11.57 -21.47
C PHE D 56 17.33 -12.40 -22.36
N GLN D 57 16.14 -12.68 -21.87
CA GLN D 57 15.19 -13.49 -22.61
C GLN D 57 14.20 -12.67 -23.43
N GLY D 58 14.21 -12.90 -24.74
CA GLY D 58 13.33 -12.19 -25.65
C GLY D 58 13.80 -12.36 -27.09
N PRO D 59 12.95 -12.00 -28.07
CA PRO D 59 13.28 -12.11 -29.50
C PRO D 59 14.16 -10.96 -30.00
N LEU D 60 14.93 -11.22 -31.06
CA LEU D 60 15.81 -10.21 -31.64
C LEU D 60 15.09 -9.36 -32.70
N LEU D 61 14.15 -9.97 -33.41
CA LEU D 61 13.41 -9.28 -34.46
C LEU D 61 12.63 -8.07 -33.96
N ASN D 62 12.98 -6.89 -34.47
CA ASN D 62 12.31 -5.65 -34.08
C ASN D 62 12.28 -5.44 -32.57
N ASN D 63 13.44 -5.57 -31.95
CA ASN D 63 13.54 -5.40 -30.50
C ASN D 63 14.79 -4.61 -30.15
N VAL D 64 14.78 -3.33 -30.48
CA VAL D 64 15.92 -2.46 -30.20
C VAL D 64 16.15 -2.30 -28.69
N PRO D 65 15.07 -2.21 -27.89
CA PRO D 65 15.29 -2.05 -26.45
C PRO D 65 16.21 -3.15 -25.92
N LEU D 66 15.99 -4.38 -26.37
CA LEU D 66 16.78 -5.52 -25.94
C LEU D 66 18.21 -5.36 -26.43
N MET D 67 18.36 -4.91 -27.67
CA MET D 67 19.68 -4.71 -28.25
C MET D 67 20.46 -3.61 -27.52
N ASP D 68 19.81 -2.50 -27.21
CA ASP D 68 20.49 -1.41 -26.49
C ASP D 68 20.93 -1.91 -25.11
N THR D 69 20.12 -2.77 -24.51
CA THR D 69 20.46 -3.30 -23.21
C THR D 69 21.62 -4.29 -23.30
N LEU D 70 21.67 -5.06 -24.39
CA LEU D 70 22.73 -6.04 -24.57
C LEU D 70 24.13 -5.40 -24.61
N PHE D 71 24.25 -4.31 -25.34
CA PHE D 71 25.53 -3.62 -25.50
C PHE D 71 25.96 -2.64 -24.40
N GLU D 72 25.12 -2.42 -23.38
CA GLU D 72 25.49 -1.52 -22.30
C GLU D 72 26.75 -1.98 -21.57
N GLY D 73 27.82 -1.18 -21.63
CA GLY D 73 29.05 -1.55 -20.96
C GLY D 73 29.87 -2.63 -21.67
N ALA D 74 29.39 -3.10 -22.81
CA ALA D 74 30.10 -4.12 -23.56
C ALA D 74 31.22 -3.49 -24.37
N HIS D 75 32.40 -4.10 -24.33
CA HIS D 75 33.55 -3.60 -25.07
C HIS D 75 33.79 -4.54 -26.26
N LEU D 76 33.27 -5.74 -26.17
CA LEU D 76 33.44 -6.72 -27.23
C LEU D 76 32.08 -7.35 -27.58
N ALA D 77 32.01 -7.98 -28.73
CA ALA D 77 30.78 -8.63 -29.15
C ALA D 77 31.09 -9.68 -30.22
N PHE D 78 30.37 -10.80 -30.14
CA PHE D 78 30.48 -11.88 -31.10
C PHE D 78 29.04 -12.11 -31.52
N ILE D 79 28.71 -11.72 -32.73
CA ILE D 79 27.35 -11.87 -33.22
C ILE D 79 27.17 -12.96 -34.29
N ASN D 80 26.28 -13.89 -33.98
CA ASN D 80 25.94 -14.99 -34.88
C ASN D 80 24.44 -15.22 -34.78
N THR D 81 23.72 -14.83 -35.82
CA THR D 81 22.28 -15.00 -35.84
C THR D 81 21.85 -16.28 -36.54
N THR D 82 20.58 -16.63 -36.38
CA THR D 82 19.98 -17.80 -37.01
C THR D 82 18.73 -17.34 -37.72
N SER D 83 18.45 -17.92 -38.88
CA SER D 83 17.28 -17.55 -39.66
C SER D 83 15.96 -17.82 -38.92
N GLN D 84 16.01 -18.70 -37.92
CA GLN D 84 14.83 -19.05 -37.15
C GLN D 84 14.25 -17.82 -36.45
N ALA D 85 15.13 -16.97 -35.95
CA ALA D 85 14.71 -15.77 -35.24
C ALA D 85 14.00 -14.77 -36.16
N GLY D 86 14.11 -14.98 -37.47
CA GLY D 86 13.46 -14.09 -38.41
C GLY D 86 14.41 -13.50 -39.44
N ASP D 87 14.09 -12.29 -39.90
CA ASP D 87 14.90 -11.61 -40.91
C ASP D 87 16.34 -11.37 -40.42
N GLU D 88 17.28 -12.22 -40.83
CA GLU D 88 18.66 -12.06 -40.39
C GLU D 88 19.29 -10.71 -40.75
N ILE D 89 18.85 -10.14 -41.88
CA ILE D 89 19.40 -8.85 -42.30
C ILE D 89 18.90 -7.70 -41.44
N ALA D 90 17.58 -7.60 -41.23
CA ALA D 90 17.04 -6.52 -40.41
C ALA D 90 17.58 -6.64 -38.99
N ILE D 91 17.73 -7.87 -38.52
CA ILE D 91 18.24 -8.13 -37.18
C ILE D 91 19.75 -7.84 -37.14
N GLY D 92 20.46 -8.30 -38.16
CA GLY D 92 21.89 -8.08 -38.23
C GLY D 92 22.25 -6.62 -38.32
N LYS D 93 21.42 -5.85 -39.02
CA LYS D 93 21.67 -4.42 -39.18
C LYS D 93 21.32 -3.70 -37.90
N ASP D 94 20.22 -4.08 -37.27
CA ASP D 94 19.80 -3.46 -36.02
C ASP D 94 20.82 -3.69 -34.91
N LEU D 95 21.40 -4.89 -34.87
CA LEU D 95 22.40 -5.21 -33.84
C LEU D 95 23.63 -4.34 -34.05
N ALA D 96 23.95 -4.07 -35.30
CA ALA D 96 25.12 -3.27 -35.65
C ALA D 96 24.90 -1.80 -35.31
N ASP D 97 23.65 -1.35 -35.39
CA ASP D 97 23.35 0.04 -35.06
C ASP D 97 23.41 0.20 -33.55
N ALA D 98 22.80 -0.75 -32.85
CA ALA D 98 22.81 -0.74 -31.40
C ALA D 98 24.26 -0.75 -30.93
N ALA D 99 25.10 -1.56 -31.57
CA ALA D 99 26.49 -1.62 -31.19
C ALA D 99 27.17 -0.26 -31.40
N LYS D 100 26.87 0.39 -32.52
CA LYS D 100 27.48 1.69 -32.81
C LYS D 100 26.99 2.77 -31.84
N ARG D 101 25.70 2.74 -31.50
CA ARG D 101 25.16 3.74 -30.56
C ARG D 101 25.70 3.57 -29.16
N ALA D 102 25.90 2.32 -28.74
CA ALA D 102 26.43 2.05 -27.41
C ALA D 102 27.78 2.76 -27.28
N GLY D 103 28.50 2.82 -28.40
CA GLY D 103 29.78 3.50 -28.44
C GLY D 103 30.99 2.87 -27.76
N THR D 104 30.80 1.78 -27.04
CA THR D 104 31.92 1.17 -26.34
C THR D 104 32.57 -0.03 -27.03
N ILE D 105 31.94 -0.52 -28.08
CA ILE D 105 32.46 -1.67 -28.79
C ILE D 105 33.85 -1.46 -29.40
N GLN D 106 34.82 -2.19 -28.87
CA GLN D 106 36.20 -2.10 -29.32
C GLN D 106 36.52 -3.12 -30.40
N HIS D 107 35.73 -4.19 -30.44
CA HIS D 107 35.95 -5.24 -31.43
C HIS D 107 34.64 -5.99 -31.66
N TYR D 108 34.08 -5.86 -32.86
CA TYR D 108 32.83 -6.50 -33.20
C TYR D 108 33.04 -7.68 -34.14
N ILE D 109 32.98 -8.90 -33.61
CA ILE D 109 33.15 -10.09 -34.44
C ILE D 109 31.79 -10.63 -34.87
N TYR D 110 31.55 -10.59 -36.18
CA TYR D 110 30.29 -11.07 -36.73
C TYR D 110 30.54 -12.40 -37.47
N SER D 111 29.65 -13.36 -37.24
CA SER D 111 29.78 -14.66 -37.89
C SER D 111 29.10 -14.53 -39.25
N SER D 112 29.87 -14.69 -40.32
CA SER D 112 29.31 -14.54 -41.65
C SER D 112 29.43 -15.81 -42.50
N MET D 113 28.75 -15.81 -43.65
CA MET D 113 28.80 -16.94 -44.58
C MET D 113 28.78 -16.38 -45.99
N PRO D 114 29.26 -17.16 -46.97
CA PRO D 114 29.26 -16.67 -48.35
C PRO D 114 27.92 -16.64 -49.04
N ASP D 115 27.93 -16.06 -50.23
CA ASP D 115 26.75 -15.97 -51.07
C ASP D 115 27.26 -16.52 -52.39
N HIS D 116 26.99 -17.80 -52.62
CA HIS D 116 27.46 -18.49 -53.81
C HIS D 116 27.05 -17.88 -55.16
N SER D 117 25.96 -17.13 -55.19
CA SER D 117 25.50 -16.55 -56.45
C SER D 117 26.40 -15.41 -56.89
N LEU D 118 27.50 -15.21 -56.19
CA LEU D 118 28.42 -14.13 -56.54
C LEU D 118 29.69 -14.66 -57.19
N TYR D 119 29.94 -15.97 -57.05
CA TYR D 119 31.16 -16.55 -57.59
C TYR D 119 30.92 -17.59 -58.67
N GLY D 120 29.68 -17.71 -59.11
CA GLY D 120 29.38 -18.68 -60.15
C GLY D 120 27.91 -18.76 -60.47
N PRO D 121 27.53 -19.59 -61.45
CA PRO D 121 26.14 -19.79 -61.86
C PRO D 121 25.46 -20.67 -60.84
N TRP D 122 25.52 -20.26 -59.59
CA TRP D 122 24.93 -21.02 -58.50
C TRP D 122 23.88 -20.22 -57.76
N PRO D 123 22.96 -20.91 -57.09
CA PRO D 123 21.91 -20.22 -56.34
C PRO D 123 22.47 -19.80 -54.99
N ALA D 124 21.73 -18.96 -54.29
CA ALA D 124 22.18 -18.49 -52.99
C ALA D 124 21.64 -19.39 -51.87
N VAL D 125 22.54 -19.99 -51.10
CA VAL D 125 22.10 -20.82 -49.99
C VAL D 125 21.41 -19.83 -49.03
N PRO D 126 20.08 -19.96 -48.89
CA PRO D 126 19.11 -19.19 -48.08
C PRO D 126 19.48 -18.75 -46.66
N MET D 127 20.24 -19.57 -45.94
CA MET D 127 20.62 -19.21 -44.58
C MET D 127 22.10 -18.90 -44.55
N TRP D 128 22.65 -18.55 -45.71
CA TRP D 128 24.06 -18.21 -45.80
C TRP D 128 24.21 -16.80 -46.37
N ALA D 129 23.72 -16.61 -47.60
CA ALA D 129 23.81 -15.34 -48.30
C ALA D 129 23.36 -14.12 -47.52
N PRO D 130 22.30 -14.24 -46.71
CA PRO D 130 21.83 -13.08 -45.92
C PRO D 130 22.92 -12.48 -45.03
N LYS D 131 23.73 -13.34 -44.43
CA LYS D 131 24.79 -12.89 -43.55
C LYS D 131 25.79 -11.96 -44.26
N PHE D 132 26.22 -12.35 -45.46
CA PHE D 132 27.18 -11.57 -46.23
C PHE D 132 26.70 -10.14 -46.41
N THR D 133 25.38 -9.96 -46.48
CA THR D 133 24.81 -8.63 -46.63
C THR D 133 25.01 -7.86 -45.31
N VAL D 134 24.75 -8.53 -44.19
CA VAL D 134 24.93 -7.89 -42.88
C VAL D 134 26.42 -7.57 -42.70
N GLU D 135 27.28 -8.42 -43.24
CA GLU D 135 28.71 -8.19 -43.15
C GLU D 135 29.05 -6.82 -43.78
N ASN D 136 28.58 -6.60 -45.01
CA ASN D 136 28.84 -5.35 -45.72
C ASN D 136 28.42 -4.16 -44.85
N TYR D 137 27.22 -4.23 -44.31
CA TYR D 137 26.67 -3.16 -43.47
C TYR D 137 27.59 -2.87 -42.29
N VAL D 138 28.02 -3.93 -41.61
CA VAL D 138 28.92 -3.78 -40.47
C VAL D 138 30.15 -2.94 -40.87
N ARG D 139 30.70 -3.20 -42.05
CA ARG D 139 31.86 -2.47 -42.55
C ARG D 139 31.50 -1.00 -42.79
N GLN D 140 30.30 -0.81 -43.32
CA GLN D 140 29.78 0.50 -43.63
C GLN D 140 29.79 1.42 -42.41
N LEU D 141 29.25 0.92 -41.29
CA LEU D 141 29.18 1.70 -40.06
C LEU D 141 30.54 2.07 -39.47
N GLY D 142 31.58 1.33 -39.87
CA GLY D 142 32.91 1.63 -39.35
C GLY D 142 33.24 0.94 -38.04
N LEU D 143 32.45 -0.06 -37.65
CA LEU D 143 32.69 -0.79 -36.41
C LEU D 143 34.01 -1.54 -36.44
N PRO D 144 34.85 -1.39 -35.41
CA PRO D 144 36.09 -2.17 -35.48
C PRO D 144 35.57 -3.60 -35.56
N SER D 145 35.80 -4.26 -36.68
CA SER D 145 35.24 -5.57 -36.88
C SER D 145 36.13 -6.65 -37.45
N THR D 146 35.63 -7.88 -37.35
CA THR D 146 36.32 -9.06 -37.87
C THR D 146 35.25 -10.10 -38.18
N PHE D 147 35.37 -10.76 -39.32
CA PHE D 147 34.39 -11.75 -39.74
C PHE D 147 34.89 -13.18 -39.80
N VAL D 148 34.25 -14.07 -39.05
CA VAL D 148 34.62 -15.48 -39.04
C VAL D 148 33.64 -16.27 -39.92
N TYR D 149 34.17 -17.23 -40.66
CA TYR D 149 33.37 -18.10 -41.54
C TYR D 149 33.48 -19.51 -41.01
N ALA D 150 32.36 -20.02 -40.51
CA ALA D 150 32.32 -21.36 -39.92
C ALA D 150 32.33 -22.52 -40.90
N GLY D 151 33.16 -23.53 -40.59
CA GLY D 151 33.21 -24.70 -41.42
C GLY D 151 32.07 -25.59 -40.99
N ILE D 152 31.86 -26.72 -41.66
CA ILE D 152 30.77 -27.64 -41.29
C ILE D 152 31.06 -28.18 -39.89
N TYR D 153 30.03 -28.30 -39.06
CA TYR D 153 30.24 -28.81 -37.71
C TYR D 153 30.47 -30.32 -37.70
N ASN D 154 31.40 -30.78 -36.85
CA ASN D 154 31.67 -32.21 -36.71
C ASN D 154 30.44 -32.82 -36.06
N ASN D 155 29.89 -32.09 -35.09
CA ASN D 155 28.75 -32.54 -34.32
C ASN D 155 27.39 -32.50 -35.02
N ASN D 156 27.36 -32.18 -36.30
CA ASN D 156 26.08 -32.20 -37.00
C ASN D 156 25.73 -33.69 -37.12
N PHE D 157 26.78 -34.51 -37.20
CA PHE D 157 26.63 -35.95 -37.33
C PHE D 157 25.87 -36.61 -36.20
N THR D 158 24.96 -37.49 -36.57
CA THR D 158 24.14 -38.21 -35.61
C THR D 158 23.53 -39.40 -36.34
N SER D 159 23.26 -40.48 -35.62
CA SER D 159 22.68 -41.64 -36.27
C SER D 159 21.19 -41.42 -36.42
N LEU D 160 20.67 -40.40 -35.72
CA LEU D 160 19.26 -40.06 -35.80
C LEU D 160 18.93 -39.62 -37.22
N PRO D 161 17.65 -39.73 -37.62
CA PRO D 161 17.17 -39.36 -38.96
C PRO D 161 17.17 -37.88 -39.33
N TYR D 162 18.19 -37.16 -38.90
CA TYR D 162 18.27 -35.74 -39.25
C TYR D 162 18.94 -35.61 -40.61
N PRO D 163 18.51 -34.63 -41.42
CA PRO D 163 19.01 -34.35 -42.77
C PRO D 163 20.49 -34.02 -42.98
N LEU D 164 20.97 -34.43 -44.15
CA LEU D 164 22.33 -34.18 -44.62
C LEU D 164 23.53 -34.84 -43.92
N PHE D 165 23.51 -34.91 -42.60
CA PHE D 165 24.64 -35.48 -41.86
C PHE D 165 24.25 -36.64 -40.95
N GLN D 166 23.51 -37.60 -41.49
CA GLN D 166 23.10 -38.75 -40.69
C GLN D 166 24.09 -39.89 -40.82
N MET D 167 24.77 -40.21 -39.73
CA MET D 167 25.71 -41.32 -39.72
C MET D 167 24.81 -42.47 -39.31
N GLU D 168 24.08 -42.99 -40.29
CA GLU D 168 23.13 -44.08 -40.09
C GLU D 168 23.73 -45.44 -39.78
N LEU D 169 23.23 -46.07 -38.71
CA LEU D 169 23.69 -47.38 -38.30
C LEU D 169 22.86 -48.44 -39.03
N MET D 170 23.47 -49.09 -40.01
CA MET D 170 22.80 -50.12 -40.80
C MET D 170 22.47 -51.36 -39.96
N PRO D 171 21.63 -52.27 -40.49
CA PRO D 171 21.26 -53.50 -39.76
C PRO D 171 22.42 -54.38 -39.32
N ASP D 172 23.42 -54.55 -40.18
CA ASP D 172 24.57 -55.39 -39.83
C ASP D 172 25.45 -54.77 -38.75
N GLY D 173 25.41 -53.44 -38.62
CA GLY D 173 26.22 -52.77 -37.62
C GLY D 173 27.18 -51.76 -38.23
N THR D 174 27.23 -51.74 -39.56
CA THR D 174 28.10 -50.80 -40.25
C THR D 174 27.37 -49.47 -40.41
N PHE D 175 28.13 -48.41 -40.60
CA PHE D 175 27.55 -47.09 -40.77
C PHE D 175 27.60 -46.66 -42.22
N GLU D 176 26.70 -45.77 -42.58
CA GLU D 176 26.62 -45.23 -43.92
C GLU D 176 26.13 -43.80 -43.86
N TRP D 177 26.83 -42.91 -44.54
CA TRP D 177 26.44 -41.52 -44.58
C TRP D 177 26.10 -41.17 -46.03
N HIS D 178 24.89 -40.67 -46.23
CA HIS D 178 24.42 -40.29 -47.56
C HIS D 178 24.25 -38.78 -47.66
N ALA D 179 24.83 -38.20 -48.72
CA ALA D 179 24.76 -36.76 -48.96
C ALA D 179 25.18 -36.44 -50.38
N PRO D 180 24.82 -35.25 -50.89
CA PRO D 180 25.15 -34.81 -52.25
C PRO D 180 26.63 -34.48 -52.51
N PHE D 181 27.36 -34.12 -51.46
CA PHE D 181 28.77 -33.77 -51.61
C PHE D 181 29.53 -34.84 -52.38
N ASP D 182 30.40 -34.41 -53.29
CA ASP D 182 31.22 -35.35 -54.04
C ASP D 182 32.03 -36.08 -52.97
N PRO D 183 32.44 -37.33 -53.24
CA PRO D 183 33.22 -38.04 -52.23
C PRO D 183 34.68 -37.64 -52.04
N ASP D 184 35.31 -37.10 -53.09
CA ASP D 184 36.73 -36.73 -52.98
C ASP D 184 37.04 -35.25 -52.81
N ILE D 185 36.05 -34.39 -52.98
CA ILE D 185 36.26 -32.96 -52.82
C ILE D 185 36.31 -32.61 -51.33
N PRO D 186 37.49 -32.25 -50.83
CA PRO D 186 37.65 -31.89 -49.41
C PRO D 186 36.71 -30.76 -48.98
N LEU D 187 36.09 -30.94 -47.82
CA LEU D 187 35.17 -29.94 -47.28
C LEU D 187 35.79 -29.39 -46.00
N PRO D 188 35.41 -28.16 -45.62
CA PRO D 188 35.96 -27.58 -44.38
C PRO D 188 35.11 -27.98 -43.17
N TRP D 189 35.74 -28.62 -42.20
CA TRP D 189 35.03 -29.04 -41.00
C TRP D 189 35.46 -28.20 -39.80
N LEU D 190 34.58 -28.13 -38.80
CA LEU D 190 34.84 -27.36 -37.59
C LEU D 190 34.18 -27.99 -36.37
N ASP D 191 34.94 -28.20 -35.30
CA ASP D 191 34.36 -28.76 -34.07
C ASP D 191 33.91 -27.54 -33.27
N ALA D 192 32.66 -27.15 -33.49
CA ALA D 192 32.08 -25.97 -32.87
C ALA D 192 32.20 -25.87 -31.35
N GLU D 193 31.85 -26.93 -30.64
CA GLU D 193 31.90 -26.91 -29.19
C GLU D 193 33.32 -26.91 -28.65
N HIS D 194 34.22 -27.58 -29.34
CA HIS D 194 35.61 -27.68 -28.88
C HIS D 194 36.50 -26.50 -29.27
N ASP D 195 36.35 -26.01 -30.49
CA ASP D 195 37.22 -24.96 -31.00
C ASP D 195 36.74 -23.53 -31.28
N VAL D 196 35.43 -23.28 -31.35
CA VAL D 196 34.96 -21.92 -31.62
C VAL D 196 35.35 -20.93 -30.52
N GLY D 197 35.09 -21.31 -29.28
CA GLY D 197 35.41 -20.44 -28.16
C GLY D 197 36.89 -20.09 -28.11
N PRO D 198 37.77 -21.09 -27.99
CA PRO D 198 39.21 -20.77 -27.94
C PRO D 198 39.62 -19.80 -29.07
N ALA D 199 39.22 -20.12 -30.30
CA ALA D 199 39.55 -19.29 -31.46
C ALA D 199 39.07 -17.87 -31.27
N LEU D 200 37.78 -17.70 -31.00
CA LEU D 200 37.24 -16.37 -30.81
C LEU D 200 38.03 -15.61 -29.74
N LEU D 201 38.37 -16.28 -28.64
CA LEU D 201 39.12 -15.63 -27.57
C LEU D 201 40.46 -15.10 -28.07
N GLN D 202 41.14 -15.90 -28.89
CA GLN D 202 42.42 -15.50 -29.41
C GLN D 202 42.29 -14.28 -30.32
N ILE D 203 41.19 -14.20 -31.06
CA ILE D 203 40.98 -13.06 -31.94
C ILE D 203 40.82 -11.83 -31.05
N PHE D 204 39.89 -11.89 -30.10
CA PHE D 204 39.68 -10.77 -29.18
C PHE D 204 40.99 -10.34 -28.52
N LYS D 205 41.83 -11.30 -28.14
CA LYS D 205 43.09 -10.95 -27.52
C LYS D 205 43.98 -10.25 -28.56
N ASP D 206 44.12 -10.86 -29.73
CA ASP D 206 44.91 -10.23 -30.79
C ASP D 206 44.34 -8.83 -31.01
N GLY D 207 43.02 -8.70 -30.93
CA GLY D 207 42.39 -7.41 -31.10
C GLY D 207 42.28 -6.91 -32.53
N PRO D 208 41.57 -5.78 -32.74
CA PRO D 208 41.38 -5.18 -34.06
C PRO D 208 42.67 -4.69 -34.71
N GLN D 209 43.70 -4.45 -33.91
CA GLN D 209 44.97 -3.99 -34.47
C GLN D 209 45.58 -5.06 -35.35
N LYS D 210 45.01 -6.26 -35.30
CA LYS D 210 45.50 -7.37 -36.08
C LYS D 210 44.45 -7.92 -37.03
N TRP D 211 43.20 -7.92 -36.59
CA TRP D 211 42.14 -8.50 -37.39
C TRP D 211 41.07 -7.57 -37.93
N ASN D 212 41.20 -6.28 -37.68
CA ASN D 212 40.20 -5.33 -38.14
C ASN D 212 39.95 -5.34 -39.66
N GLY D 213 38.75 -5.76 -40.04
CA GLY D 213 38.36 -5.81 -41.43
C GLY D 213 38.60 -7.15 -42.08
N HIS D 214 39.30 -8.03 -41.38
CA HIS D 214 39.62 -9.35 -41.89
C HIS D 214 38.48 -10.37 -41.82
N ARG D 215 38.63 -11.39 -42.65
CA ARG D 215 37.70 -12.51 -42.73
C ARG D 215 38.56 -13.68 -42.34
N ILE D 216 38.04 -14.54 -41.47
CA ILE D 216 38.79 -15.70 -41.03
C ILE D 216 37.92 -16.92 -41.22
N ALA D 217 38.46 -17.92 -41.90
CA ALA D 217 37.74 -19.16 -42.12
C ALA D 217 37.87 -20.01 -40.85
N LEU D 218 36.79 -20.07 -40.07
CA LEU D 218 36.83 -20.88 -38.86
C LEU D 218 36.74 -22.36 -39.17
N THR D 219 37.84 -22.90 -39.67
CA THR D 219 37.92 -24.30 -40.02
C THR D 219 39.36 -24.75 -39.72
N PHE D 220 39.51 -25.90 -39.09
CA PHE D 220 40.83 -26.40 -38.74
C PHE D 220 41.21 -27.69 -39.42
N GLU D 221 40.35 -28.19 -40.31
CA GLU D 221 40.64 -29.45 -40.96
C GLU D 221 39.79 -29.61 -42.21
N THR D 222 40.43 -30.04 -43.29
CA THR D 222 39.72 -30.25 -44.54
C THR D 222 39.76 -31.73 -44.88
N LEU D 223 38.58 -32.34 -44.93
CA LEU D 223 38.45 -33.74 -45.24
C LEU D 223 37.40 -33.96 -46.30
N SER D 224 37.65 -34.95 -47.16
CA SER D 224 36.70 -35.31 -48.20
C SER D 224 35.72 -36.23 -47.49
N PRO D 225 34.49 -36.35 -48.00
CA PRO D 225 33.50 -37.22 -47.34
C PRO D 225 34.04 -38.63 -47.08
N VAL D 226 34.72 -39.21 -48.06
CA VAL D 226 35.26 -40.55 -47.90
C VAL D 226 36.27 -40.54 -46.76
N GLN D 227 36.94 -39.41 -46.58
CA GLN D 227 37.93 -39.29 -45.51
C GLN D 227 37.23 -39.14 -44.17
N VAL D 228 36.08 -38.46 -44.17
CA VAL D 228 35.31 -38.27 -42.95
C VAL D 228 34.84 -39.65 -42.48
N CYS D 229 34.45 -40.49 -43.43
CA CYS D 229 34.00 -41.83 -43.07
C CYS D 229 35.15 -42.71 -42.57
N ALA D 230 36.34 -42.55 -43.14
CA ALA D 230 37.48 -43.33 -42.69
C ALA D 230 37.79 -42.98 -41.24
N ALA D 231 37.77 -41.69 -40.92
CA ALA D 231 38.05 -41.24 -39.55
C ALA D 231 37.05 -41.82 -38.55
N PHE D 232 35.81 -41.95 -38.97
CA PHE D 232 34.78 -42.53 -38.09
C PHE D 232 35.07 -44.01 -37.92
N SER D 233 35.52 -44.65 -39.00
CA SER D 233 35.82 -46.08 -38.95
C SER D 233 36.96 -46.39 -38.00
N ARG D 234 37.92 -45.48 -37.87
CA ARG D 234 39.05 -45.71 -36.97
C ARG D 234 38.61 -45.53 -35.53
N ALA D 235 37.72 -44.55 -35.31
CA ALA D 235 37.23 -44.26 -33.98
C ALA D 235 36.26 -45.30 -33.44
N LEU D 236 35.29 -45.68 -34.27
CA LEU D 236 34.27 -46.63 -33.86
C LEU D 236 34.64 -48.10 -34.11
N ASN D 237 35.76 -48.34 -34.78
CA ASN D 237 36.20 -49.70 -35.09
C ASN D 237 35.06 -50.46 -35.76
N ARG D 238 34.38 -49.77 -36.67
CA ARG D 238 33.28 -50.32 -37.44
C ARG D 238 33.46 -49.81 -38.85
N ARG D 239 32.86 -50.48 -39.82
CA ARG D 239 32.99 -50.08 -41.22
C ARG D 239 32.04 -48.93 -41.54
N VAL D 240 32.56 -47.91 -42.22
CA VAL D 240 31.74 -46.77 -42.61
C VAL D 240 31.98 -46.48 -44.08
N THR D 241 30.89 -46.26 -44.82
CA THR D 241 31.02 -45.98 -46.25
C THR D 241 30.15 -44.79 -46.65
N TYR D 242 30.69 -43.95 -47.52
CA TYR D 242 29.97 -42.78 -48.01
C TYR D 242 29.15 -43.14 -49.23
N VAL D 243 28.00 -42.48 -49.37
CA VAL D 243 27.13 -42.72 -50.50
C VAL D 243 26.72 -41.39 -51.09
N GLN D 244 27.24 -41.10 -52.28
CA GLN D 244 26.90 -39.84 -52.94
C GLN D 244 25.51 -39.99 -53.54
N VAL D 245 24.59 -39.17 -53.07
CA VAL D 245 23.23 -39.20 -53.56
C VAL D 245 22.86 -37.83 -54.10
N PRO D 246 22.12 -37.80 -55.22
CA PRO D 246 21.72 -36.54 -55.83
C PRO D 246 20.93 -35.62 -54.89
N LYS D 247 19.93 -36.18 -54.21
CA LYS D 247 19.13 -35.37 -53.30
C LYS D 247 19.33 -35.71 -51.83
N VAL D 248 19.14 -34.71 -50.97
CA VAL D 248 19.29 -34.87 -49.53
C VAL D 248 18.15 -35.68 -48.93
N GLU D 249 18.45 -36.92 -48.54
CA GLU D 249 17.44 -37.79 -47.96
C GLU D 249 16.90 -37.14 -46.69
N ILE D 250 15.68 -36.64 -46.80
CA ILE D 250 15.01 -35.97 -45.68
C ILE D 250 14.05 -36.93 -45.00
N LYS D 251 14.60 -37.72 -44.08
CA LYS D 251 13.87 -38.74 -43.33
C LYS D 251 12.83 -38.23 -42.33
N VAL D 252 12.61 -36.92 -42.26
CA VAL D 252 11.63 -36.38 -41.31
C VAL D 252 10.99 -35.10 -41.80
N ASN D 253 9.98 -34.67 -41.06
CA ASN D 253 9.26 -33.43 -41.36
C ASN D 253 10.04 -32.24 -40.83
N ILE D 254 10.45 -31.36 -41.74
CA ILE D 254 11.22 -30.19 -41.37
C ILE D 254 10.53 -28.93 -41.86
N PRO D 255 10.91 -27.78 -41.29
CA PRO D 255 10.30 -26.51 -41.72
C PRO D 255 10.67 -26.30 -43.18
N VAL D 256 9.80 -25.65 -43.94
CA VAL D 256 10.07 -25.41 -45.35
C VAL D 256 11.39 -24.65 -45.48
N GLY D 257 11.64 -23.74 -44.55
CA GLY D 257 12.86 -22.97 -44.60
C GLY D 257 14.08 -23.85 -44.69
N TYR D 258 14.13 -24.89 -43.86
CA TYR D 258 15.26 -25.78 -43.84
C TYR D 258 15.32 -26.56 -45.14
N ARG D 259 14.16 -26.94 -45.65
CA ARG D 259 14.11 -27.70 -46.90
C ARG D 259 14.69 -26.86 -48.03
N GLU D 260 14.24 -25.61 -48.15
CA GLU D 260 14.73 -24.71 -49.20
C GLU D 260 16.25 -24.63 -49.08
N GLN D 261 16.70 -24.50 -47.83
CA GLN D 261 18.11 -24.45 -47.51
C GLN D 261 18.78 -25.72 -48.05
N LEU D 262 18.14 -26.87 -47.81
CA LEU D 262 18.68 -28.14 -48.26
C LEU D 262 18.64 -28.31 -49.77
N GLU D 263 17.54 -27.91 -50.39
CA GLU D 263 17.43 -28.02 -51.83
C GLU D 263 18.61 -27.28 -52.48
N ALA D 264 18.88 -26.08 -51.97
CA ALA D 264 19.98 -25.27 -52.48
C ALA D 264 21.30 -26.01 -52.32
N ILE D 265 21.51 -26.57 -51.14
CA ILE D 265 22.74 -27.30 -50.87
C ILE D 265 22.87 -28.41 -51.90
N GLU D 266 21.73 -28.94 -52.33
CA GLU D 266 21.71 -30.01 -53.32
C GLU D 266 22.32 -29.53 -54.63
N VAL D 267 21.87 -28.36 -55.08
CA VAL D 267 22.34 -27.77 -56.33
C VAL D 267 23.80 -27.33 -56.31
N VAL D 268 24.16 -26.61 -55.25
CA VAL D 268 25.50 -26.07 -55.09
C VAL D 268 26.64 -27.06 -54.96
N PHE D 269 26.48 -28.08 -54.11
CA PHE D 269 27.55 -29.06 -53.89
C PHE D 269 27.36 -30.42 -54.55
N GLY D 270 26.14 -30.70 -54.99
CA GLY D 270 25.86 -31.98 -55.62
C GLY D 270 25.72 -31.86 -57.11
N GLU D 271 25.20 -30.71 -57.55
CA GLU D 271 24.98 -30.48 -58.97
C GLU D 271 26.11 -29.67 -59.61
N HIS D 272 26.72 -28.78 -58.82
CA HIS D 272 27.79 -27.94 -59.35
C HIS D 272 29.18 -28.15 -58.77
N LYS D 273 29.27 -28.92 -57.69
CA LYS D 273 30.55 -29.18 -57.02
C LYS D 273 31.31 -27.90 -56.64
N ALA D 274 30.59 -26.85 -56.27
CA ALA D 274 31.21 -25.58 -55.89
C ALA D 274 31.88 -25.67 -54.52
N PRO D 275 32.95 -24.90 -54.33
CA PRO D 275 33.68 -24.89 -53.05
C PRO D 275 32.79 -24.40 -51.90
N TYR D 276 33.03 -24.91 -50.69
CA TYR D 276 32.23 -24.51 -49.54
C TYR D 276 32.44 -23.00 -49.34
N PHE D 277 33.70 -22.57 -49.31
CA PHE D 277 34.04 -21.17 -49.19
C PHE D 277 34.51 -20.73 -50.59
N PRO D 278 33.58 -20.31 -51.45
CA PRO D 278 33.90 -19.87 -52.81
C PRO D 278 34.62 -18.53 -52.93
N LEU D 279 34.88 -17.89 -51.79
CA LEU D 279 35.57 -16.60 -51.83
C LEU D 279 37.00 -16.79 -52.28
N PRO D 280 37.45 -15.96 -53.23
CA PRO D 280 38.83 -16.02 -53.75
C PRO D 280 39.88 -16.14 -52.66
N GLU D 281 39.74 -15.35 -51.60
CA GLU D 281 40.70 -15.39 -50.51
C GLU D 281 40.73 -16.76 -49.82
N PHE D 282 39.76 -17.60 -50.17
CA PHE D 282 39.67 -18.95 -49.64
C PHE D 282 39.65 -19.90 -50.83
N SER D 283 40.18 -19.41 -51.96
CA SER D 283 40.22 -20.16 -53.22
C SER D 283 41.10 -21.41 -53.24
N ARG D 284 41.34 -21.89 -54.46
CA ARG D 284 42.15 -23.06 -54.73
C ARG D 284 43.52 -22.98 -54.03
N GLN D 315 47.55 -20.84 -50.02
CA GLN D 315 47.78 -22.25 -49.74
C GLN D 315 46.50 -22.90 -49.22
N ARG D 316 46.58 -23.49 -48.02
CA ARG D 316 45.42 -24.13 -47.42
C ARG D 316 44.60 -23.11 -46.63
N VAL D 317 43.29 -23.29 -46.65
CA VAL D 317 42.40 -22.36 -45.95
C VAL D 317 42.38 -22.59 -44.44
N THR D 318 43.18 -23.51 -43.92
CA THR D 318 43.18 -23.78 -42.48
C THR D 318 44.36 -23.20 -41.70
N ASP D 319 45.23 -22.47 -42.38
CA ASP D 319 46.39 -21.90 -41.72
C ASP D 319 46.10 -20.86 -40.62
N GLU D 320 45.26 -19.89 -40.90
CA GLU D 320 44.96 -18.86 -39.89
C GLU D 320 44.30 -19.44 -38.65
N ALA D 321 43.32 -20.31 -38.84
CA ALA D 321 42.64 -20.92 -37.71
C ALA D 321 43.63 -21.67 -36.83
N ARG D 322 44.36 -22.60 -37.44
CA ARG D 322 45.35 -23.41 -36.72
C ARG D 322 46.36 -22.57 -35.97
N LYS D 323 46.72 -21.42 -36.54
CA LYS D 323 47.67 -20.51 -35.93
C LYS D 323 47.01 -19.66 -34.83
N LEU D 324 45.68 -19.52 -34.88
CA LEU D 324 44.95 -18.76 -33.86
C LEU D 324 44.66 -19.66 -32.66
N TRP D 325 44.53 -20.96 -32.91
CA TRP D 325 44.24 -21.96 -31.89
C TRP D 325 44.70 -23.32 -32.39
N SER D 326 45.80 -23.81 -31.80
CA SER D 326 46.38 -25.08 -32.21
C SER D 326 45.88 -26.27 -31.40
N GLY D 327 44.94 -26.02 -30.49
CA GLY D 327 44.41 -27.10 -29.69
C GLY D 327 43.14 -27.69 -30.26
N TRP D 328 42.96 -27.57 -31.58
CA TRP D 328 41.77 -28.08 -32.27
C TRP D 328 41.55 -29.59 -32.20
N ARG D 329 40.27 -29.99 -32.22
CA ARG D 329 39.88 -31.39 -32.18
C ARG D 329 39.48 -31.80 -33.61
N ASP D 330 40.10 -32.86 -34.11
CA ASP D 330 39.82 -33.32 -35.47
C ASP D 330 38.63 -34.27 -35.50
N MET D 331 38.29 -34.74 -36.70
CA MET D 331 37.15 -35.64 -36.86
C MET D 331 37.33 -36.97 -36.13
N GLU D 332 38.55 -37.50 -36.11
CA GLU D 332 38.78 -38.77 -35.44
C GLU D 332 38.51 -38.65 -33.94
N GLU D 333 39.04 -37.62 -33.31
CA GLU D 333 38.82 -37.41 -31.88
C GLU D 333 37.33 -37.24 -31.63
N TYR D 334 36.68 -36.48 -32.51
CA TYR D 334 35.25 -36.25 -32.36
C TYR D 334 34.49 -37.57 -32.40
N ALA D 335 34.66 -38.30 -33.50
CA ALA D 335 33.98 -39.57 -33.70
C ALA D 335 34.23 -40.48 -32.52
N ARG D 336 35.48 -40.52 -32.08
CA ARG D 336 35.88 -41.37 -30.98
C ARG D 336 35.36 -40.92 -29.63
N GLU D 337 35.83 -39.76 -29.19
CA GLU D 337 35.48 -39.25 -27.87
C GLU D 337 34.12 -38.62 -27.63
N VAL D 338 33.47 -38.10 -28.67
CA VAL D 338 32.20 -37.42 -28.47
C VAL D 338 30.95 -38.09 -29.02
N PHE D 339 30.99 -38.48 -30.29
CA PHE D 339 29.88 -39.12 -30.98
C PHE D 339 29.16 -40.18 -30.14
N PRO D 340 29.87 -41.23 -29.71
CA PRO D 340 29.22 -42.28 -28.90
C PRO D 340 28.45 -41.70 -27.72
N ILE D 341 29.04 -40.70 -27.09
CA ILE D 341 28.41 -40.05 -25.95
C ILE D 341 27.18 -39.25 -26.36
N GLU D 342 27.30 -38.42 -27.39
CA GLU D 342 26.15 -37.63 -27.84
C GLU D 342 25.08 -38.63 -28.26
N GLU D 343 25.51 -39.72 -28.87
CA GLU D 343 24.62 -40.77 -29.31
C GLU D 343 23.78 -41.33 -28.15
N GLU D 344 24.45 -41.87 -27.13
CA GLU D 344 23.73 -42.43 -26.00
C GLU D 344 22.98 -41.34 -25.24
N ALA D 345 23.45 -40.11 -25.36
CA ALA D 345 22.78 -38.99 -24.71
C ALA D 345 21.47 -38.76 -25.42
N ASN D 346 21.33 -39.37 -26.60
CA ASN D 346 20.13 -39.24 -27.41
C ASN D 346 19.30 -40.52 -27.44
N GLY D 347 19.63 -41.46 -26.56
CA GLY D 347 18.88 -42.70 -26.49
C GLY D 347 19.48 -43.98 -27.03
N LEU D 348 20.25 -43.90 -28.11
CA LEU D 348 20.84 -45.09 -28.70
C LEU D 348 21.74 -45.87 -27.75
N ASP D 349 22.04 -47.13 -28.10
CA ASP D 349 22.86 -47.97 -27.23
C ASP D 349 23.95 -48.81 -27.91
N TRP D 350 24.04 -48.76 -29.24
CA TRP D 350 25.05 -49.53 -29.95
C TRP D 350 26.45 -49.41 -29.37
N MET D 351 26.70 -48.33 -28.64
CA MET D 351 28.02 -48.10 -28.05
C MET D 351 28.18 -48.81 -26.70
N LEU D 352 27.18 -49.60 -26.33
CA LEU D 352 27.23 -50.34 -25.08
C LEU D 352 27.66 -51.78 -25.32
N GLN E 3 -24.44 39.82 51.37
CA GLN E 3 -23.93 39.13 52.58
C GLN E 3 -25.01 39.01 53.67
N GLN E 4 -25.60 40.14 54.06
CA GLN E 4 -26.68 40.11 55.06
C GLN E 4 -27.88 39.36 54.47
N LYS E 5 -28.38 38.38 55.20
CA LYS E 5 -29.52 37.59 54.72
C LYS E 5 -30.77 38.45 54.60
N LYS E 6 -31.02 38.94 53.38
CA LYS E 6 -32.16 39.81 53.11
C LYS E 6 -33.53 39.12 52.97
N THR E 7 -34.60 39.90 53.18
CA THR E 7 -35.96 39.41 53.07
C THR E 7 -36.32 39.15 51.62
N ILE E 8 -36.88 37.98 51.35
CA ILE E 8 -37.21 37.59 49.99
C ILE E 8 -38.70 37.43 49.69
N ALA E 9 -39.14 38.06 48.61
CA ALA E 9 -40.54 37.98 48.19
C ALA E 9 -40.63 36.92 47.10
N VAL E 10 -41.63 36.06 47.20
CA VAL E 10 -41.86 35.00 46.23
C VAL E 10 -43.37 34.74 46.16
N VAL E 11 -43.81 34.08 45.09
CA VAL E 11 -45.23 33.76 44.91
C VAL E 11 -45.37 32.28 44.63
N ASN E 12 -46.61 31.78 44.59
CA ASN E 12 -46.85 30.38 44.31
C ASN E 12 -45.90 29.55 45.19
N ALA E 13 -45.92 29.83 46.49
CA ALA E 13 -45.03 29.14 47.44
C ALA E 13 -45.03 27.61 47.36
N THR E 14 -46.17 26.99 47.08
CA THR E 14 -46.20 25.54 47.01
C THR E 14 -45.63 25.00 45.70
N GLY E 15 -45.32 25.90 44.77
CA GLY E 15 -44.73 25.46 43.52
C GLY E 15 -43.37 24.86 43.85
N ARG E 16 -42.85 23.99 42.98
CA ARG E 16 -41.57 23.33 43.23
C ARG E 16 -40.37 24.27 43.25
N GLN E 17 -40.32 25.21 42.31
CA GLN E 17 -39.23 26.17 42.28
C GLN E 17 -39.24 27.00 43.56
N ALA E 18 -40.39 27.56 43.89
CA ALA E 18 -40.52 28.37 45.09
C ALA E 18 -40.19 27.61 46.37
N ALA E 19 -40.89 26.50 46.59
CA ALA E 19 -40.70 25.70 47.80
C ALA E 19 -39.23 25.33 48.02
N SER E 20 -38.51 25.14 46.92
CA SER E 20 -37.12 24.77 47.04
C SER E 20 -36.33 26.00 47.52
N LEU E 21 -36.75 27.18 47.10
CA LEU E 21 -36.05 28.38 47.54
C LEU E 21 -36.40 28.67 48.98
N ILE E 22 -37.68 28.60 49.31
CA ILE E 22 -38.11 28.92 50.67
C ILE E 22 -37.44 28.02 51.71
N ARG E 23 -37.54 26.70 51.51
CA ARG E 23 -36.93 25.76 52.45
C ARG E 23 -35.49 26.15 52.71
N VAL E 24 -34.72 26.36 51.65
CA VAL E 24 -33.31 26.70 51.80
C VAL E 24 -33.06 28.14 52.28
N ALA E 25 -33.85 29.09 51.80
CA ALA E 25 -33.65 30.48 52.21
C ALA E 25 -33.90 30.63 53.70
N ALA E 26 -35.06 30.20 54.15
CA ALA E 26 -35.43 30.31 55.55
C ALA E 26 -34.40 29.65 56.45
N ALA E 27 -33.90 28.50 56.04
CA ALA E 27 -32.91 27.78 56.83
C ALA E 27 -31.61 28.56 56.97
N VAL E 28 -31.16 29.23 55.92
CA VAL E 28 -29.92 29.97 56.03
C VAL E 28 -30.04 31.35 56.65
N GLY E 29 -31.26 31.73 57.06
CA GLY E 29 -31.41 33.03 57.71
C GLY E 29 -32.25 34.10 57.03
N HIS E 30 -32.56 33.93 55.75
CA HIS E 30 -33.37 34.90 55.06
C HIS E 30 -34.82 34.83 55.57
N HIS E 31 -35.51 35.97 55.57
CA HIS E 31 -36.91 36.02 55.97
C HIS E 31 -37.67 35.85 54.66
N VAL E 32 -38.82 35.18 54.71
CA VAL E 32 -39.57 34.99 53.49
C VAL E 32 -41.01 35.46 53.54
N ARG E 33 -41.39 36.23 52.53
CA ARG E 33 -42.75 36.69 52.40
C ARG E 33 -43.20 35.91 51.15
N ALA E 34 -44.22 35.07 51.30
CA ALA E 34 -44.66 34.25 50.18
C ALA E 34 -46.17 34.15 50.00
N GLN E 35 -46.59 34.16 48.75
CA GLN E 35 -47.98 34.04 48.41
C GLN E 35 -48.30 32.57 48.12
N VAL E 36 -49.47 32.13 48.58
CA VAL E 36 -49.98 30.77 48.37
C VAL E 36 -51.45 30.96 48.07
N HIS E 37 -52.03 30.10 47.24
CA HIS E 37 -53.44 30.21 46.90
C HIS E 37 -54.30 29.62 48.00
N SER E 38 -53.73 28.69 48.77
CA SER E 38 -54.46 28.06 49.85
C SER E 38 -53.53 27.54 50.93
N LEU E 39 -54.01 27.56 52.17
CA LEU E 39 -53.23 27.09 53.30
C LEU E 39 -53.39 25.59 53.57
N LYS E 40 -54.03 24.90 52.63
CA LYS E 40 -54.24 23.47 52.76
C LYS E 40 -53.35 22.67 51.85
N GLY E 41 -52.78 21.59 52.37
CA GLY E 41 -51.91 20.75 51.57
C GLY E 41 -50.60 20.47 52.28
N LEU E 42 -50.03 19.29 52.03
CA LEU E 42 -48.77 18.91 52.65
C LEU E 42 -47.78 20.07 52.60
N ILE E 43 -47.41 20.47 51.38
CA ILE E 43 -46.46 21.55 51.14
C ILE E 43 -46.81 22.86 51.87
N ALA E 44 -48.03 23.34 51.68
CA ALA E 44 -48.47 24.58 52.32
C ALA E 44 -48.30 24.48 53.82
N GLU E 45 -48.66 23.31 54.34
CA GLU E 45 -48.57 23.03 55.77
C GLU E 45 -47.14 23.23 56.27
N GLU E 46 -46.21 22.48 55.70
CA GLU E 46 -44.81 22.58 56.11
C GLU E 46 -44.27 24.00 56.02
N LEU E 47 -44.57 24.69 54.91
CA LEU E 47 -44.10 26.07 54.71
C LEU E 47 -44.55 26.99 55.84
N GLN E 48 -45.78 26.83 56.28
CA GLN E 48 -46.31 27.67 57.35
C GLN E 48 -45.73 27.28 58.69
N ALA E 49 -44.98 26.19 58.72
CA ALA E 49 -44.36 25.71 59.94
C ALA E 49 -42.88 26.06 60.02
N ILE E 50 -42.37 26.72 58.99
CA ILE E 50 -40.96 27.12 58.98
C ILE E 50 -40.82 28.53 59.54
N PRO E 51 -40.12 28.66 60.67
CA PRO E 51 -39.88 29.92 61.38
C PRO E 51 -39.97 31.23 60.60
N ASN E 52 -38.86 31.67 60.01
CA ASN E 52 -38.80 32.93 59.27
C ASN E 52 -39.60 33.01 57.98
N VAL E 53 -40.79 32.42 57.95
CA VAL E 53 -41.58 32.46 56.74
C VAL E 53 -43.00 32.96 56.99
N THR E 54 -43.35 34.07 56.34
CA THR E 54 -44.68 34.63 56.47
C THR E 54 -45.48 34.39 55.20
N LEU E 55 -46.63 33.76 55.34
CA LEU E 55 -47.49 33.47 54.20
C LEU E 55 -48.63 34.46 54.03
N PHE E 56 -49.09 34.61 52.81
CA PHE E 56 -50.18 35.50 52.48
C PHE E 56 -51.12 34.75 51.54
N GLN E 57 -52.22 34.28 52.10
CA GLN E 57 -53.21 33.51 51.36
C GLN E 57 -54.17 34.41 50.59
N GLY E 58 -54.08 34.31 49.26
CA GLY E 58 -54.94 35.10 48.38
C GLY E 58 -54.58 34.86 46.93
N PRO E 59 -55.46 35.22 45.99
CA PRO E 59 -55.17 35.02 44.57
C PRO E 59 -54.25 36.12 44.05
N LEU E 60 -53.53 35.84 42.98
CA LEU E 60 -52.64 36.84 42.40
C LEU E 60 -53.36 37.66 41.34
N LEU E 61 -54.30 37.04 40.63
CA LEU E 61 -55.04 37.73 39.57
C LEU E 61 -55.89 38.88 40.10
N ASN E 62 -55.64 40.09 39.59
CA ASN E 62 -56.35 41.30 39.98
C ASN E 62 -56.32 41.51 41.49
N ASN E 63 -55.14 41.42 42.08
CA ASN E 63 -55.00 41.59 43.52
C ASN E 63 -53.73 42.35 43.87
N VAL E 64 -53.69 43.64 43.54
CA VAL E 64 -52.51 44.45 43.84
C VAL E 64 -52.27 44.65 45.34
N PRO E 65 -53.34 44.65 46.16
CA PRO E 65 -53.11 44.84 47.60
C PRO E 65 -52.20 43.77 48.19
N LEU E 66 -52.35 42.55 47.70
CA LEU E 66 -51.53 41.43 48.16
C LEU E 66 -50.08 41.62 47.72
N MET E 67 -49.89 41.93 46.45
CA MET E 67 -48.56 42.13 45.87
C MET E 67 -47.84 43.24 46.60
N ASP E 68 -48.55 44.34 46.87
CA ASP E 68 -47.99 45.48 47.58
C ASP E 68 -47.49 45.04 48.93
N THR E 69 -48.31 44.25 49.63
CA THR E 69 -47.93 43.77 50.94
C THR E 69 -46.74 42.85 50.80
N LEU E 70 -46.75 42.04 49.74
CA LEU E 70 -45.68 41.09 49.47
C LEU E 70 -44.28 41.72 49.51
N PHE E 71 -44.05 42.67 48.61
CA PHE E 71 -42.77 43.35 48.47
C PHE E 71 -42.37 44.30 49.61
N GLU E 72 -43.34 44.70 50.43
CA GLU E 72 -43.08 45.58 51.57
C GLU E 72 -41.89 45.11 52.40
N GLY E 73 -40.84 45.92 52.45
CA GLY E 73 -39.66 45.56 53.22
C GLY E 73 -38.82 44.48 52.59
N ALA E 74 -39.15 44.10 51.36
CA ALA E 74 -38.42 43.07 50.64
C ALA E 74 -37.29 43.67 49.81
N HIS E 75 -36.12 43.02 49.87
CA HIS E 75 -34.96 43.47 49.12
C HIS E 75 -34.59 42.51 48.01
N LEU E 76 -35.26 41.35 48.01
CA LEU E 76 -35.01 40.34 46.98
C LEU E 76 -36.33 39.67 46.61
N ALA E 77 -36.33 39.01 45.46
CA ALA E 77 -37.51 38.32 45.01
C ALA E 77 -37.21 37.23 43.99
N PHE E 78 -38.01 36.17 44.04
CA PHE E 78 -37.95 35.07 43.09
C PHE E 78 -39.39 34.91 42.71
N ILE E 79 -39.68 35.24 41.46
CA ILE E 79 -41.03 35.18 40.95
C ILE E 79 -41.15 34.11 39.88
N ASN E 80 -42.08 33.19 40.11
CA ASN E 80 -42.38 32.10 39.18
C ASN E 80 -43.89 31.94 39.17
N THR E 81 -44.53 32.43 38.10
CA THR E 81 -45.98 32.33 37.95
C THR E 81 -46.40 31.07 37.21
N THR E 82 -47.70 30.80 37.23
CA THR E 82 -48.28 29.64 36.57
C THR E 82 -49.52 30.13 35.83
N SER E 83 -49.84 29.47 34.72
CA SER E 83 -51.01 29.84 33.92
C SER E 83 -52.27 29.36 34.61
N GLN E 84 -52.08 28.61 35.69
CA GLN E 84 -53.17 28.07 36.48
C GLN E 84 -53.90 29.16 37.24
N ALA E 85 -53.14 30.17 37.69
CA ALA E 85 -53.69 31.28 38.45
C ALA E 85 -54.39 32.32 37.57
N GLY E 86 -54.31 32.15 36.26
CA GLY E 86 -54.95 33.09 35.35
C GLY E 86 -53.95 33.71 34.39
N ASP E 87 -54.35 34.80 33.73
CA ASP E 87 -53.49 35.49 32.77
C ASP E 87 -52.11 35.78 33.35
N GLU E 88 -51.12 34.99 32.94
CA GLU E 88 -49.77 35.15 33.44
C GLU E 88 -49.14 36.50 33.10
N ILE E 89 -49.42 37.03 31.91
CA ILE E 89 -48.85 38.31 31.53
C ILE E 89 -49.35 39.45 32.41
N ALA E 90 -50.64 39.43 32.74
CA ALA E 90 -51.21 40.46 33.60
C ALA E 90 -50.71 40.30 35.03
N ILE E 91 -50.70 39.07 35.52
CA ILE E 91 -50.19 38.82 36.87
C ILE E 91 -48.72 39.24 36.92
N GLY E 92 -47.94 38.77 35.94
CA GLY E 92 -46.53 39.07 35.86
C GLY E 92 -46.21 40.56 35.86
N LYS E 93 -46.94 41.33 35.04
CA LYS E 93 -46.73 42.77 34.98
C LYS E 93 -47.11 43.45 36.30
N ASP E 94 -48.18 42.99 36.93
CA ASP E 94 -48.62 43.56 38.21
C ASP E 94 -47.56 43.29 39.27
N LEU E 95 -46.91 42.13 39.18
CA LEU E 95 -45.87 41.81 40.15
C LEU E 95 -44.70 42.76 39.93
N ALA E 96 -44.35 42.98 38.67
CA ALA E 96 -43.24 43.87 38.35
C ALA E 96 -43.54 45.29 38.82
N ASP E 97 -44.78 45.75 38.64
CA ASP E 97 -45.19 47.09 39.06
C ASP E 97 -45.04 47.23 40.58
N ALA E 98 -45.59 46.27 41.33
CA ALA E 98 -45.52 46.29 42.79
C ALA E 98 -44.06 46.36 43.22
N ALA E 99 -43.26 45.45 42.70
CA ALA E 99 -41.84 45.41 43.01
C ALA E 99 -41.21 46.77 42.80
N LYS E 100 -41.52 47.41 41.68
CA LYS E 100 -40.96 48.73 41.39
C LYS E 100 -41.47 49.79 42.38
N ARG E 101 -42.77 49.73 42.69
CA ARG E 101 -43.38 50.68 43.63
C ARG E 101 -42.86 50.57 45.06
N ALA E 102 -42.46 49.37 45.48
CA ALA E 102 -41.93 49.19 46.83
C ALA E 102 -40.57 49.90 46.87
N GLY E 103 -39.90 49.88 45.73
CA GLY E 103 -38.61 50.53 45.61
C GLY E 103 -37.43 49.96 46.39
N THR E 104 -37.66 48.91 47.16
CA THR E 104 -36.57 48.31 47.94
C THR E 104 -36.00 47.03 47.34
N ILE E 105 -36.43 46.66 46.13
CA ILE E 105 -35.92 45.43 45.51
C ILE E 105 -34.58 45.70 44.80
N GLN E 106 -33.55 45.02 45.27
CA GLN E 106 -32.19 45.16 44.73
C GLN E 106 -31.85 44.10 43.67
N HIS E 107 -32.53 42.96 43.72
CA HIS E 107 -32.30 41.89 42.76
C HIS E 107 -33.62 41.14 42.61
N TYR E 108 -34.18 41.22 41.40
CA TYR E 108 -35.46 40.59 41.09
C TYR E 108 -35.29 39.40 40.13
N ILE E 109 -35.39 38.18 40.64
CA ILE E 109 -35.23 37.02 39.79
C ILE E 109 -36.59 36.50 39.32
N TYR E 110 -36.77 36.47 38.00
CA TYR E 110 -38.00 35.99 37.39
C TYR E 110 -37.71 34.70 36.60
N SER E 111 -38.51 33.67 36.84
CA SER E 111 -38.35 32.40 36.14
C SER E 111 -39.01 32.55 34.77
N SER E 112 -38.23 32.52 33.71
CA SER E 112 -38.77 32.71 32.36
C SER E 112 -38.71 31.45 31.48
N MET E 113 -39.15 31.59 30.23
CA MET E 113 -39.17 30.49 29.27
C MET E 113 -39.24 31.04 27.86
N PRO E 114 -38.94 30.20 26.86
CA PRO E 114 -38.97 30.59 25.45
C PRO E 114 -40.35 30.73 24.81
N ASP E 115 -40.37 31.51 23.73
CA ASP E 115 -41.54 31.71 22.91
C ASP E 115 -40.99 31.17 21.60
N HIS E 116 -41.12 29.87 21.42
CA HIS E 116 -40.62 29.19 20.24
C HIS E 116 -40.98 29.82 18.89
N SER E 117 -42.15 30.49 18.82
CA SER E 117 -42.60 31.10 17.57
C SER E 117 -41.66 32.19 17.08
N LEU E 118 -40.70 32.57 17.91
CA LEU E 118 -39.76 33.63 17.54
C LEU E 118 -38.39 33.10 17.11
N TYR E 119 -38.23 31.79 17.03
CA TYR E 119 -36.91 31.24 16.70
C TYR E 119 -36.94 30.24 15.57
N GLY E 120 -38.12 30.07 14.98
CA GLY E 120 -38.27 29.13 13.89
C GLY E 120 -39.72 29.02 13.51
N PRO E 121 -40.05 28.15 12.56
CA PRO E 121 -41.41 27.93 12.08
C PRO E 121 -42.15 27.06 13.07
N TRP E 122 -42.14 27.46 14.33
CA TRP E 122 -42.80 26.68 15.37
C TRP E 122 -43.87 27.46 16.10
N PRO E 123 -44.77 26.76 16.79
CA PRO E 123 -45.82 27.43 17.54
C PRO E 123 -45.36 27.81 18.95
N ALA E 124 -46.01 28.82 19.51
CA ALA E 124 -45.69 29.27 20.85
C ALA E 124 -46.27 28.26 21.83
N VAL E 125 -45.41 27.72 22.69
CA VAL E 125 -45.87 26.77 23.68
C VAL E 125 -46.59 27.59 24.75
N PRO E 126 -47.93 27.46 24.81
CA PRO E 126 -48.94 28.08 25.68
C PRO E 126 -48.56 28.55 27.09
N MET E 127 -47.97 27.65 27.87
CA MET E 127 -47.59 28.01 29.24
C MET E 127 -46.15 28.44 29.32
N TRP E 128 -45.54 28.69 28.17
CA TRP E 128 -44.15 29.13 28.18
C TRP E 128 -43.95 30.54 27.63
N ALA E 129 -44.32 30.74 26.37
CA ALA E 129 -44.15 32.02 25.71
C ALA E 129 -44.56 33.26 26.49
N PRO E 130 -45.73 33.23 27.15
CA PRO E 130 -46.15 34.40 27.92
C PRO E 130 -45.11 34.90 28.90
N LYS E 131 -44.38 33.98 29.54
CA LYS E 131 -43.37 34.38 30.52
C LYS E 131 -42.36 35.33 29.87
N PHE E 132 -42.07 35.11 28.60
CA PHE E 132 -41.10 35.94 27.88
C PHE E 132 -41.55 37.40 27.86
N THR E 133 -42.85 37.64 27.77
CA THR E 133 -43.38 39.00 27.75
C THR E 133 -43.20 39.65 29.13
N VAL E 134 -43.39 38.85 30.17
CA VAL E 134 -43.21 39.34 31.52
C VAL E 134 -41.74 39.73 31.68
N GLU E 135 -40.85 38.87 31.19
CA GLU E 135 -39.42 39.14 31.27
C GLU E 135 -39.06 40.52 30.70
N ASN E 136 -39.57 40.82 29.51
CA ASN E 136 -39.29 42.10 28.87
C ASN E 136 -39.93 43.27 29.58
N TYR E 137 -41.09 43.06 30.18
CA TYR E 137 -41.73 44.13 30.92
C TYR E 137 -40.88 44.36 32.17
N VAL E 138 -40.28 43.28 32.69
CA VAL E 138 -39.43 43.39 33.89
C VAL E 138 -38.22 44.24 33.56
N ARG E 139 -37.61 44.00 32.40
CA ARG E 139 -36.45 44.76 31.97
C ARG E 139 -36.86 46.22 31.72
N GLN E 140 -38.04 46.39 31.12
CA GLN E 140 -38.56 47.71 30.79
C GLN E 140 -38.75 48.61 32.02
N LEU E 141 -39.10 48.01 33.15
CA LEU E 141 -39.28 48.80 34.37
C LEU E 141 -37.94 49.18 34.95
N GLY E 142 -36.88 48.60 34.41
CA GLY E 142 -35.55 48.91 34.88
C GLY E 142 -35.20 48.24 36.20
N LEU E 143 -35.94 47.20 36.57
CA LEU E 143 -35.68 46.48 37.82
C LEU E 143 -34.38 45.68 37.76
N PRO E 144 -33.53 45.81 38.79
CA PRO E 144 -32.28 45.04 38.77
C PRO E 144 -32.74 43.57 38.78
N SER E 145 -32.51 42.86 37.67
CA SER E 145 -33.00 41.50 37.55
C SER E 145 -32.21 40.47 36.78
N THR E 146 -32.59 39.21 37.02
CA THR E 146 -31.97 38.05 36.37
C THR E 146 -33.10 37.12 35.96
N PHE E 147 -32.91 36.38 34.88
CA PHE E 147 -33.94 35.49 34.37
C PHE E 147 -33.48 34.04 34.23
N VAL E 148 -34.06 33.16 35.04
CA VAL E 148 -33.70 31.76 35.01
C VAL E 148 -34.69 30.94 34.19
N TYR E 149 -34.16 30.01 33.40
CA TYR E 149 -34.96 29.12 32.55
C TYR E 149 -34.82 27.68 33.06
N ALA E 150 -35.88 27.16 33.66
CA ALA E 150 -35.83 25.82 34.22
C ALA E 150 -35.89 24.73 33.17
N GLY E 151 -35.12 23.68 33.41
CA GLY E 151 -35.11 22.56 32.51
C GLY E 151 -36.28 21.70 32.94
N ILE E 152 -36.41 20.53 32.32
CA ILE E 152 -37.51 19.62 32.64
C ILE E 152 -37.22 19.02 34.02
N TYR E 153 -38.21 19.05 34.92
CA TYR E 153 -38.03 18.52 36.27
C TYR E 153 -37.84 17.02 36.27
N ASN E 154 -36.85 16.55 37.01
CA ASN E 154 -36.58 15.12 37.11
C ASN E 154 -37.79 14.38 37.68
N ASN E 155 -38.49 14.99 38.63
CA ASN E 155 -39.61 14.30 39.23
C ASN E 155 -40.96 14.45 38.55
N ASN E 156 -40.97 14.83 37.27
CA ASN E 156 -42.22 14.90 36.53
C ASN E 156 -42.48 13.41 36.36
N PHE E 157 -41.39 12.65 36.37
CA PHE E 157 -41.46 11.20 36.20
C PHE E 157 -42.18 10.52 37.35
N THR E 158 -43.05 9.59 36.97
CA THR E 158 -43.85 8.82 37.90
C THR E 158 -44.39 7.70 37.04
N SER E 159 -44.81 6.61 37.68
CA SER E 159 -45.36 5.48 36.93
C SER E 159 -46.87 5.66 36.80
N LEU E 160 -47.42 6.59 37.56
CA LEU E 160 -48.86 6.88 37.49
C LEU E 160 -49.15 7.42 36.09
N PRO E 161 -50.38 7.23 35.61
CA PRO E 161 -50.85 7.66 34.29
C PRO E 161 -50.91 9.16 33.99
N TYR E 162 -49.91 9.92 34.42
CA TYR E 162 -49.89 11.35 34.13
C TYR E 162 -49.23 11.60 32.78
N PRO E 163 -49.75 12.55 31.99
CA PRO E 163 -49.27 12.92 30.66
C PRO E 163 -47.78 13.19 30.45
N LEU E 164 -47.30 12.78 29.28
CA LEU E 164 -45.94 13.03 28.85
C LEU E 164 -44.74 12.41 29.57
N PHE E 165 -44.72 12.45 30.89
CA PHE E 165 -43.57 11.89 31.63
C PHE E 165 -43.95 10.70 32.48
N GLN E 166 -44.47 9.66 31.85
CA GLN E 166 -44.82 8.47 32.61
C GLN E 166 -43.79 7.37 32.42
N MET E 167 -43.24 6.90 33.53
CA MET E 167 -42.26 5.83 33.47
C MET E 167 -43.12 4.61 33.79
N GLU E 168 -43.79 4.13 32.75
CA GLU E 168 -44.72 3.01 32.83
C GLU E 168 -44.08 1.69 33.23
N LEU E 169 -44.72 1.01 34.19
CA LEU E 169 -44.27 -0.29 34.66
C LEU E 169 -45.07 -1.31 33.87
N MET E 170 -44.40 -2.10 33.04
CA MET E 170 -45.08 -3.11 32.24
C MET E 170 -45.31 -4.37 33.07
N PRO E 171 -46.35 -5.16 32.74
CA PRO E 171 -46.65 -6.39 33.48
C PRO E 171 -45.45 -7.31 33.69
N ASP E 172 -44.52 -7.31 32.74
CA ASP E 172 -43.35 -8.17 32.86
C ASP E 172 -42.28 -7.61 33.80
N GLY E 173 -42.58 -6.49 34.45
CA GLY E 173 -41.64 -5.90 35.39
C GLY E 173 -40.72 -4.84 34.82
N THR E 174 -40.66 -4.73 33.50
CA THR E 174 -39.81 -3.73 32.86
C THR E 174 -40.51 -2.39 32.79
N PHE E 175 -39.73 -1.33 32.55
CA PHE E 175 -40.27 0.02 32.46
C PHE E 175 -40.18 0.56 31.03
N GLU E 176 -41.15 1.40 30.67
CA GLU E 176 -41.18 2.01 29.33
C GLU E 176 -41.67 3.44 29.38
N TRP E 177 -40.94 4.34 28.72
CA TRP E 177 -41.33 5.74 28.67
C TRP E 177 -41.67 6.15 27.24
N HIS E 178 -42.90 6.61 27.06
CA HIS E 178 -43.42 7.05 25.77
C HIS E 178 -43.58 8.58 25.70
N ALA E 179 -42.97 9.20 24.71
CA ALA E 179 -43.06 10.64 24.52
C ALA E 179 -42.75 11.02 23.07
N PRO E 180 -43.13 12.26 22.67
CA PRO E 180 -42.89 12.71 21.29
C PRO E 180 -41.43 13.07 21.00
N PHE E 181 -40.67 13.33 22.05
CA PHE E 181 -39.27 13.71 21.92
C PHE E 181 -38.45 12.69 21.12
N ASP E 182 -37.57 13.19 20.27
CA ASP E 182 -36.72 12.30 19.51
C ASP E 182 -35.93 11.51 20.54
N PRO E 183 -35.59 10.25 20.25
CA PRO E 183 -34.83 9.39 21.17
C PRO E 183 -33.38 9.78 21.46
N ASP E 184 -32.72 10.42 20.51
CA ASP E 184 -31.32 10.77 20.69
C ASP E 184 -30.97 12.27 20.82
N ILE E 185 -31.96 13.15 20.79
CA ILE E 185 -31.67 14.57 20.96
C ILE E 185 -31.72 14.89 22.46
N PRO E 186 -30.59 15.34 23.02
CA PRO E 186 -30.51 15.68 24.44
C PRO E 186 -31.46 16.81 24.86
N LEU E 187 -32.03 16.67 26.05
CA LEU E 187 -32.92 17.67 26.60
C LEU E 187 -32.28 18.12 27.91
N PRO E 188 -32.57 19.36 28.35
CA PRO E 188 -32.00 19.86 29.61
C PRO E 188 -32.86 19.43 30.80
N TRP E 189 -32.23 18.89 31.84
CA TRP E 189 -33.00 18.46 32.99
C TRP E 189 -32.66 19.24 34.25
N LEU E 190 -33.54 19.15 35.25
CA LEU E 190 -33.35 19.88 36.50
C LEU E 190 -34.07 19.23 37.67
N ASP E 191 -33.33 18.92 38.73
CA ASP E 191 -33.95 18.36 39.92
C ASP E 191 -34.36 19.56 40.76
N ALA E 192 -35.60 19.99 40.55
CA ALA E 192 -36.18 21.15 41.23
C ALA E 192 -35.94 21.23 42.73
N GLU E 193 -36.46 20.25 43.47
CA GLU E 193 -36.32 20.25 44.92
C GLU E 193 -34.90 20.37 45.41
N HIS E 194 -34.07 19.45 44.95
CA HIS E 194 -32.67 19.38 45.35
C HIS E 194 -31.83 20.56 44.89
N ASP E 195 -32.02 21.01 43.65
CA ASP E 195 -31.17 22.06 43.13
C ASP E 195 -31.62 23.49 42.84
N VAL E 196 -32.93 23.75 42.77
CA VAL E 196 -33.39 25.10 42.48
C VAL E 196 -33.08 26.08 43.62
N GLY E 197 -33.33 25.65 44.85
CA GLY E 197 -33.09 26.51 46.00
C GLY E 197 -31.63 26.90 46.11
N PRO E 198 -30.72 25.92 46.09
CA PRO E 198 -29.32 26.30 46.20
C PRO E 198 -28.84 27.20 45.06
N ALA E 199 -29.13 26.85 43.81
CA ALA E 199 -28.70 27.68 42.68
C ALA E 199 -29.18 29.12 42.84
N LEU E 200 -30.46 29.27 43.17
CA LEU E 200 -31.04 30.60 43.35
C LEU E 200 -30.32 31.39 44.43
N LEU E 201 -29.94 30.72 45.53
CA LEU E 201 -29.23 31.38 46.63
C LEU E 201 -27.89 31.96 46.16
N GLN E 202 -27.16 31.19 45.38
CA GLN E 202 -25.86 31.58 44.87
C GLN E 202 -26.00 32.80 43.97
N ILE E 203 -27.13 32.90 43.28
CA ILE E 203 -27.36 34.03 42.42
C ILE E 203 -27.56 35.27 43.29
N PHE E 204 -28.50 35.23 44.22
CA PHE E 204 -28.73 36.37 45.11
C PHE E 204 -27.43 36.69 45.84
N LYS E 205 -26.66 35.66 46.17
CA LYS E 205 -25.41 35.85 46.88
C LYS E 205 -24.42 36.59 45.98
N ASP E 206 -24.34 36.20 44.72
CA ASP E 206 -23.46 36.85 43.75
C ASP E 206 -23.90 38.29 43.55
N GLY E 207 -25.20 38.54 43.68
CA GLY E 207 -25.71 39.89 43.52
C GLY E 207 -26.06 40.35 42.12
N PRO E 208 -26.81 41.45 42.00
CA PRO E 208 -27.21 41.99 40.69
C PRO E 208 -26.03 42.43 39.85
N GLN E 209 -25.00 42.98 40.51
CA GLN E 209 -23.81 43.44 39.83
C GLN E 209 -23.21 42.36 38.90
N LYS E 210 -23.36 41.09 39.26
CA LYS E 210 -22.85 40.03 38.40
C LYS E 210 -23.89 39.44 37.46
N TRP E 211 -25.10 39.24 37.96
CA TRP E 211 -26.14 38.61 37.16
C TRP E 211 -27.23 39.51 36.57
N ASN E 212 -27.17 40.80 36.85
CA ASN E 212 -28.18 41.70 36.33
C ASN E 212 -28.21 41.57 34.81
N GLY E 213 -29.42 41.59 34.26
CA GLY E 213 -29.60 41.48 32.83
C GLY E 213 -29.23 40.15 32.19
N HIS E 214 -28.88 39.15 33.01
CA HIS E 214 -28.49 37.82 32.51
C HIS E 214 -29.59 36.79 32.43
N ARG E 215 -29.46 35.88 31.47
CA ARG E 215 -30.38 34.77 31.33
C ARG E 215 -29.53 33.59 31.75
N ILE E 216 -30.10 32.70 32.55
CA ILE E 216 -29.35 31.56 33.02
C ILE E 216 -30.18 30.31 32.87
N ALA E 217 -29.69 29.37 32.08
CA ALA E 217 -30.40 28.11 31.90
C ALA E 217 -30.27 27.34 33.22
N LEU E 218 -31.39 27.02 33.84
CA LEU E 218 -31.35 26.28 35.10
C LEU E 218 -31.45 24.78 34.84
N THR E 219 -30.40 24.25 34.23
CA THR E 219 -30.33 22.84 33.91
C THR E 219 -28.89 22.42 34.25
N PHE E 220 -28.76 21.31 34.99
CA PHE E 220 -27.45 20.84 35.40
C PHE E 220 -26.91 19.67 34.58
N GLU E 221 -27.79 19.00 33.83
CA GLU E 221 -27.35 17.89 32.98
C GLU E 221 -28.26 17.75 31.75
N THR E 222 -27.68 17.48 30.59
CA THR E 222 -28.46 17.30 29.38
C THR E 222 -28.42 15.83 28.99
N LEU E 223 -29.60 15.22 28.88
CA LEU E 223 -29.72 13.81 28.55
C LEU E 223 -30.76 13.55 27.46
N SER E 224 -30.51 12.54 26.63
CA SER E 224 -31.42 12.17 25.57
C SER E 224 -32.47 11.28 26.23
N PRO E 225 -33.65 11.17 25.61
CA PRO E 225 -34.68 10.32 26.21
C PRO E 225 -34.07 8.92 26.47
N VAL E 226 -33.32 8.42 25.49
CA VAL E 226 -32.65 7.12 25.65
C VAL E 226 -31.72 7.16 26.86
N GLN E 227 -30.88 8.19 26.94
CA GLN E 227 -29.95 8.32 28.08
C GLN E 227 -30.71 8.44 29.40
N VAL E 228 -31.90 9.03 29.35
CA VAL E 228 -32.71 9.16 30.55
C VAL E 228 -33.15 7.77 30.99
N CYS E 229 -33.57 6.98 30.02
CA CYS E 229 -34.01 5.63 30.33
C CYS E 229 -32.85 4.79 30.82
N ALA E 230 -31.66 5.03 30.25
CA ALA E 230 -30.50 4.28 30.69
C ALA E 230 -30.21 4.57 32.16
N ALA E 231 -30.19 5.85 32.54
CA ALA E 231 -29.93 6.21 33.93
C ALA E 231 -30.93 5.51 34.83
N PHE E 232 -32.20 5.54 34.43
CA PHE E 232 -33.25 4.88 35.21
C PHE E 232 -32.93 3.38 35.25
N SER E 233 -32.42 2.88 34.13
CA SER E 233 -32.08 1.47 34.03
C SER E 233 -31.06 1.02 35.07
N ARG E 234 -29.87 1.60 35.05
CA ARG E 234 -28.85 1.22 36.02
C ARG E 234 -29.18 1.66 37.45
N ALA E 235 -30.25 2.42 37.60
CA ALA E 235 -30.61 2.89 38.93
C ALA E 235 -31.66 2.01 39.56
N LEU E 236 -32.26 1.11 38.77
CA LEU E 236 -33.31 0.24 39.28
C LEU E 236 -33.08 -1.22 38.94
N ASN E 237 -32.00 -1.50 38.21
CA ASN E 237 -31.69 -2.86 37.78
C ASN E 237 -32.91 -3.43 37.07
N ARG E 238 -33.43 -2.66 36.12
CA ARG E 238 -34.60 -3.06 35.35
C ARG E 238 -34.51 -2.55 33.93
N ARG E 239 -35.15 -3.26 33.00
CA ARG E 239 -35.12 -2.83 31.61
C ARG E 239 -36.00 -1.60 31.47
N VAL E 240 -35.42 -0.54 30.94
CA VAL E 240 -36.15 0.71 30.73
C VAL E 240 -35.96 1.05 29.25
N THR E 241 -37.07 1.17 28.53
CA THR E 241 -36.97 1.47 27.11
C THR E 241 -37.72 2.73 26.70
N TYR E 242 -37.18 3.43 25.71
CA TYR E 242 -37.84 4.64 25.24
C TYR E 242 -38.47 4.45 23.87
N VAL E 243 -39.73 4.86 23.74
CA VAL E 243 -40.43 4.75 22.47
C VAL E 243 -41.04 6.09 22.08
N GLN E 244 -40.57 6.63 20.96
CA GLN E 244 -41.08 7.90 20.44
C GLN E 244 -42.45 7.73 19.81
N VAL E 245 -43.39 8.56 20.25
CA VAL E 245 -44.75 8.51 19.74
C VAL E 245 -45.20 9.88 19.21
N PRO E 246 -45.95 9.90 18.09
CA PRO E 246 -46.44 11.13 17.47
C PRO E 246 -47.18 12.07 18.41
N LYS E 247 -48.10 11.52 19.20
CA LYS E 247 -48.86 12.36 20.13
C LYS E 247 -48.61 12.01 21.60
N VAL E 248 -48.78 13.01 22.46
CA VAL E 248 -48.63 12.81 23.89
C VAL E 248 -49.78 11.89 24.25
N GLU E 249 -49.48 10.79 24.91
CA GLU E 249 -50.51 9.84 25.32
C GLU E 249 -51.23 10.40 26.54
N ILE E 250 -52.47 10.83 26.35
CA ILE E 250 -53.27 11.38 27.44
C ILE E 250 -54.16 10.26 27.99
N LYS E 251 -53.69 9.60 29.04
CA LYS E 251 -54.40 8.49 29.65
C LYS E 251 -55.24 8.91 30.84
N VAL E 252 -55.48 10.21 30.97
CA VAL E 252 -56.27 10.72 32.08
C VAL E 252 -56.92 12.05 31.71
N ASN E 253 -57.94 12.46 32.44
CA ASN E 253 -58.62 13.72 32.14
C ASN E 253 -57.82 14.95 32.59
N ILE E 254 -57.66 15.90 31.69
CA ILE E 254 -56.89 17.11 31.95
C ILE E 254 -57.60 18.39 31.55
N PRO E 255 -57.26 19.51 32.20
CA PRO E 255 -57.89 20.80 31.88
C PRO E 255 -57.59 21.10 30.41
N VAL E 256 -58.56 21.71 29.71
CA VAL E 256 -58.37 22.02 28.30
C VAL E 256 -57.08 22.81 28.11
N GLY E 257 -56.73 23.61 29.11
CA GLY E 257 -55.53 24.42 29.06
C GLY E 257 -54.26 23.59 29.01
N TYR E 258 -54.21 22.53 29.81
CA TYR E 258 -53.02 21.68 29.83
C TYR E 258 -52.91 20.83 28.57
N ARG E 259 -54.05 20.45 28.00
CA ARG E 259 -54.08 19.65 26.78
C ARG E 259 -53.47 20.42 25.62
N GLU E 260 -53.78 21.70 25.53
CA GLU E 260 -53.25 22.54 24.45
C GLU E 260 -51.76 22.73 24.66
N GLN E 261 -51.33 22.68 25.91
CA GLN E 261 -49.91 22.81 26.24
C GLN E 261 -49.23 21.56 25.71
N LEU E 262 -49.88 20.41 25.90
CA LEU E 262 -49.32 19.15 25.42
C LEU E 262 -49.37 19.08 23.90
N GLU E 263 -50.45 19.59 23.32
CA GLU E 263 -50.60 19.58 21.86
C GLU E 263 -49.51 20.37 21.18
N ALA E 264 -49.13 21.51 21.77
CA ALA E 264 -48.07 22.32 21.19
C ALA E 264 -46.72 21.63 21.35
N ILE E 265 -46.55 20.96 22.48
CA ILE E 265 -45.32 20.24 22.74
C ILE E 265 -45.09 19.19 21.66
N GLU E 266 -46.12 18.42 21.32
CA GLU E 266 -45.97 17.39 20.30
C GLU E 266 -45.64 17.98 18.93
N VAL E 267 -46.09 19.22 18.68
CA VAL E 267 -45.82 19.87 17.41
C VAL E 267 -44.38 20.38 17.41
N VAL E 268 -43.97 20.97 18.53
CA VAL E 268 -42.63 21.54 18.67
C VAL E 268 -41.49 20.53 18.76
N PHE E 269 -41.65 19.54 19.63
CA PHE E 269 -40.62 18.53 19.82
C PHE E 269 -40.88 17.27 19.02
N GLY E 270 -42.15 16.99 18.76
CA GLY E 270 -42.51 15.80 18.02
C GLY E 270 -42.26 15.92 16.53
N GLU E 271 -42.90 16.90 15.90
CA GLU E 271 -42.77 17.12 14.45
C GLU E 271 -41.50 17.82 14.02
N HIS E 272 -41.26 18.99 14.61
CA HIS E 272 -40.12 19.83 14.25
C HIS E 272 -38.76 19.53 14.88
N LYS E 273 -38.75 18.86 16.02
CA LYS E 273 -37.49 18.54 16.69
C LYS E 273 -36.70 19.80 17.07
N ALA E 274 -37.42 20.81 17.57
CA ALA E 274 -36.80 22.07 17.97
C ALA E 274 -36.17 21.96 19.35
N PRO E 275 -35.14 22.78 19.63
CA PRO E 275 -34.51 22.72 20.95
C PRO E 275 -35.46 23.18 22.05
N TYR E 276 -35.19 22.75 23.28
CA TYR E 276 -36.01 23.11 24.41
C TYR E 276 -35.77 24.59 24.71
N PHE E 277 -34.52 25.01 24.55
CA PHE E 277 -34.12 26.40 24.77
C PHE E 277 -33.56 26.91 23.45
N PRO E 278 -34.44 27.27 22.49
CA PRO E 278 -34.06 27.77 21.17
C PRO E 278 -33.43 29.16 21.15
N LEU E 279 -32.84 29.60 22.26
CA LEU E 279 -32.21 30.92 22.29
C LEU E 279 -30.73 30.82 21.96
N PRO E 280 -30.20 31.85 21.28
CA PRO E 280 -28.78 31.89 20.90
C PRO E 280 -27.82 31.58 22.04
N GLU E 281 -28.05 32.17 23.21
CA GLU E 281 -27.15 31.92 24.33
C GLU E 281 -27.18 30.51 24.89
N PHE E 282 -28.21 29.73 24.54
CA PHE E 282 -28.32 28.36 25.04
C PHE E 282 -28.14 27.30 23.94
N SER E 283 -27.77 27.74 22.74
CA SER E 283 -27.57 26.83 21.61
C SER E 283 -26.13 26.88 21.08
N ARG E 316 -21.24 24.16 27.01
CA ARG E 316 -22.62 23.67 27.01
C ARG E 316 -23.54 24.46 27.95
N VAL E 317 -24.84 24.38 27.67
CA VAL E 317 -25.88 25.06 28.43
C VAL E 317 -25.80 24.87 29.94
N THR E 318 -25.19 23.77 30.38
CA THR E 318 -25.09 23.49 31.81
C THR E 318 -23.88 24.11 32.50
N ASP E 319 -23.10 24.90 31.78
CA ASP E 319 -21.92 25.50 32.42
C ASP E 319 -22.18 26.54 33.51
N GLU E 320 -23.08 27.51 33.29
CA GLU E 320 -23.33 28.52 34.31
C GLU E 320 -23.97 27.98 35.58
N ALA E 321 -24.93 27.07 35.42
CA ALA E 321 -25.63 26.48 36.54
C ALA E 321 -24.68 25.65 37.39
N ARG E 322 -23.87 24.81 36.75
CA ARG E 322 -22.92 23.97 37.47
C ARG E 322 -21.92 24.82 38.26
N LYS E 323 -21.46 25.91 37.68
CA LYS E 323 -20.51 26.77 38.37
C LYS E 323 -21.20 27.45 39.55
N LEU E 324 -22.49 27.75 39.40
CA LEU E 324 -23.25 28.38 40.47
C LEU E 324 -23.53 27.43 41.63
N TRP E 325 -23.66 26.14 41.34
CA TRP E 325 -23.98 25.15 42.35
C TRP E 325 -23.56 23.79 41.82
N SER E 326 -22.54 23.20 42.45
CA SER E 326 -22.01 21.92 42.01
C SER E 326 -22.52 20.67 42.73
N GLY E 327 -23.38 20.85 43.73
CA GLY E 327 -23.91 19.71 44.46
C GLY E 327 -25.28 19.26 43.94
N TRP E 328 -25.51 19.40 42.64
CA TRP E 328 -26.77 19.02 42.04
C TRP E 328 -26.99 17.50 41.98
N ARG E 329 -28.26 17.10 41.89
CA ARG E 329 -28.63 15.69 41.80
C ARG E 329 -28.96 15.30 40.37
N ASP E 330 -28.16 14.40 39.79
CA ASP E 330 -28.39 13.96 38.42
C ASP E 330 -29.50 12.92 38.35
N MET E 331 -30.03 12.69 37.16
CA MET E 331 -31.13 11.73 36.95
C MET E 331 -30.93 10.35 37.58
N GLU E 332 -29.73 9.78 37.49
CA GLU E 332 -29.46 8.45 38.05
C GLU E 332 -29.69 8.43 39.56
N GLU E 333 -29.24 9.48 40.23
CA GLU E 333 -29.41 9.59 41.68
C GLU E 333 -30.89 9.80 41.98
N TYR E 334 -31.55 10.62 41.16
CA TYR E 334 -32.97 10.88 41.38
C TYR E 334 -33.79 9.61 41.23
N ALA E 335 -33.52 8.87 40.16
CA ALA E 335 -34.25 7.63 39.87
C ALA E 335 -33.96 6.53 40.86
N ARG E 336 -32.74 6.48 41.36
CA ARG E 336 -32.33 5.45 42.30
C ARG E 336 -32.48 5.82 43.77
N GLU E 337 -32.56 7.12 44.10
CA GLU E 337 -32.68 7.55 45.50
C GLU E 337 -33.96 8.29 45.83
N VAL E 338 -34.65 8.80 44.82
CA VAL E 338 -35.88 9.55 45.07
C VAL E 338 -37.10 8.91 44.42
N PHE E 339 -36.97 8.55 43.15
CA PHE E 339 -38.07 7.94 42.40
C PHE E 339 -38.79 6.83 43.17
N PRO E 340 -38.04 5.84 43.70
CA PRO E 340 -38.68 4.74 44.45
C PRO E 340 -39.51 5.24 45.62
N ILE E 341 -39.09 6.35 46.23
CA ILE E 341 -39.79 6.93 47.36
C ILE E 341 -41.06 7.66 46.94
N GLU E 342 -40.93 8.54 45.96
CA GLU E 342 -42.09 9.29 45.46
C GLU E 342 -43.15 8.30 45.03
N GLU E 343 -42.71 7.21 44.40
CA GLU E 343 -43.61 6.18 43.94
C GLU E 343 -44.36 5.58 45.12
N GLU E 344 -43.61 5.14 46.13
CA GLU E 344 -44.21 4.55 47.31
C GLU E 344 -45.25 5.47 47.93
N ALA E 345 -44.88 6.73 48.16
CA ALA E 345 -45.78 7.71 48.74
C ALA E 345 -47.05 7.89 47.92
N ASN E 346 -46.99 7.52 46.64
CA ASN E 346 -48.15 7.63 45.76
C ASN E 346 -48.92 6.32 45.70
N GLY E 347 -48.43 5.31 46.42
CA GLY E 347 -49.12 4.04 46.45
C GLY E 347 -48.29 2.84 46.04
N LEU E 348 -47.93 2.79 44.76
CA LEU E 348 -47.15 1.68 44.21
C LEU E 348 -46.23 0.96 45.19
N ASP E 349 -46.04 -0.34 44.96
CA ASP E 349 -45.20 -1.16 45.81
C ASP E 349 -44.21 -1.98 45.01
N TRP E 350 -44.17 -1.73 43.70
CA TRP E 350 -43.28 -2.45 42.81
C TRP E 350 -41.83 -2.38 43.29
N MET E 351 -41.55 -1.50 44.24
CA MET E 351 -40.20 -1.35 44.75
C MET E 351 -39.97 -2.17 46.02
N LEU E 352 -41.05 -2.39 46.77
CA LEU E 352 -40.98 -3.16 48.01
C LEU E 352 -40.63 -4.62 47.75
N GLN F 3 1.73 -50.63 49.62
CA GLN F 3 1.02 -49.80 48.62
C GLN F 3 0.51 -48.50 49.25
N GLN F 4 -0.11 -48.61 50.43
CA GLN F 4 -0.60 -47.43 51.11
C GLN F 4 0.64 -46.70 51.65
N LYS F 5 0.53 -45.38 51.82
CA LYS F 5 1.65 -44.58 52.33
C LYS F 5 1.65 -44.57 53.85
N LYS F 6 2.52 -45.39 54.43
CA LYS F 6 2.62 -45.53 55.87
C LYS F 6 3.34 -44.40 56.61
N THR F 7 3.14 -44.33 57.92
CA THR F 7 3.78 -43.30 58.74
C THR F 7 5.21 -43.70 59.07
N ILE F 8 6.16 -42.78 58.87
CA ILE F 8 7.56 -43.07 59.12
C ILE F 8 8.11 -42.28 60.28
N ALA F 9 8.87 -42.96 61.13
CA ALA F 9 9.51 -42.34 62.28
C ALA F 9 11.02 -42.23 61.95
N VAL F 10 11.59 -41.06 62.19
CA VAL F 10 13.00 -40.84 61.93
C VAL F 10 13.58 -39.93 62.99
N VAL F 11 14.86 -40.13 63.29
CA VAL F 11 15.57 -39.31 64.29
C VAL F 11 16.60 -38.48 63.56
N ASN F 12 17.16 -37.48 64.24
CA ASN F 12 18.19 -36.66 63.65
C ASN F 12 17.72 -36.18 62.28
N ALA F 13 16.53 -35.59 62.26
CA ALA F 13 15.88 -35.11 61.04
C ALA F 13 16.65 -34.08 60.19
N THR F 14 17.55 -33.31 60.78
CA THR F 14 18.30 -32.33 60.01
C THR F 14 19.53 -32.98 59.39
N GLY F 15 19.71 -34.27 59.68
CA GLY F 15 20.83 -34.99 59.12
C GLY F 15 20.55 -35.24 57.65
N ARG F 16 21.60 -35.27 56.84
CA ARG F 16 21.47 -35.48 55.39
C ARG F 16 20.71 -36.74 54.98
N GLN F 17 21.00 -37.87 55.62
CA GLN F 17 20.29 -39.10 55.28
C GLN F 17 18.80 -38.95 55.57
N ALA F 18 18.48 -38.54 56.79
CA ALA F 18 17.09 -38.36 57.22
C ALA F 18 16.33 -37.30 56.42
N ALA F 19 16.96 -36.13 56.25
CA ALA F 19 16.31 -35.04 55.52
C ALA F 19 15.99 -35.42 54.09
N SER F 20 16.85 -36.22 53.47
CA SER F 20 16.63 -36.65 52.09
C SER F 20 15.39 -37.54 52.05
N LEU F 21 15.23 -38.37 53.08
CA LEU F 21 14.07 -39.25 53.13
C LEU F 21 12.82 -38.46 53.46
N ILE F 22 12.93 -37.58 54.46
CA ILE F 22 11.79 -36.79 54.88
C ILE F 22 11.16 -36.01 53.74
N ARG F 23 11.97 -35.29 52.98
CA ARG F 23 11.44 -34.49 51.88
C ARG F 23 10.71 -35.36 50.89
N VAL F 24 11.39 -36.39 50.41
CA VAL F 24 10.80 -37.28 49.43
C VAL F 24 9.63 -38.09 49.97
N ALA F 25 9.66 -38.48 51.24
CA ALA F 25 8.58 -39.27 51.80
C ALA F 25 7.33 -38.41 52.03
N ALA F 26 7.52 -37.24 52.62
CA ALA F 26 6.38 -36.38 52.87
C ALA F 26 5.75 -35.97 51.54
N ALA F 27 6.58 -35.81 50.52
CA ALA F 27 6.11 -35.39 49.20
C ALA F 27 5.20 -36.40 48.53
N VAL F 28 5.52 -37.68 48.68
CA VAL F 28 4.70 -38.70 48.04
C VAL F 28 3.43 -39.05 48.82
N GLY F 29 3.36 -38.64 50.09
CA GLY F 29 2.15 -38.92 50.86
C GLY F 29 2.30 -39.63 52.20
N HIS F 30 3.53 -39.90 52.59
CA HIS F 30 3.76 -40.55 53.87
C HIS F 30 3.73 -39.48 54.95
N HIS F 31 3.27 -39.84 56.14
CA HIS F 31 3.28 -38.90 57.26
C HIS F 31 4.61 -39.16 57.94
N VAL F 32 5.26 -38.11 58.42
CA VAL F 32 6.54 -38.28 59.09
C VAL F 32 6.55 -37.74 60.51
N ARG F 33 7.15 -38.53 61.41
CA ARG F 33 7.32 -38.17 62.82
C ARG F 33 8.85 -38.12 62.97
N ALA F 34 9.39 -36.96 63.28
CA ALA F 34 10.84 -36.84 63.36
C ALA F 34 11.41 -36.10 64.57
N GLN F 35 12.48 -36.66 65.11
CA GLN F 35 13.15 -36.07 66.24
C GLN F 35 14.23 -35.15 65.72
N VAL F 36 14.30 -33.95 66.28
CA VAL F 36 15.28 -32.96 65.92
C VAL F 36 15.89 -32.42 67.19
N HIS F 37 17.20 -32.25 67.17
CA HIS F 37 17.95 -31.73 68.31
C HIS F 37 17.46 -30.32 68.62
N SER F 38 17.15 -29.55 67.59
CA SER F 38 16.68 -28.19 67.76
C SER F 38 15.85 -27.70 66.58
N LEU F 39 14.91 -26.80 66.83
CA LEU F 39 14.07 -26.24 65.79
C LEU F 39 14.77 -25.05 65.14
N LYS F 40 15.89 -24.65 65.72
CA LYS F 40 16.65 -23.52 65.19
C LYS F 40 17.64 -24.02 64.16
N GLY F 41 17.49 -23.57 62.92
CA GLY F 41 18.40 -24.00 61.88
C GLY F 41 17.81 -23.89 60.48
N LEU F 42 18.69 -23.79 59.49
CA LEU F 42 18.27 -23.69 58.11
C LEU F 42 17.46 -24.92 57.71
N ILE F 43 18.03 -26.11 57.92
CA ILE F 43 17.33 -27.34 57.57
C ILE F 43 16.12 -27.57 58.47
N ALA F 44 16.30 -27.30 59.76
CA ALA F 44 15.25 -27.47 60.74
C ALA F 44 13.99 -26.72 60.32
N GLU F 45 14.14 -25.44 59.98
CA GLU F 45 13.01 -24.63 59.56
C GLU F 45 12.38 -25.22 58.30
N GLU F 46 13.23 -25.69 57.39
CA GLU F 46 12.77 -26.27 56.14
C GLU F 46 11.81 -27.44 56.37
N LEU F 47 12.19 -28.36 57.26
CA LEU F 47 11.36 -29.52 57.55
C LEU F 47 10.07 -29.11 58.24
N GLN F 48 10.16 -28.04 59.03
CA GLN F 48 9.02 -27.52 59.77
C GLN F 48 7.92 -27.15 58.81
N ALA F 49 8.32 -26.54 57.69
CA ALA F 49 7.39 -26.11 56.67
C ALA F 49 6.72 -27.24 55.89
N ILE F 50 7.37 -28.41 55.79
CA ILE F 50 6.76 -29.52 55.06
C ILE F 50 5.47 -29.97 55.75
N PRO F 51 4.35 -29.88 55.03
CA PRO F 51 2.98 -30.24 55.44
C PRO F 51 2.71 -31.42 56.38
N ASN F 52 3.07 -32.64 55.99
CA ASN F 52 2.78 -33.77 56.87
C ASN F 52 3.92 -34.24 57.78
N VAL F 53 4.81 -33.34 58.16
CA VAL F 53 5.90 -33.70 59.03
C VAL F 53 5.70 -33.16 60.44
N THR F 54 5.67 -34.06 61.41
CA THR F 54 5.52 -33.69 62.81
C THR F 54 6.86 -33.83 63.51
N LEU F 55 7.33 -32.74 64.10
CA LEU F 55 8.61 -32.73 64.80
C LEU F 55 8.43 -32.82 66.31
N PHE F 56 9.47 -33.30 66.97
CA PHE F 56 9.51 -33.46 68.42
C PHE F 56 10.90 -33.04 68.82
N GLN F 57 10.99 -31.88 69.44
CA GLN F 57 12.28 -31.32 69.85
C GLN F 57 12.76 -31.89 71.18
N GLY F 58 13.92 -32.53 71.15
CA GLY F 58 14.47 -33.11 72.36
C GLY F 58 15.67 -33.99 72.07
N PRO F 59 16.42 -34.37 73.11
CA PRO F 59 17.60 -35.21 72.94
C PRO F 59 17.22 -36.70 72.95
N LEU F 60 18.06 -37.53 72.36
CA LEU F 60 17.80 -38.97 72.33
C LEU F 60 18.32 -39.66 73.59
N LEU F 61 19.55 -39.32 73.97
CA LEU F 61 20.21 -39.89 75.13
C LEU F 61 19.38 -39.87 76.41
N ASN F 62 19.07 -41.05 76.95
CA ASN F 62 18.31 -41.14 78.20
C ASN F 62 16.91 -40.53 78.08
N ASN F 63 16.36 -40.51 76.88
CA ASN F 63 15.04 -39.88 76.70
C ASN F 63 14.02 -40.82 76.06
N VAL F 64 13.66 -41.88 76.79
CA VAL F 64 12.69 -42.85 76.31
C VAL F 64 11.31 -42.26 76.02
N PRO F 65 10.85 -41.30 76.84
CA PRO F 65 9.53 -40.72 76.58
C PRO F 65 9.39 -40.16 75.18
N LEU F 66 10.46 -39.60 74.66
CA LEU F 66 10.44 -39.04 73.31
C LEU F 66 10.37 -40.19 72.30
N MET F 67 11.20 -41.21 72.51
CA MET F 67 11.22 -42.37 71.62
C MET F 67 9.87 -43.07 71.52
N ASP F 68 9.12 -43.10 72.63
CA ASP F 68 7.82 -43.75 72.61
C ASP F 68 6.81 -42.96 71.77
N THR F 69 6.82 -41.64 71.94
CA THR F 69 5.91 -40.78 71.20
C THR F 69 6.24 -40.90 69.72
N LEU F 70 7.54 -40.98 69.43
CA LEU F 70 8.04 -41.08 68.06
C LEU F 70 7.46 -42.26 67.27
N PHE F 71 7.43 -43.42 67.92
CA PHE F 71 6.92 -44.64 67.30
C PHE F 71 5.41 -44.85 67.38
N GLU F 72 4.71 -43.98 68.10
CA GLU F 72 3.26 -44.06 68.22
C GLU F 72 2.62 -44.01 66.84
N GLY F 73 1.92 -45.07 66.45
CA GLY F 73 1.27 -45.07 65.16
C GLY F 73 2.19 -45.25 63.96
N ALA F 74 3.48 -45.45 64.22
CA ALA F 74 4.45 -45.61 63.15
C ALA F 74 4.49 -47.05 62.62
N HIS F 75 4.54 -47.20 61.30
CA HIS F 75 4.58 -48.53 60.67
C HIS F 75 5.96 -48.74 60.04
N LEU F 76 6.68 -47.64 59.86
CA LEU F 76 8.00 -47.68 59.27
C LEU F 76 8.90 -46.74 60.04
N ALA F 77 10.20 -47.00 59.94
CA ALA F 77 11.17 -46.15 60.60
C ALA F 77 12.50 -46.23 59.89
N PHE F 78 13.19 -45.09 59.85
CA PHE F 78 14.52 -45.00 59.26
C PHE F 78 15.33 -44.34 60.37
N ILE F 79 16.30 -45.08 60.87
CA ILE F 79 17.12 -44.61 61.97
C ILE F 79 18.59 -44.47 61.63
N ASN F 80 19.10 -43.27 61.85
CA ASN F 80 20.50 -42.97 61.64
C ASN F 80 20.90 -42.00 62.75
N THR F 81 21.62 -42.50 63.75
CA THR F 81 22.06 -41.67 64.87
C THR F 81 23.39 -40.98 64.60
N THR F 82 23.75 -40.06 65.48
CA THR F 82 24.99 -39.29 65.38
C THR F 82 25.73 -39.31 66.71
N SER F 83 27.05 -39.50 66.63
CA SER F 83 27.89 -39.53 67.83
C SER F 83 27.77 -38.21 68.60
N GLN F 84 27.37 -37.15 67.90
CA GLN F 84 27.21 -35.84 68.52
C GLN F 84 26.14 -35.92 69.62
N ALA F 85 25.08 -36.68 69.35
CA ALA F 85 23.98 -36.82 70.30
C ALA F 85 24.33 -37.59 71.57
N GLY F 86 25.49 -38.26 71.56
CA GLY F 86 25.90 -39.02 72.73
C GLY F 86 26.14 -40.49 72.43
N ASP F 87 26.27 -41.30 73.48
CA ASP F 87 26.52 -42.74 73.33
C ASP F 87 25.56 -43.36 72.32
N GLU F 88 26.09 -43.75 71.16
CA GLU F 88 25.29 -44.32 70.09
C GLU F 88 24.71 -45.72 70.33
N ILE F 89 25.39 -46.52 71.12
CA ILE F 89 24.88 -47.86 71.40
C ILE F 89 23.67 -47.76 72.33
N ALA F 90 23.78 -46.94 73.37
CA ALA F 90 22.67 -46.76 74.31
C ALA F 90 21.46 -46.18 73.59
N ILE F 91 21.68 -45.09 72.85
CA ILE F 91 20.60 -44.46 72.08
C ILE F 91 20.04 -45.49 71.09
N GLY F 92 20.94 -46.16 70.36
CA GLY F 92 20.52 -47.17 69.40
C GLY F 92 19.66 -48.29 69.97
N LYS F 93 20.03 -48.78 71.15
CA LYS F 93 19.27 -49.85 71.79
C LYS F 93 17.93 -49.34 72.32
N ASP F 94 17.95 -48.18 72.98
CA ASP F 94 16.72 -47.62 73.51
C ASP F 94 15.71 -47.42 72.36
N LEU F 95 16.19 -46.91 71.22
CA LEU F 95 15.32 -46.72 70.06
C LEU F 95 14.74 -48.07 69.61
N ALA F 96 15.59 -49.09 69.55
CA ALA F 96 15.13 -50.42 69.13
C ALA F 96 14.03 -50.93 70.05
N ASP F 97 14.28 -50.85 71.36
CA ASP F 97 13.29 -51.30 72.35
C ASP F 97 11.98 -50.55 72.21
N ALA F 98 12.06 -49.23 72.07
CA ALA F 98 10.86 -48.40 71.95
C ALA F 98 10.08 -48.81 70.72
N ALA F 99 10.80 -49.15 69.65
CA ALA F 99 10.15 -49.55 68.42
C ALA F 99 9.43 -50.88 68.64
N LYS F 100 10.09 -51.81 69.32
CA LYS F 100 9.48 -53.10 69.58
C LYS F 100 8.24 -52.90 70.45
N ARG F 101 8.36 -52.06 71.47
CA ARG F 101 7.25 -51.77 72.37
C ARG F 101 6.01 -51.23 71.64
N ALA F 102 6.22 -50.33 70.67
CA ALA F 102 5.11 -49.76 69.93
C ALA F 102 4.30 -50.87 69.28
N GLY F 103 4.99 -51.94 68.90
CA GLY F 103 4.34 -53.09 68.28
C GLY F 103 3.75 -52.90 66.90
N THR F 104 3.87 -51.71 66.32
CA THR F 104 3.30 -51.46 64.99
C THR F 104 4.32 -51.29 63.86
N ILE F 105 5.61 -51.32 64.18
CA ILE F 105 6.65 -51.17 63.17
C ILE F 105 6.76 -52.43 62.31
N GLN F 106 6.56 -52.28 61.01
CA GLN F 106 6.61 -53.39 60.05
C GLN F 106 7.95 -53.46 59.32
N HIS F 107 8.67 -52.34 59.30
CA HIS F 107 9.97 -52.31 58.65
C HIS F 107 10.82 -51.24 59.32
N TYR F 108 11.88 -51.67 59.97
CA TYR F 108 12.77 -50.80 60.70
C TYR F 108 14.16 -50.73 60.02
N ILE F 109 14.40 -49.66 59.27
CA ILE F 109 15.67 -49.50 58.59
C ILE F 109 16.67 -48.79 59.48
N TYR F 110 17.81 -49.42 59.70
CA TYR F 110 18.85 -48.85 60.54
C TYR F 110 20.09 -48.58 59.71
N SER F 111 20.56 -47.34 59.71
CA SER F 111 21.75 -46.98 58.94
C SER F 111 22.95 -47.50 59.73
N SER F 112 23.64 -48.47 59.17
CA SER F 112 24.79 -49.05 59.86
C SER F 112 26.14 -48.82 59.17
N MET F 113 27.20 -49.00 59.94
CA MET F 113 28.58 -48.84 59.46
C MET F 113 29.43 -49.97 60.02
N PRO F 114 30.51 -50.32 59.31
CA PRO F 114 31.42 -51.40 59.71
C PRO F 114 32.28 -51.14 60.92
N ASP F 115 32.73 -52.23 61.53
CA ASP F 115 33.67 -52.16 62.66
C ASP F 115 34.91 -52.80 62.03
N HIS F 116 35.86 -51.99 61.62
CA HIS F 116 37.08 -52.49 60.99
C HIS F 116 37.91 -53.47 61.80
N SER F 117 37.85 -53.37 63.14
CA SER F 117 38.62 -54.25 64.00
C SER F 117 38.21 -55.72 63.89
N LEU F 118 37.20 -56.01 63.08
CA LEU F 118 36.73 -57.38 62.94
C LEU F 118 37.21 -58.02 61.64
N TYR F 119 38.00 -57.31 60.85
CA TYR F 119 38.43 -57.86 59.57
C TYR F 119 39.92 -57.79 59.26
N GLY F 120 40.69 -57.19 60.16
CA GLY F 120 42.11 -57.08 59.93
C GLY F 120 42.76 -56.31 61.05
N PRO F 121 44.10 -56.24 61.08
CA PRO F 121 44.87 -55.53 62.11
C PRO F 121 44.67 -54.02 61.97
N TRP F 122 43.41 -53.60 62.03
CA TRP F 122 43.07 -52.19 61.91
C TRP F 122 42.22 -51.78 63.11
N PRO F 123 42.24 -50.49 63.45
CA PRO F 123 41.46 -49.98 64.58
C PRO F 123 40.00 -49.73 64.19
N ALA F 124 39.12 -49.74 65.18
CA ALA F 124 37.71 -49.48 64.92
C ALA F 124 37.58 -47.98 64.69
N VAL F 125 36.81 -47.59 63.68
CA VAL F 125 36.61 -46.19 63.40
C VAL F 125 35.51 -45.73 64.36
N PRO F 126 35.88 -44.97 65.40
CA PRO F 126 35.07 -44.40 66.48
C PRO F 126 33.61 -44.05 66.22
N MET F 127 33.33 -43.40 65.09
CA MET F 127 31.96 -43.02 64.75
C MET F 127 31.27 -44.03 63.86
N TRP F 128 31.95 -45.14 63.58
CA TRP F 128 31.39 -46.19 62.72
C TRP F 128 31.08 -47.49 63.47
N ALA F 129 32.10 -48.08 64.07
CA ALA F 129 31.98 -49.34 64.80
C ALA F 129 30.76 -49.46 65.72
N PRO F 130 30.47 -48.44 66.53
CA PRO F 130 29.32 -48.48 67.43
C PRO F 130 28.01 -48.88 66.78
N LYS F 131 27.77 -48.39 65.57
CA LYS F 131 26.54 -48.70 64.84
C LYS F 131 26.36 -50.20 64.58
N PHE F 132 27.46 -50.89 64.31
CA PHE F 132 27.43 -52.33 64.04
C PHE F 132 26.86 -53.09 65.24
N THR F 133 27.18 -52.62 66.44
CA THR F 133 26.69 -53.24 67.66
C THR F 133 25.18 -53.02 67.80
N VAL F 134 24.71 -51.85 67.36
CA VAL F 134 23.29 -51.52 67.41
C VAL F 134 22.53 -52.41 66.44
N GLU F 135 23.14 -52.67 65.28
CA GLU F 135 22.54 -53.51 64.26
C GLU F 135 22.27 -54.90 64.82
N ASN F 136 23.29 -55.50 65.41
CA ASN F 136 23.16 -56.82 65.97
C ASN F 136 21.96 -56.88 66.91
N TYR F 137 21.87 -55.90 67.81
CA TYR F 137 20.79 -55.81 68.79
C TYR F 137 19.44 -55.67 68.10
N VAL F 138 19.40 -54.91 67.00
CA VAL F 138 18.16 -54.77 66.27
C VAL F 138 17.75 -56.16 65.81
N ARG F 139 18.72 -56.94 65.32
CA ARG F 139 18.47 -58.30 64.85
C ARG F 139 17.99 -59.17 66.01
N GLN F 140 18.67 -59.02 67.14
CA GLN F 140 18.36 -59.77 68.34
C GLN F 140 16.89 -59.59 68.75
N LEU F 141 16.37 -58.38 68.59
CA LEU F 141 15.00 -58.11 68.97
C LEU F 141 13.97 -58.70 68.02
N GLY F 142 14.44 -59.17 66.86
CA GLY F 142 13.53 -59.75 65.91
C GLY F 142 12.74 -58.69 65.16
N LEU F 143 13.18 -57.45 65.23
CA LEU F 143 12.47 -56.39 64.50
C LEU F 143 12.60 -56.61 63.00
N PRO F 144 11.46 -56.59 62.26
CA PRO F 144 11.59 -56.78 60.81
C PRO F 144 12.46 -55.59 60.40
N SER F 145 13.63 -55.89 59.86
CA SER F 145 14.57 -54.82 59.53
C SER F 145 15.41 -54.96 58.28
N THR F 146 16.16 -53.91 58.03
CA THR F 146 17.05 -53.84 56.88
C THR F 146 18.16 -52.89 57.28
N PHE F 147 19.38 -53.18 56.84
CA PHE F 147 20.50 -52.34 57.22
C PHE F 147 21.21 -51.68 56.04
N VAL F 148 21.22 -50.35 56.04
CA VAL F 148 21.88 -49.61 54.97
C VAL F 148 23.24 -49.10 55.45
N TYR F 149 24.25 -49.27 54.60
CA TYR F 149 25.62 -48.84 54.86
C TYR F 149 25.92 -47.72 53.85
N ALA F 150 25.98 -46.49 54.33
CA ALA F 150 26.19 -45.32 53.48
C ALA F 150 27.62 -45.04 53.02
N GLY F 151 27.75 -44.80 51.71
CA GLY F 151 29.06 -44.50 51.15
C GLY F 151 29.44 -43.06 51.51
N ILE F 152 30.63 -42.64 51.11
CA ILE F 152 31.09 -41.29 51.38
C ILE F 152 30.22 -40.29 50.61
N TYR F 153 29.76 -39.26 51.31
CA TYR F 153 28.91 -38.25 50.68
C TYR F 153 29.64 -37.42 49.64
N ASN F 154 29.00 -37.26 48.49
CA ASN F 154 29.55 -36.46 47.41
C ASN F 154 29.72 -35.02 47.93
N ASN F 155 28.72 -34.57 48.66
CA ASN F 155 28.75 -33.20 49.15
C ASN F 155 29.56 -32.95 50.43
N ASN F 156 30.51 -33.82 50.70
CA ASN F 156 31.39 -33.60 51.85
C ASN F 156 32.37 -32.55 51.31
N PHE F 157 32.64 -32.65 50.01
CA PHE F 157 33.55 -31.77 49.29
C PHE F 157 33.17 -30.28 49.35
N THR F 158 34.19 -29.45 49.54
CA THR F 158 34.03 -28.01 49.61
C THR F 158 35.42 -27.39 49.47
N SER F 159 35.47 -26.10 49.14
CA SER F 159 36.73 -25.40 49.02
C SER F 159 37.11 -24.89 50.40
N LEU F 160 36.11 -24.78 51.28
CA LEU F 160 36.32 -24.34 52.64
C LEU F 160 37.37 -25.26 53.30
N PRO F 161 38.03 -24.78 54.37
CA PRO F 161 39.05 -25.54 55.11
C PRO F 161 38.59 -26.67 56.04
N TYR F 162 37.48 -27.33 55.70
CA TYR F 162 36.99 -28.44 56.50
C TYR F 162 37.86 -29.67 56.21
N PRO F 163 38.09 -30.52 57.22
CA PRO F 163 38.92 -31.72 57.11
C PRO F 163 38.57 -32.80 56.08
N LEU F 164 39.59 -33.54 55.71
CA LEU F 164 39.50 -34.68 54.79
C LEU F 164 38.92 -34.50 53.38
N PHE F 165 37.91 -33.64 53.24
CA PHE F 165 37.28 -33.46 51.93
C PHE F 165 37.28 -32.04 51.40
N GLN F 166 38.44 -31.42 51.40
CA GLN F 166 38.58 -30.07 50.90
C GLN F 166 39.08 -30.12 49.46
N MET F 167 38.25 -29.64 48.54
CA MET F 167 38.62 -29.58 47.13
C MET F 167 39.16 -28.15 47.05
N GLU F 168 40.36 -27.97 47.59
CA GLU F 168 41.02 -26.65 47.67
C GLU F 168 41.34 -25.91 46.38
N LEU F 169 40.91 -24.65 46.35
CA LEU F 169 41.16 -23.78 45.22
C LEU F 169 42.57 -23.20 45.39
N MET F 170 43.46 -23.56 44.48
CA MET F 170 44.84 -23.09 44.54
C MET F 170 44.96 -21.69 43.97
N PRO F 171 45.91 -20.87 44.48
CA PRO F 171 46.10 -19.51 43.99
C PRO F 171 46.19 -19.44 42.46
N ASP F 172 46.89 -20.40 41.86
CA ASP F 172 47.07 -20.43 40.41
C ASP F 172 45.81 -20.80 39.65
N GLY F 173 44.70 -20.97 40.36
CA GLY F 173 43.44 -21.31 39.71
C GLY F 173 43.08 -22.78 39.76
N THR F 174 44.08 -23.65 39.81
CA THR F 174 43.81 -25.08 39.84
C THR F 174 43.14 -25.50 41.15
N PHE F 175 42.84 -26.77 41.24
CA PHE F 175 42.21 -27.35 42.41
C PHE F 175 43.04 -28.53 42.89
N GLU F 176 43.06 -28.75 44.19
CA GLU F 176 43.79 -29.88 44.75
C GLU F 176 43.10 -30.42 45.99
N TRP F 177 43.04 -31.74 46.08
CA TRP F 177 42.44 -32.42 47.21
C TRP F 177 43.51 -33.33 47.83
N HIS F 178 43.76 -33.13 49.13
CA HIS F 178 44.76 -33.93 49.84
C HIS F 178 44.06 -34.80 50.89
N ALA F 179 44.42 -36.07 50.93
CA ALA F 179 43.84 -37.01 51.89
C ALA F 179 44.68 -38.28 52.01
N PRO F 180 44.44 -39.06 53.08
CA PRO F 180 45.18 -40.30 53.31
C PRO F 180 44.84 -41.44 52.35
N PHE F 181 43.69 -41.37 51.69
CA PHE F 181 43.26 -42.42 50.78
C PHE F 181 44.27 -42.71 49.68
N ASP F 182 44.39 -43.98 49.29
CA ASP F 182 45.29 -44.35 48.21
C ASP F 182 44.73 -43.67 46.95
N PRO F 183 45.62 -43.18 46.06
CA PRO F 183 45.13 -42.51 44.85
C PRO F 183 44.33 -43.35 43.87
N ASP F 184 44.67 -44.63 43.74
CA ASP F 184 43.98 -45.50 42.80
C ASP F 184 43.04 -46.57 43.37
N ILE F 185 42.77 -46.52 44.67
CA ILE F 185 41.86 -47.51 45.25
C ILE F 185 40.44 -46.92 45.26
N PRO F 186 39.53 -47.50 44.47
CA PRO F 186 38.16 -47.02 44.39
C PRO F 186 37.46 -46.98 45.75
N LEU F 187 36.76 -45.89 46.00
CA LEU F 187 36.00 -45.74 47.24
C LEU F 187 34.52 -45.71 46.88
N PRO F 188 33.65 -46.14 47.79
CA PRO F 188 32.22 -46.12 47.46
C PRO F 188 31.61 -44.74 47.74
N TRP F 189 31.06 -44.13 46.71
CA TRP F 189 30.46 -42.81 46.90
C TRP F 189 28.94 -42.87 46.89
N LEU F 190 28.33 -41.89 47.55
CA LEU F 190 26.89 -41.77 47.68
C LEU F 190 26.46 -40.29 47.70
N ASP F 191 25.38 -39.96 47.00
CA ASP F 191 24.87 -38.60 46.97
C ASP F 191 23.70 -38.56 47.95
N ALA F 192 23.97 -38.08 49.16
CA ALA F 192 22.98 -38.01 50.21
C ALA F 192 21.66 -37.35 49.82
N GLU F 193 21.71 -36.05 49.59
CA GLU F 193 20.51 -35.30 49.25
C GLU F 193 19.69 -35.88 48.12
N HIS F 194 20.37 -36.13 47.01
CA HIS F 194 19.72 -36.62 45.81
C HIS F 194 19.28 -38.08 45.81
N ASP F 195 20.05 -38.94 46.46
CA ASP F 195 19.71 -40.36 46.37
C ASP F 195 19.32 -41.19 47.58
N VAL F 196 19.49 -40.69 48.79
CA VAL F 196 19.11 -41.47 49.96
C VAL F 196 17.57 -41.64 50.06
N GLY F 197 16.84 -40.54 49.96
CA GLY F 197 15.39 -40.61 50.03
C GLY F 197 14.81 -41.64 49.06
N PRO F 198 15.01 -41.47 47.74
CA PRO F 198 14.50 -42.42 46.74
C PRO F 198 14.83 -43.88 47.09
N ALA F 199 16.09 -44.14 47.41
CA ALA F 199 16.52 -45.50 47.75
C ALA F 199 15.72 -46.04 48.92
N LEU F 200 15.67 -45.29 50.02
CA LEU F 200 14.94 -45.73 51.20
C LEU F 200 13.46 -45.96 50.88
N LEU F 201 12.89 -45.13 50.00
CA LEU F 201 11.49 -45.30 49.63
C LEU F 201 11.29 -46.65 48.93
N GLN F 202 12.18 -46.97 48.00
CA GLN F 202 12.07 -48.22 47.27
C GLN F 202 12.20 -49.42 48.21
N ILE F 203 13.09 -49.33 49.20
CA ILE F 203 13.27 -50.43 50.14
C ILE F 203 11.97 -50.63 50.91
N PHE F 204 11.42 -49.55 51.45
CA PHE F 204 10.16 -49.64 52.17
C PHE F 204 9.09 -50.20 51.22
N LYS F 205 9.03 -49.67 50.01
CA LYS F 205 8.06 -50.12 49.03
C LYS F 205 8.22 -51.63 48.77
N ASP F 206 9.46 -52.10 48.72
CA ASP F 206 9.70 -53.53 48.50
C ASP F 206 9.28 -54.33 49.72
N GLY F 207 9.41 -53.74 50.90
CA GLY F 207 8.99 -54.40 52.11
C GLY F 207 9.97 -55.37 52.76
N PRO F 208 9.70 -55.79 54.01
CA PRO F 208 10.58 -56.72 54.72
C PRO F 208 10.50 -58.09 54.08
N GLN F 209 9.46 -58.32 53.29
CA GLN F 209 9.32 -59.60 52.59
C GLN F 209 10.48 -59.78 51.63
N LYS F 210 11.13 -58.67 51.29
CA LYS F 210 12.25 -58.70 50.38
C LYS F 210 13.58 -58.39 51.06
N TRP F 211 13.56 -57.45 51.99
CA TRP F 211 14.78 -57.02 52.63
C TRP F 211 15.02 -57.37 54.10
N ASN F 212 14.09 -58.08 54.71
CA ASN F 212 14.26 -58.43 56.11
C ASN F 212 15.60 -59.12 56.40
N GLY F 213 16.43 -58.46 57.22
CA GLY F 213 17.72 -59.01 57.60
C GLY F 213 18.90 -58.65 56.72
N HIS F 214 18.62 -58.18 55.50
CA HIS F 214 19.66 -57.81 54.54
C HIS F 214 20.50 -56.58 54.87
N ARG F 215 21.75 -56.60 54.42
CA ARG F 215 22.65 -55.48 54.54
C ARG F 215 22.72 -54.94 53.12
N ILE F 216 22.52 -53.64 52.95
CA ILE F 216 22.56 -53.03 51.62
C ILE F 216 23.54 -51.87 51.62
N ALA F 217 24.48 -51.90 50.69
CA ALA F 217 25.45 -50.81 50.58
C ALA F 217 24.84 -49.65 49.80
N LEU F 218 24.61 -48.53 50.49
CA LEU F 218 24.06 -47.35 49.84
C LEU F 218 25.17 -46.60 49.13
N THR F 219 25.52 -47.08 47.94
CA THR F 219 26.55 -46.47 47.14
C THR F 219 26.16 -46.72 45.70
N PHE F 220 26.23 -45.70 44.84
CA PHE F 220 25.86 -45.88 43.45
C PHE F 220 27.02 -45.83 42.47
N GLU F 221 28.22 -45.63 43.01
CA GLU F 221 29.42 -45.60 42.17
C GLU F 221 30.67 -45.68 43.03
N THR F 222 31.68 -46.36 42.52
CA THR F 222 32.96 -46.50 43.22
C THR F 222 33.99 -45.75 42.41
N LEU F 223 34.58 -44.73 43.00
CA LEU F 223 35.59 -43.92 42.31
C LEU F 223 36.86 -43.82 43.11
N SER F 224 38.00 -43.90 42.42
CA SER F 224 39.28 -43.76 43.08
C SER F 224 39.46 -42.27 43.28
N PRO F 225 40.35 -41.88 44.19
CA PRO F 225 40.56 -40.44 44.41
C PRO F 225 40.97 -39.76 43.10
N VAL F 226 41.82 -40.43 42.33
CA VAL F 226 42.26 -39.89 41.05
C VAL F 226 41.09 -39.70 40.10
N GLN F 227 40.14 -40.62 40.14
CA GLN F 227 38.96 -40.52 39.28
C GLN F 227 38.00 -39.47 39.82
N VAL F 228 37.95 -39.32 41.14
CA VAL F 228 37.09 -38.32 41.74
C VAL F 228 37.55 -36.96 41.24
N CYS F 229 38.86 -36.80 41.12
CA CYS F 229 39.44 -35.55 40.65
C CYS F 229 39.17 -35.35 39.15
N ALA F 230 39.29 -36.42 38.39
CA ALA F 230 39.04 -36.36 36.97
C ALA F 230 37.60 -35.89 36.77
N ALA F 231 36.70 -36.40 37.61
CA ALA F 231 35.29 -36.03 37.52
C ALA F 231 35.15 -34.53 37.74
N PHE F 232 35.86 -34.01 38.73
CA PHE F 232 35.83 -32.59 39.03
C PHE F 232 36.49 -31.80 37.88
N SER F 233 37.47 -32.41 37.22
CA SER F 233 38.17 -31.76 36.11
C SER F 233 37.26 -31.54 34.91
N ARG F 234 36.53 -32.58 34.51
CA ARG F 234 35.60 -32.50 33.38
C ARG F 234 34.48 -31.52 33.71
N ALA F 235 34.05 -31.55 34.96
CA ALA F 235 32.95 -30.71 35.43
C ALA F 235 33.18 -29.21 35.37
N LEU F 236 34.36 -28.79 35.82
CA LEU F 236 34.69 -27.38 35.90
C LEU F 236 35.71 -26.88 34.88
N ASN F 237 36.16 -27.77 34.00
CA ASN F 237 37.15 -27.41 32.99
C ASN F 237 38.31 -26.76 33.75
N ARG F 238 38.81 -27.48 34.74
CA ARG F 238 39.90 -27.01 35.57
C ARG F 238 40.86 -28.15 35.83
N ARG F 239 42.04 -27.83 36.33
CA ARG F 239 43.01 -28.85 36.65
C ARG F 239 42.80 -29.26 38.12
N VAL F 240 42.44 -30.52 38.33
CA VAL F 240 42.21 -31.04 39.68
C VAL F 240 43.15 -32.21 39.89
N THR F 241 44.01 -32.11 40.90
CA THR F 241 44.93 -33.19 41.15
C THR F 241 44.84 -33.75 42.57
N TYR F 242 45.00 -35.06 42.69
CA TYR F 242 44.94 -35.70 44.00
C TYR F 242 46.32 -35.95 44.58
N VAL F 243 46.49 -35.62 45.85
CA VAL F 243 47.75 -35.84 46.55
C VAL F 243 47.52 -36.64 47.82
N GLN F 244 47.97 -37.89 47.82
CA GLN F 244 47.83 -38.78 48.98
C GLN F 244 48.81 -38.38 50.06
N VAL F 245 48.28 -37.98 51.21
CA VAL F 245 49.12 -37.57 52.32
C VAL F 245 48.90 -38.48 53.52
N PRO F 246 49.97 -38.73 54.30
CA PRO F 246 49.93 -39.60 55.49
C PRO F 246 48.91 -39.19 56.55
N LYS F 247 48.70 -37.88 56.72
CA LYS F 247 47.75 -37.40 57.73
C LYS F 247 46.72 -36.40 57.21
N VAL F 248 45.53 -36.46 57.79
CA VAL F 248 44.45 -35.55 57.41
C VAL F 248 44.86 -34.16 57.82
N GLU F 249 44.89 -33.25 56.85
CA GLU F 249 45.24 -31.87 57.10
C GLU F 249 44.07 -31.20 57.81
N ILE F 250 44.17 -31.05 59.12
CA ILE F 250 43.11 -30.41 59.89
C ILE F 250 43.40 -28.91 59.96
N LYS F 251 42.98 -28.19 58.91
CA LYS F 251 43.20 -26.75 58.79
C LYS F 251 42.30 -25.90 59.66
N VAL F 252 41.48 -26.55 60.48
CA VAL F 252 40.57 -25.83 61.36
C VAL F 252 40.39 -26.56 62.69
N ASN F 253 39.83 -25.87 63.68
CA ASN F 253 39.59 -26.47 64.98
C ASN F 253 38.32 -27.33 64.91
N ILE F 254 38.41 -28.52 65.50
CA ILE F 254 37.30 -29.47 65.50
C ILE F 254 37.18 -30.15 66.87
N PRO F 255 36.01 -30.73 67.18
CA PRO F 255 35.85 -31.41 68.47
C PRO F 255 36.76 -32.62 68.56
N VAL F 256 37.19 -32.95 69.78
CA VAL F 256 38.09 -34.08 70.01
C VAL F 256 37.53 -35.37 69.42
N GLY F 257 36.20 -35.47 69.41
CA GLY F 257 35.55 -36.65 68.87
C GLY F 257 35.85 -36.82 67.39
N TYR F 258 35.65 -35.74 66.63
CA TYR F 258 35.91 -35.82 65.20
C TYR F 258 37.40 -36.01 64.94
N ARG F 259 38.23 -35.34 65.71
CA ARG F 259 39.67 -35.50 65.52
C ARG F 259 40.02 -36.99 65.64
N GLU F 260 39.47 -37.65 66.65
CA GLU F 260 39.72 -39.09 66.85
C GLU F 260 39.29 -39.93 65.66
N GLN F 261 38.15 -39.58 65.07
CA GLN F 261 37.64 -40.28 63.90
C GLN F 261 38.63 -40.15 62.74
N LEU F 262 39.15 -38.93 62.57
CA LEU F 262 40.09 -38.68 61.49
C LEU F 262 41.40 -39.42 61.70
N GLU F 263 41.91 -39.40 62.93
CA GLU F 263 43.16 -40.09 63.18
C GLU F 263 42.99 -41.56 62.89
N ALA F 264 41.76 -42.06 63.05
CA ALA F 264 41.48 -43.46 62.77
C ALA F 264 41.43 -43.69 61.25
N ILE F 265 40.78 -42.77 60.52
CA ILE F 265 40.70 -42.95 59.09
C ILE F 265 42.09 -43.02 58.46
N GLU F 266 42.97 -42.09 58.86
CA GLU F 266 44.33 -42.08 58.31
C GLU F 266 45.06 -43.37 58.58
N VAL F 267 44.74 -44.02 59.70
CA VAL F 267 45.38 -45.28 60.05
C VAL F 267 44.79 -46.43 59.24
N VAL F 268 43.46 -46.43 59.11
CA VAL F 268 42.74 -47.47 58.36
C VAL F 268 42.91 -47.35 56.85
N PHE F 269 42.83 -46.13 56.33
CA PHE F 269 42.95 -45.94 54.90
C PHE F 269 44.34 -45.51 54.48
N GLY F 270 44.96 -44.64 55.26
CA GLY F 270 46.30 -44.19 54.92
C GLY F 270 47.33 -45.29 55.07
N GLU F 271 47.44 -45.83 56.27
CA GLU F 271 48.42 -46.89 56.57
C GLU F 271 48.16 -48.26 55.98
N HIS F 272 47.04 -48.88 56.36
CA HIS F 272 46.72 -50.23 55.91
C HIS F 272 46.04 -50.45 54.56
N LYS F 273 45.60 -49.36 53.93
CA LYS F 273 44.93 -49.50 52.63
C LYS F 273 43.69 -50.39 52.79
N ALA F 274 42.98 -50.25 53.91
CA ALA F 274 41.80 -51.07 54.15
C ALA F 274 40.57 -50.62 53.37
N PRO F 275 39.71 -51.57 53.00
CA PRO F 275 38.49 -51.27 52.23
C PRO F 275 37.53 -50.41 53.04
N TYR F 276 36.72 -49.62 52.36
CA TYR F 276 35.75 -48.79 53.05
C TYR F 276 34.75 -49.72 53.76
N PHE F 277 34.21 -50.68 53.00
CA PHE F 277 33.29 -51.66 53.55
C PHE F 277 34.08 -52.96 53.66
N PRO F 278 34.71 -53.21 54.82
CA PRO F 278 35.50 -54.43 55.02
C PRO F 278 34.72 -55.73 55.16
N LEU F 279 33.39 -55.67 55.06
CA LEU F 279 32.57 -56.86 55.17
C LEU F 279 32.70 -57.75 53.92
N PRO F 280 32.91 -59.05 54.12
CA PRO F 280 33.05 -60.02 53.03
C PRO F 280 32.02 -59.87 51.92
N GLU F 281 30.78 -59.55 52.29
CA GLU F 281 29.71 -59.39 51.31
C GLU F 281 29.87 -58.11 50.50
N PHE F 282 30.75 -57.23 50.98
CA PHE F 282 30.98 -55.97 50.29
C PHE F 282 32.38 -55.93 49.71
N SER F 283 33.19 -56.93 50.03
CA SER F 283 34.56 -57.00 49.54
C SER F 283 34.70 -58.04 48.42
N ARG F 316 29.49 -56.25 41.64
CA ARG F 316 30.20 -55.34 42.53
C ARG F 316 29.28 -54.68 43.56
N VAL F 317 29.91 -53.99 44.50
CA VAL F 317 29.21 -53.32 45.59
C VAL F 317 28.07 -52.36 45.23
N THR F 318 27.98 -51.93 43.98
CA THR F 318 26.93 -50.97 43.63
C THR F 318 25.66 -51.53 43.00
N ASP F 319 25.69 -52.79 42.62
CA ASP F 319 24.53 -53.41 41.97
C ASP F 319 23.18 -53.22 42.66
N GLU F 320 23.07 -53.66 43.90
CA GLU F 320 21.79 -53.55 44.60
C GLU F 320 21.25 -52.13 44.66
N ALA F 321 22.10 -51.20 45.06
CA ALA F 321 21.68 -49.82 45.15
C ALA F 321 21.13 -49.33 43.82
N ARG F 322 21.88 -49.59 42.76
CA ARG F 322 21.45 -49.15 41.42
C ARG F 322 20.12 -49.74 41.00
N LYS F 323 19.91 -51.01 41.35
CA LYS F 323 18.68 -51.70 41.02
C LYS F 323 17.52 -51.14 41.85
N LEU F 324 17.83 -50.63 43.04
CA LEU F 324 16.85 -50.04 43.93
C LEU F 324 16.43 -48.64 43.50
N TRP F 325 17.37 -47.89 42.92
CA TRP F 325 17.12 -46.52 42.48
C TRP F 325 18.12 -46.19 41.39
N SER F 326 17.67 -46.21 40.15
CA SER F 326 18.57 -45.95 39.03
C SER F 326 18.55 -44.51 38.56
N GLY F 327 18.11 -43.60 39.42
CA GLY F 327 18.09 -42.20 39.06
C GLY F 327 19.15 -41.49 39.85
N TRP F 328 20.26 -42.18 40.09
CA TRP F 328 21.34 -41.62 40.88
C TRP F 328 22.15 -40.53 40.24
N ARG F 329 22.72 -39.67 41.08
CA ARG F 329 23.57 -38.58 40.63
C ARG F 329 25.01 -38.95 40.96
N ASP F 330 25.88 -38.97 39.96
CA ASP F 330 27.27 -39.33 40.19
C ASP F 330 28.12 -38.10 40.44
N MET F 331 29.40 -38.34 40.71
CA MET F 331 30.35 -37.28 40.99
C MET F 331 30.40 -36.20 39.91
N GLU F 332 30.41 -36.60 38.65
CA GLU F 332 30.47 -35.65 37.55
C GLU F 332 29.31 -34.66 37.62
N GLU F 333 28.08 -35.17 37.76
CA GLU F 333 26.92 -34.30 37.85
C GLU F 333 26.96 -33.47 39.13
N TYR F 334 27.32 -34.11 40.23
CA TYR F 334 27.38 -33.39 41.49
C TYR F 334 28.32 -32.19 41.37
N ALA F 335 29.55 -32.47 40.96
CA ALA F 335 30.58 -31.44 40.83
C ALA F 335 30.20 -30.35 39.84
N ARG F 336 29.55 -30.76 38.76
CA ARG F 336 29.16 -29.81 37.73
C ARG F 336 27.91 -29.00 38.04
N GLU F 337 26.96 -29.57 38.79
CA GLU F 337 25.69 -28.88 39.06
C GLU F 337 25.33 -28.53 40.51
N VAL F 338 26.13 -28.97 41.47
CA VAL F 338 25.82 -28.67 42.87
C VAL F 338 26.97 -27.96 43.58
N PHE F 339 28.18 -28.48 43.39
CA PHE F 339 29.37 -27.92 44.01
C PHE F 339 29.38 -26.40 43.82
N PRO F 340 29.37 -25.92 42.56
CA PRO F 340 29.38 -24.48 42.30
C PRO F 340 28.33 -23.74 43.13
N ILE F 341 27.10 -24.26 43.12
CA ILE F 341 26.02 -23.64 43.87
C ILE F 341 26.25 -23.67 45.38
N GLU F 342 26.62 -24.83 45.92
CA GLU F 342 26.87 -24.90 47.36
C GLU F 342 28.04 -23.97 47.68
N GLU F 343 29.07 -24.06 46.85
CA GLU F 343 30.25 -23.23 46.99
C GLU F 343 29.84 -21.77 47.00
N GLU F 344 28.95 -21.41 46.08
CA GLU F 344 28.48 -20.05 45.99
C GLU F 344 27.81 -19.68 47.31
N ALA F 345 26.81 -20.48 47.69
CA ALA F 345 26.06 -20.25 48.93
C ALA F 345 26.94 -20.30 50.17
N ASN F 346 28.17 -20.77 50.02
CA ASN F 346 29.10 -20.85 51.14
C ASN F 346 30.01 -19.64 51.24
N GLY F 347 30.00 -18.80 50.21
CA GLY F 347 30.83 -17.60 50.23
C GLY F 347 31.78 -17.39 49.07
N LEU F 348 32.24 -18.47 48.46
CA LEU F 348 33.18 -18.39 47.34
C LEU F 348 32.66 -17.58 46.14
N ASP F 349 33.51 -17.39 45.15
CA ASP F 349 33.14 -16.63 43.96
C ASP F 349 33.85 -17.05 42.67
N TRP F 350 34.74 -18.03 42.77
CA TRP F 350 35.48 -18.50 41.59
C TRP F 350 34.56 -18.88 40.44
N MET F 351 33.27 -18.99 40.72
CA MET F 351 32.28 -19.37 39.69
C MET F 351 31.44 -18.17 39.23
N LEU F 352 32.02 -16.98 39.29
CA LEU F 352 31.32 -15.77 38.88
C LEU F 352 32.19 -14.92 37.98
N GLN G 3 -15.82 26.58 -13.89
CA GLN G 3 -15.02 27.52 -14.74
C GLN G 3 -15.30 28.97 -14.39
N GLN G 4 -15.92 29.21 -13.24
CA GLN G 4 -16.22 30.57 -12.80
C GLN G 4 -14.97 31.15 -12.15
N LYS G 5 -14.87 32.47 -12.11
CA LYS G 5 -13.73 33.15 -11.50
C LYS G 5 -13.92 33.03 -10.00
N LYS G 6 -12.91 32.52 -9.30
CA LYS G 6 -13.01 32.35 -7.86
C LYS G 6 -12.26 33.41 -7.08
N THR G 7 -12.39 33.38 -5.76
CA THR G 7 -11.70 34.35 -4.91
C THR G 7 -10.28 33.88 -4.63
N ILE G 8 -9.31 34.74 -4.90
CA ILE G 8 -7.89 34.40 -4.70
C ILE G 8 -7.28 35.13 -3.53
N ALA G 9 -6.61 34.40 -2.64
CA ALA G 9 -5.95 35.03 -1.51
C ALA G 9 -4.49 35.29 -1.89
N VAL G 10 -3.95 36.42 -1.41
CA VAL G 10 -2.59 36.80 -1.72
C VAL G 10 -2.00 37.66 -0.60
N VAL G 11 -0.69 37.65 -0.49
CA VAL G 11 0.01 38.45 0.52
C VAL G 11 1.06 39.30 -0.20
N ASN G 12 1.69 40.24 0.51
CA ASN G 12 2.71 41.09 -0.10
C ASN G 12 2.19 41.56 -1.46
N ALA G 13 1.01 42.17 -1.45
CA ALA G 13 0.35 42.63 -2.66
C ALA G 13 1.10 43.64 -3.52
N THR G 14 2.05 44.37 -2.93
CA THR G 14 2.79 45.36 -3.69
C THR G 14 4.01 44.75 -4.38
N GLY G 15 4.27 43.48 -4.08
CA GLY G 15 5.40 42.78 -4.70
C GLY G 15 5.15 42.59 -6.18
N ARG G 16 6.22 42.53 -6.95
CA ARG G 16 6.09 42.36 -8.39
C ARG G 16 5.32 41.14 -8.85
N GLN G 17 5.44 40.04 -8.12
CA GLN G 17 4.72 38.83 -8.46
C GLN G 17 3.23 38.97 -8.11
N ALA G 18 2.92 39.34 -6.88
CA ALA G 18 1.53 39.50 -6.46
C ALA G 18 0.75 40.54 -7.26
N ALA G 19 1.36 41.70 -7.49
CA ALA G 19 0.72 42.78 -8.23
C ALA G 19 0.38 42.35 -9.64
N SER G 20 1.30 41.64 -10.29
CA SER G 20 1.07 41.17 -11.64
C SER G 20 -0.20 40.31 -11.67
N LEU G 21 -0.32 39.45 -10.67
CA LEU G 21 -1.47 38.57 -10.57
C LEU G 21 -2.77 39.31 -10.26
N ILE G 22 -2.69 40.23 -9.30
CA ILE G 22 -3.88 40.99 -8.91
C ILE G 22 -4.49 41.79 -10.05
N ARG G 23 -3.66 42.50 -10.81
CA ARG G 23 -4.17 43.30 -11.93
C ARG G 23 -4.88 42.37 -12.90
N VAL G 24 -4.21 41.26 -13.19
CA VAL G 24 -4.71 40.26 -14.12
C VAL G 24 -5.97 39.55 -13.63
N ALA G 25 -5.92 39.00 -12.42
CA ALA G 25 -7.08 38.28 -11.91
C ALA G 25 -8.28 39.22 -11.75
N ALA G 26 -8.05 40.40 -11.17
CA ALA G 26 -9.15 41.35 -10.96
C ALA G 26 -9.81 41.74 -12.29
N ALA G 27 -9.00 42.09 -13.29
CA ALA G 27 -9.51 42.49 -14.59
C ALA G 27 -10.37 41.42 -15.26
N VAL G 28 -10.01 40.15 -15.11
CA VAL G 28 -10.78 39.07 -15.73
C VAL G 28 -12.02 38.66 -14.92
N GLY G 29 -12.12 39.11 -13.67
CA GLY G 29 -13.29 38.81 -12.89
C GLY G 29 -13.16 38.12 -11.54
N HIS G 30 -11.94 37.78 -11.13
CA HIS G 30 -11.74 37.12 -9.85
C HIS G 30 -11.79 38.16 -8.74
N HIS G 31 -12.24 37.76 -7.55
CA HIS G 31 -12.23 38.69 -6.43
C HIS G 31 -10.86 38.45 -5.83
N VAL G 32 -10.25 39.47 -5.24
CA VAL G 32 -8.93 39.33 -4.65
C VAL G 32 -8.84 39.82 -3.21
N ARG G 33 -8.36 38.95 -2.33
CA ARG G 33 -8.15 39.30 -0.93
C ARG G 33 -6.64 39.34 -0.80
N ALA G 34 -6.12 40.55 -0.64
CA ALA G 34 -4.68 40.76 -0.55
C ALA G 34 -4.21 41.48 0.70
N GLN G 35 -3.08 41.02 1.23
CA GLN G 35 -2.48 41.64 2.41
C GLN G 35 -1.38 42.57 1.88
N VAL G 36 -1.27 43.74 2.49
CA VAL G 36 -0.24 44.71 2.12
C VAL G 36 0.38 45.21 3.42
N HIS G 37 1.66 45.51 3.36
CA HIS G 37 2.40 46.02 4.52
C HIS G 37 1.91 47.43 4.85
N SER G 38 1.57 48.19 3.81
CA SER G 38 1.11 49.55 3.98
C SER G 38 0.24 50.00 2.81
N LEU G 39 -0.74 50.85 3.11
CA LEU G 39 -1.62 51.39 2.08
C LEU G 39 -1.02 52.67 1.49
N LYS G 40 0.13 53.07 2.00
CA LYS G 40 0.81 54.28 1.53
C LYS G 40 1.93 53.91 0.57
N GLY G 41 1.66 54.10 -0.72
CA GLY G 41 2.64 53.79 -1.73
C GLY G 41 2.05 53.88 -3.12
N LEU G 42 2.90 53.94 -4.13
CA LEU G 42 2.44 54.01 -5.51
C LEU G 42 1.55 52.81 -5.86
N ILE G 43 2.10 51.61 -5.77
CA ILE G 43 1.38 50.39 -6.10
C ILE G 43 0.16 50.11 -5.23
N ALA G 44 0.32 50.27 -3.93
CA ALA G 44 -0.75 50.03 -2.97
C ALA G 44 -2.00 50.84 -3.29
N GLU G 45 -1.80 52.11 -3.63
CA GLU G 45 -2.91 53.01 -3.96
C GLU G 45 -3.58 52.57 -5.24
N GLU G 46 -2.79 51.96 -6.13
CA GLU G 46 -3.31 51.47 -7.40
C GLU G 46 -4.24 50.28 -7.16
N LEU G 47 -3.69 49.27 -6.52
CA LEU G 47 -4.42 48.05 -6.22
C LEU G 47 -5.73 48.31 -5.48
N GLN G 48 -5.68 49.21 -4.50
CA GLN G 48 -6.87 49.53 -3.71
C GLN G 48 -7.95 50.12 -4.59
N ALA G 49 -7.52 50.83 -5.64
CA ALA G 49 -8.45 51.44 -6.58
C ALA G 49 -9.20 50.36 -7.37
N ILE G 50 -8.48 49.32 -7.78
CA ILE G 50 -9.07 48.22 -8.53
C ILE G 50 -10.30 47.64 -7.82
N PRO G 51 -11.45 47.63 -8.51
CA PRO G 51 -12.76 47.14 -8.06
C PRO G 51 -12.84 45.96 -7.10
N ASN G 52 -12.72 44.75 -7.63
CA ASN G 52 -12.85 43.54 -6.82
C ASN G 52 -11.67 43.15 -5.93
N VAL G 53 -10.86 44.12 -5.53
CA VAL G 53 -9.73 43.84 -4.68
C VAL G 53 -9.96 44.40 -3.26
N THR G 54 -9.79 43.55 -2.26
CA THR G 54 -9.96 43.91 -0.86
C THR G 54 -8.59 43.80 -0.17
N LEU G 55 -8.08 44.91 0.30
CA LEU G 55 -6.78 44.89 0.96
C LEU G 55 -6.95 44.72 2.47
N PHE G 56 -5.87 44.30 3.09
CA PHE G 56 -5.84 44.10 4.53
C PHE G 56 -4.46 44.56 4.94
N GLN G 57 -4.41 45.74 5.57
CA GLN G 57 -3.15 46.33 5.98
C GLN G 57 -2.69 45.83 7.35
N GLY G 58 -1.49 45.28 7.36
CA GLY G 58 -0.91 44.76 8.59
C GLY G 58 0.26 43.85 8.30
N PRO G 59 1.06 43.49 9.31
CA PRO G 59 2.22 42.61 9.10
C PRO G 59 1.78 41.15 9.01
N LEU G 60 2.67 40.30 8.48
CA LEU G 60 2.40 38.87 8.37
C LEU G 60 2.97 38.12 9.58
N LEU G 61 4.17 38.52 10.01
CA LEU G 61 4.84 37.89 11.15
C LEU G 61 3.97 37.84 12.40
N ASN G 62 3.74 36.63 12.91
CA ASN G 62 2.91 36.46 14.10
C ASN G 62 1.58 37.19 14.02
N ASN G 63 0.89 37.06 12.90
CA ASN G 63 -0.39 37.74 12.75
C ASN G 63 -1.46 36.81 12.19
N VAL G 64 -1.75 35.76 12.95
CA VAL G 64 -2.75 34.78 12.54
C VAL G 64 -4.14 35.38 12.28
N PRO G 65 -4.57 36.37 13.10
CA PRO G 65 -5.89 36.94 12.86
C PRO G 65 -6.03 37.50 11.44
N LEU G 66 -4.94 38.05 10.90
CA LEU G 66 -5.00 38.58 9.55
C LEU G 66 -5.09 37.44 8.53
N MET G 67 -4.26 36.41 8.72
CA MET G 67 -4.26 35.27 7.79
C MET G 67 -5.62 34.56 7.70
N ASP G 68 -6.33 34.48 8.82
CA ASP G 68 -7.64 33.84 8.85
C ASP G 68 -8.62 34.67 8.02
N THR G 69 -8.61 35.97 8.22
CA THR G 69 -9.51 36.84 7.50
C THR G 69 -9.21 36.73 6.00
N LEU G 70 -7.91 36.74 5.68
CA LEU G 70 -7.44 36.65 4.31
C LEU G 70 -8.03 35.48 3.51
N PHE G 71 -7.98 34.29 4.10
CA PHE G 71 -8.47 33.07 3.45
C PHE G 71 -9.96 32.79 3.51
N GLU G 72 -10.73 33.68 4.14
CA GLU G 72 -12.17 33.49 4.25
C GLU G 72 -12.85 33.52 2.90
N GLY G 73 -13.59 32.46 2.58
CA GLY G 73 -14.28 32.41 1.32
C GLY G 73 -13.36 32.31 0.13
N ALA G 74 -12.08 32.11 0.38
CA ALA G 74 -11.09 32.03 -0.69
C ALA G 74 -10.99 30.60 -1.21
N HIS G 75 -10.93 30.44 -2.52
CA HIS G 75 -10.81 29.10 -3.09
C HIS G 75 -9.46 28.88 -3.76
N LEU G 76 -8.75 29.98 -4.03
CA LEU G 76 -7.46 29.92 -4.66
C LEU G 76 -6.48 30.74 -3.84
N ALA G 77 -5.19 30.54 -4.06
CA ALA G 77 -4.19 31.28 -3.32
C ALA G 77 -2.84 31.30 -4.01
N PHE G 78 -2.21 32.48 -4.01
CA PHE G 78 -0.87 32.66 -4.57
C PHE G 78 -0.06 33.26 -3.45
N ILE G 79 0.84 32.46 -2.89
CA ILE G 79 1.66 32.93 -1.79
C ILE G 79 3.12 33.09 -2.15
N ASN G 80 3.62 34.30 -1.94
CA ASN G 80 5.00 34.67 -2.19
C ASN G 80 5.44 35.60 -1.08
N THR G 81 6.26 35.07 -0.17
CA THR G 81 6.75 35.83 0.97
C THR G 81 8.08 36.53 0.69
N THR G 82 8.49 37.38 1.62
CA THR G 82 9.75 38.12 1.52
C THR G 82 10.52 38.04 2.84
N SER G 83 11.81 38.36 2.80
CA SER G 83 12.66 38.32 3.98
C SER G 83 12.36 39.50 4.92
N GLN G 84 12.00 40.63 4.31
CA GLN G 84 11.67 41.85 5.05
C GLN G 84 10.70 41.60 6.19
N ALA G 85 9.54 41.01 5.87
CA ALA G 85 8.50 40.73 6.85
C ALA G 85 9.02 40.03 8.12
N GLY G 86 10.17 39.37 8.01
CA GLY G 86 10.73 38.66 9.15
C GLY G 86 10.81 37.19 8.80
N ASP G 87 11.03 36.35 9.80
CA ASP G 87 11.15 34.90 9.59
C ASP G 87 10.22 34.43 8.47
N GLU G 88 10.80 34.00 7.36
CA GLU G 88 10.02 33.56 6.23
C GLU G 88 9.40 32.18 6.44
N ILE G 89 10.07 31.31 7.19
CA ILE G 89 9.55 29.98 7.43
C ILE G 89 8.33 30.00 8.33
N ALA G 90 8.39 30.77 9.41
CA ALA G 90 7.28 30.86 10.33
C ALA G 90 6.08 31.48 9.61
N ILE G 91 6.34 32.51 8.81
CA ILE G 91 5.26 33.15 8.07
C ILE G 91 4.64 32.20 7.03
N GLY G 92 5.49 31.47 6.29
CA GLY G 92 5.00 30.53 5.30
C GLY G 92 4.14 29.43 5.91
N LYS G 93 4.57 28.94 7.08
CA LYS G 93 3.83 27.90 7.78
C LYS G 93 2.49 28.39 8.34
N ASP G 94 2.49 29.54 9.01
CA ASP G 94 1.24 30.07 9.54
C ASP G 94 0.26 30.26 8.40
N LEU G 95 0.77 30.80 7.30
CA LEU G 95 -0.04 31.02 6.12
C LEU G 95 -0.68 29.72 5.65
N ALA G 96 0.13 28.66 5.61
CA ALA G 96 -0.36 27.36 5.15
C ALA G 96 -1.37 26.75 6.13
N ASP G 97 -1.15 26.95 7.44
CA ASP G 97 -2.08 26.41 8.43
C ASP G 97 -3.40 27.16 8.33
N ALA G 98 -3.32 28.45 8.03
CA ALA G 98 -4.49 29.29 7.92
C ALA G 98 -5.33 28.87 6.74
N ALA G 99 -4.66 28.48 5.65
CA ALA G 99 -5.38 28.05 4.45
C ALA G 99 -6.09 26.73 4.72
N LYS G 100 -5.35 25.75 5.25
CA LYS G 100 -5.94 24.46 5.57
C LYS G 100 -7.13 24.67 6.49
N ARG G 101 -6.94 25.50 7.51
CA ARG G 101 -7.98 25.77 8.48
C ARG G 101 -9.26 26.37 7.85
N ALA G 102 -9.09 27.23 6.85
CA ALA G 102 -10.24 27.84 6.17
C ALA G 102 -11.02 26.73 5.43
N GLY G 103 -10.30 25.68 5.05
CA GLY G 103 -10.91 24.55 4.38
C GLY G 103 -11.51 24.75 3.00
N THR G 104 -11.42 25.95 2.45
CA THR G 104 -11.98 26.19 1.12
C THR G 104 -10.96 26.29 -0.01
N ILE G 105 -9.68 26.23 0.32
CA ILE G 105 -8.64 26.34 -0.70
C ILE G 105 -8.56 25.11 -1.58
N GLN G 106 -8.80 25.32 -2.87
CA GLN G 106 -8.77 24.24 -3.86
C GLN G 106 -7.44 24.17 -4.62
N HIS G 107 -6.75 25.29 -4.71
CA HIS G 107 -5.48 25.34 -5.41
C HIS G 107 -4.58 26.37 -4.76
N TYR G 108 -3.58 25.87 -4.04
CA TYR G 108 -2.64 26.70 -3.32
C TYR G 108 -1.30 26.79 -4.05
N ILE G 109 -1.04 27.92 -4.68
CA ILE G 109 0.22 28.08 -5.38
C ILE G 109 1.19 28.80 -4.46
N TYR G 110 2.38 28.23 -4.34
CA TYR G 110 3.41 28.83 -3.49
C TYR G 110 4.66 29.11 -4.31
N SER G 111 5.17 30.34 -4.19
CA SER G 111 6.37 30.75 -4.91
C SER G 111 7.61 30.30 -4.15
N SER G 112 8.22 29.21 -4.61
CA SER G 112 9.38 28.65 -3.95
C SER G 112 10.71 28.95 -4.65
N MET G 113 11.81 28.58 -4.00
CA MET G 113 13.16 28.78 -4.55
C MET G 113 14.04 27.62 -4.09
N PRO G 114 15.18 27.41 -4.76
CA PRO G 114 16.11 26.32 -4.39
C PRO G 114 16.97 26.60 -3.16
N ASP G 115 17.43 25.53 -2.52
CA ASP G 115 18.33 25.63 -1.39
C ASP G 115 19.58 24.95 -1.94
N HIS G 116 20.35 25.69 -2.72
CA HIS G 116 21.56 25.18 -3.35
C HIS G 116 22.42 24.21 -2.55
N SER G 117 22.51 24.39 -1.23
CA SER G 117 23.36 23.51 -0.42
C SER G 117 22.95 22.04 -0.49
N LEU G 118 21.76 21.78 -1.02
CA LEU G 118 21.28 20.41 -1.09
C LEU G 118 21.56 19.77 -2.43
N TYR G 119 22.18 20.50 -3.34
CA TYR G 119 22.44 19.96 -4.66
C TYR G 119 23.91 19.94 -5.02
N GLY G 120 24.75 20.50 -4.15
CA GLY G 120 26.18 20.52 -4.41
C GLY G 120 26.98 21.21 -3.33
N PRO G 121 28.30 21.36 -3.52
CA PRO G 121 29.19 22.01 -2.55
C PRO G 121 28.98 23.53 -2.57
N TRP G 122 27.73 23.94 -2.45
CA TRP G 122 27.43 25.37 -2.51
C TRP G 122 26.74 25.84 -1.23
N PRO G 123 26.88 27.13 -0.89
CA PRO G 123 26.22 27.62 0.31
C PRO G 123 24.77 27.90 -0.05
N ALA G 124 23.90 27.89 0.95
CA ALA G 124 22.50 28.16 0.71
C ALA G 124 22.29 29.66 0.57
N VAL G 125 21.57 30.07 -0.44
CA VAL G 125 21.28 31.49 -0.63
C VAL G 125 20.18 31.75 0.39
N PRO G 126 20.49 32.50 1.47
CA PRO G 126 19.59 32.85 2.58
C PRO G 126 18.17 33.33 2.28
N MET G 127 17.99 34.07 1.19
CA MET G 127 16.66 34.56 0.85
C MET G 127 15.96 33.58 -0.08
N TRP G 128 16.61 32.47 -0.38
CA TRP G 128 16.05 31.47 -1.26
C TRP G 128 15.72 30.17 -0.51
N ALA G 129 16.77 29.53 0.01
CA ALA G 129 16.65 28.28 0.73
C ALA G 129 15.41 28.13 1.59
N PRO G 130 15.14 29.09 2.50
CA PRO G 130 13.96 29.02 3.38
C PRO G 130 12.65 28.68 2.68
N LYS G 131 12.44 29.24 1.49
CA LYS G 131 11.21 28.97 0.76
C LYS G 131 10.99 27.47 0.56
N PHE G 132 12.08 26.73 0.34
CA PHE G 132 11.99 25.29 0.14
C PHE G 132 11.38 24.60 1.36
N THR G 133 11.75 25.06 2.55
CA THR G 133 11.18 24.47 3.75
C THR G 133 9.67 24.70 3.82
N VAL G 134 9.24 25.86 3.36
CA VAL G 134 7.81 26.18 3.38
C VAL G 134 7.10 25.31 2.36
N GLU G 135 7.75 25.06 1.22
CA GLU G 135 7.17 24.22 0.18
C GLU G 135 6.86 22.85 0.74
N ASN G 136 7.83 22.28 1.45
CA ASN G 136 7.66 20.96 2.04
C ASN G 136 6.53 20.98 3.06
N TYR G 137 6.42 22.06 3.82
CA TYR G 137 5.37 22.15 4.83
C TYR G 137 4.01 22.18 4.13
N VAL G 138 3.91 22.93 3.04
CA VAL G 138 2.67 23.00 2.28
C VAL G 138 2.27 21.59 1.84
N ARG G 139 3.23 20.83 1.34
CA ARG G 139 2.98 19.46 0.88
C ARG G 139 2.53 18.58 2.06
N GLN G 140 3.22 18.74 3.18
CA GLN G 140 2.89 18.00 4.38
C GLN G 140 1.44 18.24 4.84
N LEU G 141 0.94 19.46 4.68
CA LEU G 141 -0.43 19.77 5.10
C LEU G 141 -1.48 19.18 4.15
N GLY G 142 -1.01 18.59 3.05
CA GLY G 142 -1.93 17.99 2.10
C GLY G 142 -2.69 18.97 1.22
N LEU G 143 -2.27 20.23 1.22
CA LEU G 143 -2.93 21.24 0.40
C LEU G 143 -2.78 20.98 -1.10
N PRO G 144 -3.88 21.10 -1.87
CA PRO G 144 -3.77 20.87 -3.32
C PRO G 144 -2.88 22.04 -3.77
N SER G 145 -1.63 21.73 -4.13
CA SER G 145 -0.71 22.80 -4.48
C SER G 145 0.19 22.64 -5.70
N THR G 146 0.74 23.78 -6.10
CA THR G 146 1.65 23.88 -7.23
C THR G 146 2.74 24.83 -6.80
N PHE G 147 3.98 24.55 -7.18
CA PHE G 147 5.10 25.41 -6.77
C PHE G 147 5.82 26.01 -7.97
N VAL G 148 5.85 27.35 -8.02
CA VAL G 148 6.51 28.07 -9.11
C VAL G 148 7.86 28.63 -8.67
N TYR G 149 8.85 28.48 -9.55
CA TYR G 149 10.21 28.97 -9.29
C TYR G 149 10.51 30.09 -10.25
N ALA G 150 10.64 31.28 -9.69
CA ALA G 150 10.88 32.49 -10.44
C ALA G 150 12.30 32.67 -10.94
N GLY G 151 12.41 33.02 -12.22
CA GLY G 151 13.71 33.29 -12.79
C GLY G 151 14.10 34.72 -12.44
N ILE G 152 15.29 35.14 -12.85
CA ILE G 152 15.73 36.51 -12.58
C ILE G 152 14.82 37.50 -13.30
N TYR G 153 14.38 38.53 -12.59
CA TYR G 153 13.50 39.53 -13.16
C TYR G 153 14.22 40.39 -14.18
N ASN G 154 13.58 40.59 -15.34
CA ASN G 154 14.15 41.44 -16.36
C ASN G 154 14.30 42.83 -15.74
N ASN G 155 13.28 43.24 -14.99
CA ASN G 155 13.29 44.57 -14.41
C ASN G 155 14.05 44.77 -13.11
N ASN G 156 15.03 43.93 -12.83
CA ASN G 156 15.86 44.19 -11.66
C ASN G 156 16.77 45.29 -12.21
N PHE G 157 17.07 45.15 -13.50
CA PHE G 157 17.93 46.08 -14.21
C PHE G 157 17.49 47.53 -14.08
N THR G 158 18.46 48.37 -13.72
CA THR G 158 18.27 49.80 -13.56
C THR G 158 19.67 50.44 -13.65
N SER G 159 19.73 51.73 -13.97
CA SER G 159 21.01 52.40 -14.09
C SER G 159 21.44 52.89 -12.69
N LEU G 160 20.47 53.02 -11.80
CA LEU G 160 20.74 53.45 -10.44
C LEU G 160 21.72 52.47 -9.79
N PRO G 161 22.57 52.95 -8.87
CA PRO G 161 23.56 52.15 -8.15
C PRO G 161 23.05 51.01 -7.25
N TYR G 162 22.11 50.22 -7.76
CA TYR G 162 21.59 49.10 -6.99
C TYR G 162 22.40 47.85 -7.34
N PRO G 163 22.69 47.01 -6.34
CA PRO G 163 23.47 45.79 -6.47
C PRO G 163 23.07 44.75 -7.51
N LEU G 164 24.10 44.08 -8.02
CA LEU G 164 23.96 42.98 -8.96
C LEU G 164 23.41 43.23 -10.36
N PHE G 165 22.32 43.99 -10.45
CA PHE G 165 21.72 44.23 -11.75
C PHE G 165 21.73 45.69 -12.19
N GLN G 166 22.91 46.33 -12.14
CA GLN G 166 23.01 47.72 -12.55
C GLN G 166 23.48 47.82 -13.99
N MET G 167 22.60 48.35 -14.84
CA MET G 167 22.95 48.58 -16.23
C MET G 167 23.39 50.03 -16.13
N GLU G 168 24.69 50.23 -15.98
CA GLU G 168 25.31 51.54 -15.78
C GLU G 168 25.61 52.36 -17.04
N LEU G 169 25.12 53.60 -17.05
CA LEU G 169 25.37 54.52 -18.16
C LEU G 169 26.71 55.20 -17.93
N MET G 170 27.72 54.81 -18.70
CA MET G 170 29.04 55.41 -18.58
C MET G 170 29.00 56.87 -19.01
N PRO G 171 30.08 57.63 -18.76
CA PRO G 171 30.08 59.04 -19.17
C PRO G 171 30.09 59.17 -20.70
N ASP G 172 30.69 58.18 -21.36
CA ASP G 172 30.78 58.15 -22.82
C ASP G 172 29.46 57.79 -23.49
N GLY G 173 28.43 57.56 -22.69
CA GLY G 173 27.13 57.21 -23.24
C GLY G 173 26.85 55.73 -23.43
N THR G 174 27.86 54.89 -23.24
CA THR G 174 27.64 53.45 -23.39
C THR G 174 27.21 52.82 -22.06
N PHE G 175 26.83 51.55 -22.11
CA PHE G 175 26.37 50.85 -20.92
C PHE G 175 27.27 49.70 -20.51
N GLU G 176 27.37 49.50 -19.20
CA GLU G 176 28.17 48.42 -18.66
C GLU G 176 27.47 47.75 -17.49
N TRP G 177 27.45 46.43 -17.52
CA TRP G 177 26.83 45.65 -16.46
C TRP G 177 27.91 44.78 -15.82
N HIS G 178 28.05 44.91 -14.50
CA HIS G 178 29.03 44.15 -13.72
C HIS G 178 28.31 43.19 -12.77
N ALA G 179 28.76 41.93 -12.73
CA ALA G 179 28.20 40.92 -11.85
C ALA G 179 29.12 39.70 -11.79
N PRO G 180 28.91 38.81 -10.80
CA PRO G 180 29.75 37.61 -10.67
C PRO G 180 29.42 36.50 -11.68
N PHE G 181 28.24 36.56 -12.29
CA PHE G 181 27.79 35.57 -13.25
C PHE G 181 28.77 35.31 -14.40
N ASP G 182 28.94 34.04 -14.74
CA ASP G 182 29.83 33.70 -15.83
C ASP G 182 29.22 34.31 -17.09
N PRO G 183 30.07 34.95 -17.92
CA PRO G 183 29.63 35.60 -19.18
C PRO G 183 28.81 34.75 -20.14
N ASP G 184 29.19 33.49 -20.29
CA ASP G 184 28.51 32.64 -21.25
C ASP G 184 27.54 31.58 -20.73
N ILE G 185 27.35 31.51 -19.41
CA ILE G 185 26.42 30.54 -18.85
C ILE G 185 25.01 31.12 -18.84
N PRO G 186 24.12 30.53 -19.65
CA PRO G 186 22.76 31.07 -19.66
C PRO G 186 22.06 31.02 -18.30
N LEU G 187 21.28 32.07 -18.02
CA LEU G 187 20.53 32.19 -16.79
C LEU G 187 19.05 32.25 -17.17
N PRO G 188 18.16 31.91 -16.22
CA PRO G 188 16.71 31.93 -16.46
C PRO G 188 16.12 33.29 -16.17
N TRP G 189 15.56 33.93 -17.19
CA TRP G 189 14.99 35.27 -17.00
C TRP G 189 13.48 35.27 -17.02
N LEU G 190 12.89 36.23 -16.30
CA LEU G 190 11.44 36.36 -16.21
C LEU G 190 10.97 37.81 -16.12
N ASP G 191 10.01 38.20 -16.95
CA ASP G 191 9.47 39.56 -16.88
C ASP G 191 8.29 39.50 -15.90
N ALA G 192 8.55 39.92 -14.67
CA ALA G 192 7.55 39.89 -13.60
C ALA G 192 6.20 40.55 -13.86
N GLU G 193 6.21 41.83 -14.17
CA GLU G 193 4.97 42.59 -14.41
C GLU G 193 4.15 42.09 -15.59
N HIS G 194 4.85 41.68 -16.64
CA HIS G 194 4.21 41.24 -17.88
C HIS G 194 3.81 39.78 -17.93
N ASP G 195 4.60 38.89 -17.34
CA ASP G 195 4.29 37.47 -17.45
C ASP G 195 3.90 36.62 -16.25
N VAL G 196 4.20 37.06 -15.04
CA VAL G 196 3.81 36.25 -13.88
C VAL G 196 2.28 36.14 -13.78
N GLY G 197 1.58 37.27 -13.91
CA GLY G 197 0.13 37.24 -13.82
C GLY G 197 -0.52 36.26 -14.78
N PRO G 198 -0.28 36.40 -16.10
CA PRO G 198 -0.87 35.47 -17.05
C PRO G 198 -0.54 34.00 -16.77
N ALA G 199 0.73 33.72 -16.49
CA ALA G 199 1.15 32.34 -16.22
C ALA G 199 0.37 31.73 -15.06
N LEU G 200 0.26 32.49 -13.97
CA LEU G 200 -0.46 32.01 -12.80
C LEU G 200 -1.94 31.78 -13.12
N LEU G 201 -2.53 32.70 -13.86
CA LEU G 201 -3.94 32.56 -14.20
C LEU G 201 -4.13 31.25 -14.94
N GLN G 202 -3.21 30.94 -15.85
CA GLN G 202 -3.34 29.71 -16.61
C GLN G 202 -3.24 28.48 -15.72
N ILE G 203 -2.36 28.54 -14.74
CA ILE G 203 -2.21 27.44 -13.80
C ILE G 203 -3.55 27.21 -13.08
N PHE G 204 -4.12 28.27 -12.52
CA PHE G 204 -5.40 28.14 -11.83
C PHE G 204 -6.49 27.61 -12.78
N LYS G 205 -6.53 28.15 -13.99
CA LYS G 205 -7.51 27.72 -14.97
C LYS G 205 -7.37 26.24 -15.26
N ASP G 206 -6.14 25.77 -15.40
CA ASP G 206 -5.91 24.35 -15.66
C ASP G 206 -6.40 23.53 -14.47
N GLY G 207 -6.17 24.03 -13.25
CA GLY G 207 -6.62 23.34 -12.06
C GLY G 207 -5.62 22.42 -11.36
N PRO G 208 -5.83 22.13 -10.06
CA PRO G 208 -4.98 21.26 -9.25
C PRO G 208 -4.90 19.84 -9.81
N GLN G 209 -5.99 19.39 -10.42
CA GLN G 209 -6.01 18.07 -11.03
C GLN G 209 -4.79 17.93 -11.97
N LYS G 210 -4.45 18.97 -12.72
CA LYS G 210 -3.29 18.90 -13.61
C LYS G 210 -1.95 19.36 -12.99
N TRP G 211 -1.98 20.42 -12.19
CA TRP G 211 -0.75 20.95 -11.62
C TRP G 211 -0.45 20.62 -10.16
N ASN G 212 -1.26 19.79 -9.52
CA ASN G 212 -0.98 19.44 -8.12
C ASN G 212 0.33 18.71 -7.95
N GLY G 213 1.15 19.17 -6.99
CA GLY G 213 2.43 18.53 -6.73
C GLY G 213 3.51 18.83 -7.76
N HIS G 214 3.22 19.74 -8.67
CA HIS G 214 4.14 20.16 -9.74
C HIS G 214 5.03 21.34 -9.37
N ARG G 215 6.26 21.33 -9.86
CA ARG G 215 7.18 22.45 -9.67
C ARG G 215 7.30 23.01 -11.08
N ILE G 216 6.99 24.29 -11.23
CA ILE G 216 7.06 24.92 -12.54
C ILE G 216 8.07 26.04 -12.51
N ALA G 217 8.95 26.06 -13.50
CA ALA G 217 9.96 27.10 -13.58
C ALA G 217 9.36 28.30 -14.30
N LEU G 218 9.12 29.39 -13.58
CA LEU G 218 8.57 30.57 -14.20
C LEU G 218 9.66 31.38 -14.87
N THR G 219 10.06 30.90 -16.05
CA THR G 219 11.08 31.54 -16.85
C THR G 219 10.71 31.32 -18.30
N PHE G 220 10.59 32.40 -19.05
CA PHE G 220 10.22 32.31 -20.46
C PHE G 220 11.40 32.52 -21.40
N GLU G 221 12.60 32.62 -20.85
CA GLU G 221 13.77 32.84 -21.68
C GLU G 221 15.09 32.68 -20.91
N THR G 222 16.04 31.96 -21.50
CA THR G 222 17.33 31.77 -20.87
C THR G 222 18.37 32.48 -21.70
N LEU G 223 19.02 33.46 -21.09
CA LEU G 223 20.04 34.23 -21.77
C LEU G 223 21.28 34.35 -20.90
N SER G 224 22.44 34.31 -21.53
CA SER G 224 23.69 34.47 -20.79
C SER G 224 23.88 35.98 -20.66
N PRO G 225 24.73 36.43 -19.73
CA PRO G 225 24.95 37.87 -19.55
C PRO G 225 25.38 38.56 -20.86
N VAL G 226 26.23 37.89 -21.64
CA VAL G 226 26.69 38.45 -22.90
C VAL G 226 25.49 38.65 -23.83
N GLN G 227 24.58 37.68 -23.80
CA GLN G 227 23.36 37.75 -24.60
C GLN G 227 22.41 38.79 -24.02
N VAL G 228 22.45 38.98 -22.70
CA VAL G 228 21.59 39.96 -22.03
C VAL G 228 21.94 41.36 -22.51
N CYS G 229 23.23 41.67 -22.51
CA CYS G 229 23.71 42.99 -22.94
C CYS G 229 23.47 43.16 -24.43
N ALA G 230 23.64 42.07 -25.18
CA ALA G 230 23.42 42.10 -26.61
C ALA G 230 21.99 42.54 -26.89
N ALA G 231 21.02 41.97 -26.18
CA ALA G 231 19.61 42.36 -26.37
C ALA G 231 19.40 43.83 -26.01
N PHE G 232 20.07 44.30 -24.96
CA PHE G 232 19.94 45.70 -24.54
C PHE G 232 20.47 46.65 -25.61
N SER G 233 21.57 46.26 -26.25
CA SER G 233 22.21 47.08 -27.26
C SER G 233 21.34 47.36 -28.48
N ARG G 234 20.59 46.35 -28.93
CA ARG G 234 19.72 46.53 -30.07
C ARG G 234 18.50 47.30 -29.62
N ALA G 235 18.14 47.12 -28.35
CA ALA G 235 16.99 47.78 -27.77
C ALA G 235 17.22 49.27 -27.55
N LEU G 236 18.39 49.62 -27.03
CA LEU G 236 18.71 51.01 -26.74
C LEU G 236 19.52 51.70 -27.84
N ASN G 237 20.07 50.92 -28.76
CA ASN G 237 20.89 51.47 -29.84
C ASN G 237 22.14 52.07 -29.20
N ARG G 238 22.70 51.34 -28.24
CA ARG G 238 23.90 51.75 -27.54
C ARG G 238 24.77 50.52 -27.37
N ARG G 239 26.04 50.74 -27.04
CA ARG G 239 26.92 49.61 -26.84
C ARG G 239 26.79 49.17 -25.39
N VAL G 240 26.67 47.87 -25.20
CA VAL G 240 26.54 47.31 -23.86
C VAL G 240 27.56 46.18 -23.72
N THR G 241 28.36 46.26 -22.67
CA THR G 241 29.36 45.23 -22.44
C THR G 241 29.24 44.68 -21.02
N TYR G 242 29.36 43.38 -20.89
CA TYR G 242 29.26 42.73 -19.58
C TYR G 242 30.63 42.53 -18.96
N VAL G 243 30.77 42.96 -17.70
CA VAL G 243 32.04 42.80 -17.02
C VAL G 243 31.91 41.91 -15.80
N GLN G 244 32.44 40.70 -15.88
CA GLN G 244 32.40 39.77 -14.76
C GLN G 244 33.36 40.19 -13.66
N VAL G 245 32.85 40.31 -12.45
CA VAL G 245 33.64 40.69 -11.30
C VAL G 245 33.54 39.67 -10.17
N PRO G 246 34.67 39.33 -9.55
CA PRO G 246 34.77 38.38 -8.44
C PRO G 246 33.68 38.55 -7.39
N LYS G 247 33.40 39.80 -7.03
CA LYS G 247 32.40 40.09 -6.02
C LYS G 247 31.35 41.07 -6.53
N VAL G 248 30.18 41.03 -5.89
CA VAL G 248 29.08 41.92 -6.22
C VAL G 248 29.44 43.31 -5.73
N GLU G 249 29.56 44.26 -6.65
CA GLU G 249 29.90 45.63 -6.32
C GLU G 249 28.76 46.28 -5.56
N ILE G 250 28.97 46.51 -4.27
CA ILE G 250 27.96 47.13 -3.41
C ILE G 250 28.14 48.64 -3.44
N LYS G 251 27.62 49.30 -4.48
CA LYS G 251 27.75 50.76 -4.63
C LYS G 251 26.90 51.63 -3.71
N VAL G 252 26.06 51.03 -2.88
CA VAL G 252 25.23 51.82 -1.98
C VAL G 252 25.05 51.08 -0.66
N ASN G 253 24.60 51.78 0.38
CA ASN G 253 24.39 51.14 1.68
C ASN G 253 23.14 50.27 1.69
N ILE G 254 23.28 49.06 2.23
CA ILE G 254 22.17 48.11 2.27
C ILE G 254 22.12 47.33 3.59
N PRO G 255 20.95 46.74 3.92
CA PRO G 255 20.87 45.98 5.18
C PRO G 255 21.83 44.78 5.14
N VAL G 256 22.37 44.42 6.29
CA VAL G 256 23.30 43.30 6.38
C VAL G 256 22.65 42.08 5.76
N GLY G 257 21.35 41.95 5.95
CA GLY G 257 20.62 40.81 5.42
C GLY G 257 20.74 40.72 3.91
N TYR G 258 20.75 41.86 3.24
CA TYR G 258 20.87 41.87 1.79
C TYR G 258 22.30 41.62 1.38
N ARG G 259 23.23 42.06 2.22
CA ARG G 259 24.65 41.88 1.93
C ARG G 259 24.97 40.38 1.93
N GLU G 260 24.47 39.68 2.94
CA GLU G 260 24.73 38.23 3.03
C GLU G 260 24.11 37.49 1.84
N GLN G 261 22.93 37.93 1.42
CA GLN G 261 22.28 37.31 0.27
C GLN G 261 23.21 37.51 -0.93
N LEU G 262 23.72 38.72 -1.08
CA LEU G 262 24.62 39.01 -2.19
C LEU G 262 25.95 38.28 -2.08
N GLU G 263 26.45 38.10 -0.87
CA GLU G 263 27.72 37.39 -0.67
C GLU G 263 27.59 35.92 -1.03
N ALA G 264 26.41 35.36 -0.77
CA ALA G 264 26.18 33.97 -1.09
C ALA G 264 26.08 33.83 -2.61
N ILE G 265 25.48 34.82 -3.25
CA ILE G 265 25.36 34.77 -4.69
C ILE G 265 26.73 34.80 -5.34
N GLU G 266 27.68 35.50 -4.71
CA GLU G 266 29.04 35.56 -5.24
C GLU G 266 29.67 34.16 -5.23
N VAL G 267 29.47 33.46 -4.13
CA VAL G 267 30.04 32.14 -3.98
C VAL G 267 29.45 31.11 -4.94
N VAL G 268 28.13 31.12 -5.07
CA VAL G 268 27.41 30.16 -5.92
C VAL G 268 27.56 30.33 -7.43
N PHE G 269 27.43 31.57 -7.92
CA PHE G 269 27.51 31.79 -9.36
C PHE G 269 28.84 32.35 -9.81
N GLY G 270 29.54 33.01 -8.91
CA GLY G 270 30.83 33.56 -9.25
C GLY G 270 31.91 32.52 -9.03
N GLU G 271 32.06 32.12 -7.78
CA GLU G 271 33.06 31.14 -7.40
C GLU G 271 32.74 29.73 -7.92
N HIS G 272 31.51 29.26 -7.72
CA HIS G 272 31.17 27.91 -8.13
C HIS G 272 30.47 27.69 -9.48
N LYS G 273 29.92 28.74 -10.06
CA LYS G 273 29.24 28.61 -11.35
C LYS G 273 28.14 27.53 -11.35
N ALA G 274 27.36 27.50 -10.27
CA ALA G 274 26.28 26.52 -10.13
C ALA G 274 25.01 26.97 -10.85
N PRO G 275 24.17 26.02 -11.29
CA PRO G 275 22.96 26.45 -11.97
C PRO G 275 22.07 27.31 -11.06
N TYR G 276 21.24 28.14 -11.65
CA TYR G 276 20.35 28.99 -10.89
C TYR G 276 19.22 28.13 -10.27
N PHE G 277 18.89 27.06 -10.98
CA PHE G 277 17.88 26.12 -10.52
C PHE G 277 18.61 24.79 -10.56
N PRO G 278 19.28 24.41 -9.45
CA PRO G 278 20.02 23.15 -9.36
C PRO G 278 19.19 21.86 -9.38
N LEU G 279 17.87 21.97 -9.29
CA LEU G 279 16.98 20.81 -9.28
C LEU G 279 16.98 20.05 -10.61
N PRO G 280 16.96 18.71 -10.52
CA PRO G 280 16.97 17.78 -11.67
C PRO G 280 15.96 18.06 -12.77
N GLU G 281 14.74 18.43 -12.39
CA GLU G 281 13.69 18.71 -13.38
C GLU G 281 13.93 20.03 -14.11
N PHE G 282 14.87 20.83 -13.60
CA PHE G 282 15.18 22.11 -14.23
C PHE G 282 16.61 22.11 -14.75
N SER G 283 17.26 20.95 -14.73
CA SER G 283 18.64 20.82 -15.19
C SER G 283 18.87 19.61 -16.10
N ARG G 284 18.99 19.86 -17.40
CA ARG G 284 19.21 18.80 -18.37
C ARG G 284 19.22 19.35 -19.80
N ARG G 316 14.21 22.59 -23.04
CA ARG G 316 14.69 23.55 -22.06
C ARG G 316 13.76 23.81 -20.88
N VAL G 317 14.34 24.35 -19.82
CA VAL G 317 13.64 24.68 -18.60
C VAL G 317 12.49 25.66 -18.88
N THR G 318 12.43 26.22 -20.09
CA THR G 318 11.37 27.17 -20.43
C THR G 318 10.14 26.57 -21.11
N ASP G 319 10.13 25.25 -21.33
CA ASP G 319 9.00 24.61 -22.00
C ASP G 319 7.63 24.70 -21.33
N GLU G 320 7.54 24.34 -20.05
CA GLU G 320 6.27 24.41 -19.35
C GLU G 320 5.74 25.83 -19.30
N ALA G 321 6.61 26.76 -18.94
CA ALA G 321 6.23 28.15 -18.84
C ALA G 321 5.69 28.67 -20.17
N ARG G 322 6.47 28.50 -21.24
CA ARG G 322 6.04 28.98 -22.55
C ARG G 322 4.69 28.37 -22.97
N LYS G 323 4.45 27.11 -22.58
CA LYS G 323 3.20 26.45 -22.91
C LYS G 323 2.04 26.96 -22.05
N LEU G 324 2.34 27.40 -20.84
CA LEU G 324 1.30 27.95 -19.97
C LEU G 324 0.92 29.33 -20.50
N TRP G 325 1.95 30.13 -20.82
CA TRP G 325 1.72 31.48 -21.34
C TRP G 325 2.72 31.77 -22.46
N SER G 326 2.20 31.90 -23.68
CA SER G 326 3.07 32.14 -24.84
C SER G 326 3.15 33.59 -25.26
N GLY G 327 2.61 34.49 -24.45
CA GLY G 327 2.67 35.90 -24.78
C GLY G 327 3.76 36.63 -24.03
N TRP G 328 4.78 35.89 -23.58
CA TRP G 328 5.88 36.48 -22.81
C TRP G 328 6.62 37.62 -23.48
N ARG G 329 7.27 38.44 -22.66
CA ARG G 329 8.06 39.57 -23.12
C ARG G 329 9.55 39.25 -22.92
N ASP G 330 10.31 39.20 -24.02
CA ASP G 330 11.73 38.88 -23.93
C ASP G 330 12.54 40.06 -23.41
N MET G 331 13.85 39.83 -23.24
CA MET G 331 14.74 40.86 -22.74
C MET G 331 14.78 42.08 -23.66
N GLU G 332 14.90 41.86 -24.96
CA GLU G 332 14.93 42.98 -25.90
C GLU G 332 13.69 43.87 -25.78
N GLU G 333 12.50 43.28 -25.74
CA GLU G 333 11.27 44.07 -25.63
C GLU G 333 11.25 44.86 -24.33
N TYR G 334 11.69 44.23 -23.24
CA TYR G 334 11.72 44.90 -21.96
C TYR G 334 12.66 46.11 -22.02
N ALA G 335 13.86 45.87 -22.55
CA ALA G 335 14.85 46.92 -22.63
C ALA G 335 14.39 48.11 -23.46
N ARG G 336 13.75 47.82 -24.58
CA ARG G 336 13.27 48.87 -25.46
C ARG G 336 11.97 49.55 -25.00
N GLU G 337 10.95 48.74 -24.71
CA GLU G 337 9.65 49.27 -24.33
C GLU G 337 9.40 49.57 -22.86
N VAL G 338 10.26 49.09 -21.96
CA VAL G 338 10.02 49.34 -20.54
C VAL G 338 11.19 49.96 -19.79
N PHE G 339 12.39 49.46 -20.04
CA PHE G 339 13.57 49.99 -19.37
C PHE G 339 13.61 51.53 -19.36
N PRO G 340 13.58 52.17 -20.54
CA PRO G 340 13.63 53.64 -20.63
C PRO G 340 12.57 54.35 -19.79
N ILE G 341 11.37 53.78 -19.76
CA ILE G 341 10.28 54.37 -19.00
C ILE G 341 10.46 54.23 -17.49
N GLU G 342 11.04 53.13 -17.03
CA GLU G 342 11.25 52.98 -15.58
C GLU G 342 12.38 53.91 -15.20
N GLU G 343 13.39 53.99 -16.07
CA GLU G 343 14.54 54.85 -15.84
C GLU G 343 14.04 56.29 -15.70
N GLU G 344 13.23 56.71 -16.67
CA GLU G 344 12.68 58.06 -16.67
C GLU G 344 11.89 58.29 -15.38
N ALA G 345 11.06 57.32 -15.02
CA ALA G 345 10.25 57.42 -13.81
C ALA G 345 11.14 57.45 -12.58
N ASN G 346 12.40 57.07 -12.74
CA ASN G 346 13.33 57.07 -11.61
C ASN G 346 14.14 58.35 -11.52
N GLY G 347 13.96 59.25 -12.48
CA GLY G 347 14.68 60.51 -12.46
C GLY G 347 15.68 60.79 -13.57
N LEU G 348 16.19 59.74 -14.22
CA LEU G 348 17.17 59.94 -15.29
C LEU G 348 16.56 60.65 -16.49
N ASP G 349 17.40 60.96 -17.48
CA ASP G 349 16.93 61.66 -18.67
C ASP G 349 17.77 61.34 -19.91
N TRP G 350 18.72 60.43 -19.77
CA TRP G 350 19.59 60.06 -20.88
C TRP G 350 18.83 59.56 -22.12
N MET G 351 17.56 59.22 -21.94
CA MET G 351 16.74 58.72 -23.05
C MET G 351 15.95 59.85 -23.73
N LEU G 352 16.23 61.09 -23.32
CA LEU G 352 15.57 62.27 -23.86
C LEU G 352 16.52 63.04 -24.79
N GLN H 3 -37.85 39.54 -2.95
CA GLN H 3 -37.78 41.02 -3.14
C GLN H 3 -36.35 41.54 -2.96
N GLN H 4 -35.38 40.65 -3.13
CA GLN H 4 -33.96 41.01 -2.99
C GLN H 4 -33.41 41.63 -4.27
N LYS H 5 -32.31 42.35 -4.14
CA LYS H 5 -31.66 43.01 -5.27
C LYS H 5 -30.71 42.00 -5.93
N LYS H 6 -31.15 41.43 -7.04
CA LYS H 6 -30.35 40.43 -7.76
C LYS H 6 -29.24 41.07 -8.60
N THR H 7 -28.28 40.26 -9.03
CA THR H 7 -27.19 40.77 -9.84
C THR H 7 -27.58 40.80 -11.30
N ILE H 8 -27.29 41.93 -11.95
CA ILE H 8 -27.64 42.16 -13.34
C ILE H 8 -26.45 42.19 -14.30
N ALA H 9 -26.55 41.38 -15.36
CA ALA H 9 -25.52 41.31 -16.40
C ALA H 9 -25.94 42.30 -17.48
N VAL H 10 -24.99 43.10 -17.96
CA VAL H 10 -25.30 44.12 -18.96
C VAL H 10 -24.12 44.28 -19.91
N VAL H 11 -24.40 44.66 -21.15
CA VAL H 11 -23.35 44.91 -22.12
C VAL H 11 -23.46 46.36 -22.63
N ASN H 12 -22.43 46.84 -23.32
CA ASN H 12 -22.47 48.19 -23.87
C ASN H 12 -22.86 49.16 -22.75
N ALA H 13 -22.13 49.07 -21.64
CA ALA H 13 -22.41 49.87 -20.46
C ALA H 13 -22.46 51.38 -20.66
N THR H 14 -21.67 51.91 -21.60
CA THR H 14 -21.66 53.35 -21.81
C THR H 14 -22.79 53.82 -22.73
N GLY H 15 -23.56 52.87 -23.26
CA GLY H 15 -24.69 53.23 -24.11
C GLY H 15 -25.73 53.88 -23.24
N ARG H 16 -26.54 54.77 -23.81
CA ARG H 16 -27.55 55.49 -23.03
C ARG H 16 -28.60 54.61 -22.34
N GLN H 17 -29.02 53.55 -23.01
CA GLN H 17 -29.99 52.64 -22.42
C GLN H 17 -29.39 51.96 -21.20
N ALA H 18 -28.22 51.36 -21.38
CA ALA H 18 -27.55 50.66 -20.29
C ALA H 18 -27.13 51.57 -19.15
N ALA H 19 -26.41 52.64 -19.47
CA ALA H 19 -25.93 53.58 -18.46
C ALA H 19 -27.08 54.02 -17.56
N SER H 20 -28.26 54.21 -18.16
CA SER H 20 -29.42 54.63 -17.41
C SER H 20 -29.82 53.56 -16.38
N LEU H 21 -29.77 52.30 -16.78
CA LEU H 21 -30.15 51.21 -15.87
C LEU H 21 -29.09 51.00 -14.81
N ILE H 22 -27.84 51.04 -15.23
CA ILE H 22 -26.75 50.84 -14.30
C ILE H 22 -26.80 51.81 -13.13
N ARG H 23 -26.86 53.11 -13.43
CA ARG H 23 -26.92 54.15 -12.39
C ARG H 23 -28.08 53.88 -11.43
N VAL H 24 -29.26 53.63 -12.00
CA VAL H 24 -30.45 53.38 -11.21
C VAL H 24 -30.40 52.02 -10.50
N ALA H 25 -29.81 51.01 -11.13
CA ALA H 25 -29.73 49.68 -10.52
C ALA H 25 -28.74 49.66 -9.36
N ALA H 26 -27.53 50.12 -9.58
CA ALA H 26 -26.52 50.14 -8.53
C ALA H 26 -27.01 50.99 -7.36
N ALA H 27 -27.56 52.16 -7.66
CA ALA H 27 -28.05 53.03 -6.61
C ALA H 27 -29.00 52.33 -5.65
N VAL H 28 -30.00 51.61 -6.17
CA VAL H 28 -30.95 50.93 -5.28
C VAL H 28 -30.42 49.64 -4.64
N GLY H 29 -29.21 49.19 -4.99
CA GLY H 29 -28.68 48.00 -4.37
C GLY H 29 -28.39 46.74 -5.18
N HIS H 30 -28.59 46.77 -6.49
CA HIS H 30 -28.29 45.59 -7.30
C HIS H 30 -26.79 45.58 -7.61
N HIS H 31 -26.24 44.40 -7.83
CA HIS H 31 -24.84 44.26 -8.19
C HIS H 31 -24.85 44.22 -9.72
N VAL H 32 -24.11 45.11 -10.36
CA VAL H 32 -24.08 45.12 -11.82
C VAL H 32 -22.77 44.59 -12.37
N ARG H 33 -22.87 43.80 -13.44
CA ARG H 33 -21.73 43.24 -14.15
C ARG H 33 -21.93 43.75 -15.58
N ALA H 34 -21.05 44.63 -16.03
CA ALA H 34 -21.22 45.18 -17.36
C ALA H 34 -19.98 45.10 -18.23
N GLN H 35 -20.22 45.01 -19.53
CA GLN H 35 -19.16 44.95 -20.53
C GLN H 35 -19.10 46.34 -21.14
N VAL H 36 -17.88 46.81 -21.43
CA VAL H 36 -17.66 48.10 -22.08
C VAL H 36 -16.50 47.93 -23.06
N HIS H 37 -16.52 48.70 -24.13
CA HIS H 37 -15.47 48.63 -25.14
C HIS H 37 -14.17 49.22 -24.62
N SER H 38 -14.30 50.29 -23.84
CA SER H 38 -13.14 50.98 -23.27
C SER H 38 -13.47 51.67 -21.96
N LEU H 39 -12.49 51.75 -21.08
CA LEU H 39 -12.64 52.40 -19.79
C LEU H 39 -12.29 53.88 -19.95
N LYS H 40 -11.98 54.26 -21.19
CA LYS H 40 -11.61 55.63 -21.51
C LYS H 40 -12.79 56.52 -21.87
N GLY H 41 -13.20 57.36 -20.93
CA GLY H 41 -14.32 58.26 -21.19
C GLY H 41 -15.04 58.68 -19.93
N LEU H 42 -15.72 59.82 -20.00
CA LEU H 42 -16.48 60.32 -18.87
C LEU H 42 -17.39 59.22 -18.34
N ILE H 43 -18.34 58.80 -19.17
CA ILE H 43 -19.31 57.77 -18.80
C ILE H 43 -18.63 56.52 -18.22
N ALA H 44 -17.62 56.04 -18.93
CA ALA H 44 -16.88 54.86 -18.52
C ALA H 44 -16.31 55.03 -17.11
N GLU H 45 -15.55 56.09 -16.91
CA GLU H 45 -14.96 56.37 -15.62
C GLU H 45 -16.06 56.49 -14.57
N GLU H 46 -17.14 57.16 -14.93
CA GLU H 46 -18.28 57.35 -14.05
C GLU H 46 -18.77 56.01 -13.52
N LEU H 47 -19.16 55.12 -14.43
CA LEU H 47 -19.65 53.80 -14.05
C LEU H 47 -18.66 53.04 -13.18
N GLN H 48 -17.38 53.11 -13.55
CA GLN H 48 -16.32 52.43 -12.81
C GLN H 48 -16.37 52.83 -11.33
N ALA H 49 -16.52 54.13 -11.08
CA ALA H 49 -16.58 54.66 -9.72
C ALA H 49 -17.81 54.27 -8.90
N ILE H 50 -18.88 53.81 -9.54
CA ILE H 50 -20.07 53.40 -8.79
C ILE H 50 -19.75 52.10 -8.05
N PRO H 51 -19.85 52.13 -6.71
CA PRO H 51 -19.60 51.02 -5.79
C PRO H 51 -19.92 49.60 -6.19
N ASN H 52 -21.17 49.33 -6.57
CA ASN H 52 -21.55 47.97 -6.93
C ASN H 52 -21.45 47.60 -8.40
N VAL H 53 -20.70 48.38 -9.17
CA VAL H 53 -20.57 48.08 -10.59
C VAL H 53 -19.22 47.47 -10.94
N THR H 54 -19.24 46.26 -11.49
CA THR H 54 -18.00 45.60 -11.89
C THR H 54 -17.93 45.67 -13.40
N LEU H 55 -16.83 46.20 -13.91
CA LEU H 55 -16.66 46.34 -15.34
C LEU H 55 -15.75 45.28 -15.95
N PHE H 56 -16.01 44.96 -17.20
CA PHE H 56 -15.24 43.98 -17.94
C PHE H 56 -14.98 44.63 -19.28
N GLN H 57 -13.72 44.98 -19.50
CA GLN H 57 -13.33 45.65 -20.72
C GLN H 57 -12.88 44.65 -21.78
N GLY H 58 -13.56 44.69 -22.92
CA GLY H 58 -13.23 43.80 -24.01
C GLY H 58 -14.29 43.81 -25.07
N PRO H 59 -13.95 43.41 -26.31
CA PRO H 59 -14.95 43.41 -27.38
C PRO H 59 -15.97 42.28 -27.17
N LEU H 60 -17.15 42.43 -27.76
CA LEU H 60 -18.17 41.39 -27.63
C LEU H 60 -18.10 40.39 -28.77
N LEU H 61 -17.80 40.87 -29.97
CA LEU H 61 -17.73 39.99 -31.15
C LEU H 61 -16.73 38.87 -30.97
N ASN H 62 -17.15 37.64 -31.26
CA ASN H 62 -16.29 36.47 -31.14
C ASN H 62 -15.50 36.47 -29.84
N ASN H 63 -16.18 36.59 -28.72
CA ASN H 63 -15.51 36.61 -27.43
C ASN H 63 -16.38 35.98 -26.34
N VAL H 64 -16.61 34.67 -26.49
CA VAL H 64 -17.42 33.95 -25.53
C VAL H 64 -16.82 33.92 -24.12
N PRO H 65 -15.48 34.01 -23.99
CA PRO H 65 -14.94 33.97 -22.63
C PRO H 65 -15.46 35.12 -21.78
N LEU H 66 -15.66 36.28 -22.41
CA LEU H 66 -16.16 37.45 -21.70
C LEU H 66 -17.63 37.29 -21.32
N MET H 67 -18.43 36.90 -22.29
CA MET H 67 -19.86 36.70 -22.02
C MET H 67 -20.05 35.71 -20.88
N ASP H 68 -19.19 34.70 -20.81
CA ASP H 68 -19.30 33.72 -19.74
C ASP H 68 -19.05 34.37 -18.39
N THR H 69 -18.03 35.22 -18.33
CA THR H 69 -17.72 35.88 -17.08
C THR H 69 -18.84 36.83 -16.72
N LEU H 70 -19.38 37.49 -17.74
CA LEU H 70 -20.46 38.45 -17.57
C LEU H 70 -21.67 37.91 -16.80
N PHE H 71 -22.12 36.71 -17.16
CA PHE H 71 -23.29 36.08 -16.54
C PHE H 71 -23.04 35.28 -15.26
N GLU H 72 -21.79 35.13 -14.86
CA GLU H 72 -21.50 34.38 -13.65
C GLU H 72 -22.24 34.98 -12.46
N GLY H 73 -23.10 34.19 -11.85
CA GLY H 73 -23.85 34.66 -10.69
C GLY H 73 -24.87 35.74 -10.99
N ALA H 74 -25.21 35.92 -12.26
CA ALA H 74 -26.19 36.93 -12.62
C ALA H 74 -27.56 36.27 -12.65
N HIS H 75 -28.58 36.99 -12.23
CA HIS H 75 -29.94 36.44 -12.21
C HIS H 75 -30.86 37.25 -13.12
N LEU H 76 -30.39 38.43 -13.50
CA LEU H 76 -31.13 39.32 -14.38
C LEU H 76 -30.15 39.84 -15.42
N ALA H 77 -30.66 40.29 -16.56
CA ALA H 77 -29.80 40.80 -17.61
C ALA H 77 -30.56 41.77 -18.49
N PHE H 78 -29.87 42.83 -18.91
CA PHE H 78 -30.45 43.82 -19.82
C PHE H 78 -29.44 43.87 -20.94
N ILE H 79 -29.86 43.44 -22.11
CA ILE H 79 -28.95 43.39 -23.25
C ILE H 79 -29.38 44.28 -24.39
N ASN H 80 -28.50 45.20 -24.74
CA ASN H 80 -28.74 46.10 -25.85
C ASN H 80 -27.46 46.26 -26.66
N THR H 81 -27.30 45.42 -27.68
CA THR H 81 -26.15 45.45 -28.58
C THR H 81 -26.17 46.65 -29.52
N THR H 82 -25.06 46.86 -30.23
CA THR H 82 -24.92 47.96 -31.19
C THR H 82 -24.26 47.43 -32.47
N SER H 83 -24.57 48.04 -33.60
CA SER H 83 -24.01 47.62 -34.89
C SER H 83 -22.51 47.85 -34.98
N GLN H 84 -22.02 48.83 -34.22
CA GLN H 84 -20.60 49.15 -34.21
C GLN H 84 -19.77 47.97 -33.71
N ALA H 85 -20.25 47.33 -32.65
CA ALA H 85 -19.56 46.18 -32.07
C ALA H 85 -19.35 45.04 -33.07
N GLY H 86 -19.96 45.18 -34.25
CA GLY H 86 -19.83 44.14 -35.26
C GLY H 86 -21.16 43.43 -35.41
N ASP H 87 -21.20 42.38 -36.23
CA ASP H 87 -22.41 41.61 -36.46
C ASP H 87 -23.26 41.44 -35.19
N GLU H 88 -24.36 42.19 -35.12
CA GLU H 88 -25.26 42.13 -33.97
C GLU H 88 -25.95 40.79 -33.81
N ILE H 89 -26.16 40.05 -34.89
CA ILE H 89 -26.82 38.76 -34.77
C ILE H 89 -25.92 37.71 -34.13
N ALA H 90 -24.67 37.63 -34.58
CA ALA H 90 -23.71 36.67 -34.02
C ALA H 90 -23.51 37.00 -32.54
N ILE H 91 -23.35 38.30 -32.26
CA ILE H 91 -23.19 38.78 -30.88
C ILE H 91 -24.47 38.49 -30.08
N GLY H 92 -25.61 38.88 -30.64
CA GLY H 92 -26.89 38.64 -29.99
C GLY H 92 -27.06 37.20 -29.55
N LYS H 93 -26.76 36.27 -30.45
CA LYS H 93 -26.89 34.85 -30.15
C LYS H 93 -25.89 34.34 -29.11
N ASP H 94 -24.62 34.70 -29.26
CA ASP H 94 -23.62 34.25 -28.28
C ASP H 94 -24.05 34.62 -26.86
N LEU H 95 -24.48 35.88 -26.69
CA LEU H 95 -24.91 36.32 -25.37
C LEU H 95 -26.04 35.41 -24.88
N ALA H 96 -27.00 35.12 -25.76
CA ALA H 96 -28.12 34.26 -25.41
C ALA H 96 -27.63 32.89 -24.94
N ASP H 97 -26.71 32.29 -25.70
CA ASP H 97 -26.16 30.98 -25.33
C ASP H 97 -25.47 31.09 -23.96
N ALA H 98 -24.65 32.12 -23.81
CA ALA H 98 -23.92 32.34 -22.55
C ALA H 98 -24.90 32.42 -21.40
N ALA H 99 -26.01 33.10 -21.63
CA ALA H 99 -27.04 33.25 -20.61
C ALA H 99 -27.60 31.88 -20.23
N LYS H 100 -27.90 31.07 -21.24
CA LYS H 100 -28.44 29.73 -21.03
C LYS H 100 -27.45 28.87 -20.21
N ARG H 101 -26.20 28.80 -20.68
CA ARG H 101 -25.18 28.03 -20.00
C ARG H 101 -25.07 28.35 -18.52
N ALA H 102 -25.00 29.63 -18.18
CA ALA H 102 -24.90 30.05 -16.79
C ALA H 102 -26.05 29.43 -15.98
N GLY H 103 -27.24 29.43 -16.58
CA GLY H 103 -28.40 28.82 -15.95
C GLY H 103 -29.04 29.53 -14.76
N THR H 104 -28.54 30.71 -14.41
CA THR H 104 -29.07 31.45 -13.27
C THR H 104 -29.95 32.64 -13.66
N ILE H 105 -30.03 32.91 -14.96
CA ILE H 105 -30.83 34.03 -15.45
C ILE H 105 -32.33 33.76 -15.28
N GLN H 106 -32.99 34.57 -14.46
CA GLN H 106 -34.42 34.44 -14.19
C GLN H 106 -35.28 35.40 -15.01
N HIS H 107 -34.65 36.40 -15.62
CA HIS H 107 -35.37 37.37 -16.42
C HIS H 107 -34.39 38.06 -17.35
N TYR H 108 -34.52 37.77 -18.63
CA TYR H 108 -33.63 38.30 -19.66
C TYR H 108 -34.35 39.33 -20.53
N ILE H 109 -33.95 40.60 -20.40
CA ILE H 109 -34.55 41.65 -21.20
C ILE H 109 -33.65 42.00 -22.37
N TYR H 110 -34.18 41.91 -23.59
CA TYR H 110 -33.40 42.22 -24.78
C TYR H 110 -34.01 43.42 -25.48
N SER H 111 -33.20 44.44 -25.71
CA SER H 111 -33.70 45.63 -26.38
C SER H 111 -33.77 45.27 -27.85
N SER H 112 -34.99 45.19 -28.37
CA SER H 112 -35.21 44.83 -29.76
C SER H 112 -35.72 45.98 -30.61
N MET H 113 -35.78 45.73 -31.91
CA MET H 113 -36.25 46.70 -32.89
C MET H 113 -36.87 45.95 -34.06
N PRO H 114 -37.78 46.60 -34.79
CA PRO H 114 -38.43 45.96 -35.93
C PRO H 114 -37.63 45.81 -37.22
N ASP H 115 -38.07 44.87 -38.04
CA ASP H 115 -37.48 44.64 -39.36
C ASP H 115 -38.64 45.06 -40.26
N HIS H 116 -38.66 46.33 -40.65
CA HIS H 116 -39.73 46.86 -41.49
C HIS H 116 -40.05 46.05 -42.75
N SER H 117 -39.07 45.30 -43.26
CA SER H 117 -39.27 44.50 -44.46
C SER H 117 -40.29 43.38 -44.27
N LEU H 118 -40.61 43.07 -43.01
CA LEU H 118 -41.56 42.02 -42.71
C LEU H 118 -42.98 42.57 -42.55
N TYR H 119 -43.13 43.89 -42.67
CA TYR H 119 -44.44 44.50 -42.48
C TYR H 119 -44.97 45.33 -43.65
N GLY H 120 -44.17 45.45 -44.70
CA GLY H 120 -44.61 46.22 -45.85
C GLY H 120 -43.57 46.26 -46.94
N PRO H 121 -43.88 46.92 -48.08
CA PRO H 121 -42.98 47.06 -49.23
C PRO H 121 -41.79 47.94 -48.89
N TRP H 122 -41.28 47.81 -47.67
CA TRP H 122 -40.17 48.61 -47.21
C TRP H 122 -38.91 47.80 -47.03
N PRO H 123 -37.75 48.47 -46.97
CA PRO H 123 -36.48 47.78 -46.78
C PRO H 123 -36.22 47.59 -45.29
N ALA H 124 -35.25 46.75 -44.97
CA ALA H 124 -34.90 46.52 -43.59
C ALA H 124 -33.94 47.61 -43.15
N VAL H 125 -34.27 48.27 -42.06
CA VAL H 125 -33.39 49.30 -41.50
C VAL H 125 -32.27 48.51 -40.82
N PRO H 126 -31.07 48.49 -41.44
CA PRO H 126 -29.85 47.80 -41.00
C PRO H 126 -29.46 47.72 -39.52
N MET H 127 -29.65 48.80 -38.76
CA MET H 127 -29.30 48.75 -37.35
C MET H 127 -30.46 48.36 -36.46
N TRP H 128 -31.57 48.00 -37.09
CA TRP H 128 -32.75 47.60 -36.36
C TRP H 128 -33.08 46.12 -36.59
N ALA H 129 -33.40 45.79 -37.84
CA ALA H 129 -33.78 44.44 -38.25
C ALA H 129 -32.98 43.29 -37.64
N PRO H 130 -31.67 43.44 -37.51
CA PRO H 130 -30.88 42.36 -36.92
C PRO H 130 -31.37 41.97 -35.53
N LYS H 131 -31.76 42.98 -34.74
CA LYS H 131 -32.22 42.74 -33.39
C LYS H 131 -33.40 41.77 -33.37
N PHE H 132 -34.27 41.85 -34.38
CA PHE H 132 -35.43 40.97 -34.41
C PHE H 132 -35.01 39.51 -34.50
N THR H 133 -33.93 39.24 -35.22
CA THR H 133 -33.48 37.87 -35.34
C THR H 133 -33.00 37.38 -33.98
N VAL H 134 -32.37 38.27 -33.22
CA VAL H 134 -31.87 37.93 -31.89
C VAL H 134 -33.02 37.69 -30.93
N GLU H 135 -34.10 38.45 -31.07
CA GLU H 135 -35.26 38.28 -30.22
C GLU H 135 -35.76 36.84 -30.42
N ASN H 136 -36.00 36.47 -31.67
CA ASN H 136 -36.47 35.12 -31.99
C ASN H 136 -35.49 34.10 -31.43
N TYR H 137 -34.21 34.42 -31.42
CA TYR H 137 -33.25 33.47 -30.92
C TYR H 137 -33.34 33.33 -29.40
N VAL H 138 -33.61 34.45 -28.71
CA VAL H 138 -33.74 34.42 -27.26
C VAL H 138 -34.91 33.52 -26.91
N ARG H 139 -36.07 33.79 -27.51
CA ARG H 139 -37.29 33.00 -27.29
C ARG H 139 -37.03 31.53 -27.55
N GLN H 140 -36.32 31.27 -28.64
CA GLN H 140 -35.98 29.91 -29.04
C GLN H 140 -35.22 29.15 -27.96
N LEU H 141 -34.32 29.82 -27.25
CA LEU H 141 -33.56 29.14 -26.20
C LEU H 141 -34.39 28.91 -24.94
N GLY H 142 -35.59 29.48 -24.90
CA GLY H 142 -36.44 29.29 -23.74
C GLY H 142 -36.13 30.17 -22.54
N LEU H 143 -35.31 31.19 -22.73
CA LEU H 143 -34.96 32.09 -21.64
C LEU H 143 -36.17 32.90 -21.19
N PRO H 144 -36.42 32.98 -19.87
CA PRO H 144 -37.57 33.79 -19.45
C PRO H 144 -37.17 35.20 -19.87
N SER H 145 -37.84 35.75 -20.87
CA SER H 145 -37.47 37.05 -21.39
C SER H 145 -38.59 38.01 -21.75
N THR H 146 -38.21 39.29 -21.83
CA THR H 146 -39.12 40.38 -22.17
C THR H 146 -38.38 41.23 -23.20
N PHE H 147 -39.11 41.77 -24.16
CA PHE H 147 -38.47 42.55 -25.20
C PHE H 147 -38.91 44.00 -25.25
N VAL H 148 -37.95 44.89 -25.03
CA VAL H 148 -38.21 46.32 -25.06
C VAL H 148 -37.82 46.97 -26.40
N TYR H 149 -38.73 47.78 -26.94
CA TYR H 149 -38.54 48.49 -28.21
C TYR H 149 -38.42 49.98 -27.93
N ALA H 150 -37.20 50.50 -28.04
CA ALA H 150 -36.92 51.89 -27.73
C ALA H 150 -37.39 52.91 -28.75
N GLY H 151 -38.02 53.97 -28.26
CA GLY H 151 -38.47 55.02 -29.15
C GLY H 151 -37.27 55.91 -29.38
N ILE H 152 -37.42 56.91 -30.25
CA ILE H 152 -36.35 57.86 -30.57
C ILE H 152 -35.97 58.67 -29.34
N TYR H 153 -34.67 58.76 -29.06
CA TYR H 153 -34.20 59.52 -27.90
C TYR H 153 -34.42 61.02 -28.03
N ASN H 154 -34.94 61.64 -26.96
CA ASN H 154 -35.12 63.08 -26.94
C ASN H 154 -33.69 63.65 -26.99
N ASN H 155 -32.76 62.92 -26.37
CA ASN H 155 -31.34 63.25 -26.26
C ASN H 155 -30.57 63.34 -27.59
N ASN H 156 -31.08 62.71 -28.64
CA ASN H 156 -30.39 62.77 -29.92
C ASN H 156 -30.21 64.21 -30.40
N PHE H 157 -31.14 65.07 -30.03
CA PHE H 157 -31.09 66.47 -30.42
C PHE H 157 -29.87 67.22 -29.92
N THR H 158 -29.26 67.98 -30.83
CA THR H 158 -28.09 68.79 -30.53
C THR H 158 -27.99 69.82 -31.64
N SER H 159 -27.32 70.94 -31.38
CA SER H 159 -27.19 71.96 -32.40
C SER H 159 -25.94 71.62 -33.22
N LEU H 160 -25.12 70.72 -32.68
CA LEU H 160 -23.91 70.30 -33.38
C LEU H 160 -24.29 69.69 -34.72
N PRO H 161 -23.38 69.71 -35.70
CA PRO H 161 -23.63 69.16 -37.02
C PRO H 161 -23.68 67.62 -37.03
N TYR H 162 -24.68 67.05 -36.39
CA TYR H 162 -24.81 65.60 -36.35
C TYR H 162 -26.05 65.15 -37.12
N PRO H 163 -25.92 64.03 -37.85
CA PRO H 163 -26.98 63.44 -38.68
C PRO H 163 -28.36 63.26 -38.06
N LEU H 164 -29.37 63.52 -38.89
CA LEU H 164 -30.79 63.35 -38.57
C LEU H 164 -31.48 64.15 -37.47
N PHE H 165 -30.79 64.42 -36.38
CA PHE H 165 -31.40 65.16 -35.28
C PHE H 165 -30.77 66.47 -34.87
N GLN H 166 -30.39 67.29 -35.84
CA GLN H 166 -29.78 68.56 -35.50
C GLN H 166 -30.82 69.66 -35.33
N MET H 167 -30.80 70.29 -34.16
CA MET H 167 -31.69 71.40 -33.88
C MET H 167 -30.78 72.58 -34.21
N GLU H 168 -30.69 72.89 -35.49
CA GLU H 168 -29.84 73.95 -36.00
C GLU H 168 -30.16 75.37 -35.58
N LEU H 169 -29.13 76.06 -35.07
CA LEU H 169 -29.24 77.44 -34.65
C LEU H 169 -28.86 78.33 -35.85
N MET H 170 -29.87 78.87 -36.49
CA MET H 170 -29.65 79.74 -37.65
C MET H 170 -28.93 81.01 -37.20
N PRO H 171 -28.46 81.83 -38.15
CA PRO H 171 -27.77 83.05 -37.74
C PRO H 171 -28.73 84.05 -37.10
N ASP H 172 -29.99 84.02 -37.52
CA ASP H 172 -30.98 84.94 -36.96
C ASP H 172 -31.52 84.51 -35.60
N GLY H 173 -30.80 83.61 -34.94
CA GLY H 173 -31.20 83.16 -33.63
C GLY H 173 -32.28 82.09 -33.54
N THR H 174 -32.97 81.83 -34.66
CA THR H 174 -34.02 80.83 -34.67
C THR H 174 -33.46 79.42 -34.85
N PHE H 175 -34.29 78.42 -34.56
CA PHE H 175 -33.90 77.02 -34.66
C PHE H 175 -34.66 76.29 -35.76
N GLU H 176 -33.94 75.48 -36.53
CA GLU H 176 -34.58 74.70 -37.59
C GLU H 176 -34.16 73.24 -37.55
N TRP H 177 -35.12 72.34 -37.68
CA TRP H 177 -34.84 70.90 -37.70
C TRP H 177 -35.30 70.25 -39.01
N HIS H 178 -34.32 69.81 -39.79
CA HIS H 178 -34.56 69.17 -41.09
C HIS H 178 -34.39 67.65 -40.98
N ALA H 179 -35.40 66.91 -41.44
CA ALA H 179 -35.34 65.46 -41.40
C ALA H 179 -36.30 64.89 -42.45
N PRO H 180 -36.12 63.61 -42.81
CA PRO H 180 -36.97 62.95 -43.80
C PRO H 180 -38.38 62.68 -43.27
N PHE H 181 -38.49 62.67 -41.94
CA PHE H 181 -39.76 62.41 -41.26
C PHE H 181 -40.88 63.35 -41.67
N ASP H 182 -42.07 62.79 -41.88
CA ASP H 182 -43.22 63.61 -42.26
C ASP H 182 -43.50 64.59 -41.12
N PRO H 183 -43.91 65.82 -41.48
CA PRO H 183 -44.21 66.85 -40.48
C PRO H 183 -45.34 66.53 -39.50
N ASP H 184 -46.38 65.85 -39.95
CA ASP H 184 -47.52 65.58 -39.06
C ASP H 184 -47.73 64.16 -38.52
N ILE H 185 -46.82 63.24 -38.81
CA ILE H 185 -46.97 61.88 -38.32
C ILE H 185 -46.31 61.73 -36.95
N PRO H 186 -47.11 61.42 -35.93
CA PRO H 186 -46.55 61.25 -34.58
C PRO H 186 -45.51 60.13 -34.54
N LEU H 187 -44.34 60.43 -33.99
CA LEU H 187 -43.27 59.45 -33.85
C LEU H 187 -43.12 59.10 -32.36
N PRO H 188 -42.74 57.85 -32.05
CA PRO H 188 -42.57 57.46 -30.65
C PRO H 188 -41.26 57.97 -30.08
N TRP H 189 -41.35 58.75 -29.00
CA TRP H 189 -40.15 59.31 -28.37
C TRP H 189 -39.85 58.67 -27.03
N LEU H 190 -38.63 58.90 -26.55
CA LEU H 190 -38.18 58.36 -25.27
C LEU H 190 -36.97 59.10 -24.72
N ASP H 191 -37.06 59.49 -23.45
CA ASP H 191 -35.95 60.17 -22.79
C ASP H 191 -35.10 59.06 -22.17
N ALA H 192 -34.04 58.67 -22.87
CA ALA H 192 -33.16 57.59 -22.46
C ALA H 192 -32.59 57.61 -21.03
N GLU H 193 -31.80 58.61 -20.71
CA GLU H 193 -31.20 58.64 -19.39
C GLU H 193 -32.16 58.82 -18.23
N HIS H 194 -33.25 59.52 -18.46
CA HIS H 194 -34.21 59.80 -17.40
C HIS H 194 -35.27 58.72 -17.20
N ASP H 195 -35.57 57.95 -18.24
CA ASP H 195 -36.64 56.97 -18.08
C ASP H 195 -36.40 55.51 -18.40
N VAL H 196 -35.31 55.18 -19.10
CA VAL H 196 -35.06 53.78 -19.40
C VAL H 196 -34.75 53.02 -18.10
N GLY H 197 -33.88 53.60 -17.27
CA GLY H 197 -33.52 52.96 -16.00
C GLY H 197 -34.71 52.59 -15.15
N PRO H 198 -35.48 53.58 -14.68
CA PRO H 198 -36.65 53.27 -13.85
C PRO H 198 -37.60 52.28 -14.50
N ALA H 199 -37.87 52.44 -15.79
CA ALA H 199 -38.78 51.53 -16.49
C ALA H 199 -38.29 50.09 -16.45
N LEU H 200 -37.00 49.89 -16.69
CA LEU H 200 -36.43 48.55 -16.67
C LEU H 200 -36.47 47.96 -15.26
N LEU H 201 -36.26 48.81 -14.25
CA LEU H 201 -36.30 48.32 -12.87
C LEU H 201 -37.71 47.83 -12.53
N GLN H 202 -38.71 48.52 -13.06
CA GLN H 202 -40.09 48.12 -12.77
C GLN H 202 -40.37 46.77 -13.38
N ILE H 203 -39.91 46.58 -14.61
CA ILE H 203 -40.10 45.32 -15.31
C ILE H 203 -39.44 44.19 -14.53
N PHE H 204 -38.19 44.38 -14.11
CA PHE H 204 -37.50 43.35 -13.32
C PHE H 204 -38.26 43.13 -12.00
N LYS H 205 -38.69 44.24 -11.39
CA LYS H 205 -39.43 44.22 -10.15
C LYS H 205 -40.73 43.43 -10.34
N ASP H 206 -41.40 43.65 -11.47
CA ASP H 206 -42.63 42.93 -11.75
C ASP H 206 -42.40 41.44 -11.95
N GLY H 207 -41.28 41.08 -12.55
CA GLY H 207 -40.97 39.66 -12.76
C GLY H 207 -41.35 39.02 -14.07
N PRO H 208 -40.73 37.88 -14.40
CA PRO H 208 -41.00 37.14 -15.64
C PRO H 208 -42.43 36.60 -15.72
N GLN H 209 -43.01 36.28 -14.58
CA GLN H 209 -44.36 35.75 -14.55
C GLN H 209 -45.38 36.80 -15.00
N LYS H 210 -44.94 38.04 -15.11
CA LYS H 210 -45.81 39.13 -15.53
C LYS H 210 -45.45 39.60 -16.94
N TRP H 211 -44.15 39.72 -17.21
CA TRP H 211 -43.68 40.22 -18.51
C TRP H 211 -42.99 39.24 -19.47
N ASN H 212 -43.02 37.94 -19.18
CA ASN H 212 -42.39 36.98 -20.07
C ASN H 212 -43.06 36.92 -21.44
N GLY H 213 -42.24 36.76 -22.48
CA GLY H 213 -42.74 36.68 -23.84
C GLY H 213 -43.48 37.93 -24.32
N HIS H 214 -43.34 39.02 -23.57
CA HIS H 214 -43.98 40.29 -23.90
C HIS H 214 -43.09 41.23 -24.70
N ARG H 215 -43.72 42.10 -25.48
CA ARG H 215 -43.01 43.13 -26.24
C ARG H 215 -43.51 44.45 -25.67
N ILE H 216 -42.62 45.21 -25.04
CA ILE H 216 -43.01 46.50 -24.46
C ILE H 216 -42.44 47.64 -25.27
N ALA H 217 -43.27 48.63 -25.58
CA ALA H 217 -42.78 49.79 -26.32
C ALA H 217 -42.22 50.76 -25.29
N LEU H 218 -40.91 50.96 -25.32
CA LEU H 218 -40.27 51.88 -24.39
C LEU H 218 -40.36 53.32 -24.91
N THR H 219 -41.57 53.86 -24.86
CA THR H 219 -41.81 55.21 -25.32
C THR H 219 -42.89 55.81 -24.43
N PHE H 220 -42.66 57.03 -23.94
CA PHE H 220 -43.62 57.66 -23.07
C PHE H 220 -44.42 58.81 -23.66
N GLU H 221 -44.25 59.05 -24.96
CA GLU H 221 -44.99 60.12 -25.64
C GLU H 221 -44.76 60.09 -27.14
N THR H 222 -45.80 60.38 -27.91
CA THR H 222 -45.72 60.40 -29.37
C THR H 222 -45.98 61.81 -29.86
N LEU H 223 -45.02 62.34 -30.61
CA LEU H 223 -45.14 63.69 -31.14
C LEU H 223 -44.71 63.71 -32.61
N SER H 224 -45.33 64.61 -33.35
CA SER H 224 -44.99 64.77 -34.75
C SER H 224 -43.80 65.69 -34.74
N PRO H 225 -43.04 65.71 -35.83
CA PRO H 225 -41.88 66.61 -35.85
C PRO H 225 -42.32 68.04 -35.49
N VAL H 226 -43.48 68.44 -35.99
CA VAL H 226 -44.03 69.78 -35.72
C VAL H 226 -44.33 69.94 -34.24
N GLN H 227 -44.93 68.92 -33.64
CA GLN H 227 -45.24 68.98 -32.22
C GLN H 227 -43.93 69.01 -31.45
N VAL H 228 -42.91 68.31 -31.96
CA VAL H 228 -41.60 68.31 -31.30
C VAL H 228 -41.05 69.73 -31.32
N CYS H 229 -41.00 70.32 -32.51
CA CYS H 229 -40.50 71.67 -32.67
C CYS H 229 -41.28 72.66 -31.81
N ALA H 230 -42.60 72.51 -31.80
CA ALA H 230 -43.46 73.37 -31.00
C ALA H 230 -43.02 73.30 -29.54
N ALA H 231 -42.72 72.09 -29.07
CA ALA H 231 -42.29 71.89 -27.69
C ALA H 231 -40.98 72.60 -27.42
N PHE H 232 -40.10 72.61 -28.42
CA PHE H 232 -38.81 73.27 -28.31
C PHE H 232 -38.95 74.80 -28.27
N SER H 233 -40.00 75.32 -28.89
CA SER H 233 -40.19 76.78 -28.90
C SER H 233 -40.73 77.28 -27.56
N ARG H 234 -41.64 76.53 -26.95
CA ARG H 234 -42.18 76.94 -25.65
C ARG H 234 -41.12 76.73 -24.59
N ALA H 235 -40.10 75.94 -24.92
CA ALA H 235 -39.03 75.64 -23.98
C ALA H 235 -37.87 76.61 -24.03
N LEU H 236 -37.41 76.93 -25.23
CA LEU H 236 -36.27 77.82 -25.39
C LEU H 236 -36.61 79.30 -25.58
N ASN H 237 -37.90 79.60 -25.58
CA ASN H 237 -38.36 80.97 -25.74
C ASN H 237 -37.98 81.52 -27.11
N ARG H 238 -37.69 80.62 -28.04
CA ARG H 238 -37.30 80.99 -29.41
C ARG H 238 -38.18 80.31 -30.44
N ARG H 239 -38.04 80.75 -31.70
CA ARG H 239 -38.84 80.16 -32.77
C ARG H 239 -38.15 78.91 -33.32
N VAL H 240 -38.92 77.84 -33.43
CA VAL H 240 -38.40 76.58 -33.95
C VAL H 240 -39.31 76.09 -35.06
N THR H 241 -38.73 75.83 -36.22
CA THR H 241 -39.50 75.36 -37.36
C THR H 241 -38.99 74.00 -37.86
N TYR H 242 -39.92 73.16 -38.32
CA TYR H 242 -39.55 71.85 -38.85
C TYR H 242 -39.52 71.89 -40.37
N VAL H 243 -38.42 71.43 -40.97
CA VAL H 243 -38.30 71.41 -42.42
C VAL H 243 -37.99 70.01 -42.93
N GLN H 244 -38.90 69.45 -43.71
CA GLN H 244 -38.71 68.12 -44.28
C GLN H 244 -37.75 68.11 -45.47
N VAL H 245 -36.88 67.12 -45.49
CA VAL H 245 -35.93 66.95 -46.57
C VAL H 245 -35.89 65.48 -46.97
N PRO H 246 -35.89 65.20 -48.27
CA PRO H 246 -35.87 63.83 -48.79
C PRO H 246 -34.60 63.05 -48.39
N LYS H 247 -33.59 63.77 -47.95
CA LYS H 247 -32.34 63.13 -47.54
C LYS H 247 -31.76 63.70 -46.26
N VAL H 248 -31.18 62.83 -45.46
CA VAL H 248 -30.58 63.27 -44.20
C VAL H 248 -29.29 64.01 -44.52
N GLU H 249 -29.23 65.28 -44.13
CA GLU H 249 -28.06 66.10 -44.38
C GLU H 249 -26.88 65.63 -43.54
N ILE H 250 -25.91 64.99 -44.18
CA ILE H 250 -24.73 64.50 -43.48
C ILE H 250 -23.66 65.60 -43.48
N LYS H 251 -23.70 66.46 -42.46
CA LYS H 251 -22.78 67.57 -42.35
C LYS H 251 -21.42 67.26 -41.71
N VAL H 252 -21.16 65.98 -41.46
CA VAL H 252 -19.90 65.58 -40.84
C VAL H 252 -19.52 64.18 -41.33
N ASN H 253 -18.25 63.82 -41.19
CA ASN H 253 -17.79 62.49 -41.61
C ASN H 253 -18.33 61.48 -40.61
N ILE H 254 -18.83 60.36 -41.13
CA ILE H 254 -19.41 59.30 -40.32
C ILE H 254 -19.03 57.94 -40.88
N PRO H 255 -19.08 56.87 -40.05
CA PRO H 255 -18.76 55.52 -40.50
C PRO H 255 -19.79 55.08 -41.54
N VAL H 256 -19.35 54.34 -42.55
CA VAL H 256 -20.25 53.91 -43.61
C VAL H 256 -21.46 53.12 -43.12
N GLY H 257 -21.28 52.35 -42.04
CA GLY H 257 -22.39 51.58 -41.51
C GLY H 257 -23.54 52.49 -41.16
N TYR H 258 -23.22 53.61 -40.51
CA TYR H 258 -24.20 54.59 -40.09
C TYR H 258 -24.80 55.33 -41.29
N ARG H 259 -24.01 55.48 -42.34
CA ARG H 259 -24.48 56.16 -43.54
C ARG H 259 -25.62 55.32 -44.12
N GLU H 260 -25.42 54.00 -44.15
CA GLU H 260 -26.40 53.06 -44.70
C GLU H 260 -27.69 53.05 -43.86
N GLN H 261 -27.53 53.23 -42.54
CA GLN H 261 -28.66 53.26 -41.63
C GLN H 261 -29.55 54.44 -42.03
N LEU H 262 -28.92 55.59 -42.23
CA LEU H 262 -29.64 56.80 -42.61
C LEU H 262 -30.30 56.66 -43.98
N GLU H 263 -29.61 56.00 -44.90
CA GLU H 263 -30.16 55.83 -46.23
C GLU H 263 -31.40 54.96 -46.18
N ALA H 264 -31.44 54.03 -45.23
CA ALA H 264 -32.60 53.16 -45.09
C ALA H 264 -33.75 53.95 -44.46
N ILE H 265 -33.40 54.78 -43.49
CA ILE H 265 -34.41 55.57 -42.81
C ILE H 265 -35.13 56.48 -43.80
N GLU H 266 -34.39 57.24 -44.60
CA GLU H 266 -35.02 58.14 -45.55
C GLU H 266 -36.05 57.45 -46.45
N VAL H 267 -35.73 56.25 -46.91
CA VAL H 267 -36.67 55.51 -47.75
C VAL H 267 -37.90 55.10 -46.94
N VAL H 268 -37.68 54.60 -45.73
CA VAL H 268 -38.77 54.15 -44.86
C VAL H 268 -39.66 55.26 -44.32
N PHE H 269 -39.07 56.35 -43.87
CA PHE H 269 -39.87 57.41 -43.31
C PHE H 269 -40.06 58.58 -44.26
N GLY H 270 -39.15 58.71 -45.22
CA GLY H 270 -39.26 59.81 -46.17
C GLY H 270 -40.19 59.48 -47.31
N GLU H 271 -39.87 58.43 -48.06
CA GLU H 271 -40.66 57.97 -49.20
C GLU H 271 -41.96 57.25 -48.86
N HIS H 272 -41.86 56.25 -47.98
CA HIS H 272 -43.00 55.43 -47.63
C HIS H 272 -43.87 55.84 -46.47
N LYS H 273 -43.42 56.80 -45.68
CA LYS H 273 -44.19 57.23 -44.53
C LYS H 273 -44.68 56.00 -43.76
N ALA H 274 -43.76 55.12 -43.38
CA ALA H 274 -44.12 53.92 -42.65
C ALA H 274 -43.94 54.15 -41.14
N PRO H 275 -44.75 53.46 -40.31
CA PRO H 275 -44.66 53.63 -38.86
C PRO H 275 -43.30 53.26 -38.26
N TYR H 276 -42.98 53.89 -37.13
CA TYR H 276 -41.72 53.61 -36.46
C TYR H 276 -41.81 52.16 -35.97
N PHE H 277 -42.98 51.82 -35.42
CA PHE H 277 -43.24 50.47 -34.93
C PHE H 277 -44.36 49.83 -35.74
N PRO H 278 -44.02 49.13 -36.82
CA PRO H 278 -45.01 48.48 -37.67
C PRO H 278 -45.67 47.23 -37.11
N LEU H 279 -45.29 46.84 -35.90
CA LEU H 279 -45.89 45.65 -35.29
C LEU H 279 -47.34 45.87 -34.84
N PRO H 280 -48.21 44.89 -35.11
CA PRO H 280 -49.62 44.97 -34.75
C PRO H 280 -49.88 45.43 -33.33
N GLU H 281 -49.16 44.83 -32.37
CA GLU H 281 -49.35 45.20 -30.98
C GLU H 281 -48.91 46.63 -30.67
N PHE H 282 -48.17 47.25 -31.59
CA PHE H 282 -47.72 48.61 -31.39
C PHE H 282 -48.41 49.58 -32.33
N SER H 283 -49.30 49.06 -33.17
CA SER H 283 -50.05 49.88 -34.13
C SER H 283 -51.45 50.19 -33.60
N GLN H 315 -56.29 52.03 -26.76
CA GLN H 315 -55.17 52.61 -26.02
C GLN H 315 -54.03 52.96 -26.96
N ARG H 316 -53.12 53.82 -26.51
CA ARG H 316 -51.98 54.22 -27.33
C ARG H 316 -50.75 53.35 -27.00
N VAL H 317 -49.78 53.38 -27.89
CA VAL H 317 -48.56 52.61 -27.74
C VAL H 317 -47.81 52.98 -26.47
N THR H 318 -48.09 54.16 -25.93
CA THR H 318 -47.44 54.66 -24.72
C THR H 318 -48.07 54.20 -23.42
N ASP H 319 -49.15 53.44 -23.50
CA ASP H 319 -49.83 52.99 -22.30
C ASP H 319 -49.05 52.07 -21.36
N GLU H 320 -48.48 50.98 -21.86
CA GLU H 320 -47.73 50.08 -20.98
C GLU H 320 -46.56 50.74 -20.25
N ALA H 321 -45.81 51.58 -20.98
CA ALA H 321 -44.64 52.27 -20.42
C ALA H 321 -45.01 53.22 -19.29
N ARG H 322 -45.98 54.11 -19.54
CA ARG H 322 -46.43 55.05 -18.52
C ARG H 322 -46.87 54.33 -17.27
N LYS H 323 -47.58 53.22 -17.46
CA LYS H 323 -48.04 52.44 -16.32
C LYS H 323 -46.81 51.92 -15.60
N LEU H 324 -45.84 51.43 -16.36
CA LEU H 324 -44.59 50.92 -15.79
C LEU H 324 -43.87 52.01 -15.01
N TRP H 325 -43.74 53.17 -15.63
CA TRP H 325 -43.04 54.29 -15.01
C TRP H 325 -43.81 55.57 -15.31
N SER H 326 -44.26 56.26 -14.26
CA SER H 326 -45.04 57.50 -14.41
C SER H 326 -44.26 58.80 -14.19
N GLY H 327 -42.96 58.70 -13.92
CA GLY H 327 -42.18 59.91 -13.70
C GLY H 327 -41.31 60.23 -14.91
N TRP H 328 -41.85 59.96 -16.09
CA TRP H 328 -41.11 60.20 -17.33
C TRP H 328 -40.94 61.66 -17.65
N ARG H 329 -39.92 61.97 -18.44
CA ARG H 329 -39.62 63.34 -18.85
C ARG H 329 -40.06 63.50 -20.32
N ASP H 330 -40.98 64.44 -20.55
CA ASP H 330 -41.47 64.69 -21.90
C ASP H 330 -40.54 65.62 -22.66
N MET H 331 -40.82 65.82 -23.95
CA MET H 331 -39.99 66.65 -24.80
C MET H 331 -39.83 68.07 -24.24
N GLU H 332 -40.93 68.68 -23.82
CA GLU H 332 -40.87 70.03 -23.28
C GLU H 332 -39.92 70.14 -22.09
N GLU H 333 -40.00 69.18 -21.15
CA GLU H 333 -39.10 69.24 -20.00
C GLU H 333 -37.66 69.04 -20.43
N TYR H 334 -37.45 68.16 -21.40
CA TYR H 334 -36.09 67.90 -21.88
C TYR H 334 -35.49 69.15 -22.51
N ALA H 335 -36.26 69.76 -23.41
CA ALA H 335 -35.81 70.96 -24.11
C ALA H 335 -35.46 72.11 -23.17
N ARG H 336 -36.21 72.26 -22.09
CA ARG H 336 -35.95 73.33 -21.13
C ARG H 336 -34.84 73.05 -20.12
N GLU H 337 -34.90 71.87 -19.49
CA GLU H 337 -33.94 71.53 -18.45
C GLU H 337 -32.66 70.83 -18.88
N VAL H 338 -32.75 70.05 -19.94
CA VAL H 338 -31.58 69.30 -20.37
C VAL H 338 -30.83 69.86 -21.57
N PHE H 339 -31.57 70.10 -22.65
CA PHE H 339 -30.95 70.62 -23.88
C PHE H 339 -29.96 71.78 -23.67
N PRO H 340 -30.40 72.86 -22.99
CA PRO H 340 -29.53 74.00 -22.74
C PRO H 340 -28.25 73.66 -22.00
N ILE H 341 -28.31 72.58 -21.21
CA ILE H 341 -27.15 72.15 -20.43
C ILE H 341 -26.21 71.21 -21.19
N GLU H 342 -26.79 70.34 -22.01
CA GLU H 342 -25.97 69.41 -22.78
C GLU H 342 -25.17 70.18 -23.82
N GLU H 343 -25.78 71.22 -24.37
CA GLU H 343 -25.14 72.07 -25.36
C GLU H 343 -23.94 72.74 -24.72
N GLU H 344 -24.15 73.29 -23.52
CA GLU H 344 -23.11 73.97 -22.77
C GLU H 344 -21.85 73.09 -22.71
N ALA H 345 -22.02 71.86 -22.26
CA ALA H 345 -20.90 70.91 -22.15
C ALA H 345 -20.30 70.59 -23.53
N ASN H 346 -21.05 70.90 -24.58
CA ASN H 346 -20.58 70.67 -25.94
C ASN H 346 -20.08 71.98 -26.51
N GLY H 347 -19.86 72.95 -25.63
CA GLY H 347 -19.37 74.25 -26.03
C GLY H 347 -20.22 75.06 -26.98
N LEU H 348 -21.13 75.84 -26.42
CA LEU H 348 -21.99 76.71 -27.21
C LEU H 348 -22.21 77.98 -26.41
N ASP H 349 -23.16 78.82 -26.82
CA ASP H 349 -23.38 80.06 -26.10
C ASP H 349 -24.83 80.55 -26.12
N TRP H 350 -25.50 80.32 -27.24
CA TRP H 350 -26.87 80.76 -27.41
C TRP H 350 -27.73 80.77 -26.14
N MET H 351 -27.50 79.84 -25.22
CA MET H 351 -28.28 79.79 -23.99
C MET H 351 -27.90 80.95 -23.07
N LEU H 352 -26.59 81.16 -22.93
CA LEU H 352 -26.07 82.23 -22.09
C LEU H 352 -26.68 83.57 -22.48
N THR I 2 -8.30 -17.68 -26.45
CA THR I 2 -6.94 -18.12 -26.71
C THR I 2 -6.15 -18.33 -25.41
N THR I 3 -4.85 -18.03 -25.44
CA THR I 3 -4.00 -18.21 -24.27
C THR I 3 -2.63 -17.57 -24.47
N CYS I 4 -2.20 -16.74 -23.51
CA CYS I 4 -0.89 -16.10 -23.62
C CYS I 4 0.17 -17.18 -23.65
N THR I 5 1.17 -17.00 -24.49
CA THR I 5 2.26 -17.96 -24.60
C THR I 5 3.15 -17.81 -23.39
N ASN I 6 3.12 -16.63 -22.77
CA ASN I 6 3.94 -16.36 -21.61
C ASN I 6 3.33 -16.74 -20.26
N CYS I 7 2.40 -15.91 -19.78
CA CYS I 7 1.76 -16.14 -18.49
C CYS I 7 0.57 -17.08 -18.54
N PHE I 8 0.25 -17.56 -19.75
CA PHE I 8 -0.83 -18.50 -19.95
C PHE I 8 -2.22 -18.01 -19.55
N THR I 9 -2.34 -16.72 -19.22
CA THR I 9 -3.65 -16.19 -18.86
C THR I 9 -4.59 -16.31 -20.06
N GLN I 10 -5.89 -16.31 -19.79
CA GLN I 10 -6.88 -16.41 -20.85
C GLN I 10 -7.76 -15.18 -20.75
N THR I 11 -7.55 -14.42 -19.68
CA THR I 11 -8.31 -13.21 -19.43
C THR I 11 -7.42 -11.99 -19.65
N THR I 12 -7.78 -11.17 -20.63
CA THR I 12 -7.00 -9.97 -20.92
C THR I 12 -7.82 -9.00 -21.78
N PRO I 13 -7.66 -7.69 -21.55
CA PRO I 13 -8.38 -6.66 -22.30
C PRO I 13 -7.97 -6.50 -23.77
N LEU I 14 -6.89 -7.15 -24.18
CA LEU I 14 -6.43 -7.04 -25.56
C LEU I 14 -5.33 -8.05 -25.83
N TRP I 15 -5.40 -8.74 -26.96
CA TRP I 15 -4.37 -9.71 -27.29
C TRP I 15 -3.37 -9.04 -28.22
N ARG I 16 -2.09 -9.34 -28.00
CA ARG I 16 -1.02 -8.78 -28.80
C ARG I 16 -0.28 -9.95 -29.42
N ARG I 17 0.78 -9.67 -30.16
CA ARG I 17 1.53 -10.74 -30.80
C ARG I 17 3.04 -10.68 -30.63
N ASN I 18 3.64 -11.87 -30.70
CA ASN I 18 5.08 -12.06 -30.59
C ASN I 18 5.62 -11.88 -32.00
N PRO I 19 6.82 -11.31 -32.16
CA PRO I 19 7.37 -11.12 -33.51
C PRO I 19 7.29 -12.39 -34.36
N GLU I 20 7.11 -13.53 -33.71
CA GLU I 20 7.01 -14.81 -34.40
C GLU I 20 5.56 -15.13 -34.79
N GLY I 21 4.62 -14.55 -34.05
CA GLY I 21 3.21 -14.78 -34.33
C GLY I 21 2.45 -15.32 -33.13
N GLN I 22 3.19 -15.63 -32.06
CA GLN I 22 2.59 -16.15 -30.83
C GLN I 22 1.73 -15.11 -30.14
N PRO I 23 0.58 -15.54 -29.59
CA PRO I 23 -0.33 -14.62 -28.90
C PRO I 23 0.09 -14.34 -27.45
N LEU I 24 0.25 -13.06 -27.12
CA LEU I 24 0.61 -12.66 -25.77
C LEU I 24 -0.48 -11.73 -25.23
N CYS I 25 -0.71 -11.77 -23.92
CA CYS I 25 -1.74 -10.90 -23.36
C CYS I 25 -1.26 -9.46 -23.43
N ASN I 26 -2.10 -8.53 -23.01
CA ASN I 26 -1.75 -7.12 -23.04
C ASN I 26 -0.47 -6.83 -22.25
N ALA I 27 -0.45 -7.22 -20.98
CA ALA I 27 0.70 -6.97 -20.11
C ALA I 27 2.01 -7.52 -20.69
N CYS I 28 2.04 -8.82 -20.95
CA CYS I 28 3.22 -9.45 -21.50
C CYS I 28 3.66 -8.83 -22.82
N GLY I 29 2.70 -8.60 -23.72
CA GLY I 29 3.01 -8.01 -25.01
C GLY I 29 3.55 -6.59 -24.86
N LEU I 30 2.86 -5.79 -24.05
CA LEU I 30 3.26 -4.41 -23.82
C LEU I 30 4.60 -4.35 -23.09
N PHE I 31 4.81 -5.25 -22.14
CA PHE I 31 6.05 -5.27 -21.37
C PHE I 31 7.24 -5.55 -22.29
N LEU I 32 7.17 -6.64 -23.05
CA LEU I 32 8.26 -6.97 -23.97
C LEU I 32 8.58 -5.79 -24.90
N LYS I 33 7.54 -5.16 -25.42
CA LYS I 33 7.74 -4.03 -26.33
C LYS I 33 8.44 -2.84 -25.67
N LEU I 34 8.11 -2.59 -24.41
CA LEU I 34 8.71 -1.47 -23.71
C LEU I 34 10.10 -1.72 -23.14
N HIS I 35 10.32 -2.92 -22.60
CA HIS I 35 11.60 -3.21 -21.97
C HIS I 35 12.53 -4.16 -22.71
N GLY I 36 12.03 -4.83 -23.74
CA GLY I 36 12.89 -5.72 -24.52
C GLY I 36 12.93 -7.20 -24.17
N VAL I 37 12.49 -7.56 -22.97
CA VAL I 37 12.51 -8.98 -22.57
C VAL I 37 11.13 -9.46 -22.14
N VAL I 38 10.96 -10.79 -22.11
CA VAL I 38 9.68 -11.38 -21.71
C VAL I 38 9.38 -10.99 -20.28
N ARG I 39 8.10 -10.79 -20.00
CA ARG I 39 7.68 -10.44 -18.66
C ARG I 39 7.94 -11.61 -17.72
N PRO I 40 8.80 -11.42 -16.72
CA PRO I 40 9.13 -12.48 -15.76
C PRO I 40 7.97 -12.75 -14.80
N LEU I 41 7.78 -14.02 -14.43
CA LEU I 41 6.71 -14.41 -13.52
C LEU I 41 7.32 -14.98 -12.23
N SER I 42 6.55 -14.96 -11.15
CA SER I 42 7.06 -15.45 -9.86
C SER I 42 7.12 -16.98 -9.74
N LEU I 43 7.69 -17.45 -8.63
CA LEU I 43 7.86 -18.88 -8.32
C LEU I 43 9.20 -19.41 -8.84
N THR J 2 -8.82 -27.91 -24.03
CA THR J 2 -8.60 -27.44 -25.40
C THR J 2 -9.93 -27.10 -26.09
N THR J 3 -10.10 -27.61 -27.31
CA THR J 3 -11.32 -27.37 -28.09
C THR J 3 -11.75 -28.66 -28.81
N CYS J 4 -13.06 -28.84 -28.99
CA CYS J 4 -13.59 -30.02 -29.67
C CYS J 4 -13.41 -29.93 -31.18
N THR J 5 -12.70 -30.91 -31.74
CA THR J 5 -12.42 -30.92 -33.17
C THR J 5 -13.67 -30.83 -34.04
N ASN J 6 -14.79 -31.33 -33.53
CA ASN J 6 -16.04 -31.34 -34.28
C ASN J 6 -16.93 -30.10 -34.16
N CYS J 7 -17.31 -29.73 -32.93
CA CYS J 7 -18.18 -28.57 -32.77
C CYS J 7 -17.44 -27.31 -32.36
N PHE J 8 -16.18 -27.45 -31.98
CA PHE J 8 -15.36 -26.31 -31.59
C PHE J 8 -15.76 -25.63 -30.28
N THR J 9 -16.34 -26.38 -29.35
CA THR J 9 -16.70 -25.81 -28.07
C THR J 9 -15.45 -25.85 -27.20
N GLN J 10 -15.44 -25.06 -26.13
CA GLN J 10 -14.30 -25.02 -25.21
C GLN J 10 -14.85 -25.07 -23.80
N THR J 11 -16.13 -25.41 -23.73
CA THR J 11 -16.86 -25.51 -22.46
C THR J 11 -17.55 -26.87 -22.43
N THR J 12 -17.03 -27.78 -21.60
CA THR J 12 -17.62 -29.11 -21.49
C THR J 12 -17.18 -29.75 -20.18
N PRO J 13 -18.05 -30.55 -19.56
CA PRO J 13 -17.76 -31.22 -18.28
C PRO J 13 -16.75 -32.36 -18.35
N LEU J 14 -16.53 -32.91 -19.53
CA LEU J 14 -15.59 -34.01 -19.68
C LEU J 14 -15.05 -34.12 -21.10
N TRP J 15 -13.73 -34.16 -21.24
CA TRP J 15 -13.11 -34.27 -22.55
C TRP J 15 -12.91 -35.71 -22.98
N ARG J 16 -13.36 -36.03 -24.18
CA ARG J 16 -13.23 -37.38 -24.73
C ARG J 16 -12.21 -37.37 -25.86
N ARG J 17 -11.81 -38.58 -26.27
CA ARG J 17 -10.85 -38.75 -27.35
C ARG J 17 -11.42 -39.73 -28.37
N ASN J 18 -11.57 -39.28 -29.61
CA ASN J 18 -12.08 -40.17 -30.64
C ASN J 18 -11.00 -41.19 -30.98
N PRO J 19 -11.35 -42.24 -31.74
CA PRO J 19 -10.40 -43.29 -32.13
C PRO J 19 -8.98 -42.81 -32.45
N GLU J 20 -8.85 -41.64 -33.08
CA GLU J 20 -7.53 -41.13 -33.43
C GLU J 20 -6.95 -40.19 -32.37
N GLY J 21 -7.38 -40.37 -31.13
CA GLY J 21 -6.88 -39.56 -30.04
C GLY J 21 -7.19 -38.07 -30.10
N GLN J 22 -8.00 -37.66 -31.07
CA GLN J 22 -8.37 -36.25 -31.20
C GLN J 22 -9.17 -35.77 -30.00
N PRO J 23 -9.15 -34.45 -29.72
CA PRO J 23 -9.89 -33.90 -28.60
C PRO J 23 -11.36 -33.67 -28.96
N LEU J 24 -12.26 -34.37 -28.27
CA LEU J 24 -13.68 -34.21 -28.54
C LEU J 24 -14.41 -33.83 -27.26
N CYS J 25 -15.42 -32.97 -27.39
CA CYS J 25 -16.18 -32.57 -26.22
C CYS J 25 -17.02 -33.77 -25.82
N ASN J 26 -17.51 -33.76 -24.60
CA ASN J 26 -18.33 -34.86 -24.08
C ASN J 26 -19.51 -35.18 -25.00
N ALA J 27 -20.21 -34.15 -25.46
CA ALA J 27 -21.37 -34.32 -26.33
C ALA J 27 -21.02 -35.05 -27.63
N CYS J 28 -20.08 -34.52 -28.39
CA CYS J 28 -19.68 -35.14 -29.64
C CYS J 28 -19.12 -36.54 -29.40
N GLY J 29 -18.29 -36.68 -28.36
CA GLY J 29 -17.71 -37.96 -28.05
C GLY J 29 -18.78 -39.01 -27.75
N LEU J 30 -19.76 -38.62 -26.96
CA LEU J 30 -20.86 -39.53 -26.61
C LEU J 30 -21.73 -39.90 -27.79
N PHE J 31 -22.04 -38.93 -28.64
CA PHE J 31 -22.89 -39.18 -29.80
C PHE J 31 -22.27 -40.25 -30.70
N LEU J 32 -21.02 -40.05 -31.08
CA LEU J 32 -20.33 -41.00 -31.93
C LEU J 32 -20.33 -42.42 -31.32
N LYS J 33 -19.84 -42.52 -30.09
CA LYS J 33 -19.77 -43.80 -29.39
C LYS J 33 -21.11 -44.53 -29.36
N LEU J 34 -22.18 -43.78 -29.13
CA LEU J 34 -23.51 -44.36 -29.05
C LEU J 34 -24.17 -44.65 -30.40
N HIS J 35 -24.10 -43.69 -31.32
CA HIS J 35 -24.77 -43.85 -32.61
C HIS J 35 -23.92 -44.12 -33.84
N GLY J 36 -22.60 -44.02 -33.74
CA GLY J 36 -21.78 -44.33 -34.90
C GLY J 36 -21.31 -43.22 -35.82
N VAL J 37 -21.95 -42.05 -35.78
CA VAL J 37 -21.52 -40.96 -36.64
C VAL J 37 -21.19 -39.72 -35.82
N VAL J 38 -20.58 -38.73 -36.46
CA VAL J 38 -20.24 -37.49 -35.77
C VAL J 38 -21.51 -36.68 -35.56
N ARG J 39 -21.65 -36.08 -34.39
CA ARG J 39 -22.83 -35.28 -34.09
C ARG J 39 -23.00 -34.14 -35.10
N PRO J 40 -24.16 -34.08 -35.76
CA PRO J 40 -24.46 -33.05 -36.76
C PRO J 40 -24.83 -31.71 -36.12
N LEU J 41 -24.55 -30.63 -36.83
CA LEU J 41 -24.82 -29.28 -36.36
C LEU J 41 -25.68 -28.52 -37.37
N SER J 42 -26.28 -27.41 -36.93
CA SER J 42 -27.14 -26.60 -37.79
C SER J 42 -26.39 -25.71 -38.78
N LEU J 43 -27.15 -24.94 -39.55
CA LEU J 43 -26.61 -24.02 -40.56
C LEU J 43 -26.03 -24.77 -41.75
N THR K 2 19.06 -21.17 26.69
CA THR K 2 19.17 -20.17 25.61
C THR K 2 20.16 -20.60 24.54
N THR K 3 19.77 -20.41 23.28
CA THR K 3 20.63 -20.78 22.15
C THR K 3 20.57 -19.67 21.11
N CYS K 4 21.71 -19.38 20.48
CA CYS K 4 21.78 -18.34 19.45
C CYS K 4 20.82 -18.60 18.30
N THR K 5 20.03 -17.60 17.97
CA THR K 5 19.05 -17.70 16.89
C THR K 5 19.71 -17.94 15.53
N ASN K 6 20.90 -17.40 15.34
CA ASN K 6 21.61 -17.55 14.07
C ASN K 6 22.38 -18.85 13.90
N CYS K 7 23.49 -19.00 14.62
CA CYS K 7 24.34 -20.19 14.50
C CYS K 7 23.93 -21.36 15.39
N PHE K 8 23.00 -21.13 16.31
CA PHE K 8 22.52 -22.18 17.20
C PHE K 8 23.51 -22.68 18.24
N THR K 9 24.45 -21.83 18.67
CA THR K 9 25.39 -22.28 19.69
C THR K 9 24.77 -22.08 21.06
N GLN K 10 25.18 -22.90 22.02
CA GLN K 10 24.66 -22.80 23.37
C GLN K 10 25.82 -22.41 24.28
N THR K 11 27.01 -22.35 23.68
CA THR K 11 28.23 -21.99 24.40
C THR K 11 28.79 -20.66 23.88
N THR K 12 28.67 -19.61 24.70
CA THR K 12 29.17 -18.29 24.32
C THR K 12 29.49 -17.48 25.57
N PRO K 13 30.53 -16.64 25.49
CA PRO K 13 30.96 -15.80 26.63
C PRO K 13 29.99 -14.68 26.99
N LEU K 14 29.03 -14.40 26.11
CA LEU K 14 28.06 -13.34 26.37
C LEU K 14 26.89 -13.36 25.39
N TRP K 15 25.69 -13.29 25.93
CA TRP K 15 24.50 -13.29 25.10
C TRP K 15 24.16 -11.85 24.73
N ARG K 16 23.76 -11.66 23.48
CA ARG K 16 23.37 -10.35 22.99
C ARG K 16 21.92 -10.46 22.57
N ARG K 17 21.44 -9.55 21.73
CA ARG K 17 20.06 -9.63 21.32
C ARG K 17 19.69 -8.74 20.14
N ASN K 18 19.24 -9.38 19.07
CA ASN K 18 18.81 -8.68 17.86
C ASN K 18 17.74 -7.72 18.35
N PRO K 19 17.64 -6.52 17.75
CA PRO K 19 16.62 -5.55 18.17
C PRO K 19 15.24 -6.19 18.42
N GLU K 20 14.99 -7.34 17.82
CA GLU K 20 13.71 -8.04 17.96
C GLU K 20 13.66 -8.83 19.27
N GLY K 21 14.54 -8.48 20.21
CA GLY K 21 14.56 -9.18 21.48
C GLY K 21 15.12 -10.59 21.34
N GLN K 22 15.37 -11.01 20.10
CA GLN K 22 15.91 -12.33 19.83
C GLN K 22 17.33 -12.45 20.38
N PRO K 23 17.67 -13.63 20.94
CA PRO K 23 19.01 -13.87 21.50
C PRO K 23 20.09 -14.26 20.48
N LEU K 24 21.24 -13.61 20.57
CA LEU K 24 22.37 -13.90 19.69
C LEU K 24 23.63 -14.10 20.51
N CYS K 25 24.52 -14.99 20.07
CA CYS K 25 25.77 -15.21 20.80
C CYS K 25 26.63 -13.97 20.62
N ASN K 26 27.65 -13.85 21.44
CA ASN K 26 28.55 -12.71 21.36
C ASN K 26 29.02 -12.48 19.93
N ALA K 27 29.55 -13.53 19.31
CA ALA K 27 30.06 -13.43 17.93
C ALA K 27 29.02 -12.91 16.95
N CYS K 28 27.94 -13.68 16.76
CA CYS K 28 26.88 -13.30 15.83
C CYS K 28 26.37 -11.88 16.10
N GLY K 29 26.04 -11.59 17.35
CA GLY K 29 25.57 -10.26 17.69
C GLY K 29 26.58 -9.18 17.34
N LEU K 30 27.84 -9.38 17.73
CA LEU K 30 28.88 -8.40 17.45
C LEU K 30 29.05 -8.21 15.94
N PHE K 31 29.10 -9.31 15.21
CA PHE K 31 29.27 -9.26 13.77
C PHE K 31 28.24 -8.36 13.10
N LEU K 32 26.98 -8.63 13.41
CA LEU K 32 25.87 -7.86 12.87
C LEU K 32 26.06 -6.38 13.13
N LYS K 33 26.35 -6.06 14.40
CA LYS K 33 26.56 -4.69 14.84
C LYS K 33 27.70 -3.98 14.11
N LEU K 34 28.78 -4.72 13.85
CA LEU K 34 29.93 -4.12 13.16
C LEU K 34 29.83 -4.08 11.65
N HIS K 35 29.24 -5.10 11.05
CA HIS K 35 29.20 -5.16 9.60
C HIS K 35 27.84 -4.99 8.91
N GLY K 36 26.76 -5.04 9.66
CA GLY K 36 25.46 -4.85 9.06
C GLY K 36 24.68 -6.08 8.67
N VAL K 37 25.35 -7.22 8.47
CA VAL K 37 24.62 -8.43 8.10
C VAL K 37 24.82 -9.56 9.12
N VAL K 38 23.96 -10.58 9.07
CA VAL K 38 24.06 -11.69 10.01
C VAL K 38 25.33 -12.45 9.68
N ARG K 39 26.00 -12.95 10.72
CA ARG K 39 27.23 -13.69 10.54
C ARG K 39 26.93 -14.96 9.74
N PRO K 40 27.57 -15.12 8.58
CA PRO K 40 27.38 -16.29 7.71
C PRO K 40 28.05 -17.56 8.23
N LEU K 41 27.36 -18.69 8.08
CA LEU K 41 27.90 -19.97 8.52
C LEU K 41 28.07 -20.88 7.30
N SER K 42 28.95 -21.87 7.42
CA SER K 42 29.20 -22.80 6.31
C SER K 42 28.26 -24.00 6.37
N THR L 2 46.95 -42.02 -23.81
CA THR L 2 46.61 -42.18 -22.40
C THR L 2 45.23 -41.57 -22.15
N THR L 3 45.09 -40.84 -21.05
CA THR L 3 43.81 -40.21 -20.71
C THR L 3 43.96 -38.85 -20.03
N CYS L 4 43.53 -37.79 -20.73
CA CYS L 4 43.61 -36.42 -20.20
C CYS L 4 42.90 -36.29 -18.86
N THR L 5 43.57 -35.72 -17.87
CA THR L 5 42.95 -35.58 -16.56
C THR L 5 41.82 -34.55 -16.52
N ASN L 6 41.67 -33.76 -17.58
CA ASN L 6 40.63 -32.73 -17.61
C ASN L 6 39.34 -33.12 -18.35
N CYS L 7 39.45 -33.38 -19.64
CA CYS L 7 38.29 -33.75 -20.45
C CYS L 7 38.20 -35.25 -20.60
N PHE L 8 39.25 -35.94 -20.16
CA PHE L 8 39.32 -37.39 -20.21
C PHE L 8 39.44 -37.97 -21.61
N THR L 9 39.88 -37.17 -22.58
CA THR L 9 40.04 -37.68 -23.92
C THR L 9 41.23 -38.64 -23.93
N GLN L 10 41.31 -39.49 -24.96
CA GLN L 10 42.40 -40.43 -25.07
C GLN L 10 42.98 -40.33 -26.47
N THR L 11 42.37 -39.48 -27.27
CA THR L 11 42.77 -39.22 -28.66
C THR L 11 43.29 -37.77 -28.77
N THR L 12 44.61 -37.61 -28.84
CA THR L 12 45.19 -36.26 -28.95
C THR L 12 46.52 -36.31 -29.72
N PRO L 13 46.86 -35.21 -30.42
CA PRO L 13 48.10 -35.11 -31.21
C PRO L 13 49.35 -34.84 -30.40
N LEU L 14 49.17 -34.28 -29.21
CA LEU L 14 50.30 -33.96 -28.35
C LEU L 14 49.91 -33.94 -26.87
N TRP L 15 50.49 -34.86 -26.10
CA TRP L 15 50.21 -34.92 -24.67
C TRP L 15 51.05 -33.90 -23.93
N ARG L 16 50.40 -33.06 -23.15
CA ARG L 16 51.08 -32.05 -22.36
C ARG L 16 50.97 -32.45 -20.89
N ARG L 17 51.40 -31.57 -20.00
CA ARG L 17 51.31 -31.86 -18.58
C ARG L 17 51.07 -30.63 -17.72
N ASN L 18 50.36 -30.83 -16.62
CA ASN L 18 50.07 -29.76 -15.68
C ASN L 18 51.42 -29.43 -15.05
N PRO L 19 51.63 -28.18 -14.61
CA PRO L 19 52.92 -27.86 -13.98
C PRO L 19 53.22 -28.69 -12.74
N GLU L 20 52.55 -29.84 -12.60
CA GLU L 20 52.75 -30.75 -11.48
C GLU L 20 53.32 -32.09 -11.96
N GLY L 21 52.61 -32.74 -12.88
CA GLY L 21 53.05 -34.02 -13.40
C GLY L 21 51.89 -34.87 -13.85
N GLN L 22 50.81 -34.22 -14.27
CA GLN L 22 49.62 -34.92 -14.74
C GLN L 22 49.48 -34.82 -16.25
N PRO L 23 48.80 -35.81 -16.85
CA PRO L 23 48.60 -35.83 -18.30
C PRO L 23 47.41 -34.98 -18.74
N LEU L 24 47.63 -34.14 -19.74
CA LEU L 24 46.60 -33.28 -20.31
C LEU L 24 46.79 -33.33 -21.81
N CYS L 25 45.70 -33.48 -22.56
CA CYS L 25 45.78 -33.52 -24.02
C CYS L 25 46.31 -32.17 -24.53
N ASN L 26 46.45 -32.03 -25.83
CA ASN L 26 46.97 -30.79 -26.39
C ASN L 26 46.08 -29.61 -26.04
N ALA L 27 44.80 -29.73 -26.39
CA ALA L 27 43.80 -28.70 -26.14
C ALA L 27 43.77 -28.19 -24.69
N CYS L 28 43.56 -29.10 -23.75
CA CYS L 28 43.51 -28.70 -22.34
C CYS L 28 44.83 -28.11 -21.85
N GLY L 29 45.93 -28.74 -22.21
CA GLY L 29 47.22 -28.24 -21.78
C GLY L 29 47.47 -26.85 -22.31
N LEU L 30 47.27 -26.70 -23.62
CA LEU L 30 47.48 -25.44 -24.30
C LEU L 30 46.54 -24.34 -23.77
N PHE L 31 45.29 -24.71 -23.49
CA PHE L 31 44.32 -23.74 -23.00
C PHE L 31 44.78 -23.13 -21.67
N LEU L 32 45.05 -23.96 -20.68
CA LEU L 32 45.49 -23.49 -19.37
C LEU L 32 46.71 -22.58 -19.53
N LYS L 33 47.69 -23.06 -20.30
CA LYS L 33 48.92 -22.31 -20.53
C LYS L 33 48.70 -20.89 -21.06
N LEU L 34 47.77 -20.74 -22.01
CA LEU L 34 47.51 -19.43 -22.60
C LEU L 34 46.54 -18.54 -21.81
N HIS L 35 45.49 -19.14 -21.25
CA HIS L 35 44.48 -18.37 -20.55
C HIS L 35 44.50 -18.36 -19.02
N GLY L 36 45.06 -19.39 -18.39
CA GLY L 36 45.13 -19.40 -16.94
C GLY L 36 44.21 -20.32 -16.17
N VAL L 37 43.18 -20.85 -16.81
CA VAL L 37 42.27 -21.75 -16.12
C VAL L 37 42.07 -23.05 -16.91
N VAL L 38 41.53 -24.07 -16.26
CA VAL L 38 41.31 -25.34 -16.94
C VAL L 38 40.26 -25.12 -18.03
N ARG L 39 40.44 -25.78 -19.17
CA ARG L 39 39.51 -25.64 -20.29
C ARG L 39 38.13 -26.10 -19.86
N PRO L 40 37.14 -25.19 -19.93
CA PRO L 40 35.77 -25.54 -19.53
C PRO L 40 35.12 -26.50 -20.53
N LEU L 41 34.38 -27.47 -20.01
CA LEU L 41 33.70 -28.46 -20.84
C LEU L 41 32.18 -28.31 -20.87
N SER L 42 31.55 -28.86 -21.90
CA SER L 42 30.10 -28.79 -22.07
C SER L 42 29.32 -29.57 -21.02
N LEU L 43 27.99 -29.40 -21.05
CA LEU L 43 27.10 -30.06 -20.11
C LEU L 43 27.33 -29.57 -18.68
N THR M 2 -21.01 4.14 51.47
CA THR M 2 -21.51 4.65 52.74
C THR M 2 -22.90 5.25 52.59
N THR M 3 -23.24 6.15 53.51
CA THR M 3 -24.53 6.80 53.51
C THR M 3 -24.47 8.19 54.15
N CYS M 4 -25.18 9.15 53.55
CA CYS M 4 -25.19 10.52 54.07
C CYS M 4 -25.92 10.60 55.39
N THR M 5 -25.25 11.13 56.41
CA THR M 5 -25.85 11.24 57.73
C THR M 5 -27.02 12.21 57.76
N ASN M 6 -27.05 13.13 56.80
CA ASN M 6 -28.10 14.13 56.73
C ASN M 6 -29.29 13.77 55.85
N CYS M 7 -29.05 13.51 54.56
CA CYS M 7 -30.14 13.18 53.64
C CYS M 7 -30.26 11.69 53.35
N PHE M 8 -29.33 10.91 53.89
CA PHE M 8 -29.33 9.46 53.75
C PHE M 8 -29.24 8.90 52.34
N THR M 9 -28.77 9.71 51.40
CA THR M 9 -28.62 9.23 50.03
C THR M 9 -27.39 8.33 50.04
N GLN M 10 -27.26 7.50 49.01
CA GLN M 10 -26.11 6.61 48.91
C GLN M 10 -25.41 6.89 47.59
N THR M 11 -26.09 7.59 46.70
CA THR M 11 -25.52 7.94 45.40
C THR M 11 -25.09 9.40 45.37
N THR M 12 -23.80 9.63 45.15
CA THR M 12 -23.26 10.98 45.08
C THR M 12 -21.89 10.92 44.42
N PRO M 13 -21.55 11.92 43.59
CA PRO M 13 -20.26 11.96 42.91
C PRO M 13 -19.03 12.21 43.79
N LEU M 14 -19.25 12.72 44.99
CA LEU M 14 -18.15 13.01 45.90
C LEU M 14 -18.57 12.91 47.36
N TRP M 15 -17.95 12.02 48.11
CA TRP M 15 -18.26 11.87 49.52
C TRP M 15 -17.48 12.87 50.35
N ARG M 16 -18.17 13.50 51.30
CA ARG M 16 -17.58 14.49 52.18
C ARG M 16 -17.79 14.03 53.61
N ARG M 17 -17.44 14.88 54.57
CA ARG M 17 -17.64 14.53 55.96
C ARG M 17 -17.54 15.73 56.91
N ASN M 18 -17.86 15.48 58.18
CA ASN M 18 -17.82 16.50 59.22
C ASN M 18 -16.53 16.36 60.03
N PRO M 19 -16.17 17.39 60.80
CA PRO M 19 -14.95 17.33 61.61
C PRO M 19 -15.06 16.18 62.62
N GLU M 20 -16.29 15.73 62.84
CA GLU M 20 -16.57 14.63 63.77
C GLU M 20 -16.41 13.29 63.05
N GLY M 21 -16.25 13.35 61.73
CA GLY M 21 -16.08 12.14 60.95
C GLY M 21 -17.38 11.62 60.37
N GLN M 22 -18.40 12.46 60.32
CA GLN M 22 -19.68 12.06 59.76
C GLN M 22 -19.73 12.31 58.26
N PRO M 23 -20.01 11.24 57.48
CA PRO M 23 -20.08 11.34 56.02
C PRO M 23 -21.30 12.08 55.50
N LEU M 24 -21.06 12.97 54.54
CA LEU M 24 -22.12 13.74 53.91
C LEU M 24 -21.92 13.63 52.42
N CYS M 25 -23.00 13.68 51.66
CA CYS M 25 -22.87 13.59 50.21
C CYS M 25 -22.25 14.90 49.75
N ASN M 26 -22.01 15.03 48.45
CA ASN M 26 -21.42 16.25 47.91
C ASN M 26 -22.32 17.45 48.22
N ALA M 27 -23.60 17.31 47.90
CA ALA M 27 -24.61 18.35 48.11
C ALA M 27 -24.78 18.80 49.56
N CYS M 28 -24.94 17.85 50.47
CA CYS M 28 -25.11 18.19 51.88
C CYS M 28 -23.89 18.87 52.48
N GLY M 29 -22.71 18.31 52.23
CA GLY M 29 -21.48 18.89 52.75
C GLY M 29 -21.07 20.21 52.11
N LEU M 30 -21.28 20.34 50.79
CA LEU M 30 -20.93 21.57 50.08
C LEU M 30 -21.85 22.72 50.53
N PHE M 31 -23.13 22.41 50.73
CA PHE M 31 -24.10 23.39 51.17
C PHE M 31 -23.73 23.96 52.54
N LEU M 32 -23.38 23.07 53.49
CA LEU M 32 -22.98 23.49 54.82
C LEU M 32 -21.76 24.39 54.73
N LYS M 33 -20.81 23.99 53.90
CA LYS M 33 -19.57 24.73 53.68
C LYS M 33 -19.86 26.15 53.21
N LEU M 34 -20.74 26.27 52.22
CA LEU M 34 -21.07 27.57 51.65
C LEU M 34 -21.98 28.45 52.47
N HIS M 35 -23.07 27.87 52.95
CA HIS M 35 -24.06 28.61 53.71
C HIS M 35 -24.00 28.49 55.22
N GLY M 36 -23.36 27.44 55.72
CA GLY M 36 -23.23 27.29 57.17
C GLY M 36 -24.24 26.49 57.95
N VAL M 37 -25.30 26.01 57.28
CA VAL M 37 -26.30 25.20 57.97
C VAL M 37 -26.56 23.91 57.19
N VAL M 38 -27.01 22.87 57.88
CA VAL M 38 -27.29 21.60 57.24
C VAL M 38 -28.33 21.83 56.13
N ARG M 39 -28.17 21.13 55.03
CA ARG M 39 -29.08 21.28 53.90
C ARG M 39 -30.47 20.82 54.31
N PRO M 40 -31.46 21.72 54.31
CA PRO M 40 -32.83 21.35 54.68
C PRO M 40 -33.47 20.45 53.65
N LEU M 41 -34.22 19.45 54.11
CA LEU M 41 -34.89 18.51 53.21
C LEU M 41 -36.41 18.71 53.19
N SER M 42 -37.06 18.28 52.12
CA SER M 42 -38.51 18.43 52.01
C SER M 42 -39.28 17.39 52.83
N LEU M 43 -40.61 17.44 52.76
CA LEU M 43 -41.46 16.51 53.51
C LEU M 43 -41.37 16.80 55.00
N THR N 2 19.89 -28.21 26.65
CA THR N 2 18.89 -29.09 27.25
C THR N 2 18.96 -29.01 28.77
N THR N 3 17.81 -28.81 29.41
CA THR N 3 17.76 -28.71 30.86
C THR N 3 16.46 -29.27 31.44
N CYS N 4 16.57 -29.90 32.60
CA CYS N 4 15.41 -30.48 33.29
C CYS N 4 14.51 -29.38 33.82
N THR N 5 13.21 -29.53 33.60
CA THR N 5 12.21 -28.56 34.03
C THR N 5 12.12 -28.48 35.54
N ASN N 6 12.24 -29.63 36.21
CA ASN N 6 12.13 -29.66 37.65
C ASN N 6 13.35 -29.16 38.41
N CYS N 7 14.50 -29.81 38.22
CA CYS N 7 15.71 -29.44 38.95
C CYS N 7 16.71 -28.61 38.16
N PHE N 8 16.42 -28.39 36.89
CA PHE N 8 17.27 -27.57 36.03
C PHE N 8 18.68 -28.12 35.77
N THR N 9 18.87 -29.42 35.94
CA THR N 9 20.19 -29.99 35.67
C THR N 9 20.34 -30.11 34.17
N GLN N 10 21.58 -30.10 33.69
CA GLN N 10 21.84 -30.21 32.25
C GLN N 10 22.61 -31.50 32.07
N THR N 11 23.06 -32.05 33.20
CA THR N 11 23.83 -33.28 33.21
C THR N 11 22.99 -34.43 33.73
N THR N 12 22.76 -35.41 32.86
CA THR N 12 21.97 -36.59 33.20
C THR N 12 22.31 -37.67 32.20
N PRO N 13 22.30 -38.95 32.62
CA PRO N 13 22.61 -40.04 31.70
C PRO N 13 21.50 -40.35 30.70
N LEU N 14 20.29 -39.91 31.01
CA LEU N 14 19.15 -40.16 30.13
C LEU N 14 18.06 -39.10 30.25
N TRP N 15 17.57 -38.63 29.10
CA TRP N 15 16.51 -37.63 29.13
C TRP N 15 15.14 -38.26 29.05
N ARG N 16 14.20 -37.73 29.82
CA ARG N 16 12.84 -38.22 29.85
C ARG N 16 11.88 -37.07 29.56
N ARG N 17 10.66 -37.39 29.17
CA ARG N 17 9.68 -36.35 28.86
C ARG N 17 8.43 -36.44 29.73
N ASN N 18 7.64 -35.38 29.69
CA ASN N 18 6.37 -35.29 30.43
C ASN N 18 5.25 -35.56 29.43
N PRO N 19 4.00 -35.70 29.91
CA PRO N 19 2.92 -35.95 28.96
C PRO N 19 2.76 -34.68 28.14
N GLU N 20 3.28 -33.60 28.71
CA GLU N 20 3.27 -32.29 28.09
C GLU N 20 4.58 -32.14 27.32
N GLY N 21 5.23 -33.28 27.08
CA GLY N 21 6.48 -33.28 26.35
C GLY N 21 7.64 -32.59 27.03
N GLN N 22 7.40 -32.01 28.21
CA GLN N 22 8.45 -31.31 28.95
C GLN N 22 9.67 -32.20 29.18
N PRO N 23 10.88 -31.62 29.11
CA PRO N 23 12.11 -32.41 29.33
C PRO N 23 12.43 -32.58 30.81
N LEU N 24 12.56 -33.82 31.24
CA LEU N 24 12.90 -34.12 32.63
C LEU N 24 14.17 -34.97 32.65
N CYS N 25 15.03 -34.75 33.63
CA CYS N 25 16.24 -35.54 33.71
C CYS N 25 15.84 -36.95 34.13
N ASN N 26 16.77 -37.89 34.06
CA ASN N 26 16.47 -39.27 34.43
C ASN N 26 15.95 -39.37 35.88
N ALA N 27 16.59 -38.66 36.80
CA ALA N 27 16.16 -38.70 38.19
C ALA N 27 14.71 -38.24 38.40
N CYS N 28 14.37 -37.09 37.85
CA CYS N 28 13.02 -36.53 37.99
C CYS N 28 11.92 -37.30 37.25
N GLY N 29 12.20 -37.73 36.03
CA GLY N 29 11.20 -38.46 35.27
C GLY N 29 10.88 -39.80 35.90
N LEU N 30 11.94 -40.52 36.29
CA LEU N 30 11.80 -41.83 36.92
C LEU N 30 11.08 -41.72 38.26
N PHE N 31 11.39 -40.69 39.04
CA PHE N 31 10.77 -40.50 40.34
C PHE N 31 9.26 -40.30 40.20
N LEU N 32 8.87 -39.40 39.29
CA LEU N 32 7.45 -39.14 39.04
C LEU N 32 6.77 -40.39 38.45
N LYS N 33 7.49 -41.09 37.58
CA LYS N 33 6.98 -42.31 36.97
C LYS N 33 6.69 -43.35 38.05
N LEU N 34 7.60 -43.48 39.00
CA LEU N 34 7.47 -44.46 40.08
C LEU N 34 6.59 -44.03 41.26
N HIS N 35 6.70 -42.78 41.68
CA HIS N 35 5.94 -42.34 42.86
C HIS N 35 4.71 -41.47 42.64
N GLY N 36 4.56 -40.93 41.44
CA GLY N 36 3.38 -40.12 41.17
C GLY N 36 3.44 -38.61 41.35
N VAL N 37 4.49 -38.11 41.96
CA VAL N 37 4.63 -36.67 42.19
C VAL N 37 5.99 -36.20 41.70
N VAL N 38 6.15 -34.89 41.59
CA VAL N 38 7.41 -34.34 41.12
C VAL N 38 8.43 -34.52 42.23
N ARG N 39 9.68 -34.70 41.84
CA ARG N 39 10.74 -34.91 42.82
C ARG N 39 10.99 -33.64 43.61
N PRO N 40 10.82 -33.69 44.94
CA PRO N 40 11.03 -32.53 45.80
C PRO N 40 12.52 -32.23 45.92
N LEU N 41 12.88 -30.96 46.04
CA LEU N 41 14.29 -30.57 46.12
C LEU N 41 14.61 -29.79 47.39
N SER N 42 15.87 -29.90 47.82
CA SER N 42 16.36 -29.23 49.02
C SER N 42 16.18 -27.72 48.96
N LEU N 43 16.43 -27.05 50.08
CA LEU N 43 16.30 -25.59 50.17
C LEU N 43 14.84 -25.16 50.06
N THR O 2 4.52 48.78 -36.91
CA THR O 2 3.32 49.32 -36.29
C THR O 2 3.42 49.34 -34.77
N THR O 3 2.31 49.67 -34.12
CA THR O 3 2.26 49.76 -32.66
C THR O 3 0.96 49.17 -32.09
N CYS O 4 1.06 48.49 -30.95
CA CYS O 4 -0.08 47.86 -30.29
C CYS O 4 -1.08 48.84 -29.70
N THR O 5 -2.35 48.65 -30.02
CA THR O 5 -3.43 49.52 -29.54
C THR O 5 -3.58 49.60 -28.03
N ASN O 6 -3.27 48.51 -27.33
CA ASN O 6 -3.43 48.44 -25.88
C ASN O 6 -2.24 48.88 -25.02
N CYS O 7 -1.06 48.28 -25.24
CA CYS O 7 0.12 48.61 -24.44
C CYS O 7 1.10 49.49 -25.16
N PHE O 8 0.86 49.71 -26.45
CA PHE O 8 1.69 50.57 -27.28
C PHE O 8 3.09 50.06 -27.56
N THR O 9 3.35 48.78 -27.34
CA THR O 9 4.68 48.26 -27.62
C THR O 9 4.83 48.27 -29.14
N GLN O 10 6.07 48.15 -29.60
CA GLN O 10 6.35 48.14 -31.03
C GLN O 10 7.19 46.91 -31.34
N THR O 11 7.54 46.18 -30.28
CA THR O 11 8.34 44.98 -30.41
C THR O 11 7.51 43.79 -29.92
N THR O 12 7.22 42.87 -30.83
CA THR O 12 6.43 41.68 -30.53
C THR O 12 6.70 40.58 -31.56
N PRO O 13 6.71 39.31 -31.12
CA PRO O 13 6.97 38.19 -32.04
C PRO O 13 5.87 38.00 -33.08
N LEU O 14 4.71 38.61 -32.83
CA LEU O 14 3.59 38.47 -33.74
C LEU O 14 2.53 39.57 -33.58
N TRP O 15 2.13 40.15 -34.70
CA TRP O 15 1.11 41.19 -34.67
C TRP O 15 -0.26 40.60 -34.93
N ARG O 16 -1.16 40.76 -33.95
CA ARG O 16 -2.52 40.27 -34.05
C ARG O 16 -3.46 41.46 -34.21
N ARG O 17 -4.73 41.18 -34.46
CA ARG O 17 -5.72 42.24 -34.60
C ARG O 17 -6.95 41.83 -33.79
N ASN O 18 -7.54 42.79 -33.07
CA ASN O 18 -8.73 42.51 -32.27
C ASN O 18 -9.87 42.08 -33.18
N PRO O 19 -10.97 41.58 -32.60
CA PRO O 19 -12.12 41.14 -33.42
C PRO O 19 -12.62 42.24 -34.37
N GLU O 20 -11.99 43.42 -34.28
CA GLU O 20 -12.34 44.55 -35.12
C GLU O 20 -11.38 44.64 -36.31
N GLY O 21 -10.25 45.30 -36.11
CA GLY O 21 -9.27 45.44 -37.18
C GLY O 21 -8.05 46.21 -36.73
N GLN O 22 -8.01 46.56 -35.46
CA GLN O 22 -6.87 47.29 -34.90
C GLN O 22 -5.73 46.33 -34.58
N PRO O 23 -4.48 46.85 -34.49
CA PRO O 23 -3.30 46.04 -34.19
C PRO O 23 -3.05 45.81 -32.70
N LEU O 24 -2.73 44.56 -32.34
CA LEU O 24 -2.44 44.19 -30.97
C LEU O 24 -1.22 43.29 -30.95
N CYS O 25 -0.28 43.58 -30.06
CA CYS O 25 0.91 42.75 -29.95
C CYS O 25 0.42 41.36 -29.59
N ASN O 26 1.27 40.37 -29.76
CA ASN O 26 0.95 38.98 -29.46
C ASN O 26 0.38 38.82 -28.05
N ALA O 27 1.04 39.45 -27.08
CA ALA O 27 0.61 39.35 -25.68
C ALA O 27 -0.81 39.84 -25.48
N CYS O 28 -1.07 41.09 -25.88
CA CYS O 28 -2.40 41.67 -25.74
C CYS O 28 -3.47 40.87 -26.49
N GLY O 29 -3.12 40.38 -27.67
CA GLY O 29 -4.06 39.60 -28.45
C GLY O 29 -4.39 38.28 -27.80
N LEU O 30 -3.35 37.54 -27.42
CA LEU O 30 -3.53 36.24 -26.77
C LEU O 30 -4.32 36.37 -25.47
N PHE O 31 -3.97 37.37 -24.66
CA PHE O 31 -4.67 37.57 -23.40
C PHE O 31 -6.18 37.69 -23.61
N LEU O 32 -6.57 38.59 -24.50
CA LEU O 32 -7.98 38.82 -24.80
C LEU O 32 -8.68 37.56 -25.28
N LYS O 33 -8.07 36.89 -26.25
CA LYS O 33 -8.59 35.65 -26.81
C LYS O 33 -8.75 34.56 -25.75
N LEU O 34 -7.83 34.54 -24.78
CA LEU O 34 -7.86 33.55 -23.71
C LEU O 34 -8.78 33.89 -22.54
N HIS O 35 -8.77 35.13 -22.08
CA HIS O 35 -9.57 35.51 -20.93
C HIS O 35 -10.79 36.39 -21.16
N GLY O 36 -10.92 36.93 -22.37
CA GLY O 36 -12.08 37.77 -22.64
C GLY O 36 -12.01 39.26 -22.40
N VAL O 37 -10.93 39.74 -21.81
CA VAL O 37 -10.79 41.18 -21.55
C VAL O 37 -9.41 41.66 -22.00
N VAL O 38 -9.28 42.97 -22.23
CA VAL O 38 -8.00 43.54 -22.64
C VAL O 38 -7.01 43.38 -21.50
N ARG O 39 -5.77 43.12 -21.85
CA ARG O 39 -4.71 42.95 -20.87
C ARG O 39 -4.52 44.20 -20.02
N PRO O 40 -4.63 44.07 -18.69
CA PRO O 40 -4.44 45.22 -17.81
C PRO O 40 -2.97 45.61 -17.80
N LEU O 41 -2.67 46.89 -17.61
CA LEU O 41 -1.27 47.35 -17.63
C LEU O 41 -0.75 47.98 -16.34
N SER O 42 0.56 48.24 -16.34
CA SER O 42 1.31 48.84 -15.22
C SER O 42 2.12 47.78 -14.48
N THR P 2 -42.01 75.18 -7.48
CA THR P 2 -40.74 75.86 -7.32
C THR P 2 -39.58 75.13 -8.02
N THR P 3 -38.73 74.46 -7.24
CA THR P 3 -37.60 73.72 -7.77
C THR P 3 -37.34 72.42 -7.01
N CYS P 4 -36.88 71.40 -7.73
CA CYS P 4 -36.58 70.09 -7.14
C CYS P 4 -35.25 70.11 -6.39
N THR P 5 -35.27 69.68 -5.14
CA THR P 5 -34.07 69.67 -4.31
C THR P 5 -33.05 68.62 -4.77
N ASN P 6 -33.53 67.57 -5.42
CA ASN P 6 -32.65 66.51 -5.90
C ASN P 6 -32.09 66.77 -7.30
N CYS P 7 -32.97 66.96 -8.29
CA CYS P 7 -32.48 67.17 -9.65
C CYS P 7 -32.47 68.62 -10.13
N PHE P 8 -33.13 69.51 -9.38
CA PHE P 8 -33.18 70.92 -9.72
C PHE P 8 -34.00 71.27 -10.97
N THR P 9 -34.97 70.44 -11.30
CA THR P 9 -35.81 70.72 -12.46
C THR P 9 -36.90 71.69 -12.02
N GLN P 10 -37.28 72.61 -12.90
CA GLN P 10 -38.32 73.58 -12.60
C GLN P 10 -39.57 73.20 -13.38
N THR P 11 -39.43 72.20 -14.25
CA THR P 11 -40.54 71.75 -15.09
C THR P 11 -40.90 70.30 -14.74
N THR P 12 -42.12 70.11 -14.24
CA THR P 12 -42.61 68.78 -13.86
C THR P 12 -44.13 68.77 -13.85
N PRO P 13 -44.74 67.61 -14.15
CA PRO P 13 -46.21 67.49 -14.17
C PRO P 13 -46.87 67.47 -12.79
N LEU P 14 -46.09 67.23 -11.75
CA LEU P 14 -46.63 67.16 -10.39
C LEU P 14 -45.53 67.28 -9.35
N TRP P 15 -45.68 68.22 -8.42
CA TRP P 15 -44.66 68.38 -7.39
C TRP P 15 -44.96 67.49 -6.19
N ARG P 16 -43.91 66.99 -5.55
CA ARG P 16 -44.02 66.12 -4.39
C ARG P 16 -43.09 66.63 -3.29
N ARG P 17 -43.02 65.89 -2.18
CA ARG P 17 -42.15 66.28 -1.07
C ARG P 17 -41.64 65.09 -0.25
N ASN P 18 -40.47 65.27 0.34
CA ASN P 18 -39.84 64.25 1.18
C ASN P 18 -40.72 63.98 2.40
N PRO P 19 -40.51 62.84 3.08
CA PRO P 19 -41.32 62.53 4.27
C PRO P 19 -41.09 63.64 5.29
N GLU P 20 -39.94 64.31 5.11
CA GLU P 20 -39.56 65.42 5.97
C GLU P 20 -40.37 66.63 5.53
N GLY P 21 -40.40 66.89 4.23
CA GLY P 21 -41.17 68.01 3.71
C GLY P 21 -40.50 68.84 2.63
N GLN P 22 -39.44 68.32 2.02
CA GLN P 22 -38.75 69.06 0.97
C GLN P 22 -39.34 68.76 -0.42
N PRO P 23 -39.49 69.79 -1.26
CA PRO P 23 -40.03 69.67 -2.62
C PRO P 23 -39.22 68.83 -3.60
N LEU P 24 -39.91 67.89 -4.24
CA LEU P 24 -39.31 67.01 -5.24
C LEU P 24 -40.20 66.99 -6.48
N CYS P 25 -39.60 66.75 -7.65
CA CYS P 25 -40.38 66.68 -8.88
C CYS P 25 -41.11 65.35 -8.86
N ASN P 26 -41.98 65.10 -9.84
CA ASN P 26 -42.72 63.85 -9.85
C ASN P 26 -41.80 62.63 -9.95
N ALA P 27 -40.81 62.70 -10.83
CA ALA P 27 -39.89 61.60 -11.01
C ALA P 27 -39.11 61.28 -9.74
N CYS P 28 -38.43 62.29 -9.20
CA CYS P 28 -37.63 62.13 -7.97
C CYS P 28 -38.47 61.68 -6.77
N GLY P 29 -39.68 62.22 -6.65
CA GLY P 29 -40.53 61.85 -5.55
C GLY P 29 -41.03 60.42 -5.69
N LEU P 30 -41.50 60.10 -6.90
CA LEU P 30 -42.02 58.77 -7.19
C LEU P 30 -40.94 57.68 -7.07
N PHE P 31 -39.74 58.01 -7.50
CA PHE P 31 -38.62 57.06 -7.46
C PHE P 31 -38.20 56.70 -6.03
N LEU P 32 -38.14 57.70 -5.16
CA LEU P 32 -37.77 57.49 -3.76
C LEU P 32 -38.85 56.63 -3.10
N LYS P 33 -40.10 56.98 -3.36
CA LYS P 33 -41.25 56.26 -2.82
C LYS P 33 -41.26 54.80 -3.25
N LEU P 34 -40.84 54.54 -4.48
CA LEU P 34 -40.84 53.19 -5.02
C LEU P 34 -39.60 52.36 -4.73
N HIS P 35 -38.43 52.99 -4.79
CA HIS P 35 -37.20 52.25 -4.61
C HIS P 35 -36.46 52.45 -3.29
N GLY P 36 -36.85 53.46 -2.52
CA GLY P 36 -36.21 53.68 -1.24
C GLY P 36 -34.95 54.56 -1.19
N VAL P 37 -34.48 55.04 -2.34
CA VAL P 37 -33.31 55.90 -2.38
C VAL P 37 -33.56 57.03 -3.34
N VAL P 38 -32.71 58.05 -3.29
CA VAL P 38 -32.86 59.22 -4.16
C VAL P 38 -32.47 58.89 -5.59
N ARG P 39 -33.26 59.39 -6.52
CA ARG P 39 -33.01 59.15 -7.93
C ARG P 39 -31.59 59.58 -8.24
N PRO P 40 -30.77 58.68 -8.79
CA PRO P 40 -29.39 59.02 -9.13
C PRO P 40 -29.33 59.71 -10.49
N LEU P 41 -28.55 60.79 -10.58
CA LEU P 41 -28.41 61.55 -11.82
C LEU P 41 -27.08 61.23 -12.50
N SER P 42 -26.98 61.45 -13.81
CA SER P 42 -25.74 61.18 -14.53
C SER P 42 -24.67 62.26 -14.34
N LEU P 43 -23.47 62.00 -14.87
CA LEU P 43 -22.32 62.92 -14.79
C LEU P 43 -21.52 62.69 -13.50
#